data_7SOE
#
_entry.id   7SOE
#
loop_
_entity.id
_entity.type
_entity.pdbx_description
1 polymer 'Spike glycoprotein'
2 polymer 'S2X303 Fab light chain'
3 polymer 'S2X303 Fab heavy chain'
4 branched 2-acetamido-2-deoxy-beta-D-glucopyranose-(1-4)-2-acetamido-2-deoxy-beta-D-glucopyranose
5 non-polymer 2-acetamido-2-deoxy-beta-D-glucopyranose
#
loop_
_entity_poly.entity_id
_entity_poly.type
_entity_poly.pdbx_seq_one_letter_code
_entity_poly.pdbx_strand_id
1 'polypeptide(L)'
;MFVFLVLLPLVSSQCVNLTTRTQLPPAYTNSFTRGVYYPDKVFRSSVLHSTQDLFLPFFSNVTWFHAIHVSGTNGTKRFD
NPVLPFNDGVYFASIEKSNIIRGWIFGTTLDSKTQSLLIVNNATNVVIKVCEFQFCNDPFLDVYYHKNNKSWMKSEFRVY
SSANNCTFEYVSQPFLMDLEGKQGNFKNLREFVFKNIDGYFKIYSKHTPINLVRDLPQGFSALEPLVDLPIGINITRFQT
LLALHRSYLTPGDSSSGWTAGAAAYYVGYLQPRTFLLKYNENGTITDAVDCALDPLSETKCTLKSFTVEKGIYQTSNFRV
QPTESIVRFPNITNLCPFGEVFNATRFASVYAWNRKRISNCVADYSVLYNSASFSTFKCYGVCPTKLNDLCFTNVYADSF
VIRGDEVRQIAPGQTGKIADYNYKLPDDFTGCVIAWNSNNLDSKVGGNYNYRYRLFRKSNLKPFERDISTEIYQAGSTPC
NGVQGFNCYFPLQSYGFQPTNGVGYQPYRVVVLSFELLHAPATVCGPKKSTNLVKNKCVNFNFNGLTGTGVLTESNKKFL
PFQQFGRDIADTTDAVRDPQTLEILDITPCSFGGVSVITPGTNTSNQVAVLYQGVNCTEVPVAIHADQLTPTWRVYSTGS
NVFQTRAGCLIGAEHVNNSYECDIPIGAGICASYQTQTNSRRRARSVASQSIIAYTMSLGAENSVAYSNNSIAIPTNFTI
SVTTEILPVSMTKTSVDCTMYICGDSTECSNLLLQYGSFCTQLNRALTGIAVEQDKNTQEVFAQVKQIYKTPPIKDFGGF
NFSQILPDPSKPSKRSPIEDLLFNKVTLADAGFIKQYGDCLGDIAARDLICAQKFNGLTVLPPLLTDEMIAQYTSALLAG
TITSGWTFGAGPALQIPFPMQMAYRFNGIGVTQNVLYENQKLIANQFNSAIGKIQDSLSSTPSALGKLQDVVNQNAQALN
TLVKQLSSNFGAISSVLNDILSRLCPPEAEVQIDRLITGRLQSLQTYVTQQLIRAAEIRASANLAATKMSECVLGQSKRV
DFCGKGYHLMSFPQSAPHGVVFLHVTYVPAHEKNFTTAPAICHDGKAHFPREGVFVSNGTHWFVTQRNFYEPQIITTDNT
FVSGNCDVVIGIVNNTVYDPLQPELDSFKEELDKYFKNHTSPDVDLGDISGINASVVNIQKEIDRLNEVAKNLNESLIDL
QELGKYEQGSGYIPEAPRDGQAYVRKDGEWVLLSTFLGRSLEVLFQGPGSGGLNDIFEAQKIEWHEGSGHHHHHHHH
;
A,C,F
2 'polypeptide(L)'
;SYELTQPPSVSVSPGQTASITCSGDKLGETYASWYQQKPGQSPILVIYQDNKRPSGIPERFSGSNSENTATLTISGTQTM
DEADYYCQAWDKTIAGFGGGTKLTV
;
L,D,G
3 'polypeptide(L)'
;QITLKESGPTLVKPTQTLTLTCKLSGFSVNTGGVGVGWIRQPPGKALEWLALIYWNDDKLYSPSLKSRLTVTKDTSKNQV
VLTMTNMDPVDTATYYCAHVLVWFGEVLPDAFDVWGQGTMVTVSS
;
B,E,H
#
# COMPACT_ATOMS: atom_id res chain seq x y z
N GLN A 14 11.95 -54.65 46.08
CA GLN A 14 10.71 -54.04 46.55
C GLN A 14 9.62 -54.04 45.46
N CYS A 15 10.00 -54.39 44.23
CA CYS A 15 9.08 -54.42 43.10
C CYS A 15 8.28 -55.72 43.09
N VAL A 16 7.01 -55.61 42.72
CA VAL A 16 6.13 -56.78 42.63
C VAL A 16 5.87 -57.14 41.16
N ASN A 17 6.09 -58.42 40.86
CA ASN A 17 5.96 -58.93 39.46
C ASN A 17 4.64 -59.67 39.29
N LEU A 18 3.58 -59.19 39.94
CA LEU A 18 2.28 -59.86 39.95
C LEU A 18 1.45 -59.49 38.73
N PRO A 26 -9.42 -52.50 25.58
CA PRO A 26 -10.14 -51.47 26.31
C PRO A 26 -11.49 -51.18 25.67
N ALA A 27 -12.37 -50.55 26.44
CA ALA A 27 -13.65 -50.08 25.92
C ALA A 27 -13.49 -48.66 25.41
N TYR A 28 -14.48 -48.17 24.67
CA TYR A 28 -14.44 -46.80 24.20
C TYR A 28 -15.69 -46.04 24.61
N THR A 29 -15.52 -44.77 24.94
CA THR A 29 -16.65 -43.92 25.22
C THR A 29 -16.61 -42.66 24.37
N ASN A 30 -17.64 -41.83 24.52
CA ASN A 30 -17.73 -40.61 23.74
C ASN A 30 -17.52 -39.38 24.60
N SER A 31 -16.49 -38.61 24.27
CA SER A 31 -16.28 -37.36 24.96
C SER A 31 -17.07 -36.27 24.28
N PHE A 32 -18.20 -35.93 24.85
CA PHE A 32 -19.15 -35.05 24.19
C PHE A 32 -18.57 -33.66 24.04
N THR A 33 -18.42 -32.96 25.16
CA THR A 33 -17.90 -31.61 25.15
C THR A 33 -16.85 -31.38 26.21
N ARG A 34 -16.13 -32.43 26.59
CA ARG A 34 -15.11 -32.34 27.61
C ARG A 34 -13.75 -32.04 26.97
N GLY A 35 -12.80 -31.57 27.79
CA GLY A 35 -11.43 -31.39 27.32
C GLY A 35 -11.13 -29.96 26.89
N VAL A 36 -12.01 -29.02 27.23
CA VAL A 36 -11.79 -27.63 26.92
C VAL A 36 -11.14 -26.92 28.10
N TYR A 37 -10.07 -26.20 27.84
CA TYR A 37 -9.31 -25.50 28.87
C TYR A 37 -9.07 -24.06 28.47
N TYR A 38 -8.79 -23.22 29.46
CA TYR A 38 -8.47 -21.83 29.19
C TYR A 38 -7.08 -21.74 28.53
N PRO A 39 -7.03 -21.36 27.25
CA PRO A 39 -5.88 -21.42 26.37
C PRO A 39 -4.74 -20.52 26.84
N ASP A 40 -5.08 -19.47 27.57
CA ASP A 40 -4.09 -18.57 28.12
C ASP A 40 -4.58 -17.93 29.40
N LYS A 41 -3.81 -17.01 29.94
CA LYS A 41 -4.10 -16.42 31.23
C LYS A 41 -4.70 -15.02 31.09
N VAL A 42 -5.20 -14.70 29.89
CA VAL A 42 -5.79 -13.38 29.64
C VAL A 42 -7.24 -13.33 30.06
N PHE A 43 -7.59 -12.29 30.81
CA PHE A 43 -8.98 -12.15 31.22
C PHE A 43 -9.82 -11.63 30.07
N ARG A 44 -10.93 -12.30 29.84
CA ARG A 44 -11.90 -11.89 28.84
C ARG A 44 -13.28 -12.08 29.41
N SER A 45 -14.22 -11.23 29.02
CA SER A 45 -15.59 -11.38 29.49
C SER A 45 -16.58 -10.89 28.45
N SER A 46 -17.79 -11.46 28.48
CA SER A 46 -18.85 -11.05 27.59
C SER A 46 -18.35 -10.93 26.15
N VAL A 47 -17.69 -11.97 25.67
CA VAL A 47 -17.06 -11.93 24.36
C VAL A 47 -16.93 -13.33 23.75
N LEU A 48 -17.01 -13.38 22.42
CA LEU A 48 -16.72 -14.62 21.69
C LEU A 48 -15.32 -14.55 21.11
N HIS A 49 -14.46 -15.44 21.57
CA HIS A 49 -13.05 -15.41 21.18
C HIS A 49 -12.65 -16.65 20.39
N SER A 50 -12.00 -16.44 19.25
CA SER A 50 -11.52 -17.55 18.44
C SER A 50 -10.06 -17.86 18.74
N THR A 51 -9.79 -19.11 19.08
CA THR A 51 -8.44 -19.53 19.42
C THR A 51 -8.05 -20.83 18.73
N GLN A 52 -6.76 -21.00 18.48
CA GLN A 52 -6.24 -22.23 17.92
C GLN A 52 -5.22 -22.88 18.85
N ASP A 53 -5.51 -24.10 19.27
CA ASP A 53 -4.63 -24.80 20.20
C ASP A 53 -4.91 -26.30 20.20
N LEU A 54 -4.17 -27.03 21.02
CA LEU A 54 -4.39 -28.47 21.15
C LEU A 54 -5.55 -28.74 22.09
N PHE A 55 -6.69 -29.11 21.51
CA PHE A 55 -7.91 -29.37 22.26
C PHE A 55 -8.39 -30.78 22.00
N LEU A 56 -9.14 -31.34 22.93
CA LEU A 56 -9.78 -32.62 22.69
C LEU A 56 -10.96 -32.41 21.74
N PRO A 57 -10.94 -33.06 20.57
CA PRO A 57 -11.99 -33.01 19.57
C PRO A 57 -13.32 -33.40 20.18
N PHE A 58 -14.38 -32.72 19.79
CA PHE A 58 -15.70 -33.01 20.34
C PHE A 58 -16.26 -34.32 19.80
N PHE A 59 -16.96 -35.05 20.65
CA PHE A 59 -17.57 -36.32 20.28
C PHE A 59 -16.53 -37.31 19.76
N SER A 60 -15.41 -37.41 20.48
CA SER A 60 -14.32 -38.30 20.10
C SER A 60 -14.36 -39.62 20.89
N ASN A 61 -13.63 -40.61 20.39
CA ASN A 61 -13.50 -41.92 21.04
C ASN A 61 -12.39 -41.92 22.09
N VAL A 62 -12.76 -42.04 23.35
CA VAL A 62 -11.83 -42.00 24.46
C VAL A 62 -11.66 -43.39 25.07
N THR A 63 -10.42 -43.82 25.21
CA THR A 63 -10.14 -45.18 25.66
C THR A 63 -10.48 -45.36 27.14
N TRP A 64 -11.23 -46.40 27.45
CA TRP A 64 -11.74 -46.63 28.79
C TRP A 64 -11.10 -47.84 29.47
N PHE A 65 -10.36 -47.58 30.54
CA PHE A 65 -9.70 -48.62 31.31
C PHE A 65 -10.35 -48.78 32.66
N HIS A 66 -10.33 -50.00 33.20
CA HIS A 66 -10.97 -50.26 34.50
C HIS A 66 -9.92 -50.65 35.54
N ASP A 80 -6.30 -52.12 35.42
CA ASP A 80 -5.65 -51.75 34.16
C ASP A 80 -4.69 -50.58 34.34
N ASN A 81 -3.41 -50.83 34.11
CA ASN A 81 -2.40 -49.78 34.19
C ASN A 81 -1.28 -49.94 33.16
N PRO A 82 -1.63 -50.03 31.87
CA PRO A 82 -0.73 -50.17 30.73
C PRO A 82 0.02 -48.88 30.47
N VAL A 83 1.11 -48.98 29.72
CA VAL A 83 1.82 -47.79 29.27
C VAL A 83 1.22 -47.29 27.96
N LEU A 84 0.76 -46.05 27.96
CA LEU A 84 0.10 -45.45 26.81
C LEU A 84 1.00 -44.40 26.18
N PRO A 85 0.84 -44.13 24.89
CA PRO A 85 1.49 -43.09 24.13
C PRO A 85 1.01 -41.72 24.60
N PHE A 86 1.89 -40.72 24.51
CA PHE A 86 1.54 -39.36 24.89
C PHE A 86 1.06 -38.54 23.69
N ASN A 87 1.62 -38.84 22.52
CA ASN A 87 1.31 -38.12 21.29
C ASN A 87 1.59 -36.63 21.43
N ASP A 88 0.63 -35.79 21.04
CA ASP A 88 0.81 -34.34 21.08
C ASP A 88 0.39 -33.79 22.43
N GLY A 89 -0.53 -34.48 23.08
CA GLY A 89 -1.02 -34.07 24.38
C GLY A 89 -2.10 -35.04 24.82
N VAL A 90 -2.35 -35.08 26.12
CA VAL A 90 -3.24 -36.09 26.67
C VAL A 90 -4.36 -35.49 27.49
N TYR A 91 -5.55 -36.00 27.26
CA TYR A 91 -6.68 -35.70 28.12
C TYR A 91 -6.96 -36.88 29.02
N PHE A 92 -6.79 -36.68 30.31
CA PHE A 92 -6.97 -37.77 31.26
C PHE A 92 -8.07 -37.46 32.25
N ALA A 93 -9.02 -38.36 32.38
CA ALA A 93 -10.09 -38.17 33.33
C ALA A 93 -10.29 -39.43 34.15
N SER A 94 -10.67 -39.27 35.40
CA SER A 94 -10.95 -40.44 36.22
C SER A 94 -12.21 -40.26 37.05
N ILE A 95 -12.90 -41.36 37.28
CA ILE A 95 -14.05 -41.39 38.17
C ILE A 95 -13.83 -42.43 39.27
N GLU A 96 -13.82 -41.98 40.51
CA GLU A 96 -13.57 -42.87 41.63
C GLU A 96 -14.17 -42.34 42.92
N LYS A 97 -14.34 -43.22 43.89
CA LYS A 97 -14.82 -42.83 45.20
C LYS A 97 -13.75 -42.97 46.28
N SER A 98 -12.82 -43.89 46.06
CA SER A 98 -11.90 -44.30 47.11
C SER A 98 -10.47 -43.82 46.88
N ASN A 99 -10.30 -42.89 45.94
CA ASN A 99 -8.97 -42.33 45.67
C ASN A 99 -7.94 -43.41 45.36
N ILE A 100 -8.20 -44.20 44.32
CA ILE A 100 -7.31 -45.29 43.94
C ILE A 100 -6.19 -44.79 43.03
N ILE A 101 -6.53 -43.88 42.11
CA ILE A 101 -5.53 -43.31 41.23
C ILE A 101 -4.77 -42.21 41.97
N ARG A 102 -3.45 -42.36 42.04
CA ARG A 102 -2.65 -41.44 42.83
C ARG A 102 -1.75 -40.55 41.98
N GLY A 103 -1.33 -41.04 40.82
CA GLY A 103 -0.37 -40.26 40.05
C GLY A 103 -0.07 -40.86 38.69
N TRP A 104 0.93 -40.27 38.03
CA TRP A 104 1.31 -40.67 36.67
C TRP A 104 2.82 -40.66 36.50
N ILE A 105 3.30 -41.49 35.58
CA ILE A 105 4.69 -41.45 35.17
C ILE A 105 4.80 -41.05 33.71
N PHE A 106 5.63 -40.06 33.42
CA PHE A 106 5.82 -39.60 32.06
C PHE A 106 7.28 -39.74 31.65
N GLY A 107 7.52 -40.12 30.40
CA GLY A 107 8.88 -40.20 29.89
C GLY A 107 8.94 -40.97 28.58
N THR A 108 10.06 -41.64 28.36
CA THR A 108 10.28 -42.41 27.14
C THR A 108 10.49 -43.89 27.46
N THR A 109 11.71 -44.23 27.88
CA THR A 109 12.05 -45.62 28.18
C THR A 109 11.64 -46.01 29.59
N LEU A 110 11.38 -45.00 30.42
CA LEU A 110 10.91 -45.23 31.78
C LEU A 110 11.83 -46.16 32.58
N ASP A 111 13.13 -45.92 32.46
CA ASP A 111 14.12 -46.67 33.22
C ASP A 111 15.30 -45.78 33.60
N SER A 112 16.33 -46.40 34.17
CA SER A 112 17.47 -45.66 34.70
C SER A 112 18.31 -45.01 33.61
N LYS A 113 17.99 -45.28 32.35
CA LYS A 113 18.78 -44.76 31.24
C LYS A 113 18.51 -43.29 30.94
N THR A 114 17.28 -42.83 31.21
CA THR A 114 16.90 -41.48 30.86
C THR A 114 16.18 -40.76 31.99
N GLN A 115 16.02 -39.45 31.86
CA GLN A 115 15.25 -38.66 32.82
C GLN A 115 13.76 -38.84 32.59
N SER A 116 13.01 -38.97 33.67
CA SER A 116 11.57 -39.14 33.59
C SER A 116 10.85 -38.39 34.69
N LEU A 117 9.59 -38.08 34.48
CA LEU A 117 8.81 -37.28 35.42
C LEU A 117 7.84 -38.13 36.22
N LEU A 118 7.95 -38.05 37.54
CA LEU A 118 7.09 -38.80 38.43
C LEU A 118 6.19 -37.86 39.24
N ILE A 119 4.88 -37.96 39.02
CA ILE A 119 3.93 -37.14 39.76
C ILE A 119 3.05 -38.02 40.64
N VAL A 120 3.27 -37.94 41.96
CA VAL A 120 2.53 -38.79 42.88
C VAL A 120 1.90 -38.03 44.02
N ASN A 121 0.61 -38.25 44.23
CA ASN A 121 -0.06 -37.72 45.41
C ASN A 121 0.10 -38.70 46.57
N ASN A 122 0.38 -38.16 47.76
CA ASN A 122 0.46 -38.97 48.99
C ASN A 122 -0.50 -38.45 50.04
N ALA A 123 -0.29 -38.84 51.29
CA ALA A 123 -1.19 -38.56 52.39
C ALA A 123 -1.48 -37.07 52.58
N THR A 124 -0.47 -36.23 52.39
CA THR A 124 -0.62 -34.83 52.76
C THR A 124 -0.28 -33.85 51.63
N ASN A 125 0.47 -34.31 50.63
CA ASN A 125 0.98 -33.42 49.60
C ASN A 125 1.12 -34.11 48.25
N VAL A 126 1.56 -33.35 47.25
CA VAL A 126 1.90 -33.91 45.95
C VAL A 126 3.38 -33.73 45.67
N VAL A 127 4.02 -34.82 45.26
CA VAL A 127 5.45 -34.80 45.01
C VAL A 127 5.75 -34.96 43.53
N ILE A 128 6.42 -33.98 42.96
CA ILE A 128 6.78 -34.01 41.55
C ILE A 128 8.30 -34.01 41.37
N LYS A 129 8.82 -35.07 40.79
CA LYS A 129 10.26 -35.21 40.66
C LYS A 129 10.69 -35.60 39.26
N VAL A 130 11.87 -35.15 38.86
CA VAL A 130 12.49 -35.60 37.62
C VAL A 130 13.87 -36.16 37.88
N CYS A 131 14.03 -37.46 37.63
CA CYS A 131 15.28 -38.19 37.90
C CYS A 131 15.41 -39.37 36.94
N GLU A 132 16.57 -39.99 36.95
CA GLU A 132 16.76 -41.21 36.20
C GLU A 132 16.26 -42.38 37.05
N PHE A 133 14.95 -42.53 37.08
CA PHE A 133 14.30 -43.50 37.95
C PHE A 133 14.35 -44.89 37.33
N GLN A 134 14.56 -45.90 38.16
CA GLN A 134 14.43 -47.27 37.70
C GLN A 134 13.12 -47.84 38.15
N PHE A 135 12.14 -47.80 37.26
CA PHE A 135 10.77 -48.14 37.62
C PHE A 135 10.57 -49.65 37.68
N CYS A 136 9.65 -50.09 38.53
CA CYS A 136 9.26 -51.49 38.66
C CYS A 136 8.50 -51.95 37.42
N ASN A 137 8.52 -53.25 37.16
CA ASN A 137 7.79 -53.81 36.03
C ASN A 137 6.30 -53.49 36.14
N ASP A 138 5.81 -53.45 37.37
CA ASP A 138 4.42 -53.07 37.62
C ASP A 138 4.34 -52.21 38.88
N PRO A 139 4.60 -50.91 38.75
CA PRO A 139 4.76 -49.94 39.82
C PRO A 139 3.42 -49.59 40.45
N PHE A 140 3.43 -49.43 41.77
CA PHE A 140 2.24 -48.99 42.50
C PHE A 140 2.56 -48.61 43.94
N LEU A 141 1.57 -48.09 44.64
CA LEU A 141 1.71 -47.80 46.05
C LEU A 141 1.09 -48.91 46.88
N ASP A 142 1.81 -49.37 47.90
CA ASP A 142 1.35 -50.47 48.72
C ASP A 142 0.62 -49.93 49.95
N VAL A 143 -0.71 -50.00 49.92
CA VAL A 143 -1.54 -49.37 50.94
C VAL A 143 -2.52 -50.35 51.56
N TYR A 144 -2.70 -50.26 52.87
CA TYR A 144 -3.68 -51.09 53.55
C TYR A 144 -4.80 -50.22 54.13
N TYR A 145 -5.95 -50.84 54.36
CA TYR A 145 -7.11 -50.09 54.81
C TYR A 145 -7.49 -50.44 56.25
N HIS A 146 -8.13 -49.50 56.92
CA HIS A 146 -8.66 -49.72 58.26
C HIS A 146 -9.86 -50.65 58.17
N LYS A 147 -10.44 -50.98 59.32
CA LYS A 147 -11.68 -51.76 59.32
C LYS A 147 -12.77 -50.93 58.69
N ASN A 148 -12.69 -49.62 58.91
CA ASN A 148 -13.53 -48.65 58.22
C ASN A 148 -12.96 -48.36 56.84
N ASN A 149 -13.76 -48.63 55.80
CA ASN A 149 -13.30 -48.62 54.42
C ASN A 149 -13.01 -47.20 53.92
N LYS A 150 -13.23 -46.18 54.76
CA LYS A 150 -12.95 -44.78 54.42
C LYS A 150 -11.60 -44.31 54.95
N SER A 151 -10.82 -45.21 55.53
CA SER A 151 -9.53 -44.85 56.10
C SER A 151 -8.42 -45.80 55.68
N TRP A 152 -7.22 -45.25 55.46
CA TRP A 152 -6.08 -46.04 54.99
C TRP A 152 -4.76 -45.56 55.55
N MET A 153 -3.75 -46.43 55.46
CA MET A 153 -2.39 -46.07 55.86
C MET A 153 -1.38 -46.75 54.93
N LYS A 154 -0.29 -46.05 54.64
CA LYS A 154 0.72 -46.55 53.71
C LYS A 154 1.58 -47.64 54.36
N SER A 155 1.89 -48.68 53.58
CA SER A 155 2.81 -49.72 54.02
C SER A 155 4.17 -49.53 53.38
N GLU A 156 4.19 -49.37 52.06
CA GLU A 156 5.45 -49.25 51.32
C GLU A 156 5.24 -48.49 50.02
N PHE A 157 6.33 -48.21 49.32
CA PHE A 157 6.28 -47.56 48.02
C PHE A 157 7.00 -48.44 47.00
N ARG A 158 6.27 -48.89 45.98
CA ARG A 158 6.81 -49.86 45.06
C ARG A 158 6.71 -49.39 43.61
N VAL A 159 7.26 -48.22 43.33
CA VAL A 159 7.22 -47.65 41.99
C VAL A 159 8.58 -47.72 41.33
N TYR A 160 9.63 -47.45 42.09
CA TYR A 160 10.98 -47.50 41.57
C TYR A 160 11.95 -48.05 42.61
N ALA A 163 16.48 -43.61 42.22
CA ALA A 163 16.16 -42.29 41.68
C ALA A 163 17.43 -41.46 41.54
N ASN A 164 18.17 -41.71 40.46
CA ASN A 164 19.51 -41.17 40.31
C ASN A 164 19.52 -39.85 39.54
N ASN A 165 20.54 -39.02 39.79
CA ASN A 165 20.78 -37.81 39.01
C ASN A 165 19.53 -36.91 38.91
N CYS A 166 18.90 -36.64 40.06
CA CYS A 166 17.69 -35.81 40.11
C CYS A 166 17.99 -34.36 39.72
N THR A 167 17.15 -33.81 38.84
CA THR A 167 17.35 -32.45 38.35
C THR A 167 16.23 -31.50 38.74
N PHE A 168 15.08 -32.06 39.08
CA PHE A 168 13.92 -31.23 39.43
C PHE A 168 13.14 -31.83 40.59
N GLU A 169 12.73 -30.99 41.53
CA GLU A 169 11.85 -31.41 42.59
C GLU A 169 10.88 -30.30 42.98
N TYR A 170 9.61 -30.66 43.12
CA TYR A 170 8.58 -29.72 43.48
C TYR A 170 7.57 -30.35 44.42
N VAL A 171 7.19 -29.62 45.46
CA VAL A 171 6.18 -30.10 46.38
C VAL A 171 5.13 -29.04 46.66
N SER A 172 3.87 -29.43 46.58
CA SER A 172 2.77 -28.53 46.88
C SER A 172 1.58 -29.27 47.44
N GLN A 173 0.42 -28.63 47.41
CA GLN A 173 -0.80 -29.25 47.92
C GLN A 173 -1.28 -30.32 46.95
N PRO A 174 -1.98 -31.35 47.42
CA PRO A 174 -2.50 -32.46 46.66
C PRO A 174 -3.33 -31.97 45.48
N PHE A 175 -3.28 -32.70 44.37
CA PHE A 175 -4.07 -32.36 43.19
C PHE A 175 -5.57 -32.58 43.41
N LEU A 176 -5.92 -33.37 44.44
CA LEU A 176 -7.30 -33.70 44.78
C LEU A 176 -8.15 -32.44 44.98
N PHE A 186 -21.93 -39.96 45.89
CA PHE A 186 -21.35 -39.19 44.79
C PHE A 186 -19.92 -39.64 44.54
N LYS A 187 -19.54 -39.71 43.25
CA LYS A 187 -18.17 -40.05 42.86
C LYS A 187 -17.40 -38.79 42.51
N ASN A 188 -16.08 -38.89 42.54
CA ASN A 188 -15.23 -37.75 42.21
C ASN A 188 -14.75 -37.82 40.76
N LEU A 189 -15.07 -36.78 39.99
CA LEU A 189 -14.60 -36.69 38.61
C LEU A 189 -13.42 -35.73 38.52
N ARG A 190 -12.26 -36.25 38.16
CA ARG A 190 -11.05 -35.44 38.09
C ARG A 190 -10.49 -35.42 36.68
N GLU A 191 -10.45 -34.24 36.09
CA GLU A 191 -10.01 -34.09 34.71
C GLU A 191 -8.69 -33.35 34.63
N PHE A 192 -7.78 -33.88 33.81
CA PHE A 192 -6.47 -33.28 33.63
C PHE A 192 -6.11 -33.14 32.15
N VAL A 193 -5.38 -32.08 31.83
CA VAL A 193 -4.82 -31.93 30.50
C VAL A 193 -3.31 -31.80 30.59
N PHE A 194 -2.60 -32.66 29.89
CA PHE A 194 -1.16 -32.68 29.96
C PHE A 194 -0.52 -32.26 28.64
N LYS A 195 0.21 -31.16 28.67
CA LYS A 195 0.88 -30.64 27.49
C LYS A 195 2.37 -30.44 27.76
N ASN A 196 3.20 -30.64 26.74
CA ASN A 196 4.63 -30.46 26.90
C ASN A 196 5.19 -29.55 25.80
N ILE A 197 5.35 -28.28 26.13
CA ILE A 197 5.74 -27.28 25.14
C ILE A 197 6.99 -26.52 25.55
N ASP A 198 8.01 -26.59 24.71
CA ASP A 198 9.27 -25.88 24.93
C ASP A 198 9.85 -26.16 26.30
N GLY A 199 9.74 -27.41 26.74
CA GLY A 199 10.33 -27.83 28.01
C GLY A 199 9.38 -27.66 29.19
N TYR A 200 8.23 -27.03 28.95
CA TYR A 200 7.28 -26.82 30.02
C TYR A 200 6.17 -27.86 30.01
N PHE A 201 6.00 -28.53 31.13
CA PHE A 201 4.91 -29.47 31.30
C PHE A 201 3.74 -28.77 31.95
N LYS A 202 2.71 -28.49 31.15
CA LYS A 202 1.59 -27.69 31.62
C LYS A 202 0.43 -28.57 32.03
N ILE A 203 -0.05 -28.37 33.24
CA ILE A 203 -1.18 -29.14 33.75
C ILE A 203 -2.39 -28.26 33.95
N TYR A 204 -3.49 -28.65 33.33
CA TYR A 204 -4.78 -28.01 33.59
C TYR A 204 -5.66 -29.02 34.30
N SER A 205 -6.59 -28.55 35.11
CA SER A 205 -7.46 -29.49 35.81
C SER A 205 -8.81 -28.92 36.21
N LYS A 206 -9.73 -29.82 36.51
CA LYS A 206 -11.02 -29.49 37.08
C LYS A 206 -11.53 -30.63 37.95
N HIS A 207 -12.03 -30.30 39.13
CA HIS A 207 -12.56 -31.31 40.04
C HIS A 207 -14.01 -31.05 40.39
N THR A 208 -14.90 -31.94 39.96
CA THR A 208 -16.32 -31.81 40.23
C THR A 208 -16.89 -33.16 40.67
N PRO A 209 -18.01 -33.14 41.40
CA PRO A 209 -18.83 -34.29 41.75
C PRO A 209 -19.56 -34.83 40.53
N ILE A 210 -19.75 -36.15 40.49
CA ILE A 210 -20.49 -36.78 39.41
C ILE A 210 -21.48 -37.81 39.97
N ASN A 211 -22.68 -37.85 39.39
CA ASN A 211 -23.70 -38.78 39.82
C ASN A 211 -23.97 -39.88 38.79
N LEU A 212 -22.99 -40.08 37.91
CA LEU A 212 -23.06 -41.15 36.92
C LEU A 212 -22.33 -42.37 37.42
N VAL A 213 -22.72 -43.53 36.92
CA VAL A 213 -22.12 -44.79 37.38
C VAL A 213 -20.84 -45.11 36.63
N ARG A 214 -20.88 -45.06 35.30
CA ARG A 214 -19.77 -45.55 34.51
C ARG A 214 -19.55 -44.78 33.21
N ASP A 215 -19.62 -43.45 33.27
CA ASP A 215 -19.36 -42.67 32.07
C ASP A 215 -19.01 -41.21 32.37
N LEU A 216 -18.67 -40.48 31.32
CA LEU A 216 -18.40 -39.05 31.41
C LEU A 216 -19.70 -38.27 31.27
N PRO A 217 -19.79 -37.11 31.94
CA PRO A 217 -20.94 -36.21 31.95
C PRO A 217 -21.18 -35.57 30.60
N GLN A 218 -22.44 -35.45 30.22
CA GLN A 218 -22.80 -34.81 28.97
C GLN A 218 -23.03 -33.33 29.17
N GLY A 219 -21.93 -32.58 29.26
CA GLY A 219 -22.02 -31.14 29.52
C GLY A 219 -20.65 -30.47 29.37
N PHE A 220 -20.65 -29.16 29.43
CA PHE A 220 -19.42 -28.40 29.19
C PHE A 220 -18.83 -27.84 30.47
N SER A 221 -17.51 -27.92 30.57
CA SER A 221 -16.76 -27.29 31.65
C SER A 221 -15.36 -26.95 31.18
N ALA A 222 -14.86 -25.80 31.58
CA ALA A 222 -13.51 -25.40 31.19
C ALA A 222 -12.51 -25.73 32.30
N LEU A 223 -11.36 -26.25 31.92
CA LEU A 223 -10.32 -26.60 32.87
C LEU A 223 -9.36 -25.45 33.08
N GLU A 224 -8.95 -25.25 34.34
CA GLU A 224 -8.08 -24.14 34.70
C GLU A 224 -6.64 -24.62 34.84
N PRO A 225 -5.67 -23.73 34.65
CA PRO A 225 -4.26 -23.94 34.90
C PRO A 225 -4.03 -24.37 36.35
N LEU A 226 -3.19 -25.38 36.53
CA LEU A 226 -2.85 -25.87 37.86
C LEU A 226 -1.39 -25.57 38.18
N VAL A 227 -0.50 -26.00 37.29
CA VAL A 227 0.93 -25.79 37.49
C VAL A 227 1.67 -25.81 36.16
N ASP A 228 2.74 -25.04 36.07
CA ASP A 228 3.61 -25.03 34.90
C ASP A 228 5.02 -25.41 35.30
N LEU A 229 5.45 -26.60 34.90
CA LEU A 229 6.72 -27.15 35.36
C LEU A 229 7.82 -27.03 34.31
N PRO A 230 8.86 -26.22 34.59
CA PRO A 230 10.01 -25.92 33.74
C PRO A 230 10.99 -27.08 33.79
N ILE A 231 10.67 -28.16 33.09
CA ILE A 231 11.37 -29.42 33.26
C ILE A 231 12.42 -29.68 32.18
N GLY A 232 12.02 -29.58 30.91
CA GLY A 232 12.95 -29.78 29.81
C GLY A 232 13.25 -31.26 29.52
N ILE A 233 12.21 -32.10 29.52
CA ILE A 233 12.41 -33.52 29.20
C ILE A 233 11.57 -33.96 28.00
N ASN A 234 11.94 -35.11 27.43
CA ASN A 234 11.29 -35.73 26.30
C ASN A 234 10.23 -36.76 26.79
N ILE A 235 8.96 -36.49 26.49
CA ILE A 235 7.86 -37.38 26.88
C ILE A 235 7.16 -37.97 25.66
N THR A 236 7.12 -39.29 25.59
CA THR A 236 6.48 -39.99 24.49
C THR A 236 5.45 -41.00 24.98
N ARG A 237 5.60 -41.42 26.24
CA ARG A 237 4.72 -42.40 26.85
C ARG A 237 4.42 -42.06 28.30
N PHE A 238 3.34 -42.63 28.84
CA PHE A 238 3.04 -42.44 30.24
C PHE A 238 2.30 -43.62 30.84
N GLN A 239 2.26 -43.68 32.16
CA GLN A 239 1.57 -44.76 32.87
C GLN A 239 0.82 -44.23 34.09
N THR A 240 -0.33 -44.82 34.37
CA THR A 240 -1.13 -44.43 35.54
C THR A 240 -0.76 -45.26 36.77
N LEU A 241 -0.56 -44.59 37.90
CA LEU A 241 -0.22 -45.25 39.15
C LEU A 241 -1.39 -45.36 40.10
N LEU A 242 -1.66 -46.57 40.56
CA LEU A 242 -2.76 -46.84 41.49
C LEU A 242 -2.24 -47.22 42.87
N ALA A 243 -3.06 -46.99 43.89
CA ALA A 243 -2.79 -47.49 45.22
C ALA A 243 -3.54 -48.79 45.47
N LEU A 244 -2.79 -49.88 45.61
CA LEU A 244 -3.37 -51.21 45.73
C LEU A 244 -3.20 -51.75 47.15
N HIS A 245 -4.09 -52.66 47.53
CA HIS A 245 -3.96 -53.32 48.83
C HIS A 245 -3.82 -54.83 48.66
N ARG A 246 -3.16 -55.48 49.61
CA ARG A 246 -2.90 -56.91 49.56
C ARG A 246 -4.16 -57.71 49.94
N TRP A 258 -2.32 -58.40 45.25
CA TRP A 258 -2.87 -57.05 45.40
C TRP A 258 -4.10 -56.83 44.53
N THR A 259 -5.05 -56.07 45.05
CA THR A 259 -6.26 -55.74 44.33
C THR A 259 -6.64 -54.27 44.54
N ALA A 260 -7.83 -53.89 44.11
CA ALA A 260 -8.27 -52.50 44.18
C ALA A 260 -9.78 -52.41 44.31
N GLY A 261 -10.26 -51.24 44.73
CA GLY A 261 -11.69 -50.98 44.79
C GLY A 261 -12.21 -50.60 43.41
N ALA A 262 -13.43 -50.08 43.36
CA ALA A 262 -14.06 -49.76 42.08
C ALA A 262 -13.68 -48.37 41.59
N ALA A 263 -12.97 -48.33 40.45
CA ALA A 263 -12.57 -47.08 39.82
C ALA A 263 -12.25 -47.31 38.35
N ALA A 264 -12.35 -46.26 37.56
CA ALA A 264 -12.00 -46.34 36.14
C ALA A 264 -11.52 -44.99 35.62
N TYR A 265 -10.77 -45.02 34.52
CA TYR A 265 -10.27 -43.78 33.94
C TYR A 265 -10.30 -43.81 32.42
N TYR A 266 -10.32 -42.61 31.85
CA TYR A 266 -10.45 -42.43 30.41
C TYR A 266 -9.27 -41.65 29.85
N VAL A 267 -8.76 -42.10 28.71
CA VAL A 267 -7.65 -41.40 28.08
C VAL A 267 -7.94 -41.01 26.64
N GLY A 268 -7.88 -39.71 26.38
CA GLY A 268 -8.06 -39.19 25.03
C GLY A 268 -6.81 -38.44 24.60
N TYR A 269 -6.82 -37.91 23.39
CA TYR A 269 -5.67 -37.18 22.90
C TYR A 269 -6.06 -35.86 22.25
N LEU A 270 -5.20 -34.86 22.42
CA LEU A 270 -5.45 -33.52 21.92
C LEU A 270 -5.04 -33.38 20.47
N GLN A 271 -5.72 -32.49 19.75
CA GLN A 271 -5.40 -32.21 18.36
C GLN A 271 -5.40 -30.70 18.11
N PRO A 272 -4.60 -30.24 17.15
CA PRO A 272 -4.48 -28.87 16.70
C PRO A 272 -5.72 -28.43 15.93
N ARG A 273 -6.65 -27.80 16.65
CA ARG A 273 -7.93 -27.43 16.09
C ARG A 273 -8.36 -26.02 16.50
N THR A 274 -9.29 -25.45 15.76
CA THR A 274 -9.80 -24.12 16.07
C THR A 274 -11.11 -24.21 16.81
N PHE A 275 -11.21 -23.46 17.90
CA PHE A 275 -12.43 -23.39 18.69
C PHE A 275 -12.93 -21.97 18.86
N LEU A 276 -14.24 -21.82 18.90
CA LEU A 276 -14.85 -20.55 19.26
C LEU A 276 -15.35 -20.61 20.70
N LEU A 277 -14.77 -19.79 21.57
CA LEU A 277 -15.06 -19.85 22.99
C LEU A 277 -15.96 -18.71 23.44
N LYS A 278 -17.00 -19.04 24.19
CA LYS A 278 -17.93 -18.03 24.70
C LYS A 278 -17.69 -17.73 26.17
N TYR A 279 -17.31 -16.48 26.45
CA TYR A 279 -17.06 -16.02 27.80
C TYR A 279 -18.28 -15.27 28.35
N ASN A 280 -18.70 -15.61 29.56
CA ASN A 280 -19.83 -14.95 30.20
C ASN A 280 -19.37 -13.67 30.89
N GLU A 281 -20.28 -13.03 31.61
CA GLU A 281 -19.99 -11.75 32.26
C GLU A 281 -18.97 -11.85 33.39
N ASN A 282 -18.72 -13.06 33.89
CA ASN A 282 -17.79 -13.31 34.98
C ASN A 282 -16.44 -13.82 34.46
N GLY A 283 -16.27 -13.80 33.13
CA GLY A 283 -15.02 -14.19 32.49
C GLY A 283 -14.84 -15.69 32.40
N THR A 284 -15.93 -16.43 32.62
CA THR A 284 -15.89 -17.88 32.58
C THR A 284 -16.37 -18.40 31.24
N ILE A 285 -15.66 -19.37 30.69
CA ILE A 285 -16.11 -19.99 29.45
C ILE A 285 -17.28 -20.91 29.74
N THR A 286 -18.40 -20.66 29.07
CA THR A 286 -19.60 -21.43 29.30
C THR A 286 -19.93 -22.31 28.11
N ASP A 287 -19.35 -22.00 26.96
CA ASP A 287 -19.61 -22.76 25.75
C ASP A 287 -18.42 -22.71 24.80
N ALA A 288 -18.38 -23.66 23.88
CA ALA A 288 -17.34 -23.70 22.87
C ALA A 288 -17.79 -24.45 21.63
N VAL A 289 -17.27 -24.04 20.47
CA VAL A 289 -17.58 -24.73 19.23
C VAL A 289 -16.35 -25.31 18.58
N ASP A 290 -16.38 -26.61 18.31
CA ASP A 290 -15.34 -27.27 17.56
C ASP A 290 -15.60 -27.07 16.06
N CYS A 291 -14.79 -26.22 15.42
CA CYS A 291 -15.07 -25.74 14.07
C CYS A 291 -14.91 -26.85 13.03
N ALA A 292 -14.32 -27.96 13.44
CA ALA A 292 -14.07 -29.07 12.53
C ALA A 292 -15.11 -30.18 12.66
N LEU A 293 -16.04 -30.00 13.59
CA LEU A 293 -16.99 -31.07 13.91
C LEU A 293 -17.92 -31.36 12.74
N ASP A 294 -18.53 -30.32 12.20
CA ASP A 294 -19.48 -30.47 11.10
C ASP A 294 -19.67 -29.11 10.40
N PRO A 295 -20.35 -29.08 9.23
CA PRO A 295 -20.66 -27.90 8.43
C PRO A 295 -21.43 -26.82 9.19
N LEU A 296 -22.22 -27.23 10.17
CA LEU A 296 -22.98 -26.27 10.97
C LEU A 296 -22.06 -25.51 11.91
N SER A 297 -21.14 -26.24 12.55
CA SER A 297 -20.17 -25.63 13.44
C SER A 297 -19.24 -24.73 12.66
N GLU A 298 -18.86 -25.17 11.47
CA GLU A 298 -18.00 -24.39 10.60
C GLU A 298 -18.64 -23.05 10.27
N THR A 299 -19.95 -23.07 10.02
CA THR A 299 -20.69 -21.85 9.73
C THR A 299 -20.68 -20.91 10.92
N LYS A 300 -20.93 -21.44 12.10
CA LYS A 300 -20.93 -20.63 13.33
C LYS A 300 -19.57 -19.96 13.55
N CYS A 301 -18.50 -20.71 13.34
CA CYS A 301 -17.13 -20.22 13.51
C CYS A 301 -16.80 -19.15 12.48
N THR A 302 -17.34 -19.30 11.28
CA THR A 302 -17.13 -18.34 10.20
C THR A 302 -17.83 -17.02 10.51
N LEU A 303 -19.07 -17.10 10.99
CA LEU A 303 -19.87 -15.91 11.27
C LEU A 303 -19.55 -15.32 12.63
N LYS A 304 -18.81 -16.04 13.45
CA LYS A 304 -18.51 -15.61 14.81
C LYS A 304 -19.79 -15.40 15.59
N SER A 305 -20.69 -16.36 15.49
CA SER A 305 -21.96 -16.32 16.20
C SER A 305 -22.44 -17.73 16.49
N PHE A 306 -23.11 -17.90 17.62
CA PHE A 306 -23.63 -19.21 18.00
C PHE A 306 -25.02 -19.43 17.44
N THR A 307 -25.51 -18.45 16.68
CA THR A 307 -26.81 -18.55 16.02
C THR A 307 -26.67 -18.25 14.54
N VAL A 308 -27.28 -19.08 13.71
CA VAL A 308 -27.24 -18.89 12.27
C VAL A 308 -28.65 -18.76 11.71
N GLU A 309 -28.88 -17.72 10.93
CA GLU A 309 -30.19 -17.46 10.31
C GLU A 309 -30.36 -18.23 9.02
N LYS A 310 -31.59 -18.38 8.57
CA LYS A 310 -31.89 -19.05 7.31
C LYS A 310 -31.15 -18.40 6.16
N GLY A 311 -30.54 -19.23 5.32
CA GLY A 311 -29.84 -18.71 4.14
C GLY A 311 -28.74 -19.64 3.67
N ILE A 312 -27.95 -19.16 2.71
CA ILE A 312 -26.83 -19.91 2.18
C ILE A 312 -25.53 -19.14 2.40
N TYR A 313 -24.55 -19.80 2.99
CA TYR A 313 -23.31 -19.12 3.37
C TYR A 313 -22.10 -19.78 2.77
N GLN A 314 -21.15 -18.96 2.34
CA GLN A 314 -19.85 -19.52 1.88
C GLN A 314 -18.96 -19.63 3.11
N THR A 315 -18.50 -20.83 3.45
CA THR A 315 -17.75 -21.09 4.67
C THR A 315 -16.32 -21.53 4.39
N SER A 316 -16.11 -22.18 3.26
CA SER A 316 -14.79 -22.75 2.97
C SER A 316 -14.60 -23.01 1.51
N ASN A 317 -13.38 -23.39 1.15
CA ASN A 317 -13.07 -23.83 -0.21
C ASN A 317 -12.48 -25.23 -0.16
N PHE A 318 -13.03 -26.13 -0.96
CA PHE A 318 -12.53 -27.49 -0.98
C PHE A 318 -11.43 -27.62 -2.02
N ARG A 319 -10.53 -28.58 -1.78
CA ARG A 319 -9.37 -28.76 -2.69
C ARG A 319 -8.93 -30.23 -2.66
N VAL A 320 -8.87 -30.90 -3.81
CA VAL A 320 -8.36 -32.25 -3.86
C VAL A 320 -6.87 -32.25 -3.57
N GLN A 321 -6.46 -33.08 -2.61
CA GLN A 321 -5.07 -33.13 -2.21
C GLN A 321 -4.32 -34.15 -3.07
N PRO A 322 -3.01 -33.96 -3.25
CA PRO A 322 -2.11 -34.83 -3.96
C PRO A 322 -2.10 -36.22 -3.35
N THR A 323 -2.19 -37.23 -4.19
CA THR A 323 -2.21 -38.62 -3.74
C THR A 323 -0.80 -39.14 -3.49
N GLU A 324 0.14 -38.66 -4.28
CA GLU A 324 1.53 -39.11 -4.19
C GLU A 324 2.47 -38.04 -4.71
N SER A 325 3.75 -38.18 -4.38
CA SER A 325 4.77 -37.27 -4.88
C SER A 325 5.70 -37.97 -5.87
N ILE A 326 5.99 -37.30 -6.98
CA ILE A 326 6.88 -37.85 -7.99
C ILE A 326 8.04 -36.90 -8.29
N VAL A 327 9.18 -37.47 -8.61
CA VAL A 327 10.37 -36.69 -8.94
C VAL A 327 10.97 -37.13 -10.25
N ARG A 328 11.18 -36.19 -11.17
CA ARG A 328 11.75 -36.53 -12.47
C ARG A 328 12.94 -35.66 -12.82
N PHE A 329 14.13 -36.24 -12.75
CA PHE A 329 15.36 -35.58 -13.13
C PHE A 329 15.95 -36.31 -14.36
N PRO A 330 16.99 -35.77 -15.02
CA PRO A 330 17.62 -36.29 -16.23
C PRO A 330 18.22 -37.67 -15.99
N ASN A 331 18.47 -38.43 -17.09
CA ASN A 331 19.05 -39.76 -16.97
C ASN A 331 20.59 -39.72 -17.12
N ILE A 332 21.19 -38.57 -16.80
CA ILE A 332 22.64 -38.41 -16.67
C ILE A 332 23.16 -39.08 -15.38
N THR A 333 24.32 -39.74 -15.47
CA THR A 333 24.85 -40.48 -14.33
C THR A 333 26.22 -40.03 -13.82
N ASN A 334 27.05 -39.43 -14.68
CA ASN A 334 28.42 -39.11 -14.29
C ASN A 334 28.43 -38.00 -13.24
N LEU A 335 29.41 -38.03 -12.35
CA LEU A 335 29.54 -37.00 -11.32
C LEU A 335 30.32 -35.78 -11.82
N CYS A 336 30.00 -34.61 -11.27
CA CYS A 336 30.62 -33.35 -11.65
C CYS A 336 32.06 -33.25 -11.14
N PRO A 337 32.96 -32.74 -11.97
CA PRO A 337 34.39 -32.56 -11.73
C PRO A 337 34.68 -31.36 -10.84
N PHE A 338 34.11 -31.36 -9.64
CA PHE A 338 34.40 -30.30 -8.68
C PHE A 338 35.76 -30.53 -8.06
N GLY A 339 36.15 -31.80 -7.94
CA GLY A 339 37.42 -32.14 -7.33
C GLY A 339 38.59 -31.55 -8.10
N GLU A 340 38.46 -31.50 -9.42
CA GLU A 340 39.54 -31.02 -10.27
C GLU A 340 39.73 -29.51 -10.13
N VAL A 341 38.77 -28.85 -9.49
CA VAL A 341 38.84 -27.41 -9.31
C VAL A 341 39.41 -27.05 -7.95
N PHE A 342 38.91 -27.69 -6.92
CA PHE A 342 39.30 -27.37 -5.54
C PHE A 342 40.60 -28.06 -5.12
N ASN A 343 40.84 -29.29 -5.63
CA ASN A 343 42.05 -30.06 -5.27
C ASN A 343 43.17 -29.79 -6.29
N ALA A 344 43.04 -28.76 -7.12
CA ALA A 344 44.04 -28.41 -8.13
C ALA A 344 45.37 -28.03 -7.48
N THR A 345 46.46 -28.46 -8.12
CA THR A 345 47.79 -28.15 -7.64
C THR A 345 48.13 -26.69 -7.88
N ARG A 346 47.61 -26.15 -8.97
CA ARG A 346 47.88 -24.76 -9.34
C ARG A 346 46.60 -24.00 -9.62
N PHE A 347 46.54 -22.78 -9.10
CA PHE A 347 45.43 -21.88 -9.33
C PHE A 347 45.84 -20.75 -10.25
N ALA A 348 44.85 -20.07 -10.82
CA ALA A 348 45.10 -18.92 -11.68
C ALA A 348 45.30 -17.65 -10.86
N SER A 349 45.86 -16.64 -11.49
CA SER A 349 46.00 -15.32 -10.90
C SER A 349 44.65 -14.62 -10.88
N VAL A 350 44.58 -13.51 -10.16
CA VAL A 350 43.32 -12.76 -10.08
C VAL A 350 43.07 -11.92 -11.32
N TYR A 351 44.15 -11.46 -11.96
CA TYR A 351 44.02 -10.63 -13.16
C TYR A 351 43.62 -11.48 -14.36
N ALA A 352 44.05 -12.74 -14.35
CA ALA A 352 43.71 -13.68 -15.42
C ALA A 352 43.03 -14.89 -14.84
N TRP A 353 41.94 -14.64 -14.14
CA TRP A 353 41.20 -15.67 -13.44
C TRP A 353 40.70 -16.74 -14.42
N ASN A 354 40.56 -17.97 -13.94
CA ASN A 354 40.23 -19.10 -14.80
C ASN A 354 38.77 -19.54 -14.68
N ARG A 355 38.11 -19.69 -15.83
CA ARG A 355 36.72 -20.15 -15.86
C ARG A 355 36.61 -21.61 -16.26
N LYS A 356 36.20 -22.45 -15.33
CA LYS A 356 35.95 -23.85 -15.63
C LYS A 356 34.46 -24.11 -15.77
N ARG A 357 34.05 -24.66 -16.90
CA ARG A 357 32.64 -24.93 -17.14
C ARG A 357 32.26 -26.33 -16.66
N ILE A 358 31.27 -26.38 -15.78
CA ILE A 358 30.76 -27.64 -15.25
C ILE A 358 29.40 -27.93 -15.88
N SER A 359 29.29 -29.10 -16.49
CA SER A 359 28.08 -29.45 -17.20
C SER A 359 27.95 -30.94 -17.41
N ASN A 360 26.74 -31.36 -17.80
CA ASN A 360 26.45 -32.74 -18.17
C ASN A 360 26.94 -33.70 -17.10
N CYS A 361 26.49 -33.46 -15.86
CA CYS A 361 26.94 -34.23 -14.71
C CYS A 361 25.96 -34.11 -13.54
N VAL A 362 26.15 -34.99 -12.57
CA VAL A 362 25.37 -34.96 -11.34
C VAL A 362 26.21 -34.36 -10.24
N ALA A 363 25.73 -33.26 -9.68
CA ALA A 363 26.48 -32.51 -8.70
C ALA A 363 26.18 -32.99 -7.31
N ASP A 364 27.06 -32.67 -6.38
CA ASP A 364 26.82 -32.92 -4.98
C ASP A 364 27.44 -31.80 -4.16
N TYR A 365 26.61 -30.97 -3.57
CA TYR A 365 27.10 -29.78 -2.87
C TYR A 365 27.15 -30.01 -1.38
N SER A 366 26.79 -31.21 -0.93
CA SER A 366 26.82 -31.52 0.50
C SER A 366 28.25 -31.77 0.93
N VAL A 367 29.08 -32.20 -0.02
CA VAL A 367 30.49 -32.44 0.25
C VAL A 367 31.24 -31.12 0.42
N LEU A 368 30.72 -30.06 -0.18
CA LEU A 368 31.34 -28.75 -0.06
C LEU A 368 30.79 -27.98 1.13
N TYR A 369 29.47 -27.99 1.27
CA TYR A 369 28.81 -27.21 2.31
C TYR A 369 29.14 -27.76 3.70
N ASN A 370 29.25 -29.07 3.82
CA ASN A 370 29.47 -29.69 5.11
C ASN A 370 30.96 -29.84 5.41
N SER A 371 31.80 -29.25 4.57
CA SER A 371 33.24 -29.29 4.77
C SER A 371 33.70 -28.16 5.68
N ALA A 372 34.61 -28.47 6.60
CA ALA A 372 35.14 -27.47 7.52
C ALA A 372 36.35 -26.76 6.94
N SER A 373 36.73 -27.13 5.72
CA SER A 373 37.95 -26.61 5.11
C SER A 373 37.79 -25.19 4.58
N PHE A 374 36.55 -24.73 4.48
CA PHE A 374 36.27 -23.42 3.89
C PHE A 374 36.05 -22.36 4.96
N SER A 375 36.72 -21.22 4.80
CA SER A 375 36.56 -20.11 5.74
C SER A 375 35.40 -19.22 5.31
N THR A 376 35.14 -19.19 4.02
CA THR A 376 34.04 -18.42 3.46
C THR A 376 33.15 -19.30 2.59
N PHE A 377 31.84 -19.22 2.82
CA PHE A 377 30.86 -19.92 2.01
C PHE A 377 29.57 -19.13 1.95
N LYS A 378 29.53 -18.14 1.07
CA LYS A 378 28.40 -17.21 1.02
C LYS A 378 27.62 -17.35 -0.29
N CYS A 379 26.33 -17.67 -0.19
CA CYS A 379 25.48 -17.84 -1.35
C CYS A 379 24.50 -16.69 -1.53
N TYR A 380 24.24 -16.33 -2.75
CA TYR A 380 23.32 -15.25 -3.07
C TYR A 380 22.25 -15.74 -4.03
N GLY A 381 21.00 -15.58 -3.66
CA GLY A 381 19.89 -15.99 -4.51
C GLY A 381 19.57 -17.47 -4.35
N VAL A 382 20.32 -18.15 -3.50
CA VAL A 382 20.11 -19.57 -3.24
C VAL A 382 20.63 -19.96 -1.87
N CYS A 383 19.91 -20.84 -1.18
CA CYS A 383 20.28 -21.34 0.12
C CYS A 383 21.06 -22.66 -0.02
N PRO A 384 22.27 -22.76 0.55
CA PRO A 384 23.21 -23.87 0.49
C PRO A 384 22.56 -25.23 0.76
N THR A 385 21.52 -25.22 1.58
CA THR A 385 20.87 -26.45 1.97
C THR A 385 19.82 -26.88 0.95
N LYS A 386 19.44 -25.96 0.07
CA LYS A 386 18.47 -26.24 -0.98
C LYS A 386 19.19 -26.43 -2.31
N LEU A 387 20.45 -26.04 -2.33
CA LEU A 387 21.27 -26.13 -3.54
C LEU A 387 21.44 -27.57 -3.99
N ASN A 388 21.19 -28.50 -3.08
CA ASN A 388 21.42 -29.92 -3.34
C ASN A 388 20.24 -30.63 -4.00
N ASP A 389 19.18 -29.89 -4.32
CA ASP A 389 18.05 -30.52 -5.00
C ASP A 389 17.51 -29.66 -6.14
N LEU A 390 18.35 -28.76 -6.63
CA LEU A 390 18.01 -27.91 -7.78
C LEU A 390 18.78 -28.36 -9.02
N CYS A 391 18.31 -27.92 -10.19
CA CYS A 391 19.00 -28.14 -11.45
C CYS A 391 19.40 -26.81 -12.10
N PHE A 392 20.50 -26.83 -12.83
CA PHE A 392 20.98 -25.65 -13.54
C PHE A 392 21.30 -25.97 -15.00
N THR A 393 21.25 -24.95 -15.86
CA THR A 393 21.61 -25.12 -17.26
C THR A 393 23.11 -25.10 -17.44
N ASN A 394 23.79 -24.42 -16.54
CA ASN A 394 25.25 -24.45 -16.52
C ASN A 394 25.78 -23.99 -15.17
N VAL A 395 26.98 -24.43 -14.83
CA VAL A 395 27.66 -23.94 -13.65
C VAL A 395 29.08 -23.52 -13.99
N TYR A 396 29.46 -22.31 -13.58
CA TYR A 396 30.81 -21.84 -13.86
C TYR A 396 31.61 -21.64 -12.59
N ALA A 397 32.80 -22.20 -12.57
CA ALA A 397 33.69 -22.05 -11.43
C ALA A 397 34.85 -21.12 -11.77
N ASP A 398 34.78 -19.90 -11.26
CA ASP A 398 35.82 -18.91 -11.51
C ASP A 398 36.82 -18.91 -10.36
N SER A 399 38.05 -19.34 -10.63
CA SER A 399 39.03 -19.51 -9.56
C SER A 399 40.24 -18.59 -9.70
N PHE A 400 40.78 -18.19 -8.55
CA PHE A 400 42.00 -17.38 -8.49
C PHE A 400 42.56 -17.35 -7.06
N VAL A 401 43.77 -16.78 -6.92
CA VAL A 401 44.35 -16.57 -5.58
C VAL A 401 44.53 -15.08 -5.26
N ILE A 402 44.03 -14.68 -4.10
CA ILE A 402 44.14 -13.29 -3.62
C ILE A 402 44.60 -13.22 -2.17
N ARG A 403 44.79 -12.01 -1.67
CA ARG A 403 45.13 -11.80 -0.26
C ARG A 403 43.89 -11.87 0.62
N GLY A 404 44.10 -12.16 1.90
CA GLY A 404 42.99 -12.23 2.86
C GLY A 404 42.21 -10.94 2.94
N ASP A 405 42.91 -9.81 2.87
CA ASP A 405 42.27 -8.52 2.99
C ASP A 405 41.43 -8.18 1.77
N GLU A 406 41.59 -8.97 0.72
CA GLU A 406 40.87 -8.73 -0.53
C GLU A 406 39.63 -9.61 -0.65
N VAL A 407 39.46 -10.54 0.28
CA VAL A 407 38.37 -11.51 0.19
C VAL A 407 37.01 -10.83 0.25
N ARG A 408 36.92 -9.76 1.01
CA ARG A 408 35.67 -9.02 1.16
C ARG A 408 35.20 -8.42 -0.17
N GLN A 409 36.12 -8.26 -1.13
CA GLN A 409 35.79 -7.68 -2.41
C GLN A 409 35.05 -8.67 -3.30
N ILE A 410 35.07 -9.95 -2.93
CA ILE A 410 34.40 -10.95 -3.74
C ILE A 410 32.95 -11.07 -3.30
N ALA A 411 32.17 -10.07 -3.68
CA ALA A 411 30.76 -10.03 -3.37
C ALA A 411 30.08 -9.00 -4.28
N PRO A 412 28.77 -9.13 -4.51
CA PRO A 412 27.92 -8.19 -5.22
C PRO A 412 27.96 -6.81 -4.61
N GLY A 413 28.08 -5.79 -5.46
CA GLY A 413 28.01 -4.41 -5.02
C GLY A 413 29.32 -3.88 -4.43
N GLN A 414 30.36 -4.71 -4.46
CA GLN A 414 31.65 -4.30 -3.88
C GLN A 414 32.53 -3.58 -4.89
N THR A 415 33.43 -2.74 -4.38
CA THR A 415 34.42 -2.05 -5.20
C THR A 415 35.81 -2.20 -4.58
N GLY A 416 36.84 -1.86 -5.35
CA GLY A 416 38.22 -1.99 -4.88
C GLY A 416 39.14 -2.44 -6.01
N LYS A 417 40.41 -2.63 -5.72
CA LYS A 417 41.39 -2.96 -6.75
C LYS A 417 41.05 -4.27 -7.45
N ILE A 418 40.51 -5.22 -6.69
CA ILE A 418 40.16 -6.50 -7.28
C ILE A 418 38.81 -6.41 -7.96
N ALA A 419 37.85 -5.84 -7.24
CA ALA A 419 36.49 -5.73 -7.74
C ALA A 419 36.43 -4.92 -9.03
N ASP A 420 37.28 -3.89 -9.13
CA ASP A 420 37.22 -2.97 -10.27
C ASP A 420 38.17 -3.33 -11.40
N TYR A 421 39.36 -3.86 -11.09
CA TYR A 421 40.38 -4.04 -12.13
C TYR A 421 40.72 -5.49 -12.43
N ASN A 422 40.20 -6.43 -11.63
CA ASN A 422 40.60 -7.81 -11.82
C ASN A 422 39.41 -8.74 -12.06
N TYR A 423 38.50 -8.81 -11.10
CA TYR A 423 37.36 -9.71 -11.19
C TYR A 423 36.09 -9.07 -10.63
N LYS A 424 35.16 -8.76 -11.52
CA LYS A 424 33.94 -8.07 -11.13
C LYS A 424 32.72 -8.99 -11.13
N LEU A 425 31.97 -8.95 -10.03
CA LEU A 425 30.70 -9.67 -9.95
C LEU A 425 29.54 -8.70 -10.14
N PRO A 426 28.45 -9.17 -10.75
CA PRO A 426 27.20 -8.45 -10.98
C PRO A 426 26.43 -8.24 -9.68
N ASP A 427 25.64 -7.17 -9.66
CA ASP A 427 24.82 -6.86 -8.48
C ASP A 427 23.73 -7.88 -8.26
N ASP A 428 23.31 -8.55 -9.33
CA ASP A 428 22.26 -9.55 -9.26
C ASP A 428 22.84 -10.96 -9.33
N PHE A 429 24.10 -11.11 -8.93
CA PHE A 429 24.77 -12.40 -8.97
C PHE A 429 23.99 -13.47 -8.24
N THR A 430 23.86 -14.62 -8.89
CA THR A 430 23.29 -15.79 -8.25
C THR A 430 24.33 -16.91 -8.23
N GLY A 431 24.70 -17.34 -7.04
CA GLY A 431 25.78 -18.31 -6.91
C GLY A 431 26.39 -18.28 -5.51
N CYS A 432 27.50 -19.00 -5.34
CA CYS A 432 28.16 -19.12 -4.04
C CYS A 432 29.65 -18.78 -4.13
N VAL A 433 30.13 -18.01 -3.17
CA VAL A 433 31.54 -17.66 -3.09
C VAL A 433 32.24 -18.49 -2.02
N ILE A 434 33.23 -19.26 -2.45
CA ILE A 434 33.95 -20.14 -1.54
C ILE A 434 35.42 -19.78 -1.47
N ALA A 435 35.94 -19.61 -0.26
CA ALA A 435 37.36 -19.27 -0.12
C ALA A 435 37.98 -19.95 1.10
N TRP A 436 39.28 -20.23 1.00
CA TRP A 436 40.02 -20.81 2.11
C TRP A 436 41.49 -20.39 2.08
N ASN A 437 42.10 -20.39 3.26
CA ASN A 437 43.52 -20.02 3.40
C ASN A 437 44.43 -21.06 2.76
N SER A 438 45.38 -20.62 1.94
CA SER A 438 46.29 -21.52 1.27
C SER A 438 47.76 -21.17 1.56
N ASN A 439 47.99 -20.62 2.74
CA ASN A 439 49.35 -20.21 3.12
C ASN A 439 50.33 -21.38 3.06
N ASN A 440 49.84 -22.58 3.32
CA ASN A 440 50.71 -23.75 3.33
C ASN A 440 50.97 -24.31 1.93
N LEU A 441 50.29 -23.74 0.93
CA LEU A 441 50.43 -24.26 -0.44
C LEU A 441 50.96 -23.21 -1.40
N ASP A 442 50.41 -22.00 -1.33
CA ASP A 442 50.72 -20.97 -2.32
C ASP A 442 51.77 -19.98 -1.85
N SER A 443 52.29 -20.18 -0.64
CA SER A 443 53.32 -19.29 -0.13
C SER A 443 54.70 -19.91 -0.27
N LYS A 444 55.70 -19.07 -0.46
CA LYS A 444 57.08 -19.53 -0.61
C LYS A 444 58.02 -18.71 0.25
N VAL A 445 59.12 -19.32 0.66
CA VAL A 445 60.06 -18.67 1.57
C VAL A 445 60.62 -17.38 0.96
N GLY A 446 60.93 -17.42 -0.33
CA GLY A 446 61.48 -16.26 -1.02
C GLY A 446 60.38 -15.42 -1.67
N GLY A 447 59.13 -15.80 -1.43
CA GLY A 447 57.98 -15.12 -2.03
C GLY A 447 57.50 -15.87 -3.26
N ASN A 448 56.18 -15.92 -3.44
CA ASN A 448 55.59 -16.58 -4.61
C ASN A 448 55.05 -15.55 -5.58
N TYR A 449 55.90 -15.10 -6.49
CA TYR A 449 55.53 -14.01 -7.37
C TYR A 449 54.89 -14.52 -8.66
N ASN A 450 54.52 -15.80 -8.66
CA ASN A 450 53.82 -16.38 -9.79
C ASN A 450 52.41 -15.82 -9.88
N TYR A 451 51.90 -15.35 -8.74
CA TYR A 451 50.56 -14.80 -8.68
C TYR A 451 50.61 -13.27 -8.68
N ARG A 452 49.83 -12.65 -9.55
CA ARG A 452 49.85 -11.19 -9.72
C ARG A 452 48.44 -10.61 -9.79
N TYR A 453 48.36 -9.28 -9.79
CA TYR A 453 47.09 -8.57 -9.94
C TYR A 453 47.26 -7.33 -10.79
N ARG A 454 46.16 -6.85 -11.34
CA ARG A 454 46.18 -5.60 -12.11
C ARG A 454 46.04 -4.42 -11.18
N LEU A 455 46.98 -3.48 -11.32
CA LEU A 455 46.98 -2.28 -10.52
C LEU A 455 46.53 -1.07 -11.34
N PHE A 456 46.89 -1.07 -12.62
CA PHE A 456 46.59 0.07 -13.49
C PHE A 456 45.58 -0.28 -14.57
N ARG A 457 44.52 0.51 -14.66
CA ARG A 457 43.47 0.30 -15.65
C ARG A 457 42.81 1.62 -16.03
N LYS A 458 42.46 1.76 -17.31
CA LYS A 458 41.82 2.98 -17.81
C LYS A 458 40.43 3.20 -17.21
N SER A 459 39.68 2.12 -17.06
CA SER A 459 38.32 2.18 -16.51
C SER A 459 37.96 0.89 -15.80
N ASN A 460 36.92 0.94 -14.97
CA ASN A 460 36.48 -0.24 -14.24
C ASN A 460 35.95 -1.31 -15.17
N LEU A 461 36.14 -2.56 -14.79
CA LEU A 461 35.68 -3.70 -15.59
C LEU A 461 34.20 -3.91 -15.46
N LYS A 462 33.60 -4.45 -16.52
CA LYS A 462 32.23 -4.94 -16.46
C LYS A 462 32.22 -6.33 -15.82
N PRO A 463 31.10 -6.78 -15.26
CA PRO A 463 30.91 -8.07 -14.65
C PRO A 463 31.39 -9.19 -15.55
N PHE A 464 32.18 -10.09 -14.98
CA PHE A 464 32.70 -11.26 -15.69
C PHE A 464 33.65 -10.93 -16.83
N GLU A 465 34.17 -9.71 -16.85
CA GLU A 465 35.20 -9.33 -17.80
C GLU A 465 36.58 -9.81 -17.35
N ARG A 466 37.39 -10.28 -18.29
CA ARG A 466 38.75 -10.70 -18.00
C ARG A 466 39.75 -10.02 -18.92
N ASP A 467 40.62 -9.20 -18.35
CA ASP A 467 41.61 -8.46 -19.12
C ASP A 467 43.00 -9.06 -18.96
N ILE A 468 43.53 -9.62 -20.05
CA ILE A 468 44.83 -10.28 -19.99
C ILE A 468 45.90 -9.52 -20.76
N SER A 469 45.64 -8.24 -21.05
CA SER A 469 46.64 -7.42 -21.71
C SER A 469 47.85 -7.19 -20.81
N THR A 470 49.03 -7.30 -21.39
CA THR A 470 50.28 -7.10 -20.65
C THR A 470 51.01 -5.86 -21.15
N GLU A 471 50.32 -5.05 -21.95
CA GLU A 471 50.92 -3.86 -22.54
C GLU A 471 51.19 -2.79 -21.50
N ILE A 472 52.22 -1.99 -21.73
CA ILE A 472 52.62 -0.94 -20.79
C ILE A 472 51.57 0.15 -20.70
N TYR A 473 51.25 0.55 -19.48
CA TYR A 473 50.28 1.61 -19.23
C TYR A 473 50.94 2.96 -19.15
N GLN A 474 50.43 3.93 -19.89
CA GLN A 474 50.94 5.28 -19.88
C GLN A 474 50.16 6.14 -18.90
N ALA A 475 50.79 6.49 -17.79
CA ALA A 475 50.13 7.24 -16.73
C ALA A 475 50.22 8.74 -16.98
N GLY A 476 51.14 9.14 -17.86
CA GLY A 476 51.38 10.55 -18.13
C GLY A 476 50.96 10.93 -19.54
N SER A 477 51.68 11.88 -20.13
CA SER A 477 51.34 12.40 -21.45
C SER A 477 52.34 11.97 -22.51
N THR A 478 53.42 11.30 -22.10
CA THR A 478 54.46 10.88 -23.03
C THR A 478 54.44 9.36 -23.21
N PRO A 479 54.62 8.89 -24.46
CA PRO A 479 54.51 7.51 -24.92
C PRO A 479 55.58 6.63 -24.30
N CYS A 480 55.28 5.33 -24.20
CA CYS A 480 56.15 4.36 -23.56
C CYS A 480 56.97 3.56 -24.57
N ASN A 481 56.37 3.34 -25.74
CA ASN A 481 57.03 2.53 -26.78
C ASN A 481 57.38 1.13 -26.28
N GLY A 482 56.56 0.59 -25.40
CA GLY A 482 56.76 -0.77 -24.89
C GLY A 482 57.85 -0.83 -23.82
N VAL A 483 58.34 0.33 -23.38
CA VAL A 483 59.43 0.37 -22.43
C VAL A 483 58.99 0.96 -21.09
N GLN A 484 59.34 0.27 -20.00
CA GLN A 484 59.03 0.75 -18.66
C GLN A 484 59.89 1.94 -18.31
N GLY A 485 59.34 2.87 -17.55
CA GLY A 485 60.04 4.09 -17.18
C GLY A 485 59.13 5.03 -16.41
N PHE A 486 59.49 6.30 -16.36
CA PHE A 486 58.67 7.28 -15.65
C PHE A 486 57.32 7.44 -16.35
N ASN A 487 56.25 7.26 -15.58
CA ASN A 487 54.89 7.30 -16.11
C ASN A 487 54.59 6.16 -17.11
N CYS A 488 55.43 5.12 -17.11
CA CYS A 488 55.25 3.96 -17.96
C CYS A 488 55.44 2.68 -17.16
N TYR A 489 54.35 2.02 -16.82
CA TYR A 489 54.41 0.89 -15.90
C TYR A 489 53.83 -0.39 -16.50
N PHE A 490 54.40 -1.52 -16.10
CA PHE A 490 53.80 -2.80 -16.40
C PHE A 490 52.58 -2.96 -15.49
N PRO A 491 51.38 -3.16 -16.07
CA PRO A 491 50.07 -3.07 -15.45
C PRO A 491 49.85 -4.04 -14.32
N LEU A 492 50.61 -5.13 -14.30
CA LEU A 492 50.43 -6.16 -13.28
C LEU A 492 51.53 -6.11 -12.23
N GLN A 493 51.14 -6.25 -10.97
CA GLN A 493 52.08 -6.31 -9.87
C GLN A 493 51.99 -7.65 -9.16
N SER A 494 53.11 -8.10 -8.64
CA SER A 494 53.14 -9.38 -7.95
C SER A 494 52.86 -9.25 -6.47
N TYR A 495 52.49 -10.38 -5.87
CA TYR A 495 52.26 -10.44 -4.44
C TYR A 495 53.39 -11.18 -3.74
N GLY A 496 53.68 -10.81 -2.50
CA GLY A 496 54.74 -11.46 -1.73
C GLY A 496 54.43 -12.92 -1.47
N PHE A 497 53.35 -13.20 -0.77
CA PHE A 497 52.95 -14.57 -0.45
C PHE A 497 54.06 -15.36 0.21
N GLN A 498 54.56 -14.87 1.33
CA GLN A 498 55.51 -15.59 2.16
C GLN A 498 54.79 -16.21 3.34
N PRO A 499 55.23 -17.36 3.83
CA PRO A 499 54.63 -18.15 4.89
C PRO A 499 54.62 -17.43 6.23
N THR A 500 55.44 -16.38 6.35
CA THR A 500 55.55 -15.62 7.58
C THR A 500 54.73 -14.34 7.54
N ASN A 501 53.99 -14.13 6.46
CA ASN A 501 53.19 -12.92 6.32
C ASN A 501 51.95 -12.98 7.20
N GLY A 502 51.40 -11.81 7.52
CA GLY A 502 50.22 -11.72 8.37
C GLY A 502 48.98 -12.25 7.67
N VAL A 503 47.93 -12.50 8.44
CA VAL A 503 46.72 -13.14 7.93
C VAL A 503 46.13 -12.38 6.75
N GLY A 504 46.18 -11.06 6.82
CA GLY A 504 45.60 -10.22 5.76
C GLY A 504 46.43 -10.25 4.48
N TYR A 505 47.67 -10.72 4.59
CA TYR A 505 48.58 -10.74 3.45
C TYR A 505 48.72 -12.14 2.87
N GLN A 506 48.42 -13.16 3.66
CA GLN A 506 48.51 -14.53 3.21
C GLN A 506 47.57 -14.75 2.04
N PRO A 507 47.91 -15.67 1.13
CA PRO A 507 47.14 -16.09 -0.02
C PRO A 507 45.92 -16.90 0.38
N TYR A 508 44.83 -16.69 -0.34
CA TYR A 508 43.63 -17.49 -0.18
C TYR A 508 43.16 -17.98 -1.53
N ARG A 509 42.74 -19.23 -1.58
CA ARG A 509 42.21 -19.80 -2.81
C ARG A 509 40.72 -19.58 -2.89
N VAL A 510 40.29 -18.95 -3.97
CA VAL A 510 38.90 -18.56 -4.13
C VAL A 510 38.25 -19.22 -5.33
N VAL A 511 37.09 -19.82 -5.10
CA VAL A 511 36.29 -20.38 -6.18
C VAL A 511 34.88 -19.82 -6.12
N VAL A 512 34.45 -19.20 -7.20
CA VAL A 512 33.10 -18.66 -7.27
C VAL A 512 32.22 -19.50 -8.18
N LEU A 513 31.15 -20.04 -7.64
CA LEU A 513 30.25 -20.88 -8.41
C LEU A 513 29.05 -20.10 -8.88
N SER A 514 29.02 -19.80 -10.17
CA SER A 514 27.93 -19.04 -10.76
C SER A 514 26.89 -19.98 -11.31
N PHE A 515 25.64 -19.82 -10.85
CA PHE A 515 24.57 -20.72 -11.25
C PHE A 515 23.61 -20.04 -12.21
N GLU A 516 23.51 -20.57 -13.42
CA GLU A 516 22.59 -20.00 -14.39
C GLU A 516 21.46 -20.97 -14.70
N LEU A 517 20.24 -20.46 -14.67
CA LEU A 517 19.06 -21.26 -14.95
C LEU A 517 18.25 -20.69 -16.09
N LEU A 518 18.64 -21.02 -17.31
CA LEU A 518 17.91 -20.59 -18.50
C LEU A 518 16.92 -21.66 -18.90
N HIS A 519 16.02 -21.35 -19.82
CA HIS A 519 15.09 -22.35 -20.28
C HIS A 519 15.75 -23.33 -21.23
N ALA A 520 16.48 -24.27 -20.67
CA ALA A 520 17.16 -25.27 -21.45
C ALA A 520 17.28 -26.52 -20.61
N PRO A 521 17.46 -27.69 -21.23
CA PRO A 521 17.71 -28.95 -20.57
C PRO A 521 18.81 -28.75 -19.55
N ALA A 522 18.52 -29.05 -18.30
CA ALA A 522 19.52 -28.87 -17.26
C ALA A 522 20.69 -29.79 -17.54
N THR A 523 21.89 -29.28 -17.30
CA THR A 523 23.08 -30.05 -17.53
C THR A 523 23.68 -30.50 -16.22
N VAL A 524 23.31 -29.79 -15.14
CA VAL A 524 23.75 -30.15 -13.80
C VAL A 524 22.58 -30.26 -12.84
N CYS A 525 22.47 -31.40 -12.16
CA CYS A 525 21.46 -31.61 -11.12
C CYS A 525 22.10 -32.18 -9.88
N GLY A 526 21.66 -31.73 -8.71
CA GLY A 526 22.19 -32.24 -7.45
C GLY A 526 21.82 -33.69 -7.28
N PRO A 527 22.15 -34.30 -6.14
CA PRO A 527 21.89 -35.67 -5.80
C PRO A 527 20.42 -35.94 -6.08
N LYS A 528 20.15 -36.83 -7.00
CA LYS A 528 18.80 -37.01 -7.50
C LYS A 528 18.35 -38.44 -7.43
N LYS A 529 17.12 -38.64 -7.05
CA LYS A 529 16.51 -39.97 -7.01
C LYS A 529 15.14 -39.97 -7.66
N SER A 530 15.12 -40.18 -8.96
CA SER A 530 13.90 -40.08 -9.74
C SER A 530 12.92 -41.19 -9.37
N THR A 531 11.64 -40.91 -9.58
CA THR A 531 10.57 -41.87 -9.35
C THR A 531 9.77 -42.10 -10.62
N ASN A 532 8.75 -42.94 -10.54
CA ASN A 532 7.91 -43.24 -11.68
C ASN A 532 6.98 -42.07 -12.00
N LEU A 533 6.52 -42.02 -13.24
CA LEU A 533 5.59 -40.99 -13.68
C LEU A 533 4.15 -41.45 -13.59
N VAL A 534 3.31 -40.63 -12.97
CA VAL A 534 1.90 -40.95 -12.81
C VAL A 534 1.02 -39.91 -13.50
N LYS A 535 0.04 -40.39 -14.26
CA LYS A 535 -0.84 -39.50 -15.01
C LYS A 535 -2.31 -39.73 -14.66
N ASN A 536 -3.12 -38.70 -14.92
CA ASN A 536 -4.57 -38.73 -14.70
C ASN A 536 -4.93 -38.78 -13.21
N LYS A 537 -3.98 -38.41 -12.37
CA LYS A 537 -4.23 -38.31 -10.94
C LYS A 537 -3.62 -37.05 -10.36
N CYS A 538 -4.20 -36.53 -9.28
CA CYS A 538 -3.67 -35.37 -8.58
C CYS A 538 -2.40 -35.75 -7.81
N VAL A 539 -1.27 -35.17 -8.23
CA VAL A 539 0.02 -35.51 -7.63
C VAL A 539 0.87 -34.28 -7.34
N ASN A 540 1.84 -34.46 -6.43
CA ASN A 540 2.84 -33.39 -6.19
C ASN A 540 4.02 -33.80 -7.06
N PHE A 541 4.63 -32.89 -7.82
CA PHE A 541 5.70 -33.23 -8.75
C PHE A 541 6.90 -32.29 -8.67
N ASN A 542 8.04 -32.82 -9.09
CA ASN A 542 9.25 -32.03 -9.27
C ASN A 542 9.93 -32.38 -10.60
N PHE A 543 9.82 -31.51 -11.58
CA PHE A 543 10.43 -31.75 -12.90
C PHE A 543 11.66 -30.89 -13.11
N ASN A 544 12.83 -31.51 -13.04
CA ASN A 544 14.10 -30.79 -13.18
C ASN A 544 14.19 -29.60 -12.24
N GLY A 545 13.69 -29.73 -11.03
CA GLY A 545 13.76 -28.65 -10.05
C GLY A 545 12.47 -27.83 -10.00
N LEU A 546 11.58 -28.04 -10.96
CA LEU A 546 10.31 -27.33 -10.99
C LEU A 546 9.25 -28.03 -10.15
N THR A 547 8.87 -27.41 -9.05
CA THR A 547 7.93 -28.03 -8.13
C THR A 547 6.53 -27.48 -8.31
N GLY A 548 5.53 -28.33 -8.07
CA GLY A 548 4.15 -27.91 -8.12
C GLY A 548 3.20 -29.08 -7.89
N THR A 549 1.89 -28.79 -7.87
CA THR A 549 0.87 -29.83 -7.63
C THR A 549 -0.19 -29.76 -8.73
N GLY A 550 -0.60 -30.90 -9.26
CA GLY A 550 -1.66 -30.94 -10.27
C GLY A 550 -1.76 -32.29 -10.94
N VAL A 551 -2.67 -32.39 -11.90
CA VAL A 551 -2.89 -33.60 -12.67
C VAL A 551 -2.08 -33.56 -13.95
N LEU A 552 -1.35 -34.63 -14.23
CA LEU A 552 -0.54 -34.70 -15.43
C LEU A 552 -1.18 -35.59 -16.49
N THR A 553 -1.25 -35.10 -17.71
CA THR A 553 -1.75 -35.89 -18.83
C THR A 553 -0.87 -35.70 -20.05
N GLU A 554 -0.98 -36.61 -21.01
CA GLU A 554 -0.25 -36.46 -22.26
C GLU A 554 -0.77 -35.25 -23.03
N SER A 555 0.16 -34.45 -23.56
CA SER A 555 -0.19 -33.23 -24.27
C SER A 555 -0.21 -33.44 -25.77
N ASN A 556 -1.04 -32.66 -26.47
CA ASN A 556 -1.03 -32.64 -27.92
C ASN A 556 -0.31 -31.40 -28.45
N LYS A 557 0.38 -30.70 -27.56
CA LYS A 557 1.09 -29.49 -27.94
C LYS A 557 2.42 -29.83 -28.62
N LYS A 558 2.61 -29.28 -29.81
CA LYS A 558 3.80 -29.60 -30.58
C LYS A 558 4.98 -28.72 -30.20
N PHE A 559 5.72 -29.15 -29.20
CA PHE A 559 6.90 -28.43 -28.75
C PHE A 559 8.04 -28.56 -29.75
N LEU A 560 8.83 -27.52 -29.88
CA LEU A 560 10.07 -27.61 -30.65
C LEU A 560 11.17 -28.16 -29.75
N PRO A 561 12.19 -28.82 -30.31
CA PRO A 561 13.23 -29.56 -29.61
C PRO A 561 13.94 -28.76 -28.53
N PHE A 562 13.95 -27.43 -28.64
CA PHE A 562 14.67 -26.61 -27.67
C PHE A 562 13.78 -26.18 -26.50
N GLN A 563 12.49 -26.49 -26.60
CA GLN A 563 11.52 -26.08 -25.59
C GLN A 563 11.25 -27.18 -24.57
N GLN A 564 11.30 -26.84 -23.29
CA GLN A 564 11.07 -27.81 -22.22
C GLN A 564 9.74 -27.59 -21.53
N PHE A 565 9.26 -26.35 -21.52
CA PHE A 565 7.98 -26.06 -20.89
C PHE A 565 7.24 -24.93 -21.57
N GLY A 566 5.95 -24.80 -21.27
CA GLY A 566 5.17 -23.67 -21.73
C GLY A 566 4.63 -22.88 -20.54
N ARG A 567 4.16 -21.67 -20.80
CA ARG A 567 3.59 -20.85 -19.73
C ARG A 567 2.27 -20.19 -20.11
N ASP A 568 1.46 -19.91 -19.10
CA ASP A 568 0.19 -19.20 -19.26
C ASP A 568 0.38 -17.70 -19.00
N ILE A 569 -0.70 -16.93 -19.11
CA ILE A 569 -0.66 -15.49 -18.91
C ILE A 569 -0.37 -15.12 -17.47
N ALA A 570 -0.60 -16.05 -16.55
CA ALA A 570 -0.33 -15.85 -15.13
C ALA A 570 1.11 -16.21 -14.80
N ASP A 571 1.89 -16.54 -15.83
CA ASP A 571 3.28 -16.92 -15.69
C ASP A 571 3.45 -18.28 -15.06
N THR A 572 2.37 -19.04 -14.98
CA THR A 572 2.44 -20.40 -14.47
C THR A 572 2.77 -21.37 -15.60
N THR A 573 3.36 -22.51 -15.25
CA THR A 573 3.68 -23.54 -16.24
C THR A 573 2.48 -24.43 -16.49
N ASP A 574 2.14 -24.63 -17.76
CA ASP A 574 0.96 -25.42 -18.09
C ASP A 574 1.33 -26.63 -18.94
N ALA A 575 2.61 -26.83 -19.16
CA ALA A 575 3.09 -27.98 -19.89
C ALA A 575 4.59 -28.15 -19.70
N VAL A 576 5.04 -29.38 -19.57
CA VAL A 576 6.46 -29.67 -19.43
C VAL A 576 6.88 -30.85 -20.28
N ARG A 577 8.17 -30.90 -20.59
CA ARG A 577 8.75 -32.06 -21.25
C ARG A 577 9.42 -32.96 -20.23
N ASP A 578 8.99 -34.21 -20.18
CA ASP A 578 9.60 -35.17 -19.26
C ASP A 578 11.07 -35.37 -19.62
N PRO A 579 11.98 -35.16 -18.68
CA PRO A 579 13.42 -35.12 -18.84
C PRO A 579 14.00 -36.45 -19.29
N GLN A 580 13.24 -37.53 -19.18
CA GLN A 580 13.75 -38.85 -19.54
C GLN A 580 13.07 -39.40 -20.78
N THR A 581 11.77 -39.18 -20.91
CA THR A 581 11.01 -39.75 -22.02
C THR A 581 10.78 -38.74 -23.13
N LEU A 582 11.02 -37.46 -22.82
CA LEU A 582 10.82 -36.36 -23.76
C LEU A 582 9.36 -36.19 -24.16
N GLU A 583 8.47 -36.86 -23.44
CA GLU A 583 7.04 -36.72 -23.64
C GLU A 583 6.55 -35.38 -23.10
N ILE A 584 5.67 -34.73 -23.84
CA ILE A 584 5.09 -33.47 -23.37
C ILE A 584 3.83 -33.74 -22.55
N LEU A 585 3.80 -33.18 -21.35
CA LEU A 585 2.69 -33.37 -20.44
C LEU A 585 1.98 -32.07 -20.15
N ASP A 586 0.65 -32.11 -20.13
CA ASP A 586 -0.14 -30.95 -19.72
C ASP A 586 -0.29 -30.93 -18.21
N ILE A 587 -0.21 -29.74 -17.63
CA ILE A 587 -0.37 -29.61 -16.19
C ILE A 587 -1.64 -28.85 -15.84
N THR A 588 -2.58 -29.53 -15.19
CA THR A 588 -3.83 -28.91 -14.78
C THR A 588 -4.04 -29.07 -13.28
N PRO A 589 -4.26 -27.98 -12.55
CA PRO A 589 -4.49 -27.93 -11.12
C PRO A 589 -5.59 -28.89 -10.70
N CYS A 590 -5.46 -29.43 -9.49
CA CYS A 590 -6.41 -30.39 -8.94
C CYS A 590 -7.73 -29.70 -8.61
N SER A 591 -8.84 -30.44 -8.70
CA SER A 591 -10.16 -29.84 -8.55
C SER A 591 -10.32 -29.11 -7.22
N PHE A 592 -10.98 -27.95 -7.29
CA PHE A 592 -11.25 -27.13 -6.12
C PHE A 592 -12.47 -26.27 -6.38
N GLY A 593 -12.98 -25.65 -5.33
CA GLY A 593 -14.12 -24.73 -5.48
C GLY A 593 -14.67 -24.29 -4.14
N GLY A 594 -15.69 -23.46 -4.17
CA GLY A 594 -16.30 -22.95 -2.95
C GLY A 594 -17.25 -23.95 -2.33
N VAL A 595 -17.39 -23.89 -1.01
CA VAL A 595 -18.37 -24.71 -0.30
C VAL A 595 -19.37 -23.81 0.38
N SER A 596 -20.64 -23.97 0.02
CA SER A 596 -21.68 -23.19 0.63
C SER A 596 -22.61 -24.08 1.45
N VAL A 597 -22.98 -23.60 2.63
CA VAL A 597 -23.86 -24.34 3.50
C VAL A 597 -25.26 -23.74 3.53
N ILE A 598 -26.24 -24.56 3.21
CA ILE A 598 -27.64 -24.15 3.19
C ILE A 598 -28.32 -24.54 4.49
N THR A 599 -28.88 -23.57 5.18
CA THR A 599 -29.48 -23.83 6.48
C THR A 599 -30.79 -23.07 6.67
N PRO A 600 -31.79 -23.70 7.32
CA PRO A 600 -33.10 -23.18 7.65
C PRO A 600 -33.11 -22.16 8.79
N GLY A 601 -32.02 -22.11 9.55
CA GLY A 601 -31.99 -21.27 10.74
C GLY A 601 -32.04 -22.13 12.00
N THR A 602 -31.21 -21.78 12.99
CA THR A 602 -31.10 -22.57 14.22
C THR A 602 -32.33 -22.44 15.13
N ASN A 603 -33.20 -21.47 14.86
CA ASN A 603 -34.48 -21.35 15.55
C ASN A 603 -35.47 -22.42 15.08
N THR A 604 -35.10 -23.13 14.01
CA THR A 604 -35.94 -24.15 13.38
C THR A 604 -35.31 -25.54 13.42
N SER A 605 -34.07 -25.64 12.95
CA SER A 605 -33.43 -26.95 12.81
C SER A 605 -31.91 -26.86 12.73
N ASN A 606 -31.24 -27.99 12.98
CA ASN A 606 -29.80 -28.08 12.85
C ASN A 606 -29.38 -28.88 11.62
N GLN A 607 -30.33 -29.14 10.73
CA GLN A 607 -30.03 -29.85 9.49
C GLN A 607 -29.46 -28.88 8.46
N VAL A 608 -28.46 -29.34 7.71
CA VAL A 608 -27.89 -28.51 6.65
C VAL A 608 -27.69 -29.31 5.37
N ALA A 609 -27.57 -28.58 4.27
CA ALA A 609 -27.17 -29.16 2.99
C ALA A 609 -25.95 -28.42 2.47
N VAL A 610 -25.11 -29.12 1.72
CA VAL A 610 -23.88 -28.51 1.24
C VAL A 610 -23.80 -28.46 -0.28
N LEU A 611 -23.50 -27.28 -0.80
CA LEU A 611 -23.32 -27.09 -2.22
C LEU A 611 -21.85 -26.96 -2.57
N TYR A 612 -21.36 -27.87 -3.41
CA TYR A 612 -19.99 -27.79 -3.89
C TYR A 612 -19.98 -27.08 -5.23
N GLN A 613 -19.60 -25.83 -5.20
CA GLN A 613 -19.85 -24.95 -6.32
C GLN A 613 -18.98 -25.25 -7.51
N GLY A 614 -19.61 -25.44 -8.66
CA GLY A 614 -18.92 -25.57 -9.92
C GLY A 614 -18.25 -26.92 -10.13
N VAL A 615 -18.65 -27.94 -9.38
CA VAL A 615 -18.04 -29.25 -9.56
C VAL A 615 -19.04 -30.36 -9.79
N ASN A 616 -18.53 -31.48 -10.29
CA ASN A 616 -19.27 -32.72 -10.48
C ASN A 616 -19.48 -33.41 -9.11
N CYS A 617 -20.61 -34.09 -8.98
CA CYS A 617 -20.89 -34.91 -7.80
C CYS A 617 -19.94 -36.10 -7.73
N THR A 618 -19.40 -36.49 -8.88
CA THR A 618 -18.49 -37.61 -8.95
C THR A 618 -17.11 -37.25 -8.41
N GLU A 619 -16.87 -35.95 -8.23
CA GLU A 619 -15.59 -35.46 -7.77
C GLU A 619 -15.64 -35.02 -6.32
N VAL A 620 -16.82 -35.06 -5.72
CA VAL A 620 -16.98 -34.58 -4.35
C VAL A 620 -16.23 -35.43 -3.31
N PRO A 621 -16.34 -36.79 -3.34
CA PRO A 621 -15.72 -37.71 -2.39
C PRO A 621 -14.21 -37.47 -2.28
N ASN A 641 -28.98 -38.56 -1.11
CA ASN A 641 -29.37 -37.20 -1.45
C ASN A 641 -28.22 -36.45 -2.13
N VAL A 642 -27.87 -36.88 -3.34
CA VAL A 642 -26.88 -36.20 -4.17
C VAL A 642 -27.50 -35.74 -5.48
N PHE A 643 -27.55 -34.43 -5.68
CA PHE A 643 -28.24 -33.84 -6.82
C PHE A 643 -27.33 -32.89 -7.58
N GLN A 644 -27.17 -33.12 -8.88
CA GLN A 644 -26.31 -32.29 -9.70
C GLN A 644 -27.07 -31.13 -10.30
N THR A 645 -26.63 -29.91 -9.99
CA THR A 645 -27.21 -28.70 -10.55
C THR A 645 -26.15 -27.98 -11.37
N ARG A 646 -26.55 -26.97 -12.12
CA ARG A 646 -25.58 -26.21 -12.90
C ARG A 646 -24.79 -25.26 -12.02
N ALA A 647 -25.18 -25.18 -10.75
CA ALA A 647 -24.47 -24.37 -9.77
C ALA A 647 -23.40 -25.20 -9.06
N GLY A 648 -23.42 -26.51 -9.26
CA GLY A 648 -22.54 -27.41 -8.53
C GLY A 648 -23.30 -28.61 -7.98
N CYS A 649 -22.65 -29.39 -7.12
CA CYS A 649 -23.25 -30.59 -6.55
C CYS A 649 -23.89 -30.30 -5.21
N LEU A 650 -25.18 -30.56 -5.09
CA LEU A 650 -25.92 -30.29 -3.87
C LEU A 650 -26.16 -31.57 -3.09
N ILE A 651 -25.62 -31.64 -1.88
CA ILE A 651 -25.73 -32.85 -1.07
C ILE A 651 -26.48 -32.61 0.23
N GLY A 652 -27.43 -33.48 0.53
CA GLY A 652 -28.20 -33.36 1.75
C GLY A 652 -29.60 -32.82 1.49
N ALA A 653 -29.87 -32.50 0.23
CA ALA A 653 -31.19 -31.99 -0.16
C ALA A 653 -31.90 -32.99 -1.05
N GLU A 654 -33.19 -33.15 -0.82
CA GLU A 654 -34.01 -34.05 -1.63
C GLU A 654 -34.62 -33.32 -2.81
N HIS A 655 -34.31 -33.78 -4.02
CA HIS A 655 -34.89 -33.18 -5.19
C HIS A 655 -36.33 -33.60 -5.35
N VAL A 656 -37.20 -32.65 -5.65
CA VAL A 656 -38.61 -32.93 -5.88
C VAL A 656 -39.02 -32.40 -7.24
N ASN A 657 -40.08 -32.99 -7.82
CA ASN A 657 -40.57 -32.59 -9.13
C ASN A 657 -41.70 -31.57 -9.04
N ASN A 658 -41.97 -31.08 -7.83
CA ASN A 658 -42.91 -29.99 -7.63
C ASN A 658 -42.19 -28.66 -7.79
N SER A 659 -42.94 -27.57 -7.67
CA SER A 659 -42.36 -26.26 -7.83
C SER A 659 -42.98 -25.27 -6.87
N TYR A 660 -42.15 -24.49 -6.22
CA TYR A 660 -42.61 -23.58 -5.19
C TYR A 660 -41.98 -22.21 -5.37
N GLU A 661 -42.43 -21.24 -4.59
CA GLU A 661 -41.78 -19.94 -4.55
C GLU A 661 -40.39 -20.11 -3.98
N CYS A 662 -39.41 -19.37 -4.50
CA CYS A 662 -38.02 -19.50 -4.09
C CYS A 662 -37.84 -19.09 -2.63
N ASP A 663 -37.23 -19.97 -1.85
CA ASP A 663 -36.92 -19.69 -0.46
C ASP A 663 -35.44 -19.33 -0.33
N ILE A 664 -34.59 -20.35 -0.33
CA ILE A 664 -33.16 -20.12 -0.37
C ILE A 664 -32.62 -20.42 -1.76
N PRO A 665 -32.12 -19.42 -2.47
CA PRO A 665 -31.64 -19.50 -3.83
C PRO A 665 -30.38 -20.34 -3.91
N ILE A 666 -30.34 -21.27 -4.87
CA ILE A 666 -29.15 -22.06 -5.11
C ILE A 666 -28.47 -21.55 -6.37
N GLY A 667 -29.26 -21.34 -7.42
CA GLY A 667 -28.76 -20.83 -8.68
C GLY A 667 -29.27 -21.63 -9.86
N ALA A 668 -29.29 -21.01 -11.04
CA ALA A 668 -29.71 -21.67 -12.26
C ALA A 668 -31.12 -22.22 -12.17
N GLY A 669 -31.99 -21.49 -11.50
CA GLY A 669 -33.40 -21.85 -11.42
C GLY A 669 -33.73 -22.76 -10.23
N ILE A 670 -32.72 -23.17 -9.49
CA ILE A 670 -32.93 -24.06 -8.35
C ILE A 670 -32.95 -23.31 -7.03
N CYS A 671 -33.93 -23.63 -6.17
CA CYS A 671 -34.04 -23.11 -4.82
C CYS A 671 -34.21 -24.25 -3.84
N ALA A 672 -33.92 -23.99 -2.57
CA ALA A 672 -34.06 -24.99 -1.53
C ALA A 672 -34.87 -24.47 -0.36
N SER A 673 -35.54 -25.37 0.35
CA SER A 673 -36.33 -25.00 1.52
C SER A 673 -36.45 -26.16 2.48
N TYR A 674 -36.88 -25.85 3.71
CA TYR A 674 -37.09 -26.88 4.72
C TYR A 674 -38.56 -27.27 4.79
N GLN A 675 -38.85 -28.54 4.51
CA GLN A 675 -40.20 -29.06 4.43
C GLN A 675 -40.42 -30.17 5.47
N GLN A 690 -39.12 -33.94 8.96
CA GLN A 690 -38.88 -32.84 8.02
C GLN A 690 -37.46 -32.89 7.48
N SER A 691 -37.28 -32.36 6.26
CA SER A 691 -35.99 -32.37 5.57
C SER A 691 -35.83 -31.20 4.62
N ILE A 692 -34.63 -31.01 4.10
CA ILE A 692 -34.35 -29.99 3.10
C ILE A 692 -34.62 -30.53 1.71
N ILE A 693 -35.33 -29.74 0.90
CA ILE A 693 -35.66 -30.13 -0.45
C ILE A 693 -35.10 -29.16 -1.47
N ALA A 694 -34.90 -29.63 -2.69
CA ALA A 694 -34.45 -28.80 -3.79
C ALA A 694 -35.43 -28.89 -4.95
N TYR A 695 -35.77 -27.75 -5.52
CA TYR A 695 -36.79 -27.70 -6.56
C TYR A 695 -36.52 -26.59 -7.55
N THR A 696 -37.11 -26.71 -8.74
CA THR A 696 -37.10 -25.61 -9.69
C THR A 696 -38.14 -24.59 -9.29
N MET A 697 -37.72 -23.33 -9.19
CA MET A 697 -38.59 -22.29 -8.68
C MET A 697 -39.73 -21.98 -9.63
N SER A 698 -40.88 -21.65 -9.06
CA SER A 698 -42.05 -21.23 -9.83
C SER A 698 -42.00 -19.74 -10.10
N LEU A 699 -42.53 -19.34 -11.25
CA LEU A 699 -42.59 -17.93 -11.59
C LEU A 699 -43.96 -17.33 -11.27
N GLY A 700 -44.89 -18.19 -10.84
CA GLY A 700 -46.25 -17.75 -10.56
C GLY A 700 -47.29 -18.65 -11.22
N ALA A 701 -48.55 -18.46 -10.85
CA ALA A 701 -49.65 -19.24 -11.39
C ALA A 701 -49.96 -18.81 -12.81
N GLU A 702 -50.44 -19.73 -13.63
CA GLU A 702 -50.82 -19.42 -15.00
C GLU A 702 -52.22 -18.83 -15.08
N ASN A 703 -52.42 -17.93 -16.04
CA ASN A 703 -53.73 -17.31 -16.25
C ASN A 703 -53.98 -17.01 -17.73
N SER A 704 -54.86 -17.77 -18.35
CA SER A 704 -55.23 -17.50 -19.72
C SER A 704 -56.43 -16.56 -19.78
N VAL A 705 -56.21 -15.37 -20.31
CA VAL A 705 -57.24 -14.34 -20.35
C VAL A 705 -58.23 -14.64 -21.47
N ALA A 706 -59.52 -14.49 -21.17
CA ALA A 706 -60.57 -14.83 -22.12
C ALA A 706 -60.72 -13.78 -23.19
N TYR A 707 -59.74 -13.71 -24.09
CA TYR A 707 -59.75 -12.72 -25.14
C TYR A 707 -60.69 -13.08 -26.28
N SER A 708 -61.45 -12.09 -26.73
CA SER A 708 -62.23 -12.19 -27.96
C SER A 708 -62.39 -10.79 -28.53
N ASN A 709 -62.91 -10.69 -29.75
CA ASN A 709 -62.96 -9.41 -30.45
C ASN A 709 -64.22 -8.59 -30.10
N ASN A 710 -65.05 -9.11 -29.20
CA ASN A 710 -66.26 -8.40 -28.77
C ASN A 710 -66.63 -8.71 -27.33
N SER A 711 -65.63 -8.94 -26.48
CA SER A 711 -65.90 -9.22 -25.07
C SER A 711 -65.05 -8.34 -24.17
N ILE A 712 -65.71 -7.70 -23.21
CA ILE A 712 -65.03 -6.82 -22.28
C ILE A 712 -65.36 -7.19 -20.85
N ALA A 713 -64.37 -7.10 -19.97
CA ALA A 713 -64.61 -7.32 -18.55
C ALA A 713 -64.63 -5.99 -17.80
N ILE A 714 -65.71 -5.76 -17.06
CA ILE A 714 -65.86 -4.51 -16.34
C ILE A 714 -66.14 -4.76 -14.85
N PRO A 715 -65.37 -4.13 -13.95
CA PRO A 715 -65.51 -4.17 -12.52
C PRO A 715 -66.87 -3.68 -12.09
N THR A 716 -67.52 -4.42 -11.20
CA THR A 716 -68.77 -3.98 -10.60
C THR A 716 -68.58 -3.51 -9.16
N ASN A 717 -67.34 -3.60 -8.67
CA ASN A 717 -66.99 -3.29 -7.29
C ASN A 717 -65.52 -2.95 -7.19
N PHE A 718 -65.07 -2.54 -6.01
CA PHE A 718 -63.67 -2.16 -5.77
C PHE A 718 -63.29 -2.39 -4.32
N THR A 719 -61.99 -2.40 -4.06
CA THR A 719 -61.48 -2.39 -2.71
C THR A 719 -60.55 -1.22 -2.50
N ILE A 720 -60.42 -0.80 -1.24
CA ILE A 720 -59.44 0.21 -0.87
C ILE A 720 -58.26 -0.47 -0.20
N SER A 721 -57.11 -0.41 -0.84
CA SER A 721 -55.93 -1.10 -0.37
C SER A 721 -54.93 -0.13 0.23
N VAL A 722 -54.30 -0.54 1.32
CA VAL A 722 -53.21 0.24 1.88
C VAL A 722 -51.96 -0.60 1.95
N THR A 723 -50.90 -0.11 1.33
CA THR A 723 -49.64 -0.84 1.31
C THR A 723 -48.52 0.01 1.89
N THR A 724 -47.45 -0.65 2.30
CA THR A 724 -46.35 0.05 2.94
C THR A 724 -45.08 0.01 2.10
N GLU A 725 -44.47 1.18 1.92
CA GLU A 725 -43.18 1.28 1.25
C GLU A 725 -42.14 1.89 2.17
N ILE A 726 -41.00 1.21 2.31
CA ILE A 726 -39.98 1.66 3.24
C ILE A 726 -38.70 2.06 2.54
N LEU A 727 -38.19 3.25 2.83
CA LEU A 727 -36.95 3.74 2.26
C LEU A 727 -36.00 4.26 3.35
N PRO A 728 -34.70 3.95 3.26
CA PRO A 728 -33.60 4.58 3.95
C PRO A 728 -33.45 6.03 3.54
N VAL A 729 -33.15 6.89 4.51
CA VAL A 729 -32.94 8.30 4.23
C VAL A 729 -31.53 8.73 4.60
N SER A 730 -31.00 8.19 5.68
CA SER A 730 -29.70 8.61 6.18
C SER A 730 -28.96 7.48 6.86
N MET A 731 -27.68 7.69 7.10
CA MET A 731 -26.88 6.75 7.87
C MET A 731 -26.18 7.47 9.01
N THR A 732 -25.57 6.70 9.90
CA THR A 732 -24.89 7.26 11.06
C THR A 732 -23.73 8.16 10.64
N LYS A 733 -23.64 9.33 11.26
CA LYS A 733 -22.59 10.29 10.95
C LYS A 733 -21.35 10.00 11.79
N THR A 734 -20.41 9.25 11.24
CA THR A 734 -19.22 8.90 11.98
C THR A 734 -18.09 9.85 11.67
N SER A 735 -17.08 9.84 12.52
CA SER A 735 -15.88 10.63 12.31
C SER A 735 -14.68 9.91 12.90
N VAL A 736 -13.52 10.13 12.31
CA VAL A 736 -12.33 9.44 12.76
C VAL A 736 -11.17 10.39 12.98
N ASP A 737 -10.50 10.25 14.11
CA ASP A 737 -9.26 10.93 14.36
C ASP A 737 -8.11 10.10 13.81
N CYS A 738 -7.63 10.47 12.62
CA CYS A 738 -6.64 9.68 11.88
C CYS A 738 -5.40 9.44 12.73
N THR A 739 -4.86 10.50 13.32
CA THR A 739 -3.65 10.38 14.12
C THR A 739 -3.86 9.47 15.31
N MET A 740 -4.99 9.62 16.01
CA MET A 740 -5.24 8.79 17.18
C MET A 740 -5.42 7.32 16.81
N TYR A 741 -6.18 7.06 15.75
CA TYR A 741 -6.42 5.69 15.33
C TYR A 741 -5.11 4.98 15.03
N ILE A 742 -4.22 5.66 14.31
CA ILE A 742 -2.97 5.07 13.89
C ILE A 742 -1.91 5.06 15.00
N CYS A 743 -1.73 6.19 15.68
CA CYS A 743 -0.57 6.40 16.55
C CYS A 743 -0.91 6.42 18.03
N GLY A 744 -2.19 6.52 18.36
CA GLY A 744 -2.54 6.69 19.76
C GLY A 744 -1.94 7.98 20.30
N ASP A 745 -1.19 7.87 21.38
CA ASP A 745 -0.55 9.03 22.00
C ASP A 745 0.97 9.02 21.84
N SER A 746 1.46 8.24 20.88
CA SER A 746 2.89 8.16 20.63
C SER A 746 3.37 9.31 19.76
N THR A 747 4.37 10.04 20.24
CA THR A 747 4.95 11.13 19.48
C THR A 747 5.87 10.60 18.40
N GLU A 748 6.52 9.49 18.68
CA GLU A 748 7.43 8.87 17.72
C GLU A 748 6.68 8.45 16.45
N CYS A 749 5.49 7.87 16.63
CA CYS A 749 4.62 7.49 15.52
C CYS A 749 4.12 8.72 14.78
N SER A 750 3.66 9.72 15.53
CA SER A 750 3.10 10.92 14.91
C SER A 750 4.12 11.60 14.01
N ASN A 751 5.37 11.63 14.45
CA ASN A 751 6.43 12.25 13.67
C ASN A 751 6.69 11.49 12.38
N LEU A 752 6.54 10.17 12.41
CA LEU A 752 6.71 9.36 11.22
C LEU A 752 5.53 9.53 10.28
N LEU A 753 4.35 9.67 10.84
CA LEU A 753 3.13 9.79 10.06
C LEU A 753 3.15 11.04 9.18
N LEU A 754 3.83 12.08 9.64
CA LEU A 754 3.93 13.33 8.89
C LEU A 754 4.61 13.13 7.54
N GLN A 755 5.40 12.08 7.42
CA GLN A 755 6.16 11.82 6.20
C GLN A 755 5.26 11.35 5.07
N TYR A 756 4.01 11.07 5.41
CA TYR A 756 3.06 10.57 4.44
C TYR A 756 2.21 11.69 3.85
N GLY A 757 2.46 12.92 4.32
CA GLY A 757 1.80 14.07 3.75
C GLY A 757 0.37 14.25 4.28
N SER A 758 -0.55 14.51 3.36
CA SER A 758 -1.89 14.94 3.71
C SER A 758 -2.91 13.81 3.74
N PHE A 759 -2.45 12.56 3.71
CA PHE A 759 -3.38 11.45 3.68
C PHE A 759 -4.45 11.54 4.78
N CYS A 760 -4.03 11.88 6.01
CA CYS A 760 -4.96 12.00 7.12
C CYS A 760 -5.98 13.11 6.91
N THR A 761 -5.52 14.24 6.40
CA THR A 761 -6.41 15.36 6.14
C THR A 761 -7.46 14.99 5.10
N GLN A 762 -7.03 14.28 4.07
CA GLN A 762 -7.93 13.88 3.00
C GLN A 762 -9.04 12.97 3.51
N LEU A 763 -8.68 12.05 4.40
CA LEU A 763 -9.64 11.11 4.94
C LEU A 763 -10.64 11.80 5.86
N ASN A 764 -10.14 12.77 6.64
CA ASN A 764 -11.01 13.52 7.54
C ASN A 764 -12.01 14.34 6.74
N ARG A 765 -11.54 14.92 5.64
CA ARG A 765 -12.39 15.72 4.77
C ARG A 765 -13.48 14.87 4.13
N ALA A 766 -13.12 13.68 3.68
CA ALA A 766 -14.05 12.78 3.03
C ALA A 766 -15.18 12.38 3.97
N LEU A 767 -14.84 12.06 5.20
CA LEU A 767 -15.85 11.65 6.18
C LEU A 767 -16.73 12.81 6.58
N THR A 768 -16.16 14.00 6.65
CA THR A 768 -16.92 15.19 6.96
C THR A 768 -17.97 15.46 5.89
N GLY A 769 -17.57 15.32 4.63
CA GLY A 769 -18.49 15.54 3.52
C GLY A 769 -19.68 14.61 3.61
N ILE A 770 -19.44 13.37 4.01
CA ILE A 770 -20.52 12.40 4.18
C ILE A 770 -21.45 12.85 5.29
N ALA A 771 -20.88 13.25 6.42
CA ALA A 771 -21.67 13.64 7.57
C ALA A 771 -22.62 14.79 7.23
N VAL A 772 -22.14 15.74 6.44
CA VAL A 772 -22.97 16.87 6.05
C VAL A 772 -24.11 16.44 5.16
N GLU A 773 -23.82 15.54 4.22
CA GLU A 773 -24.81 15.02 3.31
C GLU A 773 -25.97 14.36 4.04
N GLN A 774 -25.68 13.69 5.15
CA GLN A 774 -26.71 12.96 5.88
C GLN A 774 -27.78 13.90 6.42
N ASP A 775 -27.41 15.13 6.75
CA ASP A 775 -28.39 16.09 7.22
C ASP A 775 -29.15 16.68 6.05
N LYS A 776 -28.47 16.84 4.93
CA LYS A 776 -29.11 17.32 3.72
C LYS A 776 -30.17 16.33 3.25
N ASN A 777 -29.86 15.04 3.35
CA ASN A 777 -30.78 14.00 2.93
C ASN A 777 -32.09 14.07 3.72
N THR A 778 -31.96 14.25 5.03
CA THR A 778 -33.14 14.32 5.88
C THR A 778 -33.99 15.53 5.54
N GLN A 779 -33.35 16.66 5.32
CA GLN A 779 -34.09 17.89 5.02
C GLN A 779 -34.82 17.80 3.69
N GLU A 780 -34.18 17.17 2.70
CA GLU A 780 -34.79 17.06 1.38
C GLU A 780 -36.07 16.25 1.42
N VAL A 781 -36.12 15.26 2.30
CA VAL A 781 -37.30 14.40 2.40
C VAL A 781 -38.40 15.01 3.24
N PHE A 782 -38.05 15.51 4.42
CA PHE A 782 -39.07 15.91 5.39
C PHE A 782 -39.40 17.40 5.38
N ALA A 783 -38.41 18.24 5.13
CA ALA A 783 -38.63 19.68 5.20
C ALA A 783 -39.16 20.21 3.88
N GLN A 784 -40.32 19.71 3.47
CA GLN A 784 -40.93 20.12 2.21
C GLN A 784 -42.12 21.01 2.43
N VAL A 785 -42.37 21.37 3.68
CA VAL A 785 -43.52 22.17 4.02
C VAL A 785 -43.08 23.51 4.60
N LYS A 786 -43.69 24.57 4.10
CA LYS A 786 -43.33 25.93 4.51
C LYS A 786 -43.77 26.22 5.94
N GLN A 787 -44.95 25.72 6.29
CA GLN A 787 -45.55 26.00 7.58
C GLN A 787 -45.93 24.73 8.31
N ILE A 788 -46.02 24.80 9.62
CA ILE A 788 -46.42 23.64 10.40
C ILE A 788 -47.93 23.63 10.59
N TYR A 789 -48.60 22.75 9.86
CA TYR A 789 -50.04 22.68 9.90
C TYR A 789 -50.51 21.82 11.04
N LYS A 790 -51.66 22.17 11.61
CA LYS A 790 -52.25 21.38 12.68
C LYS A 790 -53.64 20.91 12.31
N THR A 791 -54.01 19.73 12.80
CA THR A 791 -55.35 19.20 12.58
C THR A 791 -56.34 19.86 13.52
N PRO A 792 -57.63 19.87 13.18
CA PRO A 792 -58.73 20.39 13.96
C PRO A 792 -58.89 19.57 15.25
N PRO A 793 -59.34 20.22 16.34
CA PRO A 793 -59.71 19.65 17.62
C PRO A 793 -60.71 18.52 17.49
N ILE A 794 -61.63 18.65 16.54
CA ILE A 794 -62.65 17.62 16.34
C ILE A 794 -62.38 16.85 15.06
N LYS A 795 -62.12 15.56 15.22
CA LYS A 795 -61.74 14.71 14.10
C LYS A 795 -62.95 14.16 13.37
N ASP A 796 -63.69 15.05 12.71
CA ASP A 796 -64.83 14.62 11.90
C ASP A 796 -64.52 14.69 10.42
N PHE A 797 -64.19 13.55 9.85
CA PHE A 797 -63.76 13.51 8.46
C PHE A 797 -64.68 12.66 7.62
N GLY A 798 -65.94 12.55 8.05
CA GLY A 798 -66.95 11.86 7.26
C GLY A 798 -66.88 10.35 7.39
N GLY A 799 -66.32 9.86 8.50
CA GLY A 799 -66.22 8.44 8.73
C GLY A 799 -64.79 7.92 8.60
N PHE A 800 -63.91 8.77 8.08
CA PHE A 800 -62.52 8.40 7.91
C PHE A 800 -61.73 8.61 9.21
N ASN A 801 -61.07 7.56 9.67
CA ASN A 801 -60.36 7.53 10.95
C ASN A 801 -58.85 7.48 10.74
N PHE A 802 -58.16 8.54 11.16
CA PHE A 802 -56.71 8.68 10.94
C PHE A 802 -55.94 8.54 12.25
N SER A 803 -56.57 7.96 13.26
CA SER A 803 -55.99 7.90 14.60
C SER A 803 -54.69 7.13 14.67
N GLN A 804 -54.43 6.27 13.68
CA GLN A 804 -53.22 5.45 13.72
C GLN A 804 -52.03 6.15 13.09
N ILE A 805 -52.29 7.20 12.33
CA ILE A 805 -51.23 7.93 11.65
C ILE A 805 -50.99 9.30 12.27
N LEU A 806 -52.00 9.81 12.98
CA LEU A 806 -51.87 11.10 13.64
C LEU A 806 -51.18 10.95 14.99
N PRO A 807 -50.47 11.99 15.46
CA PRO A 807 -49.74 12.05 16.71
C PRO A 807 -50.61 11.67 17.89
N ASP A 808 -50.06 10.86 18.79
CA ASP A 808 -50.76 10.45 20.00
C ASP A 808 -50.27 11.26 21.20
N PRO A 809 -51.09 12.19 21.69
CA PRO A 809 -50.76 13.20 22.69
C PRO A 809 -50.44 12.60 24.04
N SER A 810 -50.81 11.32 24.23
CA SER A 810 -50.54 10.65 25.49
C SER A 810 -49.09 10.18 25.58
N LYS A 811 -48.39 10.22 24.45
CA LYS A 811 -46.99 9.81 24.41
C LYS A 811 -46.09 11.04 24.45
N PRO A 812 -45.04 11.01 25.27
CA PRO A 812 -44.11 12.10 25.52
C PRO A 812 -43.32 12.49 24.27
N SER A 813 -43.22 11.56 23.32
CA SER A 813 -42.53 11.80 22.07
C SER A 813 -43.48 12.33 21.00
N LYS A 814 -44.78 12.28 21.29
CA LYS A 814 -45.82 12.72 20.38
C LYS A 814 -45.71 12.06 19.01
N ARG A 815 -45.46 10.76 19.00
CA ARG A 815 -45.47 9.98 17.78
C ARG A 815 -46.85 9.38 17.55
N SER A 816 -47.13 9.01 16.31
CA SER A 816 -48.35 8.27 16.01
C SER A 816 -48.18 6.84 16.52
N PRO A 817 -49.28 6.10 16.71
CA PRO A 817 -49.32 4.68 17.04
C PRO A 817 -48.43 3.85 16.12
N ILE A 818 -48.48 4.13 14.82
CA ILE A 818 -47.63 3.40 13.87
C ILE A 818 -46.17 3.78 14.00
N GLU A 819 -45.89 5.08 14.11
CA GLU A 819 -44.51 5.52 14.24
C GLU A 819 -43.86 4.94 15.48
N ASP A 820 -44.62 4.88 16.57
CA ASP A 820 -44.08 4.37 17.82
C ASP A 820 -43.67 2.91 17.66
N LEU A 821 -44.48 2.13 16.96
CA LEU A 821 -44.15 0.75 16.67
C LEU A 821 -42.87 0.65 15.86
N LEU A 822 -42.75 1.50 14.83
CA LEU A 822 -41.59 1.45 13.95
C LEU A 822 -40.31 1.73 14.70
N PHE A 823 -40.36 2.67 15.64
CA PHE A 823 -39.18 3.06 16.40
C PHE A 823 -38.75 1.97 17.38
N ASN A 824 -39.69 1.19 17.88
CA ASN A 824 -39.35 0.10 18.77
C ASN A 824 -38.69 -1.04 18.02
N LYS A 825 -39.10 -1.24 16.77
CA LYS A 825 -38.57 -2.31 15.94
C LYS A 825 -37.14 -2.04 15.45
N VAL A 826 -36.87 -0.79 15.06
CA VAL A 826 -35.54 -0.35 14.65
C VAL A 826 -35.03 0.75 15.57
N GLN A 853 -15.12 1.45 20.26
CA GLN A 853 -14.82 2.35 19.16
C GLN A 853 -14.31 3.70 19.64
N LYS A 854 -15.02 4.28 20.62
CA LYS A 854 -14.76 5.63 21.12
C LYS A 854 -13.29 5.85 21.46
N PHE A 855 -12.70 4.88 22.13
CA PHE A 855 -11.36 5.05 22.70
C PHE A 855 -10.26 4.87 21.68
N ASN A 856 -10.64 4.63 20.43
CA ASN A 856 -9.65 4.45 19.37
C ASN A 856 -9.76 5.55 18.32
N GLY A 857 -10.38 6.66 18.69
CA GLY A 857 -10.45 7.81 17.81
C GLY A 857 -11.70 7.79 16.92
N LEU A 858 -12.59 6.85 17.19
CA LEU A 858 -13.81 6.73 16.41
C LEU A 858 -14.99 7.30 17.16
N THR A 859 -15.67 8.28 16.55
CA THR A 859 -16.79 8.90 17.22
C THR A 859 -18.02 8.95 16.35
N VAL A 860 -19.16 9.27 16.97
CA VAL A 860 -20.41 9.44 16.26
C VAL A 860 -21.03 10.79 16.56
N LEU A 861 -21.40 11.50 15.52
CA LEU A 861 -22.01 12.81 15.67
C LEU A 861 -23.52 12.71 15.57
N PRO A 862 -24.26 13.52 16.32
CA PRO A 862 -25.71 13.62 16.32
C PRO A 862 -26.19 14.27 15.03
N PRO A 863 -27.37 13.87 14.55
CA PRO A 863 -28.15 14.50 13.50
C PRO A 863 -28.53 15.93 13.86
N LEU A 864 -28.66 16.78 12.87
CA LEU A 864 -29.10 18.15 13.09
C LEU A 864 -30.57 18.19 13.50
N LEU A 865 -31.39 17.40 12.83
CA LEU A 865 -32.80 17.30 13.19
C LEU A 865 -33.02 16.15 14.13
N THR A 866 -33.75 16.40 15.20
CA THR A 866 -34.05 15.37 16.17
C THR A 866 -35.24 14.53 15.73
N ASP A 867 -35.46 13.41 16.39
CA ASP A 867 -36.59 12.55 16.06
C ASP A 867 -37.90 13.29 16.30
N GLU A 868 -37.92 14.17 17.28
CA GLU A 868 -39.09 14.98 17.56
C GLU A 868 -39.36 15.95 16.43
N MET A 869 -38.30 16.57 15.93
CA MET A 869 -38.42 17.51 14.82
C MET A 869 -38.91 16.82 13.56
N ILE A 870 -38.40 15.62 13.31
CA ILE A 870 -38.81 14.84 12.16
C ILE A 870 -40.28 14.46 12.27
N ALA A 871 -40.69 14.06 13.48
CA ALA A 871 -42.08 13.76 13.73
C ALA A 871 -42.98 14.97 13.50
N GLN A 872 -42.49 16.15 13.85
CA GLN A 872 -43.26 17.38 13.66
C GLN A 872 -43.45 17.69 12.19
N TYR A 873 -42.42 17.46 11.39
CA TYR A 873 -42.55 17.65 9.95
C TYR A 873 -43.57 16.69 9.37
N THR A 874 -43.53 15.46 9.84
CA THR A 874 -44.46 14.44 9.38
C THR A 874 -45.90 14.81 9.72
N SER A 875 -46.09 15.32 10.94
CA SER A 875 -47.41 15.74 11.38
C SER A 875 -47.95 16.87 10.53
N ALA A 876 -47.08 17.80 10.18
CA ALA A 876 -47.46 18.94 9.35
C ALA A 876 -47.92 18.47 7.97
N LEU A 877 -47.22 17.48 7.42
CA LEU A 877 -47.56 16.96 6.11
C LEU A 877 -48.89 16.23 6.13
N LEU A 878 -49.14 15.49 7.21
CA LEU A 878 -50.41 14.79 7.35
C LEU A 878 -51.56 15.75 7.56
N ALA A 879 -51.33 16.78 8.37
CA ALA A 879 -52.37 17.76 8.65
C ALA A 879 -52.76 18.50 7.39
N GLY A 880 -51.78 18.83 6.56
CA GLY A 880 -52.03 19.50 5.29
C GLY A 880 -52.82 18.60 4.36
N THR A 881 -52.40 17.36 4.23
CA THR A 881 -53.04 16.42 3.32
C THR A 881 -54.51 16.21 3.67
N ILE A 882 -54.79 16.13 4.96
CA ILE A 882 -56.14 15.84 5.43
C ILE A 882 -57.07 17.04 5.30
N THR A 883 -56.59 18.23 5.63
CA THR A 883 -57.47 19.39 5.67
C THR A 883 -57.51 20.19 4.37
N SER A 884 -56.46 20.12 3.55
CA SER A 884 -56.39 20.96 2.36
C SER A 884 -56.02 20.18 1.11
N GLY A 885 -56.04 18.86 1.17
CA GLY A 885 -55.72 18.05 0.02
C GLY A 885 -54.32 18.31 -0.50
N TRP A 886 -54.22 18.57 -1.81
CA TRP A 886 -52.92 18.80 -2.43
C TRP A 886 -52.66 20.26 -2.70
N THR A 887 -53.48 21.14 -2.15
CA THR A 887 -53.35 22.55 -2.44
C THR A 887 -52.20 23.19 -1.69
N PHE A 888 -51.89 22.66 -0.52
CA PHE A 888 -50.84 23.24 0.31
C PHE A 888 -49.47 23.02 -0.29
N GLY A 889 -49.37 22.08 -1.23
CA GLY A 889 -48.11 21.77 -1.87
C GLY A 889 -47.83 22.67 -3.08
N ALA A 890 -48.84 23.41 -3.54
CA ALA A 890 -48.69 24.22 -4.75
C ALA A 890 -48.97 25.69 -4.50
N GLY A 891 -49.07 26.06 -3.24
CA GLY A 891 -49.39 27.44 -2.89
C GLY A 891 -49.95 27.51 -1.47
N PRO A 892 -50.94 28.37 -1.25
CA PRO A 892 -51.72 28.52 -0.04
C PRO A 892 -52.50 27.25 0.24
N ALA A 893 -52.64 26.90 1.52
CA ALA A 893 -53.44 25.74 1.90
C ALA A 893 -54.91 26.12 1.94
N LEU A 894 -55.70 25.46 1.12
CA LEU A 894 -57.11 25.77 0.97
C LEU A 894 -57.97 24.64 1.50
N GLN A 895 -58.82 24.93 2.47
CA GLN A 895 -59.58 23.88 3.12
C GLN A 895 -60.65 23.29 2.20
N ILE A 896 -60.88 22.00 2.35
CA ILE A 896 -61.94 21.28 1.66
C ILE A 896 -62.37 20.11 2.54
N PRO A 897 -63.67 19.80 2.62
CA PRO A 897 -64.21 18.65 3.30
C PRO A 897 -63.53 17.40 2.81
N PHE A 898 -63.16 16.52 3.73
CA PHE A 898 -62.39 15.35 3.35
C PHE A 898 -63.09 14.47 2.29
N PRO A 899 -64.39 14.14 2.47
CA PRO A 899 -65.20 13.38 1.53
C PRO A 899 -65.18 13.99 0.13
N MET A 900 -65.09 15.31 0.04
CA MET A 900 -65.03 15.98 -1.25
C MET A 900 -63.64 15.85 -1.85
N GLN A 901 -62.63 15.80 -1.01
CA GLN A 901 -61.28 15.56 -1.45
C GLN A 901 -61.16 14.18 -2.06
N MET A 902 -61.80 13.21 -1.42
CA MET A 902 -61.78 11.84 -1.92
C MET A 902 -62.51 11.74 -3.24
N ALA A 903 -63.57 12.53 -3.39
CA ALA A 903 -64.31 12.59 -4.64
C ALA A 903 -63.44 13.09 -5.78
N TYR A 904 -62.61 14.09 -5.49
CA TYR A 904 -61.69 14.63 -6.49
C TYR A 904 -60.65 13.60 -6.88
N ARG A 905 -60.20 12.82 -5.91
CA ARG A 905 -59.20 11.80 -6.15
C ARG A 905 -59.78 10.59 -6.89
N PHE A 906 -61.08 10.38 -6.77
CA PHE A 906 -61.76 9.36 -7.58
C PHE A 906 -61.82 9.77 -9.03
N ASN A 907 -62.13 11.04 -9.29
CA ASN A 907 -62.13 11.55 -10.65
C ASN A 907 -60.76 11.41 -11.27
N GLY A 908 -59.73 11.55 -10.45
CA GLY A 908 -58.35 11.46 -10.91
C GLY A 908 -57.97 10.07 -11.43
N ILE A 909 -58.77 9.07 -11.11
CA ILE A 909 -58.49 7.71 -11.56
C ILE A 909 -59.55 7.20 -12.51
N GLY A 910 -60.36 8.12 -13.03
CA GLY A 910 -61.35 7.79 -14.05
C GLY A 910 -62.64 7.22 -13.49
N VAL A 911 -62.93 7.51 -12.22
CA VAL A 911 -64.16 7.04 -11.61
C VAL A 911 -65.01 8.24 -11.20
N THR A 912 -66.27 8.23 -11.57
CA THR A 912 -67.12 9.39 -11.34
C THR A 912 -67.33 9.64 -9.85
N GLN A 913 -67.53 10.90 -9.50
CA GLN A 913 -67.59 11.32 -8.10
C GLN A 913 -68.82 10.81 -7.37
N ASN A 914 -69.85 10.45 -8.11
CA ASN A 914 -71.06 9.95 -7.47
C ASN A 914 -70.82 8.59 -6.87
N VAL A 915 -69.80 7.90 -7.36
CA VAL A 915 -69.45 6.59 -6.84
C VAL A 915 -68.93 6.72 -5.41
N LEU A 916 -68.20 7.79 -5.15
CA LEU A 916 -67.66 8.06 -3.82
C LEU A 916 -68.78 8.36 -2.84
N TYR A 917 -69.69 9.24 -3.23
CA TYR A 917 -70.73 9.72 -2.34
C TYR A 917 -71.77 8.65 -2.04
N GLU A 918 -72.03 7.79 -3.02
CA GLU A 918 -73.02 6.74 -2.86
C GLU A 918 -72.48 5.58 -2.03
N ASN A 919 -71.16 5.45 -1.99
CA ASN A 919 -70.52 4.37 -1.25
C ASN A 919 -69.65 4.91 -0.14
N GLN A 920 -69.97 6.09 0.37
CA GLN A 920 -69.10 6.77 1.31
C GLN A 920 -68.84 5.95 2.57
N LYS A 921 -69.88 5.30 3.10
CA LYS A 921 -69.73 4.53 4.32
C LYS A 921 -68.88 3.30 4.10
N LEU A 922 -69.09 2.64 2.97
CA LEU A 922 -68.32 1.45 2.63
C LEU A 922 -66.85 1.80 2.44
N ILE A 923 -66.60 2.89 1.71
CA ILE A 923 -65.25 3.32 1.42
C ILE A 923 -64.51 3.72 2.67
N ALA A 924 -65.18 4.45 3.56
CA ALA A 924 -64.59 4.84 4.82
C ALA A 924 -64.24 3.63 5.67
N ASN A 925 -65.12 2.62 5.65
CA ASN A 925 -64.88 1.41 6.42
C ASN A 925 -63.73 0.60 5.85
N GLN A 926 -63.67 0.50 4.52
CA GLN A 926 -62.59 -0.23 3.88
C GLN A 926 -61.25 0.42 4.19
N PHE A 927 -61.24 1.75 4.18
CA PHE A 927 -60.05 2.51 4.52
C PHE A 927 -59.62 2.26 5.95
N ASN A 928 -60.57 2.37 6.89
CA ASN A 928 -60.26 2.25 8.30
C ASN A 928 -59.71 0.86 8.64
N SER A 929 -60.26 -0.16 8.03
CA SER A 929 -59.80 -1.52 8.26
C SER A 929 -58.41 -1.73 7.69
N ALA A 930 -58.16 -1.18 6.51
CA ALA A 930 -56.88 -1.35 5.85
C ALA A 930 -55.75 -0.75 6.68
N ILE A 931 -56.02 0.40 7.31
CA ILE A 931 -55.01 1.03 8.16
C ILE A 931 -54.73 0.16 9.39
N GLY A 932 -55.79 -0.38 9.98
CA GLY A 932 -55.63 -1.26 11.13
C GLY A 932 -54.77 -2.48 10.80
N LYS A 933 -54.94 -3.00 9.60
CA LYS A 933 -54.16 -4.16 9.17
C LYS A 933 -52.67 -3.85 9.13
N ILE A 934 -52.33 -2.62 8.75
CA ILE A 934 -50.93 -2.22 8.68
C ILE A 934 -50.28 -2.27 10.06
N GLN A 935 -50.99 -1.77 11.05
CA GLN A 935 -50.47 -1.78 12.41
C GLN A 935 -50.20 -3.20 12.89
N ASP A 936 -51.11 -4.12 12.58
CA ASP A 936 -50.97 -5.51 12.98
C ASP A 936 -49.88 -6.22 12.19
N SER A 937 -49.81 -5.92 10.90
CA SER A 937 -48.83 -6.57 10.04
C SER A 937 -47.42 -6.28 10.51
N LEU A 938 -47.14 -5.02 10.82
CA LEU A 938 -45.82 -4.64 11.30
C LEU A 938 -45.53 -5.25 12.66
N SER A 939 -46.52 -5.26 13.54
CA SER A 939 -46.34 -5.78 14.89
C SER A 939 -45.98 -7.26 14.89
N SER A 940 -46.48 -7.99 13.91
CA SER A 940 -46.29 -9.43 13.85
C SER A 940 -45.27 -9.87 12.81
N THR A 941 -44.52 -8.93 12.24
CA THR A 941 -43.56 -9.27 11.20
C THR A 941 -42.16 -8.68 11.47
N PRO A 942 -41.29 -9.44 12.13
CA PRO A 942 -39.95 -9.06 12.57
C PRO A 942 -39.06 -8.55 11.43
N SER A 943 -39.31 -9.04 10.21
CA SER A 943 -38.48 -8.70 9.06
C SER A 943 -38.99 -7.51 8.27
N ALA A 944 -40.11 -6.94 8.71
CA ALA A 944 -40.78 -5.88 7.96
C ALA A 944 -39.87 -4.69 7.73
N LEU A 945 -39.00 -4.40 8.71
CA LEU A 945 -38.14 -3.22 8.64
C LEU A 945 -36.69 -3.62 8.40
N GLY A 946 -36.50 -4.74 7.72
CA GLY A 946 -35.16 -5.24 7.42
C GLY A 946 -34.33 -4.24 6.64
N LYS A 947 -34.96 -3.50 5.73
CA LYS A 947 -34.24 -2.54 4.90
C LYS A 947 -33.54 -1.47 5.73
N LEU A 948 -34.18 -1.04 6.81
CA LEU A 948 -33.58 -0.03 7.66
C LEU A 948 -32.56 -0.65 8.61
N GLN A 949 -32.84 -1.87 9.03
CA GLN A 949 -31.92 -2.59 9.91
C GLN A 949 -30.63 -2.93 9.18
N ASP A 950 -30.74 -3.21 7.89
CA ASP A 950 -29.58 -3.54 7.07
C ASP A 950 -28.57 -2.40 7.04
N VAL A 951 -29.07 -1.17 7.01
CA VAL A 951 -28.20 0.00 6.99
C VAL A 951 -27.45 0.10 8.31
N VAL A 952 -28.17 -0.11 9.40
CA VAL A 952 -27.57 -0.08 10.73
C VAL A 952 -26.52 -1.17 10.88
N ASN A 953 -26.83 -2.36 10.40
CA ASN A 953 -25.93 -3.50 10.54
C ASN A 953 -24.67 -3.32 9.71
N GLN A 954 -24.81 -2.76 8.51
CA GLN A 954 -23.67 -2.58 7.63
C GLN A 954 -22.68 -1.57 8.21
N ASN A 955 -23.19 -0.51 8.80
CA ASN A 955 -22.34 0.50 9.37
C ASN A 955 -21.63 -0.02 10.62
N ALA A 956 -22.35 -0.79 11.43
CA ALA A 956 -21.77 -1.38 12.63
C ALA A 956 -20.68 -2.38 12.26
N GLN A 957 -20.91 -3.12 11.18
CA GLN A 957 -19.94 -4.11 10.72
C GLN A 957 -18.65 -3.44 10.30
N ALA A 958 -18.77 -2.30 9.63
CA ALA A 958 -17.61 -1.58 9.14
C ALA A 958 -16.75 -1.04 10.27
N LEU A 959 -17.40 -0.50 11.31
CA LEU A 959 -16.65 0.04 12.45
C LEU A 959 -16.01 -1.06 13.26
N ASN A 960 -16.70 -2.18 13.42
CA ASN A 960 -16.14 -3.29 14.19
C ASN A 960 -14.92 -3.86 13.50
N THR A 961 -14.97 -3.90 12.17
CA THR A 961 -13.85 -4.38 11.39
C THR A 961 -12.67 -3.44 11.52
N LEU A 962 -12.94 -2.13 11.46
CA LEU A 962 -11.89 -1.13 11.56
C LEU A 962 -11.17 -1.23 12.89
N VAL A 963 -11.91 -1.42 13.98
CA VAL A 963 -11.29 -1.54 15.29
C VAL A 963 -10.47 -2.81 15.42
N LYS A 964 -11.00 -3.92 14.94
CA LYS A 964 -10.31 -5.20 15.04
C LYS A 964 -8.97 -5.19 14.32
N GLN A 965 -8.85 -4.37 13.28
CA GLN A 965 -7.60 -4.28 12.54
C GLN A 965 -6.47 -3.72 13.39
N LEU A 966 -6.81 -3.11 14.53
CA LEU A 966 -5.80 -2.59 15.43
C LEU A 966 -5.09 -3.71 16.16
N SER A 967 -5.61 -4.92 16.04
CA SER A 967 -5.03 -6.09 16.67
C SER A 967 -4.05 -6.80 15.74
N SER A 968 -3.94 -6.32 14.51
CA SER A 968 -3.07 -6.94 13.52
C SER A 968 -1.64 -6.46 13.66
N ASN A 969 -0.68 -7.36 13.45
CA ASN A 969 0.72 -7.01 13.54
C ASN A 969 1.23 -6.37 12.25
N PHE A 970 0.69 -6.81 11.13
CA PHE A 970 1.13 -6.32 9.83
C PHE A 970 2.62 -6.53 9.60
N GLY A 971 3.17 -7.54 10.26
CA GLY A 971 4.58 -7.88 10.08
C GLY A 971 5.44 -7.39 11.25
N ALA A 972 4.87 -6.56 12.10
CA ALA A 972 5.58 -6.04 13.27
C ALA A 972 5.67 -7.09 14.36
N ILE A 973 6.56 -6.86 15.32
CA ILE A 973 6.69 -7.78 16.45
C ILE A 973 5.45 -7.80 17.34
N SER A 974 4.74 -6.69 17.37
CA SER A 974 3.55 -6.58 18.19
C SER A 974 2.56 -5.58 17.60
N SER A 975 1.28 -5.85 17.78
CA SER A 975 0.23 -4.94 17.37
C SER A 975 0.20 -3.71 18.28
N VAL A 976 0.83 -3.83 19.44
CA VAL A 976 0.81 -2.76 20.42
C VAL A 976 2.04 -1.88 20.30
N LEU A 977 1.80 -0.61 20.01
CA LEU A 977 2.86 0.35 19.76
C LEU A 977 3.71 0.58 21.01
N ASN A 978 3.07 0.54 22.16
CA ASN A 978 3.76 0.77 23.42
C ASN A 978 4.75 -0.35 23.72
N ASP A 979 4.48 -1.56 23.24
CA ASP A 979 5.40 -2.66 23.42
C ASP A 979 6.67 -2.43 22.63
N ILE A 980 6.49 -1.92 21.42
CA ILE A 980 7.63 -1.68 20.55
C ILE A 980 8.53 -0.61 21.13
N LEU A 981 7.93 0.48 21.59
CA LEU A 981 8.69 1.62 22.10
C LEU A 981 9.40 1.30 23.41
N SER A 982 8.78 0.49 24.25
CA SER A 982 9.37 0.16 25.55
C SER A 982 10.45 -0.91 25.41
N ARG A 983 10.45 -1.70 24.35
CA ARG A 983 11.44 -2.80 24.24
C ARG A 983 12.53 -2.37 23.27
N LEU A 984 12.17 -2.09 22.02
CA LEU A 984 13.16 -1.76 20.97
C LEU A 984 13.65 -0.31 21.04
N CYS A 985 14.83 -0.03 20.47
CA CYS A 985 15.45 1.32 20.52
C CYS A 985 15.13 2.11 19.25
N PRO A 986 15.42 3.44 19.15
CA PRO A 986 14.96 4.25 18.01
C PRO A 986 15.25 3.91 16.54
N PRO A 987 16.45 3.45 16.11
CA PRO A 987 16.63 3.02 14.73
C PRO A 987 15.74 1.81 14.41
N GLU A 988 15.63 0.85 15.35
CA GLU A 988 14.89 -0.42 15.09
C GLU A 988 13.41 -0.28 15.48
N ALA A 989 13.03 0.82 16.11
CA ALA A 989 11.59 1.04 16.41
C ALA A 989 10.95 1.59 15.14
N GLU A 990 11.66 2.44 14.42
CA GLU A 990 11.16 3.12 13.20
C GLU A 990 10.92 2.12 12.08
N VAL A 991 11.45 0.91 12.21
CA VAL A 991 11.12 -0.12 11.23
C VAL A 991 9.83 -0.82 11.61
N GLN A 992 9.70 -1.17 12.88
CA GLN A 992 8.51 -1.86 13.36
C GLN A 992 7.28 -0.98 13.31
N ILE A 993 7.47 0.29 13.62
CA ILE A 993 6.37 1.24 13.64
C ILE A 993 5.86 1.51 12.25
N ASP A 994 6.78 1.67 11.31
CA ASP A 994 6.39 1.95 9.93
C ASP A 994 5.48 0.85 9.39
N ARG A 995 5.74 -0.38 9.81
CA ARG A 995 4.90 -1.51 9.40
C ARG A 995 3.47 -1.36 9.92
N LEU A 996 3.35 -0.89 11.17
CA LEU A 996 2.03 -0.69 11.76
C LEU A 996 1.32 0.49 11.12
N ILE A 997 2.07 1.55 10.83
CA ILE A 997 1.49 2.72 10.20
C ILE A 997 0.94 2.39 8.83
N THR A 998 1.70 1.64 8.05
CA THR A 998 1.28 1.27 6.72
C THR A 998 -0.01 0.48 6.74
N GLY A 999 -0.08 -0.51 7.61
CA GLY A 999 -1.25 -1.37 7.72
C GLY A 999 -2.46 -0.62 8.23
N ARG A 1000 -2.25 0.22 9.24
CA ARG A 1000 -3.35 0.95 9.85
C ARG A 1000 -3.86 2.04 8.92
N LEU A 1001 -2.96 2.65 8.17
CA LEU A 1001 -3.35 3.65 7.20
C LEU A 1001 -4.16 3.02 6.07
N GLN A 1002 -3.72 1.85 5.62
CA GLN A 1002 -4.44 1.11 4.58
C GLN A 1002 -5.84 0.71 5.04
N SER A 1003 -5.95 0.30 6.30
CA SER A 1003 -7.23 -0.13 6.85
C SER A 1003 -8.20 1.04 6.90
N LEU A 1004 -7.69 2.20 7.26
CA LEU A 1004 -8.52 3.39 7.36
C LEU A 1004 -8.96 3.89 5.99
N GLN A 1005 -8.08 3.81 4.99
CA GLN A 1005 -8.43 4.20 3.64
C GLN A 1005 -9.49 3.28 3.06
N THR A 1006 -9.41 2.00 3.39
CA THR A 1006 -10.41 1.04 2.95
C THR A 1006 -11.77 1.38 3.52
N TYR A 1007 -11.81 1.71 4.81
CA TYR A 1007 -13.04 2.09 5.47
C TYR A 1007 -13.68 3.30 4.80
N VAL A 1008 -12.89 4.33 4.57
CA VAL A 1008 -13.42 5.57 4.01
C VAL A 1008 -13.96 5.36 2.60
N THR A 1009 -13.26 4.60 1.79
CA THR A 1009 -13.71 4.34 0.44
C THR A 1009 -15.06 3.63 0.45
N GLN A 1010 -15.22 2.65 1.33
CA GLN A 1010 -16.48 1.92 1.43
C GLN A 1010 -17.62 2.81 1.87
N GLN A 1011 -17.31 3.77 2.75
CA GLN A 1011 -18.33 4.69 3.25
C GLN A 1011 -18.81 5.65 2.17
N LEU A 1012 -17.90 6.04 1.27
CA LEU A 1012 -18.26 6.93 0.17
C LEU A 1012 -19.18 6.23 -0.81
N ILE A 1013 -18.93 4.96 -1.05
CA ILE A 1013 -19.76 4.17 -1.95
C ILE A 1013 -21.14 3.92 -1.35
N ARG A 1014 -21.17 3.58 -0.06
CA ARG A 1014 -22.44 3.39 0.63
C ARG A 1014 -23.22 4.69 0.74
N ALA A 1015 -22.51 5.79 0.93
CA ALA A 1015 -23.15 7.09 1.04
C ALA A 1015 -23.92 7.41 -0.23
N ALA A 1016 -23.34 7.03 -1.37
CA ALA A 1016 -23.96 7.28 -2.67
C ALA A 1016 -25.27 6.52 -2.79
N GLU A 1017 -25.31 5.30 -2.28
CA GLU A 1017 -26.51 4.49 -2.33
C GLU A 1017 -27.61 5.10 -1.48
N ILE A 1018 -27.25 5.58 -0.30
CA ILE A 1018 -28.21 6.22 0.59
C ILE A 1018 -28.73 7.51 -0.01
N ARG A 1019 -27.85 8.27 -0.64
CA ARG A 1019 -28.26 9.51 -1.28
C ARG A 1019 -29.31 9.25 -2.35
N ALA A 1020 -29.09 8.21 -3.15
CA ALA A 1020 -30.04 7.85 -4.19
C ALA A 1020 -31.39 7.48 -3.58
N SER A 1021 -31.36 6.76 -2.46
CA SER A 1021 -32.58 6.39 -1.76
C SER A 1021 -33.30 7.61 -1.22
N ALA A 1022 -32.53 8.55 -0.66
CA ALA A 1022 -33.08 9.78 -0.13
C ALA A 1022 -33.70 10.62 -1.24
N ASN A 1023 -33.09 10.61 -2.41
CA ASN A 1023 -33.60 11.35 -3.55
C ASN A 1023 -34.93 10.77 -4.03
N LEU A 1024 -35.03 9.46 -3.95
CA LEU A 1024 -36.26 8.78 -4.32
C LEU A 1024 -37.35 9.05 -3.30
N ALA A 1025 -36.97 9.02 -2.02
CA ALA A 1025 -37.92 9.30 -0.95
C ALA A 1025 -38.45 10.72 -1.05
N ALA A 1026 -37.59 11.65 -1.42
CA ALA A 1026 -37.98 13.04 -1.58
C ALA A 1026 -38.92 13.19 -2.76
N THR A 1027 -38.71 12.42 -3.81
CA THR A 1027 -39.58 12.45 -4.98
C THR A 1027 -40.94 11.89 -4.64
N LYS A 1028 -40.97 10.79 -3.89
CA LYS A 1028 -42.22 10.19 -3.45
C LYS A 1028 -42.99 11.11 -2.53
N MET A 1029 -42.27 11.82 -1.67
CA MET A 1029 -42.92 12.78 -0.80
C MET A 1029 -43.65 13.83 -1.63
N SER A 1030 -43.00 14.34 -2.66
CA SER A 1030 -43.60 15.35 -3.51
C SER A 1030 -44.76 14.82 -4.34
N GLU A 1031 -44.59 13.64 -4.94
CA GLU A 1031 -45.54 13.16 -5.92
C GLU A 1031 -46.64 12.25 -5.36
N CYS A 1032 -46.37 11.59 -4.23
CA CYS A 1032 -47.34 10.68 -3.63
C CYS A 1032 -48.09 11.35 -2.49
N VAL A 1033 -47.38 12.16 -1.71
CA VAL A 1033 -48.00 12.81 -0.56
C VAL A 1033 -48.57 14.18 -0.91
N LEU A 1034 -47.82 14.98 -1.64
CA LEU A 1034 -48.25 16.35 -1.95
C LEU A 1034 -49.03 16.44 -3.25
N GLY A 1035 -49.46 15.29 -3.75
CA GLY A 1035 -50.29 15.25 -4.94
C GLY A 1035 -50.74 13.85 -5.25
N GLN A 1036 -51.43 13.69 -6.37
CA GLN A 1036 -51.89 12.38 -6.82
C GLN A 1036 -51.14 11.98 -8.08
N SER A 1037 -50.46 10.83 -8.02
CA SER A 1037 -49.60 10.43 -9.11
C SER A 1037 -50.33 9.59 -10.15
N LYS A 1038 -49.95 9.78 -11.41
CA LYS A 1038 -50.45 8.94 -12.49
C LYS A 1038 -49.37 8.00 -12.99
N ARG A 1039 -48.23 7.98 -12.30
CA ARG A 1039 -47.14 7.10 -12.64
C ARG A 1039 -47.39 5.72 -12.10
N VAL A 1040 -47.38 4.73 -12.98
CA VAL A 1040 -47.73 3.37 -12.60
C VAL A 1040 -46.74 2.78 -11.61
N ASP A 1041 -47.27 2.23 -10.53
CA ASP A 1041 -46.50 1.55 -9.50
C ASP A 1041 -45.45 2.45 -8.87
N PHE A 1042 -45.61 3.75 -8.98
CA PHE A 1042 -44.73 4.67 -8.28
C PHE A 1042 -45.17 4.84 -6.82
N CYS A 1043 -46.48 4.93 -6.61
CA CYS A 1043 -47.06 5.17 -5.30
C CYS A 1043 -47.92 3.97 -4.89
N GLY A 1044 -47.39 2.77 -5.07
CA GLY A 1044 -48.09 1.55 -4.69
C GLY A 1044 -48.79 0.89 -5.86
N LYS A 1045 -49.25 -0.33 -5.65
CA LYS A 1045 -49.95 -1.08 -6.68
C LYS A 1045 -51.42 -0.73 -6.72
N GLY A 1046 -51.96 -0.51 -7.91
CA GLY A 1046 -53.34 -0.07 -8.08
C GLY A 1046 -53.37 1.40 -8.49
N TYR A 1047 -54.55 1.98 -8.53
CA TYR A 1047 -54.68 3.37 -8.93
C TYR A 1047 -54.52 4.28 -7.73
N HIS A 1048 -53.51 5.11 -7.76
CA HIS A 1048 -53.16 5.92 -6.59
C HIS A 1048 -54.25 6.89 -6.22
N LEU A 1049 -54.62 6.91 -4.95
CA LEU A 1049 -55.52 7.92 -4.43
C LEU A 1049 -54.76 8.93 -3.61
N MET A 1050 -53.99 8.46 -2.64
CA MET A 1050 -53.23 9.33 -1.76
C MET A 1050 -52.22 8.54 -0.94
N SER A 1051 -51.29 9.23 -0.29
CA SER A 1051 -50.33 8.57 0.58
C SER A 1051 -50.06 9.36 1.84
N PHE A 1052 -49.61 8.66 2.88
CA PHE A 1052 -49.27 9.27 4.16
C PHE A 1052 -47.88 8.86 4.60
N PRO A 1053 -47.01 9.82 4.93
CA PRO A 1053 -45.69 9.62 5.47
C PRO A 1053 -45.74 9.24 6.93
N GLN A 1054 -44.80 8.39 7.34
CA GLN A 1054 -44.55 8.09 8.74
C GLN A 1054 -43.04 8.05 8.96
N SER A 1055 -42.57 8.65 10.03
CA SER A 1055 -41.14 8.66 10.28
C SER A 1055 -40.65 7.32 10.79
N ALA A 1056 -39.39 7.02 10.53
CA ALA A 1056 -38.75 5.82 11.04
C ALA A 1056 -37.28 6.13 11.29
N PRO A 1057 -36.60 5.33 12.10
CA PRO A 1057 -35.18 5.44 12.37
C PRO A 1057 -34.38 5.39 11.08
N HIS A 1058 -33.69 6.48 10.79
CA HIS A 1058 -32.85 6.59 9.60
C HIS A 1058 -33.61 6.35 8.30
N GLY A 1059 -34.92 6.59 8.30
CA GLY A 1059 -35.69 6.33 7.10
C GLY A 1059 -37.11 6.85 7.19
N VAL A 1060 -37.89 6.57 6.15
CA VAL A 1060 -39.27 6.99 6.04
C VAL A 1060 -40.15 5.84 5.58
N VAL A 1061 -41.37 5.81 6.09
CA VAL A 1061 -42.34 4.82 5.67
C VAL A 1061 -43.54 5.49 5.01
N PHE A 1062 -43.89 5.02 3.82
CA PHE A 1062 -45.04 5.57 3.12
C PHE A 1062 -46.20 4.60 3.11
N LEU A 1063 -47.36 5.06 3.53
CA LEU A 1063 -48.57 4.26 3.45
C LEU A 1063 -49.38 4.70 2.25
N HIS A 1064 -49.43 3.85 1.24
CA HIS A 1064 -50.05 4.21 -0.02
C HIS A 1064 -51.47 3.68 -0.10
N VAL A 1065 -52.42 4.57 -0.38
CA VAL A 1065 -53.81 4.21 -0.50
C VAL A 1065 -54.19 4.14 -1.97
N THR A 1066 -54.58 2.95 -2.43
CA THR A 1066 -54.89 2.77 -3.83
C THR A 1066 -56.27 2.19 -4.05
N TYR A 1067 -56.79 2.39 -5.25
CA TYR A 1067 -58.06 1.84 -5.68
C TYR A 1067 -57.84 0.60 -6.53
N VAL A 1068 -58.45 -0.50 -6.14
CA VAL A 1068 -58.32 -1.74 -6.89
C VAL A 1068 -59.70 -2.28 -7.30
N PRO A 1069 -59.93 -2.48 -8.60
CA PRO A 1069 -61.10 -3.13 -9.16
C PRO A 1069 -61.27 -4.51 -8.55
N ALA A 1070 -62.50 -4.89 -8.24
CA ALA A 1070 -62.69 -6.10 -7.44
C ALA A 1070 -63.46 -7.20 -8.15
N HIS A 1071 -64.68 -6.92 -8.57
CA HIS A 1071 -65.56 -7.99 -9.04
C HIS A 1071 -66.01 -7.78 -10.46
N GLU A 1072 -65.23 -8.27 -11.40
CA GLU A 1072 -65.49 -8.03 -12.82
C GLU A 1072 -66.51 -8.99 -13.39
N LYS A 1073 -67.23 -8.53 -14.41
CA LYS A 1073 -68.16 -9.37 -15.15
C LYS A 1073 -67.90 -9.28 -16.65
N ASN A 1074 -68.24 -10.34 -17.37
CA ASN A 1074 -68.15 -10.38 -18.83
C ASN A 1074 -69.34 -9.66 -19.47
N PHE A 1075 -69.05 -8.79 -20.44
CA PHE A 1075 -70.09 -8.14 -21.24
C PHE A 1075 -69.73 -8.19 -22.72
N THR A 1076 -70.73 -8.11 -23.58
CA THR A 1076 -70.48 -7.97 -25.01
C THR A 1076 -70.30 -6.51 -25.34
N THR A 1077 -69.36 -6.20 -26.24
CA THR A 1077 -69.07 -4.81 -26.54
C THR A 1077 -69.09 -4.51 -28.03
N ALA A 1078 -68.98 -3.23 -28.36
CA ALA A 1078 -68.91 -2.76 -29.74
C ALA A 1078 -68.23 -1.39 -29.76
N PRO A 1079 -67.45 -1.12 -30.80
CA PRO A 1079 -66.71 0.11 -31.02
C PRO A 1079 -67.61 1.30 -31.31
N ALA A 1080 -68.79 1.03 -31.84
CA ALA A 1080 -69.70 2.10 -32.24
C ALA A 1080 -71.13 1.59 -32.37
N ILE A 1081 -72.08 2.51 -32.31
CA ILE A 1081 -73.48 2.21 -32.55
C ILE A 1081 -73.96 2.90 -33.83
N CYS A 1082 -74.67 2.17 -34.68
CA CYS A 1082 -75.24 2.72 -35.91
C CYS A 1082 -76.70 3.09 -35.71
N HIS A 1083 -77.02 4.35 -35.98
CA HIS A 1083 -78.38 4.84 -35.84
C HIS A 1083 -78.67 5.94 -36.84
N ASP A 1084 -79.76 5.77 -37.59
CA ASP A 1084 -80.14 6.74 -38.61
C ASP A 1084 -79.01 6.97 -39.61
N GLY A 1085 -78.23 5.94 -39.87
CA GLY A 1085 -77.17 6.00 -40.88
C GLY A 1085 -75.89 6.65 -40.34
N LYS A 1086 -75.91 7.02 -39.07
CA LYS A 1086 -74.76 7.70 -38.46
C LYS A 1086 -74.06 6.80 -37.45
N ALA A 1087 -72.73 6.93 -37.37
CA ALA A 1087 -71.95 6.17 -36.39
C ALA A 1087 -71.79 6.97 -35.10
N HIS A 1088 -72.10 6.33 -33.98
CA HIS A 1088 -72.01 6.99 -32.68
C HIS A 1088 -70.93 6.35 -31.82
N PHE A 1089 -70.16 7.20 -31.14
CA PHE A 1089 -69.12 6.74 -30.24
C PHE A 1089 -69.39 7.29 -28.84
N PRO A 1090 -68.96 6.61 -27.78
CA PRO A 1090 -69.06 7.02 -26.40
C PRO A 1090 -68.26 8.28 -26.16
N ARG A 1091 -68.79 9.21 -25.38
CA ARG A 1091 -68.03 10.40 -25.04
C ARG A 1091 -66.95 10.09 -24.01
N GLU A 1092 -67.30 9.32 -22.99
CA GLU A 1092 -66.39 9.06 -21.89
C GLU A 1092 -66.47 7.64 -21.36
N GLY A 1093 -67.10 6.75 -22.11
CA GLY A 1093 -67.30 5.39 -21.62
C GLY A 1093 -67.15 4.35 -22.72
N VAL A 1094 -67.72 3.19 -22.50
CA VAL A 1094 -67.66 2.09 -23.44
C VAL A 1094 -69.05 1.47 -23.65
N PHE A 1095 -69.37 1.10 -24.88
CA PHE A 1095 -70.65 0.47 -25.15
C PHE A 1095 -70.64 -0.99 -24.72
N VAL A 1096 -71.65 -1.37 -23.95
CA VAL A 1096 -71.76 -2.73 -23.48
C VAL A 1096 -73.15 -3.30 -23.67
N SER A 1097 -73.24 -4.60 -23.77
CA SER A 1097 -74.52 -5.29 -23.86
C SER A 1097 -74.60 -6.39 -22.82
N ASN A 1098 -75.76 -6.48 -22.19
CA ASN A 1098 -76.03 -7.55 -21.21
C ASN A 1098 -76.67 -8.78 -21.87
N GLY A 1099 -76.65 -8.79 -23.22
CA GLY A 1099 -77.17 -9.90 -24.00
C GLY A 1099 -78.46 -9.52 -24.72
N THR A 1100 -79.14 -8.48 -24.23
CA THR A 1100 -80.39 -8.06 -24.87
C THR A 1100 -80.44 -6.55 -25.12
N HIS A 1101 -79.81 -5.76 -24.25
CA HIS A 1101 -79.88 -4.31 -24.37
C HIS A 1101 -78.50 -3.68 -24.36
N TRP A 1102 -78.36 -2.58 -25.10
CA TRP A 1102 -77.11 -1.85 -25.14
C TRP A 1102 -77.11 -0.64 -24.22
N PHE A 1103 -76.01 -0.47 -23.51
CA PHE A 1103 -75.81 0.65 -22.59
C PHE A 1103 -74.44 1.25 -22.79
N VAL A 1104 -74.21 2.41 -22.18
CA VAL A 1104 -72.88 2.96 -22.11
C VAL A 1104 -72.45 3.11 -20.66
N THR A 1105 -71.23 2.71 -20.36
CA THR A 1105 -70.73 2.76 -18.99
C THR A 1105 -69.35 3.36 -18.90
N GLN A 1106 -69.01 3.90 -17.74
CA GLN A 1106 -67.65 4.28 -17.45
C GLN A 1106 -66.80 3.03 -17.36
N ARG A 1107 -65.51 3.17 -17.59
CA ARG A 1107 -64.63 2.03 -17.83
C ARG A 1107 -64.21 1.27 -16.59
N ASN A 1108 -64.01 1.99 -15.48
CA ASN A 1108 -63.43 1.38 -14.29
C ASN A 1108 -64.47 0.97 -13.26
N PHE A 1109 -65.74 1.09 -13.62
CA PHE A 1109 -66.82 0.76 -12.72
C PHE A 1109 -68.10 0.58 -13.51
N TYR A 1110 -68.76 -0.55 -13.32
CA TYR A 1110 -69.96 -0.83 -14.10
C TYR A 1110 -71.13 -0.02 -13.61
N GLU A 1111 -71.61 0.87 -14.47
CA GLU A 1111 -72.71 1.74 -14.17
C GLU A 1111 -73.45 2.11 -15.45
N PRO A 1112 -74.29 1.21 -15.95
CA PRO A 1112 -74.89 1.23 -17.26
C PRO A 1112 -75.91 2.34 -17.38
N GLN A 1113 -75.84 3.07 -18.49
CA GLN A 1113 -76.81 4.12 -18.77
C GLN A 1113 -77.38 3.96 -20.16
N ILE A 1114 -78.57 4.50 -20.37
CA ILE A 1114 -79.19 4.47 -21.69
C ILE A 1114 -78.37 5.29 -22.67
N ILE A 1115 -78.21 4.76 -23.87
CA ILE A 1115 -77.45 5.43 -24.90
C ILE A 1115 -78.26 6.55 -25.51
N THR A 1116 -77.75 7.77 -25.39
CA THR A 1116 -78.45 8.96 -25.85
C THR A 1116 -77.52 9.86 -26.64
N THR A 1117 -78.06 10.94 -27.16
CA THR A 1117 -77.26 11.90 -27.90
C THR A 1117 -76.39 12.76 -26.97
N ASP A 1118 -76.63 12.63 -25.66
CA ASP A 1118 -75.91 13.43 -24.68
C ASP A 1118 -74.63 12.75 -24.21
N ASN A 1119 -74.57 11.42 -24.34
CA ASN A 1119 -73.42 10.68 -23.86
C ASN A 1119 -72.69 9.99 -25.00
N THR A 1120 -73.05 10.35 -26.22
CA THR A 1120 -72.35 9.88 -27.42
C THR A 1120 -72.09 11.03 -28.37
N PHE A 1121 -71.22 10.80 -29.34
CA PHE A 1121 -71.01 11.77 -30.40
C PHE A 1121 -71.00 11.09 -31.76
N VAL A 1122 -71.29 11.85 -32.80
CA VAL A 1122 -71.40 11.29 -34.14
C VAL A 1122 -70.20 11.61 -35.00
N SER A 1123 -69.73 10.60 -35.72
CA SER A 1123 -68.68 10.82 -36.70
C SER A 1123 -68.80 9.88 -37.90
N GLY A 1124 -69.24 10.43 -39.03
CA GLY A 1124 -69.31 9.68 -40.27
C GLY A 1124 -70.50 8.73 -40.32
N ASN A 1125 -70.54 7.92 -41.38
CA ASN A 1125 -71.60 6.94 -41.59
C ASN A 1125 -71.18 5.58 -41.01
N CYS A 1126 -72.01 4.56 -41.24
CA CYS A 1126 -71.84 3.24 -40.61
C CYS A 1126 -71.05 2.27 -41.48
N ASP A 1127 -70.51 2.75 -42.59
CA ASP A 1127 -69.85 1.87 -43.55
C ASP A 1127 -68.38 1.62 -43.26
N VAL A 1128 -67.77 2.50 -42.49
CA VAL A 1128 -66.32 2.44 -42.29
C VAL A 1128 -65.92 1.60 -41.08
N VAL A 1129 -66.61 1.79 -39.97
CA VAL A 1129 -66.20 1.17 -38.71
C VAL A 1129 -66.51 -0.32 -38.68
N ILE A 1130 -65.52 -1.11 -38.30
CA ILE A 1130 -65.66 -2.56 -38.20
C ILE A 1130 -66.22 -2.96 -36.85
N GLY A 1131 -67.31 -3.69 -36.85
CA GLY A 1131 -67.90 -4.18 -35.61
C GLY A 1131 -69.00 -3.27 -35.09
N ILE A 1132 -69.41 -2.31 -35.92
CA ILE A 1132 -70.50 -1.41 -35.55
C ILE A 1132 -71.81 -2.18 -35.47
N VAL A 1133 -72.61 -1.89 -34.44
CA VAL A 1133 -73.86 -2.61 -34.26
C VAL A 1133 -75.06 -1.67 -34.35
N ASN A 1134 -76.21 -2.23 -34.72
CA ASN A 1134 -77.46 -1.47 -34.85
C ASN A 1134 -78.17 -1.34 -33.51
N ASN A 1135 -78.41 -0.11 -33.07
CA ASN A 1135 -79.13 0.16 -31.82
C ASN A 1135 -79.75 1.54 -31.84
N THR A 1136 -80.76 1.75 -31.00
CA THR A 1136 -81.40 3.05 -30.89
C THR A 1136 -80.58 4.02 -30.07
N VAL A 1137 -80.47 5.25 -30.56
CA VAL A 1137 -79.87 6.34 -29.80
C VAL A 1137 -80.93 7.37 -29.48
N TYR A 1138 -81.18 7.59 -28.20
CA TYR A 1138 -82.30 8.42 -27.78
C TYR A 1138 -81.95 9.89 -27.75
N ASP A 1139 -82.87 10.71 -28.24
CA ASP A 1139 -82.74 12.16 -28.20
C ASP A 1139 -83.75 12.74 -27.19
N PRO A 1140 -83.27 13.19 -26.02
CA PRO A 1140 -84.04 13.65 -24.88
C PRO A 1140 -85.05 14.75 -25.22
N LEU A 1141 -84.80 15.47 -26.30
CA LEU A 1141 -85.69 16.57 -26.68
C LEU A 1141 -86.85 16.06 -27.52
N GLN A 1142 -86.68 14.88 -28.09
CA GLN A 1142 -87.68 14.31 -28.99
C GLN A 1142 -89.09 14.32 -28.39
N PRO A 1143 -89.31 13.71 -27.20
CA PRO A 1143 -90.59 13.64 -26.51
C PRO A 1143 -91.03 14.99 -25.96
N GLU A 1144 -90.09 15.89 -25.74
CA GLU A 1144 -90.42 17.24 -25.30
C GLU A 1144 -90.99 18.06 -26.45
N LEU A 1145 -90.48 17.80 -27.66
CA LEU A 1145 -90.93 18.47 -28.88
C LEU A 1145 -90.97 17.47 -30.04
N SER B 1 -14.38 -40.40 78.21
CA SER B 1 -13.39 -41.36 77.73
C SER B 1 -14.05 -42.68 77.34
N TYR B 2 -13.34 -43.49 76.55
CA TYR B 2 -13.82 -44.79 76.09
C TYR B 2 -13.65 -45.85 77.19
N GLU B 3 -14.73 -46.55 77.51
CA GLU B 3 -14.71 -47.58 78.53
C GLU B 3 -13.92 -48.81 78.09
N LEU B 4 -12.94 -49.20 78.90
CA LEU B 4 -12.12 -50.37 78.63
C LEU B 4 -11.75 -51.10 79.91
N THR B 5 -12.03 -52.39 79.96
CA THR B 5 -11.83 -53.15 81.19
C THR B 5 -10.76 -54.23 81.06
N GLN B 6 -9.87 -54.25 82.05
CA GLN B 6 -8.86 -55.31 82.17
C GLN B 6 -8.98 -55.99 83.52
N PRO B 7 -8.56 -57.26 83.62
CA PRO B 7 -8.30 -57.99 84.85
C PRO B 7 -7.22 -57.25 85.64
N PRO B 8 -7.33 -57.24 86.97
CA PRO B 8 -6.41 -56.58 87.89
C PRO B 8 -5.03 -57.22 87.91
N SER B 9 -4.98 -58.53 87.61
CA SER B 9 -3.71 -59.24 87.64
C SER B 9 -3.78 -60.59 86.95
N VAL B 10 -2.62 -61.07 86.52
CA VAL B 10 -2.45 -62.43 86.02
C VAL B 10 -1.20 -63.05 86.64
N SER B 11 -1.30 -64.31 87.07
CA SER B 11 -0.16 -64.97 87.68
C SER B 11 0.11 -66.34 87.06
N VAL B 12 1.30 -66.49 86.50
CA VAL B 12 1.68 -67.74 85.86
C VAL B 12 3.05 -68.21 86.35
N SER B 13 3.33 -69.49 86.15
CA SER B 13 4.67 -70.00 86.38
C SER B 13 5.52 -69.75 85.14
N PRO B 14 6.84 -69.65 85.29
CA PRO B 14 7.80 -69.47 84.21
C PRO B 14 7.70 -70.64 83.25
N GLY B 15 7.64 -70.33 81.96
CA GLY B 15 7.51 -71.34 80.92
C GLY B 15 6.06 -71.54 80.49
N GLN B 16 5.12 -70.98 81.26
CA GLN B 16 3.71 -71.10 80.93
C GLN B 16 3.24 -69.97 80.04
N THR B 17 2.00 -70.04 79.58
CA THR B 17 1.46 -68.98 78.73
C THR B 17 0.55 -68.06 79.51
N ALA B 18 0.84 -66.77 79.45
CA ALA B 18 0.01 -65.76 80.12
C ALA B 18 -1.04 -65.23 79.14
N SER B 19 -2.24 -64.97 79.66
CA SER B 19 -3.31 -64.42 78.83
C SER B 19 -4.01 -63.27 79.52
N ILE B 20 -3.85 -62.07 78.96
CA ILE B 20 -4.44 -60.86 79.52
C ILE B 20 -5.55 -60.34 78.61
N THR B 21 -6.76 -60.29 79.14
CA THR B 21 -7.92 -59.89 78.34
C THR B 21 -8.16 -58.37 78.42
N CYS B 22 -8.94 -57.85 77.47
CA CYS B 22 -9.34 -56.46 77.42
C CYS B 22 -10.71 -56.30 76.78
N SER B 23 -11.71 -55.91 77.56
CA SER B 23 -13.08 -55.86 77.08
C SER B 23 -13.57 -54.43 76.86
N GLY B 24 -14.21 -54.21 75.72
CA GLY B 24 -14.79 -52.90 75.41
C GLY B 24 -16.15 -53.06 74.76
N ASP B 25 -16.71 -51.96 74.27
CA ASP B 25 -18.01 -52.00 73.62
C ASP B 25 -17.88 -52.15 72.12
N LYS B 26 -16.82 -51.58 71.55
CA LYS B 26 -16.65 -51.53 70.10
C LYS B 26 -15.26 -51.96 69.66
N LEU B 27 -14.64 -52.88 70.40
CA LEU B 27 -13.31 -53.35 70.04
C LEU B 27 -13.36 -54.20 68.77
N GLY B 28 -14.55 -54.65 68.40
CA GLY B 28 -14.72 -55.43 67.19
C GLY B 28 -14.78 -54.55 65.96
N GLU B 29 -14.87 -53.23 66.18
CA GLU B 29 -14.95 -52.28 65.08
C GLU B 29 -13.66 -51.49 64.90
N THR B 30 -12.96 -51.25 66.01
CA THR B 30 -11.72 -50.47 65.98
C THR B 30 -10.50 -51.35 66.23
N TYR B 31 -9.34 -50.72 66.33
CA TYR B 31 -8.11 -51.44 66.61
C TYR B 31 -7.70 -51.32 68.07
N ALA B 32 -7.15 -52.40 68.61
CA ALA B 32 -6.61 -52.38 69.97
C ALA B 32 -5.09 -52.39 69.96
N SER B 33 -4.49 -51.87 71.02
CA SER B 33 -3.04 -51.92 71.18
C SER B 33 -2.66 -52.23 72.62
N TRP B 34 -1.44 -52.71 72.82
CA TRP B 34 -0.96 -53.07 74.15
C TRP B 34 0.40 -52.46 74.45
N TYR B 35 0.57 -52.03 75.70
CA TYR B 35 1.82 -51.47 76.17
C TYR B 35 2.31 -52.22 77.41
N GLN B 36 3.62 -52.39 77.51
CA GLN B 36 4.21 -53.04 78.69
C GLN B 36 5.04 -52.06 79.50
N GLN B 37 4.64 -51.83 80.75
CA GLN B 37 5.33 -50.88 81.60
C GLN B 37 6.00 -51.53 82.79
N LYS B 38 7.30 -51.35 82.90
CA LYS B 38 8.05 -51.80 84.06
C LYS B 38 8.09 -50.68 85.09
N PRO B 39 8.25 -51.00 86.38
CA PRO B 39 8.38 -50.07 87.49
C PRO B 39 9.48 -49.06 87.23
N GLY B 40 9.15 -47.78 87.35
CA GLY B 40 10.13 -46.71 87.20
C GLY B 40 10.45 -46.38 85.75
N GLN B 41 9.73 -47.00 84.81
CA GLN B 41 10.02 -46.80 83.40
C GLN B 41 8.78 -46.41 82.60
N SER B 42 9.00 -45.71 81.49
CA SER B 42 7.95 -45.41 80.52
C SER B 42 7.49 -46.71 79.85
N PRO B 43 6.22 -46.78 79.44
CA PRO B 43 5.60 -47.89 78.75
C PRO B 43 6.19 -48.10 77.36
N ILE B 44 6.29 -49.36 76.95
CA ILE B 44 6.77 -49.71 75.61
C ILE B 44 5.68 -50.39 74.81
N LEU B 45 5.48 -49.94 73.58
CA LEU B 45 4.48 -50.54 72.71
C LEU B 45 4.88 -51.97 72.35
N VAL B 46 3.98 -52.91 72.60
CA VAL B 46 4.24 -54.32 72.32
C VAL B 46 3.42 -54.78 71.13
N ILE B 47 2.13 -54.43 71.12
CA ILE B 47 1.24 -54.80 70.04
C ILE B 47 0.44 -53.61 69.54
N TYR B 48 0.39 -53.44 68.22
CA TYR B 48 -0.44 -52.40 67.63
C TYR B 48 -1.34 -53.00 66.55
N GLN B 49 -2.45 -52.32 66.27
CA GLN B 49 -3.38 -52.80 65.25
C GLN B 49 -3.72 -54.27 65.47
N ASP B 50 -4.12 -54.59 66.69
CA ASP B 50 -4.59 -55.93 67.08
C ASP B 50 -3.47 -56.96 67.22
N ASN B 51 -2.71 -57.20 66.16
CA ASN B 51 -1.75 -58.31 66.20
C ASN B 51 -0.40 -58.03 65.54
N LYS B 52 0.01 -56.76 65.47
CA LYS B 52 1.29 -56.44 64.86
C LYS B 52 2.33 -56.04 65.89
N ARG B 53 3.53 -56.60 65.78
CA ARG B 53 4.63 -56.24 66.67
C ARG B 53 5.52 -55.16 66.05
N PRO B 54 5.97 -54.19 66.86
CA PRO B 54 7.08 -53.29 66.59
C PRO B 54 8.38 -54.07 66.54
N SER B 55 9.33 -53.59 65.76
CA SER B 55 10.64 -54.22 65.72
C SER B 55 11.28 -54.18 67.11
N GLY B 56 11.91 -55.29 67.49
CA GLY B 56 12.56 -55.39 68.78
C GLY B 56 11.71 -56.13 69.81
N ILE B 57 10.44 -56.33 69.49
CA ILE B 57 9.54 -57.05 70.39
C ILE B 57 9.63 -58.56 70.14
N PRO B 58 9.94 -59.35 71.18
CA PRO B 58 10.09 -60.80 71.16
C PRO B 58 8.86 -61.49 70.59
N GLU B 59 9.10 -62.59 69.88
CA GLU B 59 8.03 -63.37 69.24
C GLU B 59 7.11 -64.01 70.26
N ARG B 60 7.49 -63.93 71.54
CA ARG B 60 6.67 -64.44 72.61
C ARG B 60 5.34 -63.71 72.69
N PHE B 61 5.33 -62.47 72.21
CA PHE B 61 4.15 -61.61 72.31
C PHE B 61 3.27 -61.70 71.08
N SER B 62 2.01 -62.04 71.30
CA SER B 62 1.00 -62.09 70.25
C SER B 62 -0.34 -61.64 70.80
N GLY B 63 -1.35 -61.57 69.95
CA GLY B 63 -2.66 -61.14 70.39
C GLY B 63 -3.70 -61.22 69.30
N SER B 64 -4.94 -60.88 69.65
CA SER B 64 -6.06 -60.93 68.72
C SER B 64 -7.19 -60.01 69.19
N ASN B 65 -8.18 -59.82 68.33
CA ASN B 65 -9.30 -58.95 68.66
C ASN B 65 -10.57 -59.39 67.92
N SER B 66 -11.52 -59.94 68.67
CA SER B 66 -12.78 -60.42 68.10
C SER B 66 -13.91 -60.34 69.12
N GLU B 67 -15.13 -60.22 68.63
CA GLU B 67 -16.31 -60.19 69.49
C GLU B 67 -16.16 -59.15 70.60
N ASN B 68 -15.60 -58.00 70.25
CA ASN B 68 -15.43 -56.87 71.18
C ASN B 68 -14.50 -57.20 72.35
N THR B 69 -13.70 -58.24 72.22
CA THR B 69 -12.69 -58.57 73.22
C THR B 69 -11.31 -58.70 72.61
N ALA B 70 -10.34 -58.00 73.18
CA ALA B 70 -8.96 -58.08 72.73
C ALA B 70 -8.12 -58.79 73.78
N THR B 71 -7.11 -59.52 73.32
CA THR B 71 -6.24 -60.24 74.25
C THR B 71 -4.78 -60.09 73.89
N LEU B 72 -3.93 -60.16 74.92
CA LEU B 72 -2.49 -60.28 74.75
C LEU B 72 -2.03 -61.62 75.31
N THR B 73 -1.26 -62.35 74.52
CA THR B 73 -0.76 -63.65 74.96
C THR B 73 0.77 -63.68 74.96
N ILE B 74 1.32 -64.23 76.03
CA ILE B 74 2.77 -64.42 76.12
C ILE B 74 3.11 -65.89 76.20
N SER B 75 3.71 -66.40 75.13
CA SER B 75 4.06 -67.82 75.05
C SER B 75 5.46 -68.06 75.60
N GLY B 76 5.58 -68.99 76.54
CA GLY B 76 6.87 -69.25 77.17
C GLY B 76 7.26 -68.08 78.06
N THR B 77 6.32 -67.61 78.86
CA THR B 77 6.52 -66.42 79.67
C THR B 77 7.79 -66.53 80.49
N GLN B 78 8.61 -65.49 80.42
CA GLN B 78 9.87 -65.44 81.14
C GLN B 78 9.72 -64.60 82.41
N THR B 79 10.66 -64.76 83.33
CA THR B 79 10.64 -63.99 84.57
C THR B 79 10.96 -62.53 84.31
N MET B 80 11.44 -62.24 83.11
CA MET B 80 11.76 -60.88 82.71
C MET B 80 10.54 -60.20 82.08
N ASP B 81 9.44 -60.93 81.97
CA ASP B 81 8.22 -60.40 81.37
C ASP B 81 7.29 -59.82 82.43
N GLU B 82 7.76 -59.78 83.68
CA GLU B 82 6.97 -59.19 84.75
C GLU B 82 6.80 -57.69 84.52
N ALA B 83 5.54 -57.26 84.45
CA ALA B 83 5.24 -55.86 84.15
C ALA B 83 3.76 -55.58 84.28
N ASP B 84 3.40 -54.29 84.26
CA ASP B 84 2.01 -53.88 84.18
C ASP B 84 1.60 -53.68 82.73
N TYR B 85 0.66 -54.49 82.26
CA TYR B 85 0.24 -54.44 80.87
C TYR B 85 -1.03 -53.64 80.70
N TYR B 86 -1.02 -52.72 79.75
CA TYR B 86 -2.18 -51.88 79.50
C TYR B 86 -2.67 -52.05 78.06
N CYS B 87 -3.99 -52.03 77.88
CA CYS B 87 -4.60 -52.04 76.56
C CYS B 87 -5.20 -50.67 76.25
N GLN B 88 -5.22 -50.33 74.96
CA GLN B 88 -5.80 -49.08 74.50
C GLN B 88 -6.63 -49.29 73.26
N ALA B 89 -7.69 -48.50 73.13
CA ALA B 89 -8.50 -48.52 71.92
C ALA B 89 -9.06 -47.14 71.64
N TRP B 90 -9.16 -46.79 70.36
CA TRP B 90 -9.69 -45.50 69.97
C TRP B 90 -11.10 -45.63 69.38
N ASP B 91 -12.06 -44.97 70.02
CA ASP B 91 -13.42 -44.97 69.51
C ASP B 91 -13.69 -43.69 68.72
N LYS B 92 -13.35 -43.70 67.44
CA LYS B 92 -13.53 -42.51 66.61
C LYS B 92 -12.96 -41.26 67.30
N THR B 93 -11.66 -41.29 67.58
CA THR B 93 -10.88 -40.20 68.19
C THR B 93 -11.03 -40.12 69.71
N ILE B 94 -11.89 -40.94 70.29
CA ILE B 94 -12.02 -40.97 71.74
C ILE B 94 -11.08 -41.99 72.36
N ALA B 95 -10.12 -41.51 73.14
CA ALA B 95 -9.09 -42.35 73.73
C ALA B 95 -9.62 -43.09 74.93
N GLY B 96 -8.91 -44.15 75.31
CA GLY B 96 -9.19 -44.87 76.55
C GLY B 96 -8.13 -45.93 76.80
N PHE B 97 -7.72 -46.05 78.06
CA PHE B 97 -6.84 -47.13 78.49
C PHE B 97 -7.55 -47.99 79.52
N GLY B 98 -7.16 -49.26 79.61
CA GLY B 98 -7.69 -50.14 80.64
C GLY B 98 -7.04 -49.83 81.99
N GLY B 99 -7.55 -50.46 83.05
CA GLY B 99 -7.05 -50.21 84.40
C GLY B 99 -5.64 -50.76 84.59
N GLY B 100 -5.24 -51.68 83.73
CA GLY B 100 -3.90 -52.26 83.78
C GLY B 100 -3.91 -53.61 84.47
N THR B 101 -3.14 -54.54 83.92
CA THR B 101 -3.05 -55.88 84.47
C THR B 101 -1.65 -56.14 85.00
N LYS B 102 -1.53 -56.47 86.27
CA LYS B 102 -0.23 -56.79 86.83
C LYS B 102 0.11 -58.26 86.58
N LEU B 103 1.10 -58.49 85.73
CA LEU B 103 1.49 -59.85 85.39
C LEU B 103 2.74 -60.27 86.15
N THR B 104 2.62 -61.32 86.95
CA THR B 104 3.74 -61.86 87.70
C THR B 104 4.11 -63.24 87.17
N VAL B 105 5.33 -63.67 87.45
CA VAL B 105 5.85 -64.95 86.95
C VAL B 105 6.57 -65.71 88.06
N GLN C 1 17.34 -41.54 65.11
CA GLN C 1 16.18 -42.17 65.74
C GLN C 1 15.19 -41.10 66.23
N ILE C 2 14.07 -41.56 66.80
CA ILE C 2 13.02 -40.67 67.31
C ILE C 2 13.02 -40.63 68.82
N THR C 3 13.06 -39.44 69.39
CA THR C 3 13.05 -39.26 70.83
C THR C 3 12.25 -38.03 71.23
N LEU C 4 11.68 -38.09 72.44
CA LEU C 4 10.92 -36.97 72.98
C LEU C 4 11.32 -36.70 74.44
N LYS C 5 11.44 -35.43 74.80
CA LYS C 5 11.85 -35.06 76.15
C LYS C 5 10.90 -34.05 76.78
N GLU C 6 10.30 -34.42 77.90
CA GLU C 6 9.41 -33.55 78.64
C GLU C 6 10.17 -32.60 79.55
N SER C 7 9.70 -31.36 79.64
CA SER C 7 10.25 -30.41 80.60
C SER C 7 9.19 -29.44 81.10
N GLY C 8 9.43 -28.84 82.25
CA GLY C 8 8.51 -27.87 82.84
C GLY C 8 8.48 -28.02 84.35
N PRO C 9 7.66 -27.22 85.02
CA PRO C 9 7.50 -27.14 86.47
C PRO C 9 7.12 -28.50 87.03
N THR C 10 7.73 -28.86 88.16
CA THR C 10 7.45 -30.13 88.82
C THR C 10 6.57 -29.91 90.04
N LEU C 11 6.23 -28.65 90.29
CA LEU C 11 5.38 -28.30 91.41
C LEU C 11 4.56 -27.06 91.11
N VAL C 12 3.26 -27.18 91.24
CA VAL C 12 2.36 -26.03 91.11
C VAL C 12 1.37 -26.02 92.27
N LYS C 13 0.83 -24.86 92.57
CA LYS C 13 -0.20 -24.76 93.60
C LYS C 13 -1.57 -24.98 92.97
N PRO C 14 -2.56 -25.31 93.78
CA PRO C 14 -3.96 -25.39 93.41
C PRO C 14 -4.39 -24.10 92.75
N THR C 15 -5.24 -24.22 91.74
CA THR C 15 -5.81 -23.10 90.97
C THR C 15 -4.81 -22.45 90.02
N GLN C 16 -3.55 -22.90 90.05
CA GLN C 16 -2.55 -22.38 89.14
C GLN C 16 -2.55 -23.13 87.82
N THR C 17 -1.98 -22.50 86.79
CA THR C 17 -1.90 -23.11 85.47
C THR C 17 -0.53 -23.71 85.22
N LEU C 18 -0.51 -24.94 84.72
CA LEU C 18 0.73 -25.64 84.44
C LEU C 18 1.02 -25.67 82.95
N THR C 19 2.24 -25.33 82.58
CA THR C 19 2.67 -25.44 81.19
C THR C 19 3.78 -26.47 81.04
N LEU C 20 3.54 -27.47 80.19
CA LEU C 20 4.53 -28.50 79.91
C LEU C 20 4.98 -28.44 78.46
N THR C 21 6.28 -28.56 78.24
CA THR C 21 6.83 -28.52 76.90
C THR C 21 7.50 -29.84 76.53
N CYS C 22 7.16 -30.36 75.35
CA CYS C 22 7.76 -31.57 74.81
C CYS C 22 8.73 -31.24 73.70
N LYS C 23 10.02 -31.42 73.95
CA LYS C 23 11.05 -31.17 72.96
C LYS C 23 11.35 -32.45 72.21
N LEU C 24 11.16 -32.43 70.90
CA LEU C 24 11.30 -33.65 70.11
C LEU C 24 12.41 -33.57 69.09
N SER C 25 12.94 -34.74 68.73
CA SER C 25 13.99 -34.85 67.73
C SER C 25 13.84 -36.12 66.92
N GLY C 26 14.34 -36.08 65.68
CA GLY C 26 14.24 -37.22 64.77
C GLY C 26 13.10 -37.00 63.77
N PHE C 27 12.26 -36.02 64.07
CA PHE C 27 11.13 -35.67 63.21
C PHE C 27 10.73 -34.23 63.46
N SER C 28 9.98 -33.65 62.53
CA SER C 28 9.51 -32.28 62.70
C SER C 28 8.00 -32.23 62.91
N VAL C 29 7.56 -31.24 63.67
CA VAL C 29 6.14 -31.06 63.94
C VAL C 29 5.39 -30.61 62.70
N ASN C 30 6.12 -30.20 61.67
CA ASN C 30 5.53 -29.69 60.44
C ASN C 30 5.42 -30.78 59.37
N THR C 31 5.86 -31.99 59.72
CA THR C 31 5.89 -33.09 58.75
C THR C 31 4.56 -33.83 58.69
N GLY C 32 4.09 -34.09 57.48
CA GLY C 32 2.82 -34.77 57.29
C GLY C 32 2.83 -36.15 57.94
N GLY C 33 1.73 -36.50 58.59
CA GLY C 33 1.60 -37.79 59.26
C GLY C 33 2.05 -37.74 60.70
N VAL C 34 2.63 -36.62 61.11
CA VAL C 34 3.13 -36.47 62.47
C VAL C 34 2.07 -35.97 63.43
N GLY C 35 2.04 -36.56 64.62
CA GLY C 35 1.20 -36.10 65.70
C GLY C 35 1.88 -36.35 67.04
N VAL C 36 1.57 -35.51 68.03
CA VAL C 36 2.14 -35.67 69.36
C VAL C 36 1.05 -35.59 70.43
N GLY C 37 0.98 -36.63 71.27
CA GLY C 37 -0.04 -36.67 72.30
C GLY C 37 0.55 -36.54 73.70
N TRP C 38 -0.30 -36.12 74.63
CA TRP C 38 0.06 -36.03 76.04
C TRP C 38 -0.80 -36.97 76.88
N ILE C 39 -0.14 -37.69 77.76
CA ILE C 39 -0.80 -38.66 78.63
C ILE C 39 -0.30 -38.48 80.07
N ARG C 40 -1.18 -38.68 81.04
CA ARG C 40 -0.77 -38.58 82.43
C ARG C 40 -1.01 -39.88 83.18
N GLN C 41 -0.17 -40.15 84.16
CA GLN C 41 -0.31 -41.34 84.98
C GLN C 41 -0.07 -41.05 86.46
N PRO C 42 -1.15 -40.90 87.24
CA PRO C 42 -1.14 -40.73 88.67
C PRO C 42 -0.46 -41.94 89.30
N PRO C 43 0.20 -41.78 90.45
CA PRO C 43 0.90 -42.81 91.18
C PRO C 43 0.02 -44.02 91.44
N GLY C 44 0.43 -45.18 90.95
CA GLY C 44 -0.28 -46.43 91.19
C GLY C 44 -1.53 -46.57 90.32
N LYS C 45 -1.71 -45.66 89.38
CA LYS C 45 -2.93 -45.65 88.56
C LYS C 45 -2.65 -45.92 87.09
N ALA C 46 -3.73 -46.15 86.34
CA ALA C 46 -3.65 -46.38 84.90
C ALA C 46 -3.42 -45.09 84.13
N LEU C 47 -3.01 -45.20 82.89
CA LEU C 47 -2.72 -44.05 82.05
C LEU C 47 -4.01 -43.39 81.56
N GLU C 48 -4.01 -42.06 81.50
CA GLU C 48 -5.14 -41.30 80.99
C GLU C 48 -4.69 -40.35 79.88
N TRP C 49 -5.31 -40.48 78.71
CA TRP C 49 -4.98 -39.61 77.58
C TRP C 49 -5.61 -38.24 77.75
N LEU C 50 -4.82 -37.19 77.46
CA LEU C 50 -5.30 -35.84 77.62
C LEU C 50 -5.65 -35.20 76.28
N ALA C 51 -4.66 -35.08 75.40
CA ALA C 51 -4.83 -34.39 74.14
C ALA C 51 -3.71 -34.71 73.16
N LEU C 52 -3.97 -34.53 71.87
CA LEU C 52 -2.90 -34.62 70.88
C LEU C 52 -3.08 -33.60 69.76
N ILE C 53 -1.97 -33.15 69.20
CA ILE C 53 -1.99 -32.19 68.11
C ILE C 53 -1.41 -32.78 66.83
N TYR C 54 -2.05 -32.48 65.70
CA TYR C 54 -1.60 -32.96 64.40
C TYR C 54 -0.74 -31.92 63.70
N TRP C 55 0.09 -32.38 62.78
CA TRP C 55 0.95 -31.50 61.97
C TRP C 55 0.15 -30.38 61.29
N ASN C 56 -1.15 -30.61 61.09
CA ASN C 56 -2.00 -29.64 60.40
C ASN C 56 -2.80 -28.77 61.37
N ASP C 57 -2.37 -28.75 62.63
CA ASP C 57 -2.96 -27.91 63.67
C ASP C 57 -4.35 -28.37 64.09
N ASP C 58 -4.77 -29.53 63.61
CA ASP C 58 -5.99 -30.14 64.13
C ASP C 58 -5.70 -30.70 65.51
N LYS C 59 -6.71 -30.74 66.37
CA LYS C 59 -6.48 -31.12 67.76
C LYS C 59 -7.60 -31.97 68.34
N LEU C 60 -7.21 -32.94 69.16
CA LEU C 60 -8.17 -33.77 69.88
C LEU C 60 -7.98 -33.61 71.38
N TYR C 61 -9.09 -33.57 72.11
CA TYR C 61 -9.05 -33.48 73.57
C TYR C 61 -10.00 -34.47 74.21
N SER C 62 -9.64 -34.96 75.39
CA SER C 62 -10.54 -35.78 76.18
C SER C 62 -11.71 -34.94 76.69
N PRO C 63 -12.96 -35.30 76.35
CA PRO C 63 -14.19 -34.60 76.65
C PRO C 63 -14.31 -34.19 78.11
N SER C 64 -13.80 -35.03 79.02
CA SER C 64 -13.92 -34.76 80.45
C SER C 64 -12.92 -33.71 80.94
N LEU C 65 -11.87 -33.48 80.15
CA LEU C 65 -10.83 -32.53 80.55
C LEU C 65 -10.69 -31.39 79.56
N LYS C 66 -11.39 -31.48 78.43
CA LYS C 66 -11.25 -30.52 77.34
C LYS C 66 -11.31 -29.08 77.82
N SER C 67 -12.20 -28.79 78.77
CA SER C 67 -12.44 -27.42 79.22
C SER C 67 -11.21 -26.81 79.89
N ARG C 68 -10.25 -27.64 80.28
CA ARG C 68 -9.07 -27.15 80.98
C ARG C 68 -7.79 -27.32 80.18
N LEU C 69 -7.91 -27.83 78.95
CA LEU C 69 -6.73 -28.18 78.16
C LEU C 69 -6.59 -27.38 76.88
N THR C 70 -5.39 -26.82 76.67
CA THR C 70 -5.05 -26.16 75.41
C THR C 70 -3.70 -26.67 74.89
N VAL C 71 -3.67 -27.04 73.61
CA VAL C 71 -2.44 -27.53 73.00
C VAL C 71 -2.04 -26.73 71.77
N THR C 72 -0.78 -26.32 71.74
CA THR C 72 -0.22 -25.61 70.60
C THR C 72 1.15 -26.19 70.24
N LYS C 73 1.66 -25.84 69.06
CA LYS C 73 2.98 -26.30 68.67
C LYS C 73 3.84 -25.16 68.12
N ASP C 74 5.12 -25.20 68.45
CA ASP C 74 6.10 -24.25 67.94
C ASP C 74 6.76 -24.82 66.69
N THR C 75 6.46 -24.20 65.55
CA THR C 75 6.87 -24.72 64.25
C THR C 75 8.34 -24.46 63.95
N SER C 76 8.98 -23.63 64.77
CA SER C 76 10.38 -23.29 64.56
C SER C 76 11.30 -24.10 65.47
N LYS C 77 10.84 -24.35 66.69
CA LYS C 77 11.65 -25.04 67.69
C LYS C 77 11.35 -26.53 67.75
N ASN C 78 10.35 -26.98 66.98
CA ASN C 78 9.91 -28.37 67.04
C ASN C 78 9.55 -28.76 68.46
N GLN C 79 8.64 -27.99 69.06
CA GLN C 79 8.20 -28.25 70.42
C GLN C 79 6.68 -28.26 70.51
N VAL C 80 6.15 -29.12 71.34
CA VAL C 80 4.71 -29.15 71.59
C VAL C 80 4.42 -28.72 73.03
N VAL C 81 3.50 -27.79 73.19
CA VAL C 81 3.21 -27.24 74.51
C VAL C 81 1.79 -27.52 74.95
N LEU C 82 1.67 -28.11 76.15
CA LEU C 82 0.38 -28.38 76.75
C LEU C 82 0.11 -27.48 77.93
N THR C 83 -1.01 -26.78 77.90
CA THR C 83 -1.40 -25.93 79.01
C THR C 83 -2.61 -26.52 79.73
N MET C 84 -2.47 -26.77 81.03
CA MET C 84 -3.55 -27.29 81.85
C MET C 84 -3.86 -26.31 82.98
N THR C 85 -5.07 -25.79 82.99
CA THR C 85 -5.42 -24.75 83.95
C THR C 85 -6.26 -25.27 85.10
N ASN C 86 -6.43 -24.44 86.12
CA ASN C 86 -7.30 -24.77 87.25
C ASN C 86 -7.02 -26.15 87.81
N MET C 87 -5.77 -26.44 88.11
CA MET C 87 -5.39 -27.75 88.62
C MET C 87 -5.71 -27.90 90.11
N ASP C 88 -6.14 -29.11 90.48
CA ASP C 88 -6.39 -29.49 91.86
C ASP C 88 -5.38 -30.55 92.28
N PRO C 89 -5.19 -30.79 93.59
CA PRO C 89 -4.32 -31.81 94.17
C PRO C 89 -4.53 -33.17 93.54
N VAL C 90 -5.75 -33.43 93.08
CA VAL C 90 -6.10 -34.72 92.48
C VAL C 90 -5.47 -34.91 91.10
N ASP C 91 -4.90 -33.83 90.56
CA ASP C 91 -4.31 -33.84 89.23
C ASP C 91 -2.83 -34.20 89.26
N THR C 92 -2.34 -34.57 90.43
CA THR C 92 -0.94 -35.01 90.56
C THR C 92 -0.71 -36.27 89.73
N ALA C 93 0.31 -36.24 88.88
CA ALA C 93 0.59 -37.35 87.99
C ALA C 93 1.93 -37.21 87.31
N THR C 94 2.40 -38.30 86.71
CA THR C 94 3.54 -38.23 85.82
C THR C 94 3.06 -37.97 84.39
N TYR C 95 3.62 -36.96 83.76
CA TYR C 95 3.19 -36.57 82.43
C TYR C 95 4.16 -37.05 81.37
N TYR C 96 3.63 -37.59 80.28
CA TYR C 96 4.43 -38.06 79.16
C TYR C 96 3.93 -37.48 77.85
N CYS C 97 4.86 -37.24 76.92
CA CYS C 97 4.52 -36.98 75.53
C CYS C 97 5.02 -38.13 74.65
N ALA C 98 4.30 -38.39 73.57
CA ALA C 98 4.65 -39.50 72.69
C ALA C 98 4.21 -39.27 71.25
N HIS C 99 4.89 -39.94 70.33
CA HIS C 99 4.59 -39.85 68.91
C HIS C 99 3.31 -40.60 68.57
N VAL C 100 2.49 -40.04 67.68
CA VAL C 100 1.23 -40.65 67.29
C VAL C 100 1.24 -41.14 65.84
N LEU C 101 0.91 -42.41 65.66
CA LEU C 101 0.70 -42.96 64.33
C LEU C 101 -0.69 -42.56 63.84
N VAL C 102 -0.78 -42.07 62.61
CA VAL C 102 -2.02 -41.45 62.13
C VAL C 102 -2.55 -42.07 60.83
N TRP C 103 -3.84 -42.41 60.84
CA TRP C 103 -4.54 -42.92 59.66
C TRP C 103 -4.92 -41.76 58.75
N PHE C 104 -4.92 -42.00 57.44
CA PHE C 104 -5.20 -40.94 56.46
C PHE C 104 -6.54 -41.12 55.77
N GLY C 105 -7.01 -40.03 55.15
CA GLY C 105 -8.33 -39.98 54.53
C GLY C 105 -9.32 -39.46 55.55
N GLU C 106 -9.93 -40.37 56.31
CA GLU C 106 -10.56 -39.98 57.56
C GLU C 106 -9.51 -40.05 58.66
N VAL C 107 -9.00 -38.89 59.07
CA VAL C 107 -7.83 -38.87 59.93
C VAL C 107 -8.16 -39.30 61.34
N LEU C 108 -7.45 -40.32 61.81
CA LEU C 108 -7.65 -40.88 63.13
C LEU C 108 -6.32 -41.26 63.77
N PRO C 109 -6.22 -41.19 65.10
CA PRO C 109 -5.12 -41.67 65.92
C PRO C 109 -5.08 -43.19 65.92
N ASP C 110 -3.88 -43.76 65.97
CA ASP C 110 -3.72 -45.20 65.93
C ASP C 110 -3.05 -45.73 67.22
N ALA C 111 -1.75 -45.50 67.35
CA ALA C 111 -1.01 -46.00 68.50
C ALA C 111 0.22 -45.13 68.79
N PHE C 112 0.73 -45.24 70.01
CA PHE C 112 1.92 -44.50 70.41
C PHE C 112 3.15 -45.41 70.44
N ASP C 113 4.06 -45.22 69.50
CA ASP C 113 5.24 -46.07 69.41
C ASP C 113 6.39 -45.55 70.26
N VAL C 114 6.75 -44.28 70.07
CA VAL C 114 7.87 -43.69 70.79
C VAL C 114 7.42 -42.78 71.91
N TRP C 115 7.81 -43.12 73.13
CA TRP C 115 7.45 -42.35 74.32
C TRP C 115 8.66 -41.66 74.92
N GLY C 116 8.44 -40.52 75.57
CA GLY C 116 9.51 -39.82 76.28
C GLY C 116 9.74 -40.43 77.65
N GLN C 117 10.60 -39.79 78.45
CA GLN C 117 10.96 -40.29 79.77
C GLN C 117 9.94 -39.86 80.83
N GLY C 118 9.26 -38.75 80.57
CA GLY C 118 8.20 -38.28 81.45
C GLY C 118 8.71 -37.34 82.53
N THR C 119 7.82 -36.53 83.07
CA THR C 119 8.14 -35.66 84.18
C THR C 119 7.04 -35.70 85.24
N MET C 120 7.46 -35.75 86.50
CA MET C 120 6.49 -35.82 87.60
C MET C 120 6.08 -34.42 88.04
N VAL C 121 4.78 -34.19 88.11
CA VAL C 121 4.26 -32.91 88.55
C VAL C 121 3.34 -33.06 89.76
N THR C 122 3.66 -32.34 90.82
CA THR C 122 2.85 -32.37 92.03
C THR C 122 2.02 -31.10 92.18
N VAL C 123 0.76 -31.28 92.60
CA VAL C 123 -0.09 -30.13 92.91
C VAL C 123 -0.35 -30.06 94.40
N SER C 124 0.16 -29.00 95.03
CA SER C 124 0.06 -28.86 96.48
C SER C 124 0.33 -27.43 96.91
N SER C 125 -0.01 -27.11 98.17
CA SER C 125 0.24 -25.81 98.76
C SER C 125 1.58 -25.79 99.49
N GLN D 14 50.91 -19.92 -47.59
CA GLN D 14 49.68 -20.51 -48.10
C GLN D 14 48.60 -19.44 -48.37
N CYS D 15 48.85 -18.21 -47.93
CA CYS D 15 47.92 -17.11 -48.10
C CYS D 15 48.04 -16.49 -49.49
N VAL D 16 46.91 -16.12 -50.07
CA VAL D 16 46.89 -15.49 -51.39
C VAL D 16 46.59 -13.99 -51.26
N ASN D 17 47.45 -13.19 -51.91
CA ASN D 17 47.36 -11.71 -51.82
C ASN D 17 46.72 -11.15 -53.09
N LEU D 18 45.74 -11.86 -53.65
CA LEU D 18 45.12 -11.50 -54.92
C LEU D 18 44.00 -10.48 -54.73
N PRO D 26 28.67 -0.69 -51.73
CA PRO D 26 27.65 -1.73 -51.74
C PRO D 26 26.29 -1.18 -52.13
N ALA D 27 25.39 -2.07 -52.53
CA ALA D 27 24.01 -1.71 -52.79
C ALA D 27 23.20 -1.83 -51.52
N TYR D 28 21.98 -1.30 -51.52
CA TYR D 28 21.11 -1.44 -50.37
C TYR D 28 19.77 -2.04 -50.75
N THR D 29 19.23 -2.89 -49.90
CA THR D 29 17.90 -3.42 -50.10
C THR D 29 17.02 -3.17 -48.89
N ASN D 30 15.76 -3.57 -49.00
CA ASN D 30 14.81 -3.37 -47.92
C ASN D 30 14.43 -4.67 -47.25
N SER D 31 14.73 -4.78 -45.97
CA SER D 31 14.29 -5.94 -45.21
C SER D 31 12.90 -5.70 -44.69
N PHE D 32 11.93 -6.29 -45.37
CA PHE D 32 10.54 -5.99 -45.10
C PHE D 32 10.14 -6.47 -43.71
N THR D 33 10.09 -7.78 -43.55
CA THR D 33 9.69 -8.38 -42.28
C THR D 33 10.60 -9.52 -41.87
N ARG D 34 11.86 -9.46 -42.29
CA ARG D 34 12.82 -10.50 -41.98
C ARG D 34 13.57 -10.16 -40.69
N GLY D 35 14.21 -11.15 -40.08
CA GLY D 35 15.08 -10.91 -38.93
C GLY D 35 14.39 -11.12 -37.59
N VAL D 36 13.22 -11.75 -37.62
CA VAL D 36 12.52 -12.08 -36.39
C VAL D 36 12.85 -13.49 -35.93
N TYR D 37 13.21 -13.62 -34.67
CA TYR D 37 13.61 -14.91 -34.11
C TYR D 37 12.88 -15.16 -32.81
N TYR D 38 12.81 -16.42 -32.41
CA TYR D 38 12.19 -16.78 -31.14
C TYR D 38 13.08 -16.32 -29.98
N PRO D 39 12.64 -15.32 -29.22
CA PRO D 39 13.40 -14.58 -28.23
C PRO D 39 13.86 -15.46 -27.07
N ASP D 40 13.12 -16.54 -26.82
CA ASP D 40 13.49 -17.48 -25.78
C ASP D 40 12.99 -18.87 -26.12
N LYS D 41 13.17 -19.80 -25.19
CA LYS D 41 12.86 -21.20 -25.44
C LYS D 41 11.54 -21.61 -24.78
N VAL D 42 10.72 -20.62 -24.43
CA VAL D 42 9.43 -20.89 -23.77
C VAL D 42 8.35 -21.20 -24.79
N PHE D 43 7.62 -22.28 -24.57
CA PHE D 43 6.53 -22.61 -25.47
C PHE D 43 5.33 -21.72 -25.21
N ARG D 44 4.81 -21.15 -26.28
CA ARG D 44 3.60 -20.36 -26.22
C ARG D 44 2.75 -20.70 -27.41
N SER D 45 1.43 -20.62 -27.27
CA SER D 45 0.54 -20.88 -28.38
C SER D 45 -0.73 -20.08 -28.28
N SER D 46 -1.33 -19.78 -29.43
CA SER D 46 -2.60 -19.06 -29.46
C SER D 46 -2.57 -17.85 -28.55
N VAL D 47 -1.54 -17.03 -28.68
CA VAL D 47 -1.34 -15.90 -27.79
C VAL D 47 -0.55 -14.77 -28.45
N LEU D 48 -0.85 -13.53 -28.06
CA LEU D 48 -0.05 -12.39 -28.46
C LEU D 48 0.89 -11.98 -27.34
N HIS D 49 2.18 -12.09 -27.60
CA HIS D 49 3.18 -11.85 -26.56
C HIS D 49 4.06 -10.66 -26.89
N SER D 50 4.21 -9.76 -25.92
CA SER D 50 5.07 -8.60 -26.10
C SER D 50 6.45 -8.85 -25.53
N THR D 51 7.47 -8.64 -26.35
CA THR D 51 8.84 -8.88 -25.93
C THR D 51 9.77 -7.74 -26.35
N GLN D 52 10.82 -7.54 -25.57
CA GLN D 52 11.84 -6.55 -25.91
C GLN D 52 13.21 -7.21 -26.07
N ASP D 53 13.79 -7.06 -27.25
CA ASP D 53 15.08 -7.67 -27.54
C ASP D 53 15.74 -7.03 -28.76
N LEU D 54 16.92 -7.52 -29.12
CA LEU D 54 17.61 -7.03 -30.29
C LEU D 54 17.06 -7.68 -31.55
N PHE D 55 16.26 -6.93 -32.29
CA PHE D 55 15.62 -7.41 -33.50
C PHE D 55 16.01 -6.55 -34.67
N LEU D 56 15.94 -7.11 -35.88
CA LEU D 56 16.14 -6.31 -37.07
C LEU D 56 14.90 -5.45 -37.31
N PRO D 57 15.05 -4.12 -37.31
CA PRO D 57 13.99 -3.16 -37.56
C PRO D 57 13.30 -3.46 -38.87
N PHE D 58 12.00 -3.30 -38.91
CA PHE D 58 11.25 -3.59 -40.14
C PHE D 58 11.46 -2.52 -41.18
N PHE D 59 11.51 -2.93 -42.44
CA PHE D 59 11.71 -2.03 -43.56
C PHE D 59 12.99 -1.23 -43.43
N SER D 60 14.08 -1.92 -43.07
CA SER D 60 15.38 -1.28 -42.88
C SER D 60 16.28 -1.44 -44.10
N ASN D 61 17.33 -0.63 -44.16
CA ASN D 61 18.34 -0.69 -45.22
C ASN D 61 19.42 -1.71 -44.93
N VAL D 62 19.45 -2.78 -45.70
CA VAL D 62 20.40 -3.87 -45.52
C VAL D 62 21.47 -3.86 -46.60
N THR D 63 22.72 -3.89 -46.19
CA THR D 63 23.83 -3.76 -47.12
C THR D 63 23.98 -5.00 -47.99
N TRP D 64 24.06 -4.79 -49.30
CA TRP D 64 24.07 -5.88 -50.27
C TRP D 64 25.42 -6.02 -50.96
N PHE D 65 26.07 -7.17 -50.72
CA PHE D 65 27.36 -7.48 -51.32
C PHE D 65 27.23 -8.60 -52.33
N HIS D 66 28.06 -8.58 -53.36
CA HIS D 66 27.99 -9.59 -54.41
C HIS D 66 29.25 -10.45 -54.43
N ASP D 80 32.92 -9.99 -53.17
CA ASP D 80 32.95 -9.05 -52.05
C ASP D 80 33.06 -9.78 -50.70
N ASN D 81 34.16 -9.54 -50.01
CA ASN D 81 34.36 -10.14 -48.69
C ASN D 81 35.12 -9.21 -47.74
N PRO D 82 34.62 -7.99 -47.52
CA PRO D 82 35.17 -6.96 -46.65
C PRO D 82 34.95 -7.31 -45.19
N VAL D 83 35.71 -6.66 -44.31
CA VAL D 83 35.48 -6.80 -42.88
C VAL D 83 34.45 -5.78 -42.43
N LEU D 84 33.35 -6.27 -41.84
CA LEU D 84 32.26 -5.42 -41.41
C LEU D 84 32.21 -5.35 -39.89
N PRO D 85 31.67 -4.28 -39.33
CA PRO D 85 31.40 -4.08 -37.92
C PRO D 85 30.32 -5.03 -37.44
N PHE D 86 30.41 -5.43 -36.17
CA PHE D 86 29.42 -6.32 -35.57
C PHE D 86 28.31 -5.53 -34.87
N ASN D 87 28.68 -4.39 -34.31
CA ASN D 87 27.76 -3.56 -33.54
C ASN D 87 27.14 -4.31 -32.37
N ASP D 88 25.82 -4.24 -32.24
CA ASP D 88 25.12 -4.90 -31.14
C ASP D 88 24.74 -6.32 -31.51
N GLY D 89 24.56 -6.55 -32.80
CA GLY D 89 24.20 -7.86 -33.30
C GLY D 89 24.01 -7.79 -34.80
N VAL D 90 24.11 -8.93 -35.45
CA VAL D 90 24.12 -8.95 -36.90
C VAL D 90 23.06 -9.86 -37.48
N TYR D 91 22.38 -9.35 -38.50
CA TYR D 91 21.49 -10.17 -39.29
C TYR D 91 22.16 -10.48 -40.63
N PHE D 92 22.43 -11.75 -40.85
CA PHE D 92 23.13 -12.14 -42.07
C PHE D 92 22.29 -13.09 -42.89
N ALA D 93 22.10 -12.76 -44.16
CA ALA D 93 21.35 -13.63 -45.04
C ALA D 93 22.10 -13.83 -46.33
N SER D 94 21.97 -15.00 -46.92
CA SER D 94 22.60 -15.25 -48.21
C SER D 94 21.68 -15.98 -49.16
N ILE D 95 21.83 -15.67 -50.44
CA ILE D 95 21.13 -16.40 -51.49
C ILE D 95 22.14 -16.97 -52.48
N GLU D 96 22.14 -18.29 -52.63
CA GLU D 96 23.09 -18.94 -53.51
C GLU D 96 22.57 -20.30 -53.98
N LYS D 97 23.16 -20.80 -55.06
CA LYS D 97 22.82 -22.12 -55.57
C LYS D 97 23.97 -23.11 -55.39
N SER D 98 25.19 -22.60 -55.39
CA SER D 98 26.37 -23.44 -55.48
C SER D 98 27.16 -23.54 -54.18
N ASN D 99 26.56 -23.08 -53.08
CA ASN D 99 27.21 -23.16 -51.77
C ASN D 99 28.59 -22.50 -51.78
N ILE D 100 28.63 -21.22 -52.10
CA ILE D 100 29.89 -20.48 -52.17
C ILE D 100 30.28 -19.95 -50.80
N ILE D 101 29.30 -19.47 -50.05
CA ILE D 101 29.56 -18.99 -48.70
C ILE D 101 29.67 -20.17 -47.75
N ARG D 102 30.80 -20.26 -47.05
CA ARG D 102 31.06 -21.41 -46.21
C ARG D 102 31.07 -21.08 -44.73
N GLY D 103 31.44 -19.85 -44.38
CA GLY D 103 31.58 -19.54 -42.96
C GLY D 103 31.88 -18.08 -42.68
N TRP D 104 32.19 -17.80 -41.42
CA TRP D 104 32.44 -16.43 -40.97
C TRP D 104 33.58 -16.38 -39.97
N ILE D 105 34.25 -15.24 -39.90
CA ILE D 105 35.24 -14.98 -38.87
C ILE D 105 34.78 -13.84 -37.99
N PHE D 106 34.79 -14.07 -36.68
CA PHE D 106 34.39 -13.02 -35.74
C PHE D 106 35.53 -12.70 -34.79
N GLY D 107 35.68 -11.42 -34.45
CA GLY D 107 36.69 -11.03 -33.47
C GLY D 107 36.92 -9.52 -33.49
N THR D 108 38.15 -9.12 -33.18
CA THR D 108 38.51 -7.71 -33.13
C THR D 108 39.61 -7.41 -34.14
N THR D 109 40.85 -7.73 -33.79
CA THR D 109 42.00 -7.45 -34.65
C THR D 109 42.20 -8.53 -35.70
N LEU D 110 41.58 -9.69 -35.46
CA LEU D 110 41.62 -10.79 -36.42
C LEU D 110 43.05 -11.20 -36.78
N ASP D 111 43.90 -11.29 -35.77
CA ASP D 111 45.28 -11.74 -35.97
C ASP D 111 45.76 -12.53 -34.76
N SER D 112 47.04 -12.87 -34.76
CA SER D 112 47.62 -13.73 -33.74
C SER D 112 47.67 -13.08 -32.36
N LYS D 113 47.31 -11.80 -32.28
CA LYS D 113 47.40 -11.07 -31.03
C LYS D 113 46.26 -11.39 -30.07
N THR D 114 45.10 -11.73 -30.61
CA THR D 114 43.92 -11.95 -29.76
C THR D 114 43.18 -13.22 -30.13
N GLN D 115 42.25 -13.64 -29.26
CA GLN D 115 41.39 -14.78 -29.55
C GLN D 115 40.28 -14.39 -30.51
N SER D 116 39.99 -15.27 -31.47
CA SER D 116 38.94 -15.01 -32.43
C SER D 116 38.16 -16.28 -32.76
N LEU D 117 36.95 -16.12 -33.25
CA LEU D 117 36.07 -17.24 -33.53
C LEU D 117 35.97 -17.55 -35.01
N LEU D 118 36.28 -18.78 -35.36
CA LEU D 118 36.22 -19.22 -36.74
C LEU D 118 35.14 -20.28 -36.94
N ILE D 119 34.13 -19.96 -37.75
CA ILE D 119 33.06 -20.89 -38.03
C ILE D 119 33.06 -21.26 -39.50
N VAL D 120 33.46 -22.50 -39.80
CA VAL D 120 33.58 -22.93 -41.19
C VAL D 120 32.87 -24.24 -41.47
N ASN D 121 32.03 -24.25 -42.50
CA ASN D 121 31.44 -25.48 -42.98
C ASN D 121 32.38 -26.14 -43.99
N ASN D 122 32.53 -27.47 -43.88
CA ASN D 122 33.32 -28.24 -44.84
C ASN D 122 32.48 -29.36 -45.45
N ALA D 123 33.13 -30.34 -46.06
CA ALA D 123 32.49 -31.38 -46.83
C ALA D 123 31.43 -32.17 -46.04
N THR D 124 31.69 -32.41 -44.76
CA THR D 124 30.83 -33.32 -44.01
C THR D 124 30.28 -32.72 -42.71
N ASN D 125 30.94 -31.68 -42.20
CA ASN D 125 30.60 -31.14 -40.88
C ASN D 125 30.84 -29.65 -40.78
N VAL D 126 30.53 -29.09 -39.61
CA VAL D 126 30.86 -27.70 -39.31
C VAL D 126 31.85 -27.62 -38.18
N VAL D 127 32.90 -26.85 -38.38
CA VAL D 127 33.96 -26.73 -37.39
C VAL D 127 33.99 -25.33 -36.78
N ILE D 128 33.82 -25.29 -35.47
CA ILE D 128 33.83 -24.02 -34.75
C ILE D 128 34.98 -23.97 -33.75
N LYS D 129 35.89 -23.03 -33.95
CA LYS D 129 37.07 -22.96 -33.11
C LYS D 129 37.35 -21.56 -32.60
N VAL D 130 37.93 -21.47 -31.42
CA VAL D 130 38.42 -20.21 -30.89
C VAL D 130 39.89 -20.31 -30.52
N CYS D 131 40.72 -19.56 -31.24
CA CYS D 131 42.18 -19.58 -31.07
C CYS D 131 42.77 -18.24 -31.46
N GLU D 132 44.05 -18.06 -31.18
CA GLU D 132 44.76 -16.90 -31.64
C GLU D 132 45.23 -17.14 -33.07
N PHE D 133 44.30 -17.02 -34.00
CA PHE D 133 44.54 -17.35 -35.39
C PHE D 133 45.26 -16.22 -36.09
N GLN D 134 46.19 -16.56 -36.97
CA GLN D 134 46.80 -15.56 -37.83
C GLN D 134 46.20 -15.64 -39.22
N PHE D 135 45.22 -14.79 -39.46
CA PHE D 135 44.42 -14.87 -40.68
C PHE D 135 45.17 -14.28 -41.87
N CYS D 136 44.87 -14.81 -43.06
CA CYS D 136 45.42 -14.31 -44.32
C CYS D 136 44.84 -12.94 -44.65
N ASN D 137 45.56 -12.17 -45.44
CA ASN D 137 45.08 -10.86 -45.87
C ASN D 137 43.75 -10.99 -46.60
N ASP D 138 43.60 -12.08 -47.33
CA ASP D 138 42.34 -12.36 -48.03
C ASP D 138 42.02 -13.87 -47.94
N PRO D 139 41.44 -14.30 -46.82
CA PRO D 139 41.22 -15.68 -46.44
C PRO D 139 40.10 -16.30 -47.26
N PHE D 140 40.28 -17.57 -47.63
CA PHE D 140 39.25 -18.32 -48.33
C PHE D 140 39.57 -19.81 -48.38
N LEU D 141 38.63 -20.59 -48.90
CA LEU D 141 38.86 -22.01 -49.13
C LEU D 141 39.20 -22.25 -50.59
N ASP D 142 40.25 -23.03 -50.83
CA ASP D 142 40.70 -23.29 -52.19
C ASP D 142 40.07 -24.57 -52.73
N VAL D 143 39.06 -24.43 -53.58
CA VAL D 143 38.25 -25.55 -54.02
C VAL D 143 38.18 -25.63 -55.54
N TYR D 144 38.26 -26.85 -56.07
CA TYR D 144 38.11 -27.05 -57.50
C TYR D 144 36.86 -27.85 -57.81
N TYR D 145 36.36 -27.72 -59.02
CA TYR D 145 35.11 -28.37 -59.39
C TYR D 145 35.32 -29.48 -60.40
N HIS D 146 34.40 -30.44 -60.39
CA HIS D 146 34.39 -31.52 -61.35
C HIS D 146 33.97 -30.98 -62.71
N LYS D 147 33.95 -31.84 -63.72
CA LYS D 147 33.44 -31.43 -65.02
C LYS D 147 31.96 -31.12 -64.89
N ASN D 148 31.30 -31.87 -64.00
CA ASN D 148 29.93 -31.60 -63.60
C ASN D 148 29.93 -30.50 -62.54
N ASN D 149 29.25 -29.39 -62.84
CA ASN D 149 29.31 -28.18 -62.04
C ASN D 149 28.60 -28.32 -60.68
N LYS D 150 28.01 -29.50 -60.43
CA LYS D 150 27.34 -29.79 -59.15
C LYS D 150 28.23 -30.57 -58.18
N SER D 151 29.48 -30.77 -58.55
CA SER D 151 30.40 -31.54 -57.71
C SER D 151 31.74 -30.83 -57.52
N TRP D 152 32.31 -30.96 -56.33
CA TRP D 152 33.57 -30.28 -56.00
C TRP D 152 34.45 -31.08 -55.06
N MET D 153 35.72 -30.72 -55.01
CA MET D 153 36.66 -31.31 -54.06
C MET D 153 37.66 -30.26 -53.57
N LYS D 154 38.05 -30.37 -52.30
CA LYS D 154 38.94 -29.40 -51.69
C LYS D 154 40.38 -29.60 -52.15
N SER D 155 41.07 -28.48 -52.39
CA SER D 155 42.50 -28.50 -52.71
C SER D 155 43.33 -28.11 -51.51
N GLU D 156 42.98 -26.97 -50.90
CA GLU D 156 43.73 -26.45 -49.77
C GLU D 156 42.85 -25.58 -48.88
N PHE D 157 43.40 -25.14 -47.76
CA PHE D 157 42.71 -24.21 -46.87
C PHE D 157 43.58 -22.98 -46.65
N ARG D 158 43.06 -21.82 -47.04
CA ARG D 158 43.87 -20.61 -47.05
C ARG D 158 43.21 -19.49 -46.26
N VAL D 159 42.89 -19.77 -44.99
CA VAL D 159 42.25 -18.78 -44.13
C VAL D 159 43.23 -18.24 -43.10
N TYR D 160 44.05 -19.13 -42.54
CA TYR D 160 45.03 -18.73 -41.54
C TYR D 160 46.32 -19.52 -41.72
N ALA D 163 47.19 -21.33 -35.69
CA ALA D 163 46.06 -21.38 -34.77
C ALA D 163 46.53 -21.68 -33.35
N ASN D 164 47.04 -20.65 -32.68
CA ASN D 164 47.74 -20.83 -31.42
C ASN D 164 46.81 -20.69 -30.21
N ASN D 165 47.18 -21.33 -29.10
CA ASN D 165 46.50 -21.14 -27.82
C ASN D 165 44.98 -21.33 -27.93
N CYS D 166 44.55 -22.44 -28.55
CA CYS D 166 43.13 -22.75 -28.74
C CYS D 166 42.44 -23.03 -27.41
N THR D 167 41.27 -22.39 -27.21
CA THR D 167 40.53 -22.52 -25.96
C THR D 167 39.18 -23.20 -26.14
N PHE D 168 38.68 -23.19 -27.37
CA PHE D 168 37.36 -23.77 -27.63
C PHE D 168 37.33 -24.51 -28.96
N GLU D 169 36.71 -25.68 -28.97
CA GLU D 169 36.49 -26.41 -30.21
C GLU D 169 35.16 -27.15 -30.17
N TYR D 170 34.40 -27.04 -31.25
CA TYR D 170 33.12 -27.69 -31.37
C TYR D 170 32.90 -28.20 -32.78
N VAL D 171 32.38 -29.42 -32.88
CA VAL D 171 32.06 -29.99 -34.19
C VAL D 171 30.68 -30.60 -34.19
N SER D 172 29.90 -30.27 -35.22
CA SER D 172 28.57 -30.84 -35.37
C SER D 172 28.19 -30.95 -36.84
N GLN D 173 26.90 -31.11 -37.10
CA GLN D 173 26.42 -31.22 -38.47
C GLN D 173 26.46 -29.86 -39.15
N PRO D 174 26.62 -29.83 -40.48
CA PRO D 174 26.70 -28.62 -41.29
C PRO D 174 25.52 -27.71 -41.02
N PHE D 175 25.76 -26.40 -41.09
CA PHE D 175 24.70 -25.42 -40.91
C PHE D 175 23.70 -25.41 -42.07
N LEU D 176 24.10 -26.00 -43.21
CA LEU D 176 23.28 -26.06 -44.42
C LEU D 176 21.91 -26.71 -44.14
N PHE D 186 15.71 -23.43 -58.21
CA PHE D 186 15.49 -22.79 -56.91
C PHE D 186 16.82 -22.46 -56.24
N LYS D 187 16.90 -21.31 -55.60
CA LYS D 187 18.09 -20.90 -54.84
C LYS D 187 17.88 -21.16 -53.35
N ASN D 188 18.97 -21.25 -52.62
CA ASN D 188 18.91 -21.48 -51.18
C ASN D 188 19.02 -20.18 -50.40
N LEU D 189 18.01 -19.88 -49.59
CA LEU D 189 18.04 -18.71 -48.73
C LEU D 189 18.38 -19.11 -47.31
N ARG D 190 19.52 -18.64 -46.82
CA ARG D 190 19.98 -19.01 -45.49
C ARG D 190 20.11 -17.78 -44.61
N GLU D 191 19.33 -17.74 -43.54
CA GLU D 191 19.31 -16.58 -42.66
C GLU D 191 19.89 -16.91 -41.30
N PHE D 192 20.74 -16.02 -40.81
CA PHE D 192 21.38 -16.19 -39.51
C PHE D 192 21.27 -14.94 -38.64
N VAL D 193 21.16 -15.13 -37.34
CA VAL D 193 21.24 -14.03 -36.40
C VAL D 193 22.36 -14.28 -35.41
N PHE D 194 23.28 -13.33 -35.32
CA PHE D 194 24.43 -13.49 -34.47
C PHE D 194 24.42 -12.52 -33.30
N LYS D 195 24.34 -13.06 -32.09
CA LYS D 195 24.33 -12.24 -30.88
C LYS D 195 25.43 -12.68 -29.93
N ASN D 196 25.99 -11.74 -29.17
CA ASN D 196 27.04 -12.06 -28.23
C ASN D 196 26.72 -11.49 -26.84
N ILE D 197 26.16 -12.33 -25.98
CA ILE D 197 25.68 -11.87 -24.68
C ILE D 197 26.30 -12.64 -23.53
N ASP D 198 26.97 -11.92 -22.64
CA ASP D 198 27.58 -12.50 -21.45
C ASP D 198 28.48 -13.68 -21.79
N GLY D 199 29.22 -13.56 -22.89
CA GLY D 199 30.19 -14.57 -23.28
C GLY D 199 29.59 -15.64 -24.19
N TYR D 200 28.27 -15.60 -24.37
CA TYR D 200 27.62 -16.59 -25.20
C TYR D 200 27.36 -16.07 -26.60
N PHE D 201 27.86 -16.81 -27.60
CA PHE D 201 27.58 -16.48 -28.98
C PHE D 201 26.39 -17.28 -29.46
N LYS D 202 25.26 -16.60 -29.60
CA LYS D 202 24.01 -17.26 -29.91
C LYS D 202 23.70 -17.19 -31.39
N ILE D 203 23.46 -18.34 -31.99
CA ILE D 203 23.13 -18.39 -33.40
C ILE D 203 21.70 -18.87 -33.62
N TYR D 204 20.94 -18.06 -34.33
CA TYR D 204 19.61 -18.47 -34.79
C TYR D 204 19.66 -18.63 -36.29
N SER D 205 18.82 -19.48 -36.84
CA SER D 205 18.84 -19.67 -38.29
C SER D 205 17.53 -20.18 -38.87
N LYS D 206 17.40 -20.00 -40.17
CA LYS D 206 16.30 -20.56 -40.94
C LYS D 206 16.75 -20.85 -42.38
N HIS D 207 16.41 -22.02 -42.90
CA HIS D 207 16.78 -22.38 -44.26
C HIS D 207 15.56 -22.71 -45.10
N THR D 208 15.29 -21.89 -46.11
CA THR D 208 14.17 -22.08 -47.00
C THR D 208 14.60 -21.88 -48.45
N PRO D 209 13.87 -22.47 -49.40
CA PRO D 209 13.97 -22.24 -50.83
C PRO D 209 13.46 -20.86 -51.20
N ILE D 210 14.07 -20.27 -52.22
CA ILE D 210 13.65 -18.98 -52.73
C ILE D 210 13.58 -18.98 -54.25
N ASN D 211 12.55 -18.35 -54.81
CA ASN D 211 12.38 -18.29 -56.26
C ASN D 211 12.60 -16.87 -56.79
N LEU D 212 13.31 -16.06 -56.02
CA LEU D 212 13.67 -14.71 -56.44
C LEU D 212 15.07 -14.70 -57.01
N VAL D 213 15.34 -13.74 -57.89
CA VAL D 213 16.64 -13.68 -58.55
C VAL D 213 17.67 -12.96 -57.71
N ARG D 214 17.34 -11.77 -57.21
CA ARG D 214 18.33 -10.93 -56.58
C ARG D 214 17.78 -10.09 -55.42
N ASP D 215 16.97 -10.69 -54.57
CA ASP D 215 16.46 -9.95 -53.42
C ASP D 215 15.95 -10.85 -52.31
N LEU D 216 15.57 -10.23 -51.20
CA LEU D 216 14.95 -10.93 -50.07
C LEU D 216 13.45 -11.03 -50.28
N PRO D 217 12.84 -12.11 -49.77
CA PRO D 217 11.41 -12.41 -49.86
C PRO D 217 10.58 -11.43 -49.07
N GLN D 218 9.44 -11.05 -49.62
CA GLN D 218 8.52 -10.15 -48.94
C GLN D 218 7.51 -10.95 -48.12
N GLY D 219 7.95 -11.41 -46.96
CA GLY D 219 7.10 -12.23 -46.11
C GLY D 219 7.75 -12.48 -44.75
N PHE D 220 6.99 -13.08 -43.85
CA PHE D 220 7.45 -13.27 -42.47
C PHE D 220 7.86 -14.70 -42.19
N SER D 221 8.96 -14.86 -41.47
CA SER D 221 9.40 -16.15 -40.97
C SER D 221 10.21 -15.96 -39.70
N ALA D 222 10.00 -16.84 -38.72
CA ALA D 222 10.75 -16.75 -37.48
C ALA D 222 11.95 -17.70 -37.50
N LEU D 223 13.08 -17.21 -37.01
CA LEU D 223 14.30 -18.00 -36.96
C LEU D 223 14.42 -18.74 -35.64
N GLU D 224 14.88 -19.99 -35.72
CA GLU D 224 14.98 -20.85 -34.54
C GLU D 224 16.43 -20.88 -34.04
N PRO D 225 16.63 -21.14 -32.74
CA PRO D 225 17.91 -21.39 -32.12
C PRO D 225 18.64 -22.53 -32.81
N LEU D 226 19.92 -22.33 -33.06
CA LEU D 226 20.75 -23.37 -33.68
C LEU D 226 21.79 -23.89 -32.70
N VAL D 227 22.55 -22.97 -32.11
CA VAL D 227 23.58 -23.33 -31.15
C VAL D 227 23.91 -22.17 -30.22
N ASP D 228 24.27 -22.49 -28.99
CA ASP D 228 24.70 -21.49 -28.02
C ASP D 228 26.12 -21.81 -27.56
N LEU D 229 27.07 -20.97 -27.98
CA LEU D 229 28.48 -21.25 -27.75
C LEU D 229 29.05 -20.44 -26.58
N PRO D 230 29.45 -21.10 -25.49
CA PRO D 230 30.00 -20.54 -24.27
C PRO D 230 31.46 -20.16 -24.47
N ILE D 231 31.70 -19.07 -25.17
CA ILE D 231 33.02 -18.75 -25.67
C ILE D 231 33.78 -17.73 -24.82
N GLY D 232 33.14 -16.59 -24.52
CA GLY D 232 33.76 -15.57 -23.68
C GLY D 232 34.80 -14.72 -24.42
N ILE D 233 34.48 -14.29 -25.65
CA ILE D 233 35.40 -13.43 -26.40
C ILE D 233 34.76 -12.10 -26.78
N ASN D 234 35.60 -11.13 -27.14
CA ASN D 234 35.22 -9.81 -27.57
C ASN D 234 35.09 -9.74 -29.11
N ILE D 235 33.87 -9.49 -29.59
CA ILE D 235 33.62 -9.40 -31.04
C ILE D 235 33.16 -7.99 -31.43
N THR D 236 33.89 -7.37 -32.34
CA THR D 236 33.57 -6.04 -32.82
C THR D 236 33.46 -6.00 -34.34
N ARG D 237 34.08 -6.98 -35.00
CA ARG D 237 34.09 -7.05 -36.45
C ARG D 237 33.96 -8.48 -36.93
N PHE D 238 33.56 -8.66 -38.19
CA PHE D 238 33.50 -10.00 -38.76
C PHE D 238 33.73 -9.99 -40.27
N GLN D 239 34.01 -11.17 -40.82
CA GLN D 239 34.25 -11.30 -42.25
C GLN D 239 33.60 -12.58 -42.79
N THR D 240 33.10 -12.51 -44.02
CA THR D 240 32.49 -13.68 -44.67
C THR D 240 33.52 -14.46 -45.47
N LEU D 241 33.52 -15.79 -45.30
CA LEU D 241 34.44 -16.66 -46.00
C LEU D 241 33.77 -17.41 -47.15
N LEU D 242 34.37 -17.30 -48.34
CA LEU D 242 33.86 -17.94 -49.55
C LEU D 242 34.78 -19.07 -49.99
N ALA D 243 34.21 -20.03 -50.72
CA ALA D 243 34.98 -21.06 -51.39
C ALA D 243 35.21 -20.68 -52.85
N LEU D 244 36.46 -20.42 -53.19
CA LEU D 244 36.81 -19.94 -54.51
C LEU D 244 37.55 -21.00 -55.31
N HIS D 245 37.47 -20.91 -56.64
CA HIS D 245 38.23 -21.81 -57.49
C HIS D 245 39.19 -21.04 -58.38
N ARG D 246 40.29 -21.69 -58.78
CA ARG D 246 41.32 -21.06 -59.61
C ARG D 246 40.88 -21.00 -61.07
N TRP D 258 41.75 -16.58 -58.69
CA TRP D 258 40.56 -17.24 -58.15
C TRP D 258 39.29 -16.45 -58.44
N THR D 259 38.21 -17.17 -58.69
CA THR D 259 36.91 -16.57 -58.94
C THR D 259 35.81 -17.35 -58.24
N ALA D 260 34.56 -17.03 -58.54
CA ALA D 260 33.41 -17.64 -57.88
C ALA D 260 32.20 -17.69 -58.79
N GLY D 261 31.24 -18.52 -58.43
CA GLY D 261 29.97 -18.58 -59.15
C GLY D 261 29.05 -17.45 -58.70
N ALA D 262 27.78 -17.53 -59.08
CA ALA D 262 26.84 -16.45 -58.77
C ALA D 262 26.22 -16.62 -57.38
N ALA D 263 26.52 -15.66 -56.51
CA ALA D 263 25.96 -15.63 -55.15
C ALA D 263 26.05 -14.23 -54.57
N ALA D 264 25.19 -13.93 -53.61
CA ALA D 264 25.21 -12.64 -52.93
C ALA D 264 24.69 -12.77 -51.50
N TYR D 265 25.08 -11.82 -50.66
CA TYR D 265 24.63 -11.83 -49.27
C TYR D 265 24.30 -10.45 -48.76
N TYR D 266 23.46 -10.42 -47.72
CA TYR D 266 22.96 -9.19 -47.15
C TYR D 266 23.31 -9.08 -45.68
N VAL D 267 23.74 -7.90 -45.24
CA VAL D 267 24.07 -7.70 -43.84
C VAL D 267 23.32 -6.54 -43.22
N GLY D 268 22.55 -6.85 -42.18
CA GLY D 268 21.82 -5.83 -41.44
C GLY D 268 22.27 -5.83 -39.98
N TYR D 269 21.70 -4.96 -39.18
CA TYR D 269 22.08 -4.90 -37.78
C TYR D 269 20.86 -4.83 -36.86
N LEU D 270 20.99 -5.47 -35.71
CA LEU D 270 19.90 -5.56 -34.75
C LEU D 270 19.84 -4.32 -33.86
N GLN D 271 18.65 -3.99 -33.40
CA GLN D 271 18.44 -2.87 -32.49
C GLN D 271 17.50 -3.27 -31.35
N PRO D 272 17.66 -2.64 -30.18
CA PRO D 272 16.86 -2.82 -28.99
C PRO D 272 15.47 -2.22 -29.16
N ARG D 273 14.52 -3.06 -29.56
CA ARG D 273 13.18 -2.61 -29.89
C ARG D 273 12.11 -3.55 -29.33
N THR D 274 10.89 -3.04 -29.23
CA THR D 274 9.78 -3.84 -28.74
C THR D 274 8.95 -4.38 -29.88
N PHE D 275 8.67 -5.67 -29.82
CA PHE D 275 7.83 -6.33 -30.82
C PHE D 275 6.64 -7.04 -30.20
N LEU D 276 5.53 -7.05 -30.92
CA LEU D 276 4.38 -7.85 -30.55
C LEU D 276 4.32 -9.09 -31.42
N LEU D 277 4.48 -10.27 -30.81
CA LEU D 277 4.58 -11.51 -31.56
C LEU D 277 3.30 -12.33 -31.48
N LYS D 278 2.84 -12.80 -32.63
CA LYS D 278 1.62 -13.61 -32.69
C LYS D 278 1.94 -15.08 -32.87
N TYR D 279 1.56 -15.88 -31.87
CA TYR D 279 1.76 -17.33 -31.90
C TYR D 279 0.48 -18.05 -32.33
N ASN D 280 0.61 -18.96 -33.28
CA ASN D 280 -0.53 -19.74 -33.74
C ASN D 280 -0.79 -20.93 -32.83
N GLU D 281 -1.73 -21.78 -33.21
CA GLU D 281 -2.11 -22.93 -32.37
C GLU D 281 -1.01 -23.98 -32.23
N ASN D 282 -0.01 -23.95 -33.11
CA ASN D 282 1.09 -24.90 -33.10
C ASN D 282 2.33 -24.32 -32.42
N GLY D 283 2.19 -23.14 -31.83
CA GLY D 283 3.26 -22.48 -31.09
C GLY D 283 4.26 -21.78 -32.00
N THR D 284 3.88 -21.61 -33.26
CA THR D 284 4.76 -20.97 -34.24
C THR D 284 4.40 -19.50 -34.39
N ILE D 285 5.43 -18.65 -34.43
CA ILE D 285 5.17 -17.23 -34.67
C ILE D 285 4.86 -17.02 -36.14
N THR D 286 3.70 -16.44 -36.41
CA THR D 286 3.26 -16.25 -37.78
C THR D 286 3.27 -14.78 -38.16
N ASP D 287 3.30 -13.91 -37.16
CA ASP D 287 3.29 -12.47 -37.41
C ASP D 287 4.00 -11.73 -36.29
N ALA D 288 4.40 -10.49 -36.58
CA ALA D 288 5.02 -9.64 -35.58
C ALA D 288 4.85 -8.17 -35.93
N VAL D 289 4.79 -7.33 -34.92
CA VAL D 289 4.69 -5.89 -35.13
C VAL D 289 5.86 -5.14 -34.52
N ASP D 290 6.54 -4.36 -35.36
CA ASP D 290 7.59 -3.48 -34.89
C ASP D 290 6.96 -2.18 -34.36
N CYS D 291 6.96 -2.02 -33.04
CA CYS D 291 6.18 -0.97 -32.38
C CYS D 291 6.74 0.42 -32.67
N ALA D 292 7.94 0.47 -33.24
CA ALA D 292 8.60 1.73 -33.51
C ALA D 292 8.46 2.15 -34.97
N LEU D 293 7.82 1.31 -35.77
CA LEU D 293 7.77 1.52 -37.20
C LEU D 293 6.97 2.78 -37.56
N ASP D 294 5.77 2.88 -37.01
CA ASP D 294 4.89 4.00 -37.31
C ASP D 294 3.79 4.09 -36.21
N PRO D 295 3.00 5.18 -36.18
CA PRO D 295 1.91 5.44 -35.25
C PRO D 295 0.83 4.36 -35.26
N LEU D 296 0.65 3.70 -36.40
CA LEU D 296 -0.34 2.63 -36.49
C LEU D 296 0.13 1.40 -35.73
N SER D 297 1.41 1.06 -35.92
CA SER D 297 1.99 -0.09 -35.22
C SER D 297 2.03 0.18 -33.73
N GLU D 298 2.35 1.42 -33.37
CA GLU D 298 2.38 1.82 -31.98
C GLU D 298 1.02 1.60 -31.32
N THR D 299 -0.04 1.94 -32.05
CA THR D 299 -1.40 1.75 -31.54
C THR D 299 -1.69 0.28 -31.32
N LYS D 300 -1.34 -0.56 -32.29
CA LYS D 300 -1.55 -2.00 -32.17
C LYS D 300 -0.84 -2.58 -30.94
N CYS D 301 0.40 -2.15 -30.73
CA CYS D 301 1.22 -2.62 -29.60
C CYS D 301 0.64 -2.15 -28.28
N THR D 302 0.05 -0.96 -28.28
CA THR D 302 -0.57 -0.40 -27.09
C THR D 302 -1.83 -1.17 -26.71
N LEU D 303 -2.65 -1.49 -27.70
CA LEU D 303 -3.91 -2.18 -27.48
C LEU D 303 -3.73 -3.68 -27.36
N LYS D 304 -2.55 -4.17 -27.72
CA LYS D 304 -2.29 -5.61 -27.73
C LYS D 304 -3.27 -6.31 -28.66
N SER D 305 -3.42 -5.75 -29.84
CA SER D 305 -4.29 -6.32 -30.86
C SER D 305 -3.79 -5.97 -32.25
N PHE D 306 -3.98 -6.88 -33.19
CA PHE D 306 -3.54 -6.64 -34.56
C PHE D 306 -4.61 -5.94 -35.37
N THR D 307 -5.73 -5.62 -34.72
CA THR D 307 -6.82 -4.89 -35.35
C THR D 307 -7.20 -3.69 -34.51
N VAL D 308 -7.36 -2.53 -35.16
CA VAL D 308 -7.74 -1.32 -34.47
C VAL D 308 -9.04 -0.76 -35.04
N GLU D 309 -9.99 -0.46 -34.16
CA GLU D 309 -11.29 0.08 -34.57
C GLU D 309 -11.24 1.59 -34.73
N LYS D 310 -12.21 2.13 -35.44
CA LYS D 310 -12.31 3.57 -35.62
C LYS D 310 -12.35 4.31 -34.29
N GLY D 311 -11.56 5.37 -34.18
CA GLY D 311 -11.56 6.17 -32.96
C GLY D 311 -10.25 6.90 -32.75
N ILE D 312 -10.12 7.51 -31.58
CA ILE D 312 -8.91 8.23 -31.20
C ILE D 312 -8.30 7.60 -29.95
N TYR D 313 -7.02 7.28 -30.02
CA TYR D 313 -6.36 6.56 -28.93
C TYR D 313 -5.15 7.30 -28.41
N GLN D 314 -4.97 7.29 -27.10
CA GLN D 314 -3.73 7.84 -26.52
C GLN D 314 -2.71 6.70 -26.50
N THR D 315 -1.57 6.86 -27.18
CA THR D 315 -0.58 5.81 -27.34
C THR D 315 0.74 6.14 -26.67
N SER D 316 1.05 7.42 -26.57
CA SER D 316 2.35 7.82 -26.05
C SER D 316 2.36 9.25 -25.57
N ASN D 317 3.46 9.64 -24.95
CA ASN D 317 3.68 11.03 -24.56
C ASN D 317 4.97 11.53 -25.19
N PHE D 318 4.91 12.68 -25.86
CA PHE D 318 6.09 13.22 -26.49
C PHE D 318 6.82 14.14 -25.53
N ARG D 319 8.13 14.24 -25.73
CA ARG D 319 8.96 15.06 -24.81
C ARG D 319 10.17 15.62 -25.56
N VAL D 320 10.37 16.93 -25.57
CA VAL D 320 11.55 17.51 -26.17
C VAL D 320 12.78 17.14 -25.36
N GLN D 321 13.78 16.58 -26.03
CA GLN D 321 14.99 16.14 -25.37
C GLN D 321 15.99 17.28 -25.29
N PRO D 322 16.87 17.27 -24.29
CA PRO D 322 17.94 18.23 -24.07
C PRO D 322 18.89 18.24 -25.26
N THR D 323 19.24 19.44 -25.70
CA THR D 323 20.13 19.60 -26.85
C THR D 323 21.58 19.49 -26.44
N GLU D 324 21.88 19.94 -25.23
CA GLU D 324 23.25 19.95 -24.73
C GLU D 324 23.26 19.90 -23.20
N SER D 325 24.41 19.58 -22.64
CA SER D 325 24.57 19.58 -21.19
C SER D 325 25.51 20.70 -20.74
N ILE D 326 25.11 21.40 -19.68
CA ILE D 326 25.92 22.48 -19.13
C ILE D 326 26.21 22.28 -17.66
N VAL D 327 27.37 22.73 -17.22
CA VAL D 327 27.78 22.61 -15.84
C VAL D 327 28.24 23.95 -15.28
N ARG D 328 27.67 24.37 -14.17
CA ARG D 328 28.04 25.65 -13.57
C ARG D 328 28.39 25.52 -12.10
N PHE D 329 29.67 25.61 -11.79
CA PHE D 329 30.17 25.59 -10.43
C PHE D 329 30.81 26.97 -10.13
N PRO D 330 31.17 27.26 -8.86
CA PRO D 330 31.72 28.53 -8.40
C PRO D 330 33.05 28.85 -9.07
N ASN D 331 33.46 30.15 -9.05
CA ASN D 331 34.72 30.54 -9.66
C ASN D 331 35.87 30.56 -8.63
N ILE D 332 35.74 29.75 -7.58
CA ILE D 332 36.80 29.45 -6.62
C ILE D 332 37.87 28.54 -7.23
N THR D 333 39.15 28.81 -6.94
CA THR D 333 40.23 28.03 -7.56
C THR D 333 41.14 27.29 -6.58
N ASN D 334 41.27 27.77 -5.33
CA ASN D 334 42.23 27.17 -4.41
C ASN D 334 41.81 25.77 -4.01
N LEU D 335 42.78 24.90 -3.75
CA LEU D 335 42.49 23.52 -3.33
C LEU D 335 42.28 23.42 -1.82
N CYS D 336 41.46 22.46 -1.41
CA CYS D 336 41.12 22.22 -0.01
C CYS D 336 42.30 21.61 0.76
N PRO D 337 42.54 22.09 1.98
CA PRO D 337 43.60 21.70 2.90
C PRO D 337 43.31 20.37 3.58
N PHE D 338 43.11 19.32 2.79
CA PHE D 338 42.92 18.00 3.35
C PHE D 338 44.25 17.43 3.81
N GLY D 339 45.31 17.81 3.11
CA GLY D 339 46.64 17.32 3.44
C GLY D 339 47.05 17.69 4.85
N GLU D 340 46.65 18.88 5.29
CA GLU D 340 47.03 19.36 6.60
C GLU D 340 46.33 18.61 7.72
N VAL D 341 45.33 17.81 7.36
CA VAL D 341 44.57 17.04 8.33
C VAL D 341 45.08 15.62 8.44
N PHE D 342 45.28 14.98 7.30
CA PHE D 342 45.69 13.58 7.26
C PHE D 342 47.20 13.39 7.42
N ASN D 343 47.99 14.34 6.91
CA ASN D 343 49.47 14.26 6.98
C ASN D 343 49.99 15.00 8.24
N ALA D 344 49.11 15.32 9.18
CA ALA D 344 49.47 16.00 10.41
C ALA D 344 50.43 15.18 11.25
N THR D 345 51.40 15.85 11.86
CA THR D 345 52.37 15.19 12.73
C THR D 345 51.72 14.78 14.04
N ARG D 346 50.78 15.58 14.50
CA ARG D 346 50.10 15.33 15.76
C ARG D 346 48.59 15.36 15.61
N PHE D 347 47.94 14.37 16.22
CA PHE D 347 46.49 14.29 16.25
C PHE D 347 45.96 14.62 17.63
N ALA D 348 44.67 14.92 17.70
CA ALA D 348 44.01 15.21 18.97
C ALA D 348 43.60 13.93 19.68
N SER D 349 43.31 14.05 20.96
CA SER D 349 42.77 12.95 21.74
C SER D 349 41.30 12.73 21.39
N VAL D 350 40.74 11.63 21.86
CA VAL D 350 39.34 11.33 21.57
C VAL D 350 38.40 12.13 22.46
N TYR D 351 38.84 12.43 23.69
CA TYR D 351 38.00 13.19 24.61
C TYR D 351 37.94 14.66 24.22
N ALA D 352 39.02 15.15 23.60
CA ALA D 352 39.07 16.53 23.15
C ALA D 352 39.37 16.55 21.66
N TRP D 353 38.52 15.89 20.91
CA TRP D 353 38.69 15.75 19.47
C TRP D 353 38.72 17.11 18.79
N ASN D 354 39.43 17.19 17.66
CA ASN D 354 39.66 18.47 16.99
C ASN D 354 38.79 18.65 15.75
N ARG D 355 38.13 19.81 15.65
CA ARG D 355 37.31 20.11 14.48
C ARG D 355 37.99 21.10 13.54
N LYS D 356 38.35 20.62 12.36
CA LYS D 356 38.92 21.51 11.35
C LYS D 356 37.87 21.84 10.29
N ARG D 357 37.64 23.13 10.08
CA ARG D 357 36.65 23.56 9.11
C ARG D 357 37.26 23.73 7.73
N ILE D 358 36.70 23.02 6.76
CA ILE D 358 37.14 23.11 5.38
C ILE D 358 36.13 23.89 4.55
N SER D 359 36.59 24.94 3.91
CA SER D 359 35.71 25.82 3.17
C SER D 359 36.43 26.64 2.13
N ASN D 360 35.66 27.25 1.24
CA ASN D 360 36.16 28.18 0.24
C ASN D 360 37.32 27.58 -0.53
N CYS D 361 37.08 26.38 -1.08
CA CYS D 361 38.13 25.63 -1.77
C CYS D 361 37.53 24.60 -2.72
N VAL D 362 38.39 24.07 -3.57
CA VAL D 362 38.02 22.99 -4.48
C VAL D 362 38.55 21.67 -3.96
N ALA D 363 37.65 20.76 -3.69
CA ALA D 363 38.00 19.49 -3.06
C ALA D 363 38.34 18.46 -4.11
N ASP D 364 39.03 17.43 -3.68
CA ASP D 364 39.28 16.27 -4.51
C ASP D 364 39.28 15.03 -3.65
N TYR D 365 38.26 14.19 -3.81
CA TYR D 365 38.10 13.04 -2.93
C TYR D 365 38.57 11.77 -3.61
N SER D 366 39.08 11.89 -4.83
CA SER D 366 39.59 10.73 -5.55
C SER D 366 40.94 10.33 -5.00
N VAL D 367 41.65 11.31 -4.44
CA VAL D 367 42.95 11.07 -3.83
C VAL D 367 42.80 10.31 -2.52
N LEU D 368 41.64 10.45 -1.87
CA LEU D 368 41.39 9.76 -0.62
C LEU D 368 40.76 8.40 -0.88
N TYR D 369 39.75 8.37 -1.74
CA TYR D 369 39.00 7.15 -1.99
C TYR D 369 39.86 6.08 -2.68
N ASN D 370 40.74 6.52 -3.57
CA ASN D 370 41.55 5.59 -4.34
C ASN D 370 42.86 5.27 -3.63
N SER D 371 43.00 5.73 -2.40
CA SER D 371 44.19 5.46 -1.61
C SER D 371 44.08 4.14 -0.87
N ALA D 372 45.16 3.37 -0.86
CA ALA D 372 45.19 2.08 -0.19
C ALA D 372 45.60 2.22 1.27
N SER D 373 45.86 3.45 1.70
CA SER D 373 46.38 3.70 3.03
C SER D 373 45.32 3.60 4.11
N PHE D 374 44.05 3.61 3.71
CA PHE D 374 42.95 3.60 4.66
C PHE D 374 42.37 2.21 4.87
N SER D 375 42.20 1.83 6.13
CA SER D 375 41.62 0.53 6.47
C SER D 375 40.09 0.62 6.53
N THR D 376 39.61 1.82 6.86
CA THR D 376 38.18 2.07 6.92
C THR D 376 37.82 3.29 6.09
N PHE D 377 36.79 3.14 5.25
CA PHE D 377 36.28 4.25 4.45
C PHE D 377 34.78 4.05 4.23
N LYS D 378 33.99 4.45 5.21
CA LYS D 378 32.55 4.20 5.18
C LYS D 378 31.75 5.49 5.09
N CYS D 379 30.94 5.62 4.04
CA CYS D 379 30.14 6.81 3.81
C CYS D 379 28.66 6.57 4.08
N TYR D 380 27.99 7.54 4.62
CA TYR D 380 26.58 7.44 4.91
C TYR D 380 25.83 8.61 4.26
N GLY D 381 24.82 8.29 3.48
CA GLY D 381 24.02 9.31 2.82
C GLY D 381 24.67 9.80 1.53
N VAL D 382 25.83 9.26 1.20
CA VAL D 382 26.56 9.63 -0.01
C VAL D 382 27.47 8.51 -0.46
N CYS D 383 27.57 8.31 -1.76
CA CYS D 383 28.42 7.30 -2.36
C CYS D 383 29.78 7.92 -2.75
N PRO D 384 30.90 7.36 -2.28
CA PRO D 384 32.28 7.81 -2.45
C PRO D 384 32.62 8.17 -3.89
N THR D 385 31.97 7.50 -4.83
CA THR D 385 32.26 7.71 -6.24
C THR D 385 31.48 8.89 -6.81
N LYS D 386 30.46 9.33 -6.08
CA LYS D 386 29.65 10.47 -6.49
C LYS D 386 30.04 11.70 -5.69
N LEU D 387 30.80 11.47 -4.63
CA LEU D 387 31.24 12.54 -3.74
C LEU D 387 32.13 13.54 -4.47
N ASN D 388 32.67 13.12 -5.62
CA ASN D 388 33.63 13.93 -6.36
C ASN D 388 32.98 14.90 -7.33
N ASP D 389 31.65 14.96 -7.36
CA ASP D 389 30.99 15.92 -8.25
C ASP D 389 29.83 16.64 -7.56
N LEU D 390 29.85 16.64 -6.23
CA LEU D 390 28.86 17.36 -5.43
C LEU D 390 29.47 18.62 -4.81
N CYS D 391 28.60 19.53 -4.37
CA CYS D 391 29.01 20.72 -3.63
C CYS D 391 28.41 20.73 -2.23
N PHE D 392 29.14 21.31 -1.29
CA PHE D 392 28.67 21.43 0.09
C PHE D 392 28.81 22.86 0.60
N THR D 393 28.00 23.21 1.60
CA THR D 393 28.09 24.54 2.20
C THR D 393 29.21 24.59 3.22
N ASN D 394 29.54 23.44 3.78
CA ASN D 394 30.70 23.33 4.66
C ASN D 394 31.12 21.88 4.81
N VAL D 395 32.39 21.67 5.12
CA VAL D 395 32.88 20.34 5.44
C VAL D 395 33.67 20.37 6.74
N TYR D 396 33.35 19.47 7.66
CA TYR D 396 34.07 19.43 8.91
C TYR D 396 34.84 18.13 9.09
N ALA D 397 36.11 18.26 9.43
CA ALA D 397 36.96 17.11 9.66
C ALA D 397 37.25 16.95 11.14
N ASP D 398 36.59 15.98 11.77
CA ASP D 398 36.77 15.73 13.19
C ASP D 398 37.79 14.61 13.38
N SER D 399 38.95 14.95 13.94
CA SER D 399 40.04 13.98 14.04
C SER D 399 40.42 13.63 15.48
N PHE D 400 40.85 12.39 15.66
CA PHE D 400 41.34 11.90 16.95
C PHE D 400 42.06 10.56 16.80
N VAL D 401 42.69 10.09 17.89
CA VAL D 401 43.31 8.77 17.90
C VAL D 401 42.64 7.84 18.93
N ILE D 402 42.25 6.66 18.47
CA ILE D 402 41.63 5.64 19.33
C ILE D 402 42.25 4.26 19.13
N ARG D 403 41.78 3.29 19.91
CA ARG D 403 42.23 1.91 19.74
C ARG D 403 41.48 1.22 18.60
N GLY D 404 42.07 0.17 18.06
CA GLY D 404 41.45 -0.60 16.97
C GLY D 404 40.09 -1.15 17.36
N ASP D 405 39.96 -1.61 18.59
CA ASP D 405 38.73 -2.21 19.07
C ASP D 405 37.62 -1.19 19.23
N GLU D 406 37.99 0.09 19.17
CA GLU D 406 37.03 1.17 19.35
C GLU D 406 36.54 1.74 18.02
N VAL D 407 37.15 1.29 16.92
CA VAL D 407 36.85 1.86 15.61
C VAL D 407 35.40 1.62 15.21
N ARG D 408 34.86 0.49 15.63
CA ARG D 408 33.48 0.14 15.32
C ARG D 408 32.48 1.13 15.93
N GLN D 409 32.91 1.86 16.95
CA GLN D 409 32.04 2.81 17.64
C GLN D 409 31.86 4.08 16.81
N ILE D 410 32.70 4.27 15.80
CA ILE D 410 32.60 5.46 14.99
C ILE D 410 31.62 5.23 13.85
N ALA D 411 30.34 5.22 14.21
CA ALA D 411 29.28 5.01 13.25
C ALA D 411 27.96 5.46 13.88
N PRO D 412 26.96 5.81 13.06
CA PRO D 412 25.60 6.14 13.45
C PRO D 412 24.94 5.00 14.21
N GLY D 413 24.27 5.34 15.31
CA GLY D 413 23.50 4.37 16.07
C GLY D 413 24.33 3.53 17.03
N GLN D 414 25.63 3.82 17.10
CA GLN D 414 26.51 3.03 17.97
C GLN D 414 26.58 3.59 19.38
N THR D 415 26.89 2.71 20.34
CA THR D 415 27.09 3.09 21.73
C THR D 415 28.40 2.50 22.26
N GLY D 416 28.85 2.98 23.41
CA GLY D 416 30.11 2.51 24.00
C GLY D 416 30.85 3.66 24.68
N LYS D 417 32.02 3.36 25.21
CA LYS D 417 32.76 4.38 25.97
C LYS D 417 33.13 5.58 25.11
N ILE D 418 33.42 5.33 23.84
CA ILE D 418 33.77 6.42 22.94
C ILE D 418 32.52 7.09 22.42
N ALA D 419 31.58 6.27 21.96
CA ALA D 419 30.35 6.78 21.39
C ALA D 419 29.56 7.61 22.40
N ASP D 420 29.60 7.22 23.67
CA ASP D 420 28.79 7.87 24.68
C ASP D 420 29.51 8.98 25.44
N TYR D 421 30.81 8.83 25.68
CA TYR D 421 31.50 9.77 26.57
C TYR D 421 32.55 10.62 25.88
N ASN D 422 32.87 10.34 24.62
CA ASN D 422 33.95 11.05 23.97
C ASN D 422 33.51 11.74 22.68
N TYR D 423 33.03 10.95 21.72
CA TYR D 423 32.65 11.50 20.42
C TYR D 423 31.39 10.81 19.88
N LYS D 424 30.30 11.56 19.84
CA LYS D 424 29.01 11.01 19.44
C LYS D 424 28.61 11.47 18.04
N LEU D 425 28.23 10.52 17.19
CA LEU D 425 27.67 10.83 15.88
C LEU D 425 26.15 10.69 15.92
N PRO D 426 25.44 11.51 15.14
CA PRO D 426 24.00 11.51 14.96
C PRO D 426 23.54 10.30 14.15
N ASP D 427 22.29 9.89 14.39
CA ASP D 427 21.71 8.75 13.67
C ASP D 427 21.50 9.05 12.20
N ASP D 428 21.34 10.33 11.87
CA ASP D 428 21.13 10.76 10.50
C ASP D 428 22.39 11.37 9.91
N PHE D 429 23.55 10.99 10.44
CA PHE D 429 24.82 11.51 9.97
C PHE D 429 24.99 11.35 8.47
N THR D 430 25.43 12.42 7.83
CA THR D 430 25.80 12.37 6.41
C THR D 430 27.27 12.74 6.29
N GLY D 431 28.06 11.82 5.77
CA GLY D 431 29.50 12.02 5.73
C GLY D 431 30.25 10.70 5.60
N CYS D 432 31.58 10.77 5.73
CA CYS D 432 32.43 9.58 5.57
C CYS D 432 33.38 9.43 6.74
N VAL D 433 33.51 8.19 7.23
CA VAL D 433 34.43 7.87 8.31
C VAL D 433 35.68 7.21 7.78
N ILE D 434 36.82 7.84 8.01
CA ILE D 434 38.08 7.33 7.51
C ILE D 434 39.04 7.02 8.65
N ALA D 435 39.60 5.80 8.65
CA ALA D 435 40.54 5.43 9.70
C ALA D 435 41.68 4.57 9.16
N TRP D 436 42.83 4.67 9.81
CA TRP D 436 43.99 3.87 9.45
C TRP D 436 44.89 3.61 10.66
N ASN D 437 45.61 2.50 10.61
CA ASN D 437 46.53 2.12 11.69
C ASN D 437 47.72 3.06 11.75
N SER D 438 48.03 3.55 12.96
CA SER D 438 49.15 4.48 13.13
C SER D 438 50.15 3.95 14.17
N ASN D 439 50.26 2.64 14.27
CA ASN D 439 51.16 2.03 15.25
C ASN D 439 52.60 2.49 15.07
N ASN D 440 52.97 2.80 13.83
CA ASN D 440 54.34 3.21 13.55
C ASN D 440 54.58 4.70 13.85
N LEU D 441 53.52 5.42 14.18
CA LEU D 441 53.64 6.85 14.41
C LEU D 441 53.24 7.25 15.83
N ASP D 442 52.11 6.74 16.30
CA ASP D 442 51.55 7.17 17.57
C ASP D 442 51.89 6.25 18.74
N SER D 443 52.66 5.21 18.47
CA SER D 443 53.06 4.30 19.54
C SER D 443 54.47 4.60 20.01
N LYS D 444 54.72 4.34 21.29
CA LYS D 444 56.04 4.57 21.88
C LYS D 444 56.47 3.38 22.71
N VAL D 445 57.79 3.18 22.80
CA VAL D 445 58.32 2.02 23.51
C VAL D 445 57.88 2.00 24.97
N GLY D 446 57.89 3.17 25.61
CA GLY D 446 57.49 3.28 27.01
C GLY D 446 56.00 3.59 27.15
N GLY D 447 55.29 3.61 26.04
CA GLY D 447 53.87 3.96 26.01
C GLY D 447 53.68 5.43 25.65
N ASN D 448 52.63 5.70 24.87
CA ASN D 448 52.32 7.07 24.47
C ASN D 448 51.09 7.58 25.21
N TYR D 449 51.31 8.14 26.38
CA TYR D 449 50.20 8.52 27.24
C TYR D 449 49.73 9.94 26.95
N ASN D 450 50.19 10.50 25.84
CA ASN D 450 49.74 11.82 25.42
C ASN D 450 48.29 11.76 24.98
N TYR D 451 47.85 10.58 24.57
CA TYR D 451 46.49 10.39 24.10
C TYR D 451 45.64 9.75 25.20
N ARG D 452 44.48 10.34 25.47
CA ARG D 452 43.61 9.88 26.55
C ARG D 452 42.15 9.81 26.12
N TYR D 453 41.31 9.26 27.00
CA TYR D 453 39.86 9.19 26.76
C TYR D 453 39.09 9.43 28.04
N ARG D 454 37.84 9.82 27.90
CA ARG D 454 36.96 9.99 29.05
C ARG D 454 36.35 8.67 29.46
N LEU D 455 36.51 8.33 30.73
CA LEU D 455 35.97 7.11 31.29
C LEU D 455 34.74 7.39 32.14
N PHE D 456 34.76 8.52 32.84
CA PHE D 456 33.68 8.85 33.77
C PHE D 456 32.87 10.05 33.29
N ARG D 457 31.55 9.88 33.22
CA ARG D 457 30.66 10.93 32.79
C ARG D 457 29.28 10.78 33.44
N LYS D 458 28.66 11.91 33.80
CA LYS D 458 27.34 11.90 34.43
C LYS D 458 26.24 11.37 33.51
N SER D 459 26.32 11.73 32.23
CA SER D 459 25.33 11.31 31.25
C SER D 459 25.95 11.23 29.86
N ASN D 460 25.29 10.53 28.96
CA ASN D 460 25.78 10.38 27.59
C ASN D 460 25.80 11.72 26.85
N LEU D 461 26.77 11.89 25.96
CA LEU D 461 26.91 13.11 25.18
C LEU D 461 25.89 13.19 24.07
N LYS D 462 25.52 14.41 23.71
CA LYS D 462 24.75 14.66 22.51
C LYS D 462 25.69 14.66 21.30
N PRO D 463 25.18 14.42 20.10
CA PRO D 463 25.92 14.41 18.85
C PRO D 463 26.77 15.67 18.70
N PHE D 464 28.03 15.47 18.34
CA PHE D 464 28.98 16.56 18.12
C PHE D 464 29.29 17.38 19.36
N GLU D 465 28.98 16.86 20.53
CA GLU D 465 29.37 17.50 21.78
C GLU D 465 30.82 17.19 22.13
N ARG D 466 31.54 18.17 22.65
CA ARG D 466 32.91 17.98 23.10
C ARG D 466 33.11 18.46 24.52
N ASP D 467 33.43 17.54 25.42
CA ASP D 467 33.61 17.86 26.83
C ASP D 467 35.09 17.87 27.22
N ILE D 468 35.60 19.04 27.56
CA ILE D 468 37.02 19.18 27.87
C ILE D 468 37.25 19.48 29.34
N SER D 469 36.24 19.23 30.18
CA SER D 469 36.41 19.42 31.61
C SER D 469 37.40 18.41 32.18
N THR D 470 38.28 18.90 33.05
CA THR D 470 39.29 18.06 33.68
C THR D 470 39.04 17.96 35.18
N GLU D 471 37.85 18.38 35.62
CA GLU D 471 37.50 18.38 37.04
C GLU D 471 37.30 16.97 37.56
N ILE D 472 37.60 16.77 38.83
CA ILE D 472 37.49 15.46 39.47
C ILE D 472 36.04 15.00 39.55
N TYR D 473 35.81 13.74 39.18
CA TYR D 473 34.48 13.15 39.22
C TYR D 473 34.22 12.47 40.55
N GLN D 474 33.10 12.78 41.17
CA GLN D 474 32.71 12.17 42.42
C GLN D 474 31.80 10.98 42.18
N ALA D 475 32.31 9.78 42.41
CA ALA D 475 31.58 8.57 42.13
C ALA D 475 30.71 8.16 43.32
N GLY D 476 31.02 8.71 44.49
CA GLY D 476 30.33 8.35 45.72
C GLY D 476 29.49 9.50 46.24
N SER D 477 29.38 9.60 47.56
CA SER D 477 28.53 10.60 48.20
C SER D 477 29.35 11.68 48.91
N THR D 478 30.67 11.50 48.96
CA THR D 478 31.53 12.45 49.65
C THR D 478 32.37 13.25 48.65
N PRO D 479 32.53 14.56 48.90
CA PRO D 479 33.16 15.55 48.04
C PRO D 479 34.65 15.28 47.85
N CYS D 480 35.19 15.75 46.73
CA CYS D 480 36.57 15.51 46.35
C CYS D 480 37.47 16.70 46.67
N ASN D 481 36.89 17.90 46.58
CA ASN D 481 37.66 19.14 46.81
C ASN D 481 38.87 19.24 45.87
N GLY D 482 38.72 18.71 44.65
CA GLY D 482 39.78 18.81 43.65
C GLY D 482 40.89 17.79 43.89
N VAL D 483 40.69 16.88 44.83
CA VAL D 483 41.71 15.91 45.18
C VAL D 483 41.30 14.49 44.83
N GLN D 484 42.21 13.77 44.16
CA GLN D 484 41.96 12.37 43.82
C GLN D 484 42.01 11.50 45.05
N GLY D 485 41.18 10.45 45.07
CA GLY D 485 41.10 9.56 46.21
C GLY D 485 39.99 8.54 46.03
N PHE D 486 39.54 7.94 47.12
CA PHE D 486 38.47 6.95 47.03
C PHE D 486 37.18 7.61 46.57
N ASN D 487 36.60 7.07 45.50
CA ASN D 487 35.40 7.63 44.88
C ASN D 487 35.63 9.03 44.27
N CYS D 488 36.89 9.39 44.07
CA CYS D 488 37.26 10.67 43.46
C CYS D 488 38.33 10.46 42.39
N TYR D 489 37.92 10.51 41.13
CA TYR D 489 38.83 10.14 40.04
C TYR D 489 38.99 11.25 39.03
N PHE D 490 40.18 11.32 38.44
CA PHE D 490 40.40 12.16 37.29
C PHE D 490 39.73 11.50 36.09
N PRO D 491 38.79 12.20 35.42
CA PRO D 491 37.84 11.69 34.46
C PRO D 491 38.47 11.08 33.22
N LEU D 492 39.71 11.47 32.92
CA LEU D 492 40.38 10.97 31.73
C LEU D 492 41.43 9.92 32.05
N GLN D 493 41.47 8.87 31.24
CA GLN D 493 42.46 7.83 31.38
C GLN D 493 43.33 7.75 30.14
N SER D 494 44.58 7.38 30.32
CA SER D 494 45.49 7.29 29.19
C SER D 494 45.50 5.92 28.57
N TYR D 495 45.99 5.86 27.34
CA TYR D 495 46.15 4.61 26.62
C TYR D 495 47.61 4.19 26.55
N GLY D 496 47.88 2.90 26.54
CA GLY D 496 49.25 2.40 26.46
C GLY D 496 49.92 2.80 25.16
N PHE D 497 49.38 2.35 24.03
CA PHE D 497 49.93 2.66 22.71
C PHE D 497 51.40 2.31 22.59
N GLN D 498 51.74 1.06 22.84
CA GLN D 498 53.08 0.55 22.63
C GLN D 498 53.12 -0.23 21.31
N PRO D 499 54.24 -0.22 20.60
CA PRO D 499 54.45 -0.81 19.29
C PRO D 499 54.30 -2.33 19.31
N THR D 500 54.35 -2.93 20.48
CA THR D 500 54.25 -4.37 20.62
C THR D 500 52.85 -4.82 21.03
N ASN D 501 51.92 -3.87 21.12
CA ASN D 501 50.55 -4.17 21.51
C ASN D 501 49.80 -4.87 20.38
N GLY D 502 48.75 -5.60 20.75
CA GLY D 502 47.94 -6.33 19.77
C GLY D 502 47.14 -5.38 18.89
N VAL D 503 46.63 -5.90 17.78
CA VAL D 503 45.95 -5.09 16.78
C VAL D 503 44.79 -4.29 17.38
N GLY D 504 44.07 -4.90 18.30
CA GLY D 504 42.90 -4.25 18.91
C GLY D 504 43.31 -3.14 19.87
N TYR D 505 44.58 -3.13 20.28
CA TYR D 505 45.07 -2.16 21.24
C TYR D 505 45.88 -1.05 20.57
N GLN D 506 46.41 -1.33 19.38
CA GLN D 506 47.19 -0.35 18.65
C GLN D 506 46.34 0.87 18.35
N PRO D 507 46.95 2.04 18.25
CA PRO D 507 46.35 3.32 17.91
C PRO D 507 45.96 3.37 16.45
N TYR D 508 44.84 4.03 16.18
CA TYR D 508 44.40 4.30 14.83
C TYR D 508 44.04 5.76 14.69
N ARG D 509 44.44 6.35 13.58
CA ARG D 509 44.10 7.75 13.32
C ARG D 509 42.78 7.83 12.58
N VAL D 510 41.85 8.59 13.15
CA VAL D 510 40.50 8.66 12.62
C VAL D 510 40.13 10.07 12.20
N VAL D 511 39.62 10.20 10.99
CA VAL D 511 39.10 11.46 10.50
C VAL D 511 37.68 11.28 9.99
N VAL D 512 36.75 12.04 10.56
CA VAL D 512 35.36 11.97 10.12
C VAL D 512 34.98 13.21 9.34
N LEU D 513 34.58 13.02 8.09
CA LEU D 513 34.21 14.14 7.24
C LEU D 513 32.71 14.32 7.21
N SER D 514 32.24 15.36 7.89
CA SER D 514 30.82 15.67 7.96
C SER D 514 30.44 16.64 6.85
N PHE D 515 29.47 16.24 6.03
CA PHE D 515 29.07 17.05 4.89
C PHE D 515 27.72 17.70 5.12
N GLU D 516 27.70 19.03 5.14
CA GLU D 516 26.45 19.75 5.32
C GLU D 516 26.07 20.50 4.06
N LEU D 517 24.82 20.36 3.66
CA LEU D 517 24.31 21.03 2.48
C LEU D 517 23.10 21.89 2.79
N LEU D 518 23.35 23.09 3.26
CA LEU D 518 22.28 24.05 3.54
C LEU D 518 22.05 24.93 2.32
N HIS D 519 20.97 25.70 2.34
CA HIS D 519 20.74 26.60 1.22
C HIS D 519 21.62 27.81 1.31
N ALA D 520 22.86 27.65 0.89
CA ALA D 520 23.83 28.72 0.90
C ALA D 520 24.83 28.47 -0.20
N PRO D 521 25.52 29.51 -0.68
CA PRO D 521 26.59 29.41 -1.64
C PRO D 521 27.54 28.33 -1.20
N ALA D 522 27.76 27.33 -2.05
CA ALA D 522 28.65 26.25 -1.68
C ALA D 522 30.04 26.80 -1.49
N THR D 523 30.73 26.29 -0.49
CA THR D 523 32.07 26.73 -0.21
C THR D 523 33.07 25.67 -0.64
N VAL D 524 32.59 24.44 -0.77
CA VAL D 524 33.43 23.35 -1.24
C VAL D 524 32.77 22.60 -2.39
N CYS D 525 33.49 22.46 -3.50
CA CYS D 525 33.04 21.68 -4.65
C CYS D 525 34.14 20.75 -5.12
N GLY D 526 33.76 19.53 -5.50
CA GLY D 526 34.74 18.56 -5.99
C GLY D 526 35.34 19.04 -7.29
N PRO D 527 36.19 18.23 -7.93
CA PRO D 527 36.86 18.52 -9.17
C PRO D 527 35.81 18.98 -10.16
N LYS D 528 35.92 20.21 -10.61
CA LYS D 528 34.87 20.83 -11.38
C LYS D 528 35.37 21.40 -12.68
N LYS D 529 34.60 21.23 -13.73
CA LYS D 529 34.91 21.78 -15.03
C LYS D 529 33.71 22.47 -15.64
N SER D 530 33.54 23.74 -15.32
CA SER D 530 32.37 24.50 -15.71
C SER D 530 32.32 24.69 -17.22
N THR D 531 31.11 24.86 -17.74
CA THR D 531 30.89 25.12 -19.15
C THR D 531 30.13 26.43 -19.34
N ASN D 532 29.85 26.77 -20.59
CA ASN D 532 29.12 28.00 -20.90
C ASN D 532 27.64 27.86 -20.54
N LEU D 533 26.99 29.00 -20.33
CA LEU D 533 25.57 29.04 -20.03
C LEU D 533 24.73 29.25 -21.27
N VAL D 534 23.72 28.41 -21.44
CA VAL D 534 22.83 28.51 -22.59
C VAL D 534 21.40 28.76 -22.17
N LYS D 535 20.75 29.71 -22.82
CA LYS D 535 19.39 30.09 -22.48
C LYS D 535 18.44 29.97 -23.67
N ASN D 536 17.15 29.84 -23.36
CA ASN D 536 16.08 29.76 -24.36
C ASN D 536 16.13 28.46 -25.16
N LYS D 537 16.83 27.46 -24.63
CA LYS D 537 16.87 26.14 -25.24
C LYS D 537 16.73 25.05 -24.19
N CYS D 538 16.20 23.91 -24.59
CA CYS D 538 16.08 22.75 -23.71
C CYS D 538 17.46 22.12 -23.47
N VAL D 539 17.92 22.18 -22.22
CA VAL D 539 19.25 21.69 -21.88
C VAL D 539 19.25 20.84 -20.61
N ASN D 540 20.30 20.02 -20.46
CA ASN D 540 20.51 19.30 -19.19
C ASN D 540 21.50 20.16 -18.43
N PHE D 541 21.29 20.43 -17.15
CA PHE D 541 22.13 21.33 -16.38
C PHE D 541 22.53 20.79 -15.01
N ASN D 542 23.65 21.31 -14.52
CA ASN D 542 24.10 21.06 -13.15
C ASN D 542 24.57 22.36 -12.50
N PHE D 543 23.77 22.89 -11.58
CA PHE D 543 24.11 24.15 -10.91
C PHE D 543 24.53 23.88 -9.46
N ASN D 544 25.83 24.00 -9.20
CA ASN D 544 26.37 23.73 -7.87
C ASN D 544 25.93 22.38 -7.32
N GLY D 545 25.87 21.38 -8.18
CA GLY D 545 25.50 20.04 -7.73
C GLY D 545 24.02 19.74 -7.98
N LEU D 546 23.24 20.76 -8.33
CA LEU D 546 21.82 20.59 -8.61
C LEU D 546 21.58 20.19 -10.05
N THR D 547 21.14 18.96 -10.26
CA THR D 547 20.96 18.45 -11.61
C THR D 547 19.51 18.49 -12.03
N GLY D 548 19.27 18.69 -13.32
CA GLY D 548 17.92 18.66 -13.87
C GLY D 548 17.91 19.01 -15.34
N THR D 549 16.73 18.97 -15.96
CA THR D 549 16.58 19.26 -17.41
C THR D 549 15.49 20.30 -17.60
N GLY D 550 15.73 21.29 -18.46
CA GLY D 550 14.71 22.29 -18.76
C GLY D 550 15.29 23.47 -19.53
N VAL D 551 14.43 24.44 -19.80
CA VAL D 551 14.81 25.67 -20.49
C VAL D 551 15.16 26.76 -19.49
N LEU D 552 16.30 27.40 -19.69
CA LEU D 552 16.73 28.46 -18.80
C LEU D 552 16.52 29.83 -19.42
N THR D 553 15.93 30.74 -18.67
CA THR D 553 15.77 32.11 -19.12
C THR D 553 16.10 33.09 -17.99
N GLU D 554 16.35 34.35 -18.34
CA GLU D 554 16.56 35.36 -17.32
C GLU D 554 15.30 35.58 -16.52
N SER D 555 15.45 35.67 -15.21
CA SER D 555 14.31 35.83 -14.30
C SER D 555 14.11 37.29 -13.91
N ASN D 556 12.86 37.65 -13.62
CA ASN D 556 12.56 38.96 -13.08
C ASN D 556 12.28 38.87 -11.57
N LYS D 557 12.60 37.73 -10.98
CA LYS D 557 12.37 37.52 -9.56
C LYS D 557 13.46 38.17 -8.74
N LYS D 558 13.05 39.01 -7.79
CA LYS D 558 14.00 39.76 -6.99
C LYS D 558 14.49 38.96 -5.79
N PHE D 559 15.54 38.18 -6.00
CA PHE D 559 16.13 37.39 -4.94
C PHE D 559 16.89 38.27 -3.97
N LEU D 560 16.87 37.90 -2.69
CA LEU D 560 17.73 38.54 -1.71
C LEU D 560 19.11 37.86 -1.75
N PRO D 561 20.18 38.59 -1.38
CA PRO D 561 21.57 38.18 -1.50
C PRO D 561 21.88 36.81 -0.91
N PHE D 562 21.09 36.37 0.07
CA PHE D 562 21.37 35.10 0.72
C PHE D 562 20.67 33.93 0.05
N GLN D 563 19.82 34.22 -0.94
CA GLN D 563 19.02 33.22 -1.61
C GLN D 563 19.67 32.77 -2.93
N GLN D 564 19.77 31.46 -3.12
CA GLN D 564 20.38 30.91 -4.33
C GLN D 564 19.35 30.29 -5.27
N PHE D 565 18.26 29.81 -4.70
CA PHE D 565 17.21 29.20 -5.51
C PHE D 565 15.82 29.41 -4.93
N GLY D 566 14.80 29.17 -5.75
CA GLY D 566 13.43 29.17 -5.28
C GLY D 566 12.79 27.81 -5.50
N ARG D 567 11.66 27.57 -4.86
CA ARG D 567 10.96 26.29 -5.03
C ARG D 567 9.46 26.46 -5.24
N ASP D 568 8.87 25.49 -5.93
CA ASP D 568 7.42 25.43 -6.15
C ASP D 568 6.75 24.55 -5.09
N ILE D 569 5.42 24.43 -5.18
CA ILE D 569 4.66 23.64 -4.23
C ILE D 569 4.96 22.14 -4.32
N ALA D 570 5.52 21.73 -5.45
CA ALA D 570 5.90 20.34 -5.66
C ALA D 570 7.31 20.08 -5.14
N ASP D 571 7.90 21.09 -4.51
CA ASP D 571 9.24 21.02 -3.96
C ASP D 571 10.31 21.00 -5.05
N THR D 572 9.92 21.33 -6.27
CA THR D 572 10.88 21.43 -7.36
C THR D 572 11.48 22.83 -7.42
N THR D 573 12.67 22.94 -7.97
CA THR D 573 13.33 24.24 -8.12
C THR D 573 12.85 24.92 -9.40
N ASP D 574 12.44 26.18 -9.28
CA ASP D 574 11.92 26.90 -10.44
C ASP D 574 12.74 28.14 -10.75
N ALA D 575 13.81 28.34 -10.00
CA ALA D 575 14.71 29.45 -10.24
C ALA D 575 16.02 29.23 -9.50
N VAL D 576 17.12 29.59 -10.13
CA VAL D 576 18.43 29.48 -9.51
C VAL D 576 19.28 30.71 -9.74
N ARG D 577 20.26 30.93 -8.89
CA ARG D 577 21.26 31.96 -9.09
C ARG D 577 22.51 31.37 -9.67
N ASP D 578 22.93 31.87 -10.82
CA ASP D 578 24.15 31.39 -11.45
C ASP D 578 25.35 31.70 -10.56
N PRO D 579 26.13 30.69 -10.20
CA PRO D 579 27.21 30.71 -9.22
C PRO D 579 28.35 31.64 -9.61
N GLN D 580 28.40 32.04 -10.88
CA GLN D 580 29.50 32.88 -11.34
C GLN D 580 29.03 34.29 -11.69
N THR D 581 27.86 34.39 -12.30
CA THR D 581 27.37 35.70 -12.76
C THR D 581 26.37 36.30 -11.78
N LEU D 582 25.87 35.47 -10.86
CA LEU D 582 24.88 35.87 -9.87
C LEU D 582 23.55 36.27 -10.51
N GLU D 583 23.40 35.97 -11.79
CA GLU D 583 22.15 36.19 -12.49
C GLU D 583 21.10 35.19 -12.07
N ILE D 584 19.87 35.65 -11.89
CA ILE D 584 18.78 34.74 -11.55
C ILE D 584 18.12 34.20 -12.81
N LEU D 585 18.01 32.88 -12.88
CA LEU D 585 17.44 32.21 -14.03
C LEU D 585 16.18 31.46 -13.66
N ASP D 586 15.17 31.54 -14.53
CA ASP D 586 13.95 30.76 -14.37
C ASP D 586 14.14 29.39 -14.99
N ILE D 587 13.62 28.35 -14.34
CA ILE D 587 13.72 27.01 -14.88
C ILE D 587 12.35 26.47 -15.26
N THR D 588 12.14 26.23 -16.54
CA THR D 588 10.88 25.70 -17.03
C THR D 588 11.13 24.42 -17.83
N PRO D 589 10.47 23.32 -17.47
CA PRO D 589 10.56 22.01 -18.11
C PRO D 589 10.34 22.11 -19.61
N CYS D 590 11.01 21.23 -20.36
CA CYS D 590 10.94 21.19 -21.81
C CYS D 590 9.56 20.71 -22.26
N SER D 591 9.11 21.18 -23.42
CA SER D 591 7.76 20.89 -23.89
C SER D 591 7.48 19.40 -23.96
N PHE D 592 6.28 19.02 -23.54
CA PHE D 592 5.82 17.64 -23.57
C PHE D 592 4.31 17.60 -23.62
N GLY D 593 3.76 16.43 -23.89
CA GLY D 593 2.31 16.27 -23.90
C GLY D 593 1.89 14.91 -24.43
N GLY D 594 0.59 14.66 -24.46
CA GLY D 594 0.07 13.38 -24.94
C GLY D 594 0.04 13.31 -26.46
N VAL D 595 0.17 12.10 -26.98
CA VAL D 595 0.02 11.86 -28.40
C VAL D 595 -1.15 10.94 -28.66
N SER D 596 -2.12 11.43 -29.42
CA SER D 596 -3.27 10.63 -29.74
C SER D 596 -3.31 10.32 -31.23
N VAL D 597 -3.63 9.08 -31.56
CA VAL D 597 -3.70 8.66 -32.95
C VAL D 597 -5.15 8.48 -33.39
N ILE D 598 -5.51 9.18 -34.46
CA ILE D 598 -6.84 9.14 -35.03
C ILE D 598 -6.87 8.18 -36.19
N THR D 599 -7.75 7.18 -36.12
CA THR D 599 -7.79 6.16 -37.16
C THR D 599 -9.22 5.76 -37.51
N PRO D 600 -9.50 5.50 -38.79
CA PRO D 600 -10.77 5.08 -39.37
C PRO D 600 -11.13 3.63 -39.08
N GLY D 601 -10.16 2.83 -38.65
CA GLY D 601 -10.38 1.40 -38.49
C GLY D 601 -9.66 0.61 -39.58
N THR D 602 -9.01 -0.48 -39.19
CA THR D 602 -8.21 -1.28 -40.11
C THR D 602 -9.05 -2.07 -41.13
N ASN D 603 -10.36 -2.17 -40.89
CA ASN D 603 -11.30 -2.75 -41.85
C ASN D 603 -11.54 -1.81 -43.03
N THR D 604 -11.06 -0.55 -42.90
CA THR D 604 -11.24 0.49 -43.90
C THR D 604 -9.93 0.98 -44.49
N SER D 605 -8.99 1.36 -43.63
CA SER D 605 -7.76 1.99 -44.08
C SER D 605 -6.63 1.92 -43.05
N ASN D 606 -5.39 2.11 -43.53
CA ASN D 606 -4.24 2.16 -42.65
C ASN D 606 -3.70 3.58 -42.49
N GLN D 607 -4.47 4.56 -42.94
CA GLN D 607 -4.08 5.96 -42.78
C GLN D 607 -4.41 6.46 -41.38
N VAL D 608 -3.51 7.24 -40.81
CA VAL D 608 -3.76 7.82 -39.49
C VAL D 608 -3.41 9.30 -39.45
N ALA D 609 -3.97 9.99 -38.47
CA ALA D 609 -3.58 11.36 -38.15
C ALA D 609 -3.16 11.44 -36.70
N VAL D 610 -2.25 12.35 -36.38
CA VAL D 610 -1.75 12.44 -35.02
C VAL D 610 -2.03 13.79 -34.38
N LEU D 611 -2.60 13.75 -33.18
CA LEU D 611 -2.86 14.96 -32.42
C LEU D 611 -1.85 15.11 -31.29
N TYR D 612 -1.11 16.20 -31.31
CA TYR D 612 -0.18 16.52 -30.24
C TYR D 612 -0.86 17.43 -29.24
N GLN D 613 -1.30 16.86 -28.14
CA GLN D 613 -2.24 17.52 -27.27
C GLN D 613 -1.63 18.67 -26.50
N GLY D 614 -2.25 19.83 -26.62
CA GLY D 614 -1.89 20.98 -25.81
C GLY D 614 -0.62 21.69 -26.26
N VAL D 615 -0.17 21.46 -27.50
CA VAL D 615 1.03 22.13 -27.95
C VAL D 615 0.85 22.86 -29.27
N ASN D 616 1.80 23.76 -29.54
CA ASN D 616 1.91 24.48 -30.80
C ASN D 616 2.44 23.56 -31.90
N CYS D 617 1.97 23.80 -33.13
CA CYS D 617 2.48 23.08 -34.30
C CYS D 617 3.94 23.44 -34.58
N THR D 618 4.35 24.61 -34.09
CA THR D 618 5.71 25.08 -34.28
C THR D 618 6.69 24.33 -33.38
N GLU D 619 6.15 23.62 -32.39
CA GLU D 619 6.96 22.91 -31.43
C GLU D 619 6.96 21.41 -31.69
N VAL D 620 6.18 20.98 -32.66
CA VAL D 620 6.06 19.54 -32.93
C VAL D 620 7.36 18.89 -33.45
N PRO D 621 8.07 19.49 -34.44
CA PRO D 621 9.29 18.97 -35.05
C PRO D 621 10.36 18.67 -34.00
N ASN D 641 -0.35 19.12 -44.30
CA ASN D 641 -1.52 18.88 -43.46
C ASN D 641 -1.19 19.11 -41.99
N VAL D 642 -0.92 20.37 -41.62
CA VAL D 642 -0.71 20.76 -40.23
C VAL D 642 -1.73 21.80 -39.82
N PHE D 643 -2.58 21.44 -38.87
CA PHE D 643 -3.70 22.28 -38.46
C PHE D 643 -3.71 22.52 -36.96
N GLN D 644 -3.71 23.77 -36.55
CA GLN D 644 -3.70 24.10 -35.13
C GLN D 644 -5.10 24.22 -34.57
N THR D 645 -5.40 23.40 -33.57
CA THR D 645 -6.68 23.46 -32.88
C THR D 645 -6.44 23.81 -31.43
N ARG D 646 -7.50 24.10 -30.69
CA ARG D 646 -7.35 24.43 -29.28
C ARG D 646 -7.10 23.18 -28.45
N ALA D 647 -7.19 22.03 -29.10
CA ALA D 647 -6.91 20.75 -28.46
C ALA D 647 -5.44 20.36 -28.64
N GLY D 648 -4.73 21.09 -29.49
CA GLY D 648 -3.36 20.74 -29.84
C GLY D 648 -3.14 20.81 -31.35
N CYS D 649 -1.99 20.31 -31.81
CA CYS D 649 -1.64 20.33 -33.23
C CYS D 649 -2.04 19.03 -33.91
N LEU D 650 -2.88 19.12 -34.92
CA LEU D 650 -3.35 17.96 -35.65
C LEU D 650 -2.63 17.81 -36.97
N ILE D 651 -1.92 16.70 -37.13
CA ILE D 651 -1.13 16.47 -38.33
C ILE D 651 -1.59 15.25 -39.10
N GLY D 652 -1.77 15.41 -40.40
CA GLY D 652 -2.18 14.31 -41.26
C GLY D 652 -3.65 14.43 -41.64
N ALA D 653 -4.31 15.45 -41.12
CA ALA D 653 -5.72 15.69 -41.44
C ALA D 653 -5.88 16.96 -42.26
N GLU D 654 -6.75 16.91 -43.24
CA GLU D 654 -7.03 18.07 -44.07
C GLU D 654 -8.18 18.88 -43.50
N HIS D 655 -7.92 20.14 -43.19
CA HIS D 655 -8.97 21.01 -42.70
C HIS D 655 -9.88 21.42 -43.83
N VAL D 656 -11.19 21.37 -43.59
CA VAL D 656 -12.17 21.79 -44.56
C VAL D 656 -13.08 22.84 -43.96
N ASN D 657 -13.68 23.68 -44.81
CA ASN D 657 -14.58 24.74 -44.34
C ASN D 657 -16.04 24.31 -44.36
N ASN D 658 -16.29 23.04 -44.64
CA ASN D 658 -17.62 22.46 -44.54
C ASN D 658 -17.87 22.01 -43.12
N SER D 659 -19.07 21.50 -42.86
CA SER D 659 -19.42 21.06 -41.52
C SER D 659 -20.29 19.82 -41.58
N TYR D 660 -19.96 18.84 -40.76
CA TYR D 660 -20.65 17.56 -40.79
C TYR D 660 -20.99 17.12 -39.38
N GLU D 661 -21.75 16.05 -39.28
CA GLU D 661 -21.99 15.41 -37.99
C GLU D 661 -20.68 14.87 -37.45
N CYS D 662 -20.46 14.96 -36.14
CA CYS D 662 -19.21 14.54 -35.53
C CYS D 662 -19.01 13.03 -35.67
N ASP D 663 -17.85 12.66 -36.19
CA ASP D 663 -17.48 11.26 -36.31
C ASP D 663 -16.51 10.88 -35.21
N ILE D 664 -15.25 11.24 -35.38
CA ILE D 664 -14.27 11.07 -34.32
C ILE D 664 -13.96 12.43 -33.68
N PRO D 665 -14.30 12.62 -32.42
CA PRO D 665 -14.15 13.86 -31.68
C PRO D 665 -12.69 14.19 -31.46
N ILE D 666 -12.32 15.42 -31.73
CA ILE D 666 -10.97 15.91 -31.45
C ILE D 666 -11.00 16.78 -30.21
N GLY D 667 -11.95 17.70 -30.18
CA GLY D 667 -12.12 18.60 -29.04
C GLY D 667 -12.29 20.04 -29.48
N ALA D 668 -12.92 20.84 -28.64
CA ALA D 668 -13.11 22.26 -28.90
C ALA D 668 -13.87 22.51 -30.19
N GLY D 669 -14.85 21.65 -30.47
CA GLY D 669 -15.72 21.83 -31.62
C GLY D 669 -15.20 21.16 -32.88
N ILE D 670 -14.02 20.58 -32.82
CA ILE D 670 -13.43 19.94 -33.99
C ILE D 670 -13.61 18.43 -33.96
N CYS D 671 -14.01 17.86 -35.11
CA CYS D 671 -14.12 16.42 -35.31
C CYS D 671 -13.38 16.02 -36.57
N ALA D 672 -13.05 14.73 -36.68
CA ALA D 672 -12.35 14.22 -37.84
C ALA D 672 -13.06 13.00 -38.41
N SER D 673 -12.91 12.79 -39.71
CA SER D 673 -13.50 11.63 -40.37
C SER D 673 -12.72 11.24 -41.61
N TYR D 674 -12.98 10.04 -42.10
CA TYR D 674 -12.33 9.55 -43.32
C TYR D 674 -13.24 9.76 -44.53
N GLN D 675 -12.78 10.57 -45.49
CA GLN D 675 -13.55 10.95 -46.66
C GLN D 675 -12.86 10.48 -47.94
N GLN D 690 -8.91 8.80 -51.05
CA GLN D 690 -9.56 9.17 -49.79
C GLN D 690 -8.53 9.59 -48.74
N SER D 691 -8.95 10.46 -47.82
CA SER D 691 -8.07 10.99 -46.78
C SER D 691 -8.84 11.35 -45.52
N ILE D 692 -8.11 11.65 -44.45
CA ILE D 692 -8.70 12.11 -43.20
C ILE D 692 -8.89 13.62 -43.22
N ILE D 693 -10.07 14.08 -42.82
CA ILE D 693 -10.38 15.50 -42.80
C ILE D 693 -10.72 15.98 -41.40
N ALA D 694 -10.54 17.27 -41.16
CA ALA D 694 -10.90 17.89 -39.90
C ALA D 694 -11.85 19.04 -40.14
N TYR D 695 -12.91 19.11 -39.35
CA TYR D 695 -13.95 20.10 -39.55
C TYR D 695 -14.59 20.53 -38.25
N THR D 696 -15.23 21.68 -38.27
CA THR D 696 -16.06 22.10 -37.15
C THR D 696 -17.39 21.38 -37.23
N MET D 697 -17.78 20.74 -36.13
CA MET D 697 -18.97 19.91 -36.13
C MET D 697 -20.24 20.72 -36.27
N SER D 698 -21.22 20.14 -36.96
CA SER D 698 -22.53 20.76 -37.11
C SER D 698 -23.43 20.39 -35.94
N LEU D 699 -24.32 21.29 -35.57
CA LEU D 699 -25.26 21.01 -34.50
C LEU D 699 -26.61 20.59 -35.05
N GLY D 700 -26.75 20.61 -36.37
CA GLY D 700 -28.02 20.27 -37.01
C GLY D 700 -28.44 21.33 -38.02
N ALA D 701 -29.46 21.00 -38.81
CA ALA D 701 -29.98 21.89 -39.83
C ALA D 701 -30.77 23.03 -39.20
N GLU D 702 -30.78 24.18 -39.85
CA GLU D 702 -31.54 25.32 -39.35
C GLU D 702 -33.00 25.25 -39.78
N ASN D 703 -33.88 25.76 -38.92
CA ASN D 703 -35.31 25.80 -39.22
C ASN D 703 -35.99 27.02 -38.63
N SER D 704 -36.36 27.96 -39.47
CA SER D 704 -37.09 29.13 -39.00
C SER D 704 -38.59 28.87 -39.07
N VAL D 705 -39.23 28.84 -37.91
CA VAL D 705 -40.65 28.52 -37.82
C VAL D 705 -41.49 29.73 -38.22
N ALA D 706 -42.51 29.49 -39.03
CA ALA D 706 -43.34 30.58 -39.57
C ALA D 706 -44.29 31.11 -38.52
N TYR D 707 -43.75 31.83 -37.55
CA TYR D 707 -44.56 32.38 -36.48
C TYR D 707 -45.31 33.62 -36.90
N SER D 708 -46.58 33.67 -36.51
CA SER D 708 -47.39 34.88 -36.61
C SER D 708 -48.45 34.84 -35.52
N ASN D 709 -49.18 35.93 -35.31
CA ASN D 709 -50.11 36.05 -34.20
C ASN D 709 -51.50 35.48 -34.54
N ASN D 710 -51.66 34.93 -35.75
CA ASN D 710 -52.93 34.34 -36.16
C ASN D 710 -52.75 33.18 -37.13
N SER D 711 -51.66 32.44 -36.98
CA SER D 711 -51.41 31.30 -37.86
C SER D 711 -51.07 30.05 -37.06
N ILE D 712 -51.77 28.97 -37.38
CA ILE D 712 -51.56 27.72 -36.69
C ILE D 712 -51.30 26.59 -37.67
N ALA D 713 -50.40 25.68 -37.32
CA ALA D 713 -50.17 24.50 -38.14
C ALA D 713 -50.80 23.28 -37.52
N ILE D 714 -51.64 22.59 -38.28
CA ILE D 714 -52.33 21.41 -37.78
C ILE D 714 -52.10 20.20 -38.67
N PRO D 715 -51.68 19.06 -38.09
CA PRO D 715 -51.47 17.79 -38.73
C PRO D 715 -52.73 17.29 -39.39
N THR D 716 -52.62 16.84 -40.63
CA THR D 716 -53.74 16.21 -41.31
C THR D 716 -53.58 14.69 -41.40
N ASN D 717 -52.44 14.19 -40.89
CA ASN D 717 -52.07 12.79 -40.95
C ASN D 717 -51.10 12.45 -39.83
N PHE D 718 -50.74 11.18 -39.71
CA PHE D 718 -49.81 10.71 -38.68
C PHE D 718 -49.08 9.46 -39.13
N THR D 719 -48.00 9.14 -38.43
CA THR D 719 -47.33 7.87 -38.61
C THR D 719 -47.24 7.12 -37.30
N ILE D 720 -47.13 5.79 -37.39
CA ILE D 720 -46.87 4.98 -36.22
C ILE D 720 -45.41 4.56 -36.22
N SER D 721 -44.68 5.03 -35.22
CA SER D 721 -43.26 4.81 -35.15
C SER D 721 -42.91 3.80 -34.08
N VAL D 722 -41.96 2.93 -34.37
CA VAL D 722 -41.45 2.02 -33.36
C VAL D 722 -39.96 2.21 -33.20
N THR D 723 -39.54 2.50 -31.98
CA THR D 723 -38.13 2.73 -31.71
C THR D 723 -37.63 1.78 -30.63
N THR D 724 -36.32 1.59 -30.58
CA THR D 724 -35.74 0.64 -29.64
C THR D 724 -34.90 1.32 -28.59
N GLU D 725 -35.13 0.96 -27.34
CA GLU D 725 -34.33 1.44 -26.22
C GLU D 725 -33.67 0.27 -25.49
N ILE D 726 -32.36 0.35 -25.31
CA ILE D 726 -31.62 -0.75 -24.71
C ILE D 726 -31.00 -0.37 -23.38
N LEU D 727 -31.25 -1.17 -22.35
CA LEU D 727 -30.67 -0.95 -21.03
C LEU D 727 -30.02 -2.22 -20.49
N PRO D 728 -28.83 -2.10 -19.87
CA PRO D 728 -28.19 -3.07 -19.00
C PRO D 728 -29.01 -3.32 -17.75
N VAL D 729 -29.08 -4.56 -17.32
CA VAL D 729 -29.80 -4.93 -16.11
C VAL D 729 -28.87 -5.53 -15.08
N SER D 730 -27.92 -6.34 -15.53
CA SER D 730 -27.04 -7.04 -14.61
C SER D 730 -25.65 -7.25 -15.20
N MET D 731 -24.73 -7.65 -14.34
CA MET D 731 -23.40 -8.01 -14.79
C MET D 731 -23.02 -9.39 -14.28
N THR D 732 -21.91 -9.92 -14.76
CA THR D 732 -21.47 -11.25 -14.37
C THR D 732 -21.18 -11.33 -12.89
N LYS D 733 -21.67 -12.39 -12.24
CA LYS D 733 -21.46 -12.58 -10.82
C LYS D 733 -20.15 -13.31 -10.56
N THR D 734 -19.10 -12.57 -10.29
CA THR D 734 -17.80 -13.18 -10.09
C THR D 734 -17.53 -13.38 -8.60
N SER D 735 -16.56 -14.21 -8.31
CA SER D 735 -16.12 -14.45 -6.94
C SER D 735 -14.65 -14.76 -6.91
N VAL D 736 -13.98 -14.40 -5.83
CA VAL D 736 -12.55 -14.61 -5.74
C VAL D 736 -12.16 -15.28 -4.44
N ASP D 737 -11.31 -16.29 -4.55
CA ASP D 737 -10.69 -16.91 -3.40
C ASP D 737 -9.42 -16.14 -3.05
N CYS D 738 -9.51 -15.24 -2.06
CA CYS D 738 -8.42 -14.32 -1.73
C CYS D 738 -7.13 -15.08 -1.45
N THR D 739 -7.21 -16.09 -0.60
CA THR D 739 -6.03 -16.85 -0.23
C THR D 739 -5.41 -17.54 -1.43
N MET D 740 -6.24 -18.16 -2.27
CA MET D 740 -5.71 -18.85 -3.44
C MET D 740 -5.06 -17.89 -4.44
N TYR D 741 -5.72 -16.77 -4.69
CA TYR D 741 -5.20 -15.79 -5.64
C TYR D 741 -3.81 -15.33 -5.22
N ILE D 742 -3.67 -15.02 -3.94
CA ILE D 742 -2.43 -14.49 -3.41
C ILE D 742 -1.36 -15.56 -3.17
N CYS D 743 -1.74 -16.67 -2.53
CA CYS D 743 -0.78 -17.63 -1.98
C CYS D 743 -0.75 -18.95 -2.73
N GLY D 744 -1.74 -19.20 -3.58
CA GLY D 744 -1.83 -20.51 -4.18
C GLY D 744 -2.00 -21.58 -3.11
N ASP D 745 -1.13 -22.58 -3.13
CA ASP D 745 -1.18 -23.66 -2.15
C ASP D 745 -0.01 -23.62 -1.17
N SER D 746 0.63 -22.46 -1.05
CA SER D 746 1.74 -22.30 -0.13
C SER D 746 1.27 -22.02 1.29
N THR D 747 1.72 -22.84 2.23
CA THR D 747 1.38 -22.65 3.63
C THR D 747 2.19 -21.51 4.23
N GLU D 748 3.41 -21.35 3.75
CA GLU D 748 4.28 -20.28 4.24
C GLU D 748 3.68 -18.92 3.95
N CYS D 749 3.13 -18.74 2.74
CA CYS D 749 2.44 -17.52 2.36
C CYS D 749 1.17 -17.32 3.17
N SER D 750 0.38 -18.38 3.31
CA SER D 750 -0.89 -18.27 4.02
C SER D 750 -0.68 -17.82 5.45
N ASN D 751 0.38 -18.32 6.09
CA ASN D 751 0.68 -17.94 7.46
C ASN D 751 1.06 -16.47 7.58
N LEU D 752 1.72 -15.95 6.55
CA LEU D 752 2.09 -14.55 6.52
C LEU D 752 0.87 -13.68 6.26
N LEU D 753 -0.02 -14.16 5.42
CA LEU D 753 -1.21 -13.41 5.05
C LEU D 753 -2.11 -13.14 6.24
N LEU D 754 -2.09 -14.04 7.22
CA LEU D 754 -2.90 -13.88 8.42
C LEU D 754 -2.53 -12.63 9.20
N GLN D 755 -1.31 -12.14 9.00
CA GLN D 755 -0.82 -10.98 9.74
C GLN D 755 -1.48 -9.70 9.27
N TYR D 756 -2.23 -9.79 8.18
CA TYR D 756 -2.88 -8.64 7.60
C TYR D 756 -4.32 -8.51 8.08
N GLY D 757 -4.75 -9.45 8.92
CA GLY D 757 -6.07 -9.38 9.52
C GLY D 757 -7.17 -9.83 8.57
N SER D 758 -8.24 -9.04 8.51
CA SER D 758 -9.47 -9.44 7.86
C SER D 758 -9.60 -8.93 6.43
N PHE D 759 -8.51 -8.41 5.87
CA PHE D 759 -8.60 -7.86 4.52
C PHE D 759 -9.26 -8.81 3.53
N CYS D 760 -8.88 -10.09 3.57
CA CYS D 760 -9.45 -11.09 2.66
C CYS D 760 -10.94 -11.29 2.88
N THR D 761 -11.35 -11.32 4.15
CA THR D 761 -12.76 -11.49 4.47
C THR D 761 -13.58 -10.33 3.95
N GLN D 762 -13.04 -9.12 4.10
CA GLN D 762 -13.73 -7.91 3.65
C GLN D 762 -13.96 -7.92 2.15
N LEU D 763 -12.96 -8.38 1.41
CA LEU D 763 -13.04 -8.40 -0.04
C LEU D 763 -14.04 -9.45 -0.51
N ASN D 764 -14.06 -10.60 0.18
CA ASN D 764 -14.99 -11.66 -0.16
C ASN D 764 -16.42 -11.21 0.08
N ARG D 765 -16.62 -10.48 1.18
CA ARG D 765 -17.93 -9.96 1.53
C ARG D 765 -18.42 -8.96 0.50
N ALA D 766 -17.53 -8.08 0.06
CA ALA D 766 -17.87 -7.05 -0.90
C ALA D 766 -18.33 -7.65 -2.22
N LEU D 767 -17.62 -8.67 -2.69
CA LEU D 767 -17.97 -9.30 -3.95
C LEU D 767 -19.26 -10.09 -3.84
N THR D 768 -19.49 -10.69 -2.68
CA THR D 768 -20.73 -11.41 -2.44
C THR D 768 -21.93 -10.48 -2.51
N GLY D 769 -21.79 -9.31 -1.89
CA GLY D 769 -22.87 -8.32 -1.90
C GLY D 769 -23.24 -7.93 -3.32
N ILE D 770 -22.24 -7.79 -4.18
CA ILE D 770 -22.48 -7.47 -5.57
C ILE D 770 -23.25 -8.59 -6.25
N ALA D 771 -22.80 -9.83 -6.04
CA ALA D 771 -23.41 -10.98 -6.67
C ALA D 771 -24.89 -11.07 -6.33
N VAL D 772 -25.24 -10.80 -5.08
CA VAL D 772 -26.64 -10.85 -4.66
C VAL D 772 -27.46 -9.78 -5.35
N GLU D 773 -26.90 -8.58 -5.44
CA GLU D 773 -27.56 -7.46 -6.08
C GLU D 773 -27.93 -7.77 -7.53
N GLN D 774 -27.08 -8.51 -8.22
CA GLN D 774 -27.31 -8.80 -9.63
C GLN D 774 -28.59 -9.60 -9.84
N ASP D 775 -28.95 -10.44 -8.89
CA ASP D 775 -30.18 -11.19 -8.98
C ASP D 775 -31.36 -10.32 -8.61
N LYS D 776 -31.15 -9.42 -7.66
CA LYS D 776 -32.19 -8.47 -7.29
C LYS D 776 -32.53 -7.57 -8.46
N ASN D 777 -31.52 -7.14 -9.20
CA ASN D 777 -31.71 -6.27 -10.34
C ASN D 777 -32.61 -6.90 -11.38
N THR D 778 -32.35 -8.18 -11.67
CA THR D 778 -33.14 -8.90 -12.66
C THR D 778 -34.59 -9.04 -12.23
N GLN D 779 -34.80 -9.36 -10.96
CA GLN D 779 -36.15 -9.54 -10.44
C GLN D 779 -36.95 -8.24 -10.47
N GLU D 780 -36.29 -7.13 -10.15
CA GLU D 780 -36.96 -5.84 -10.11
C GLU D 780 -37.49 -5.45 -11.48
N VAL D 781 -36.77 -5.83 -12.53
CA VAL D 781 -37.16 -5.48 -13.88
C VAL D 781 -38.22 -6.42 -14.45
N PHE D 782 -37.99 -7.72 -14.32
CA PHE D 782 -38.82 -8.70 -15.03
C PHE D 782 -39.95 -9.27 -14.19
N ALA D 783 -39.72 -9.47 -12.91
CA ALA D 783 -40.72 -10.13 -12.07
C ALA D 783 -41.72 -9.11 -11.54
N GLN D 784 -42.43 -8.45 -12.46
CA GLN D 784 -43.40 -7.43 -12.08
C GLN D 784 -44.81 -7.92 -12.28
N VAL D 785 -44.95 -9.17 -12.64
CA VAL D 785 -46.26 -9.74 -12.92
C VAL D 785 -46.58 -10.85 -11.93
N LYS D 786 -47.79 -10.79 -11.37
CA LYS D 786 -48.21 -11.75 -10.37
C LYS D 786 -48.43 -13.14 -10.96
N GLN D 787 -49.00 -13.17 -12.16
CA GLN D 787 -49.37 -14.42 -12.82
C GLN D 787 -48.76 -14.51 -14.20
N ILE D 788 -48.60 -15.72 -14.69
CA ILE D 788 -48.08 -15.92 -16.03
C ILE D 788 -49.21 -15.98 -17.04
N TYR D 789 -49.37 -14.91 -17.79
CA TYR D 789 -50.46 -14.81 -18.75
C TYR D 789 -50.09 -15.45 -20.06
N LYS D 790 -51.07 -16.03 -20.73
CA LYS D 790 -50.84 -16.62 -22.04
C LYS D 790 -51.74 -16.00 -23.09
N THR D 791 -51.24 -15.92 -24.32
CA THR D 791 -52.02 -15.41 -25.43
C THR D 791 -52.99 -16.47 -25.93
N PRO D 792 -54.07 -16.05 -26.60
CA PRO D 792 -55.08 -16.92 -27.20
C PRO D 792 -54.46 -17.73 -28.35
N PRO D 793 -54.97 -18.96 -28.56
CA PRO D 793 -54.66 -19.86 -29.66
C PRO D 793 -54.81 -19.19 -31.02
N ILE D 794 -55.80 -18.33 -31.15
CA ILE D 794 -56.04 -17.64 -32.42
C ILE D 794 -55.64 -16.18 -32.33
N LYS D 795 -54.64 -15.80 -33.12
CA LYS D 795 -54.08 -14.46 -33.06
C LYS D 795 -54.86 -13.49 -33.92
N ASP D 796 -56.09 -13.20 -33.52
CA ASP D 796 -56.90 -12.22 -34.22
C ASP D 796 -57.01 -10.92 -33.44
N PHE D 797 -56.21 -9.95 -33.81
CA PHE D 797 -56.13 -8.71 -33.07
C PHE D 797 -56.53 -7.52 -33.91
N GLY D 798 -57.36 -7.78 -34.93
CA GLY D 798 -57.91 -6.70 -35.74
C GLY D 798 -56.94 -6.19 -36.79
N GLY D 799 -55.99 -7.04 -37.19
CA GLY D 799 -55.02 -6.66 -38.22
C GLY D 799 -53.63 -6.44 -37.64
N PHE D 800 -53.55 -6.38 -36.32
CA PHE D 800 -52.27 -6.18 -35.65
C PHE D 800 -51.51 -7.49 -35.49
N ASN D 801 -50.28 -7.52 -36.00
CA ASN D 801 -49.44 -8.72 -36.04
C ASN D 801 -48.27 -8.62 -35.07
N PHE D 802 -48.27 -9.49 -34.05
CA PHE D 802 -47.26 -9.46 -32.99
C PHE D 802 -46.30 -10.63 -33.09
N SER D 803 -46.25 -11.27 -34.25
CA SER D 803 -45.48 -12.50 -34.43
C SER D 803 -43.99 -12.34 -34.20
N GLN D 804 -43.49 -11.11 -34.27
CA GLN D 804 -42.06 -10.88 -34.11
C GLN D 804 -41.66 -10.68 -32.65
N ILE D 805 -42.65 -10.41 -31.80
CA ILE D 805 -42.38 -10.18 -30.39
C ILE D 805 -42.87 -11.32 -29.52
N LEU D 806 -43.81 -12.11 -30.04
CA LEU D 806 -44.33 -13.26 -29.31
C LEU D 806 -43.42 -14.47 -29.48
N PRO D 807 -43.38 -15.38 -28.50
CA PRO D 807 -42.59 -16.59 -28.47
C PRO D 807 -42.79 -17.44 -29.71
N ASP D 808 -41.70 -17.96 -30.25
CA ASP D 808 -41.76 -18.82 -31.41
C ASP D 808 -41.61 -20.29 -30.99
N PRO D 809 -42.69 -21.06 -31.03
CA PRO D 809 -42.82 -22.41 -30.49
C PRO D 809 -41.94 -23.41 -31.21
N SER D 810 -41.44 -23.03 -32.39
CA SER D 810 -40.57 -23.90 -33.16
C SER D 810 -39.14 -23.89 -32.63
N LYS D 811 -38.85 -22.94 -31.75
CA LYS D 811 -37.53 -22.83 -31.16
C LYS D 811 -37.53 -23.45 -29.76
N PRO D 812 -36.52 -24.25 -29.43
CA PRO D 812 -36.38 -25.00 -28.19
C PRO D 812 -36.25 -24.08 -26.99
N SER D 813 -35.82 -22.83 -27.22
CA SER D 813 -35.68 -21.85 -26.17
C SER D 813 -36.96 -21.04 -25.98
N LYS D 814 -37.88 -21.19 -26.93
CA LYS D 814 -39.15 -20.48 -26.92
C LYS D 814 -38.96 -18.97 -26.82
N ARG D 815 -38.00 -18.43 -27.56
CA ARG D 815 -37.80 -17.00 -27.67
C ARG D 815 -38.58 -16.44 -28.85
N SER D 816 -38.84 -15.15 -28.81
CA SER D 816 -39.42 -14.48 -29.97
C SER D 816 -38.34 -14.36 -31.05
N PRO D 817 -38.74 -14.15 -32.32
CA PRO D 817 -37.87 -13.86 -33.44
C PRO D 817 -36.87 -12.73 -33.15
N ILE D 818 -37.34 -11.67 -32.49
CA ILE D 818 -36.45 -10.57 -32.14
C ILE D 818 -35.50 -10.94 -31.01
N GLU D 819 -36.01 -11.61 -29.98
CA GLU D 819 -35.17 -12.01 -28.87
C GLU D 819 -34.07 -12.94 -29.33
N ASP D 820 -34.40 -13.85 -30.24
CA ASP D 820 -33.42 -14.80 -30.72
C ASP D 820 -32.27 -14.08 -31.43
N LEU D 821 -32.60 -13.07 -32.21
CA LEU D 821 -31.59 -12.25 -32.86
C LEU D 821 -30.69 -11.56 -31.83
N LEU D 822 -31.31 -10.99 -30.80
CA LEU D 822 -30.56 -10.26 -29.79
C LEU D 822 -29.56 -11.16 -29.08
N PHE D 823 -29.96 -12.39 -28.81
CA PHE D 823 -29.10 -13.33 -28.09
C PHE D 823 -27.93 -13.80 -28.93
N ASN D 824 -28.11 -13.86 -30.24
CA ASN D 824 -27.01 -14.23 -31.12
C ASN D 824 -25.98 -13.12 -31.23
N LYS D 825 -26.45 -11.87 -31.16
CA LYS D 825 -25.57 -10.71 -31.27
C LYS D 825 -24.72 -10.49 -30.02
N VAL D 826 -25.32 -10.68 -28.85
CA VAL D 826 -24.61 -10.58 -27.57
C VAL D 826 -24.67 -11.92 -26.84
N GLN D 853 -8.51 -17.88 -15.77
CA GLN D 853 -9.03 -17.28 -14.56
C GLN D 853 -9.32 -18.32 -13.48
N LYS D 854 -10.02 -19.39 -13.88
CA LYS D 854 -10.50 -20.43 -12.96
C LYS D 854 -9.41 -20.93 -12.03
N PHE D 855 -8.24 -21.18 -12.57
CA PHE D 855 -7.17 -21.86 -11.85
C PHE D 855 -6.41 -20.93 -10.92
N ASN D 856 -6.82 -19.68 -10.86
CA ASN D 856 -6.16 -18.72 -9.99
C ASN D 856 -7.11 -18.22 -8.90
N GLY D 857 -8.17 -18.97 -8.65
CA GLY D 857 -9.09 -18.64 -7.57
C GLY D 857 -10.23 -17.75 -8.03
N LEU D 858 -10.33 -17.53 -9.33
CA LEU D 858 -11.38 -16.68 -9.88
C LEU D 858 -12.48 -17.52 -10.48
N THR D 859 -13.70 -17.32 -10.01
CA THR D 859 -14.82 -18.11 -10.51
C THR D 859 -15.99 -17.25 -10.91
N VAL D 860 -16.94 -17.86 -11.62
CA VAL D 860 -18.16 -17.19 -12.02
C VAL D 860 -19.38 -18.00 -11.57
N LEU D 861 -20.31 -17.31 -10.91
CA LEU D 861 -21.51 -17.95 -10.43
C LEU D 861 -22.66 -17.71 -11.41
N PRO D 862 -23.56 -18.68 -11.58
CA PRO D 862 -24.75 -18.61 -12.39
C PRO D 862 -25.78 -17.68 -11.77
N PRO D 863 -26.57 -17.00 -12.60
CA PRO D 863 -27.77 -16.25 -12.25
C PRO D 863 -28.82 -17.14 -11.63
N LEU D 864 -29.63 -16.57 -10.74
CA LEU D 864 -30.74 -17.32 -10.16
C LEU D 864 -31.82 -17.61 -11.18
N LEU D 865 -32.14 -16.61 -11.99
CA LEU D 865 -33.12 -16.79 -13.05
C LEU D 865 -32.42 -17.15 -14.35
N THR D 866 -32.91 -18.17 -15.02
CA THR D 866 -32.34 -18.61 -16.28
C THR D 866 -32.88 -17.77 -17.42
N ASP D 867 -32.25 -17.90 -18.59
CA ASP D 867 -32.70 -17.16 -19.76
C ASP D 867 -34.11 -17.58 -20.15
N GLU D 868 -34.45 -18.84 -19.90
CA GLU D 868 -35.78 -19.33 -20.17
C GLU D 868 -36.79 -18.69 -19.24
N MET D 869 -36.43 -18.58 -17.97
CA MET D 869 -37.30 -17.96 -16.98
C MET D 869 -37.54 -16.49 -17.30
N ILE D 870 -36.49 -15.81 -17.73
CA ILE D 870 -36.60 -14.41 -18.11
C ILE D 870 -37.49 -14.24 -19.31
N ALA D 871 -37.34 -15.14 -20.28
CA ALA D 871 -38.20 -15.14 -21.46
C ALA D 871 -39.66 -15.38 -21.09
N GLN D 872 -39.90 -16.22 -20.08
CA GLN D 872 -41.26 -16.50 -19.63
C GLN D 872 -41.89 -15.28 -19.00
N TYR D 873 -41.12 -14.53 -18.22
CA TYR D 873 -41.63 -13.30 -17.64
C TYR D 873 -41.98 -12.30 -18.73
N THR D 874 -41.13 -12.21 -19.74
CA THR D 874 -41.36 -11.31 -20.85
C THR D 874 -42.63 -11.67 -21.60
N SER D 875 -42.83 -12.97 -21.82
CA SER D 875 -44.02 -13.46 -22.50
C SER D 875 -45.28 -13.11 -21.74
N ALA D 876 -45.22 -13.24 -20.42
CA ALA D 876 -46.36 -12.93 -19.56
C ALA D 876 -46.72 -11.46 -19.66
N LEU D 877 -45.71 -10.61 -19.72
CA LEU D 877 -45.94 -9.17 -19.81
C LEU D 877 -46.55 -8.79 -21.15
N LEU D 878 -46.09 -9.44 -22.21
CA LEU D 878 -46.64 -9.20 -23.53
C LEU D 878 -48.07 -9.71 -23.64
N ALA D 879 -48.33 -10.87 -23.09
CA ALA D 879 -49.66 -11.46 -23.15
C ALA D 879 -50.66 -10.60 -22.41
N GLY D 880 -50.24 -10.05 -21.27
CA GLY D 880 -51.10 -9.17 -20.49
C GLY D 880 -51.39 -7.89 -21.27
N THR D 881 -50.36 -7.28 -21.82
CA THR D 881 -50.49 -6.03 -22.54
C THR D 881 -51.45 -6.15 -23.72
N ILE D 882 -51.35 -7.27 -24.43
CA ILE D 882 -52.14 -7.47 -25.63
C ILE D 882 -53.61 -7.78 -25.32
N THR D 883 -53.87 -8.62 -24.31
CA THR D 883 -55.23 -9.07 -24.07
C THR D 883 -55.99 -8.22 -23.06
N SER D 884 -55.29 -7.53 -22.16
CA SER D 884 -55.98 -6.80 -21.09
C SER D 884 -55.49 -5.37 -20.94
N GLY D 885 -54.72 -4.88 -21.90
CA GLY D 885 -54.23 -3.52 -21.85
C GLY D 885 -53.40 -3.25 -20.61
N TRP D 886 -53.73 -2.19 -19.89
CA TRP D 886 -52.98 -1.81 -18.70
C TRP D 886 -53.69 -2.19 -17.41
N THR D 887 -54.73 -3.00 -17.52
CA THR D 887 -55.52 -3.33 -16.35
C THR D 887 -54.83 -4.35 -15.47
N PHE D 888 -54.04 -5.22 -16.08
CA PHE D 888 -53.38 -6.29 -15.32
C PHE D 888 -52.31 -5.74 -14.41
N GLY D 889 -51.88 -4.52 -14.66
CA GLY D 889 -50.84 -3.90 -13.86
C GLY D 889 -51.40 -3.21 -12.62
N ALA D 890 -52.72 -3.01 -12.56
CA ALA D 890 -53.32 -2.26 -11.46
C ALA D 890 -54.35 -3.08 -10.70
N GLY D 891 -54.39 -4.37 -10.96
CA GLY D 891 -55.38 -5.24 -10.34
C GLY D 891 -55.56 -6.51 -11.15
N PRO D 892 -56.80 -7.00 -11.25
CA PRO D 892 -57.24 -8.11 -12.07
C PRO D 892 -57.05 -7.78 -13.54
N ALA D 893 -56.70 -8.78 -14.34
CA ALA D 893 -56.57 -8.59 -15.77
C ALA D 893 -57.93 -8.68 -16.43
N LEU D 894 -58.33 -7.59 -17.09
CA LEU D 894 -59.65 -7.49 -17.69
C LEU D 894 -59.55 -7.44 -19.19
N GLN D 895 -60.19 -8.38 -19.87
CA GLN D 895 -60.03 -8.47 -21.31
C GLN D 895 -60.71 -7.32 -22.04
N ILE D 896 -60.11 -6.90 -23.13
CA ILE D 896 -60.66 -5.90 -24.03
C ILE D 896 -60.13 -6.18 -25.44
N PRO D 897 -60.95 -6.03 -26.49
CA PRO D 897 -60.56 -6.14 -27.87
C PRO D 897 -59.39 -5.21 -28.14
N PHE D 898 -58.39 -5.70 -28.87
CA PHE D 898 -57.19 -4.93 -29.06
C PHE D 898 -57.44 -3.57 -29.72
N PRO D 899 -58.23 -3.49 -30.81
CA PRO D 899 -58.61 -2.26 -31.50
C PRO D 899 -59.24 -1.25 -30.55
N MET D 900 -59.97 -1.72 -29.54
CA MET D 900 -60.57 -0.84 -28.56
C MET D 900 -59.54 -0.33 -27.57
N GLN D 901 -58.54 -1.16 -27.30
CA GLN D 901 -57.43 -0.75 -26.46
C GLN D 901 -56.66 0.36 -27.13
N MET D 902 -56.46 0.24 -28.43
CA MET D 902 -55.75 1.25 -29.20
C MET D 902 -56.53 2.55 -29.22
N ALA D 903 -57.85 2.43 -29.27
CA ALA D 903 -58.72 3.60 -29.23
C ALA D 903 -58.57 4.36 -27.92
N TYR D 904 -58.44 3.62 -26.83
CA TYR D 904 -58.25 4.24 -25.51
C TYR D 904 -56.91 4.95 -25.45
N ARG D 905 -55.90 4.36 -26.07
CA ARG D 905 -54.57 4.92 -26.07
C ARG D 905 -54.47 6.14 -26.99
N PHE D 906 -55.34 6.21 -27.99
CA PHE D 906 -55.45 7.40 -28.82
C PHE D 906 -56.03 8.57 -28.04
N ASN D 907 -57.07 8.29 -27.25
CA ASN D 907 -57.65 9.32 -26.40
C ASN D 907 -56.63 9.85 -25.41
N GLY D 908 -55.72 8.98 -24.99
CA GLY D 908 -54.69 9.33 -24.02
C GLY D 908 -53.68 10.34 -24.56
N ILE D 909 -53.66 10.53 -25.88
CA ILE D 909 -52.73 11.47 -26.49
C ILE D 909 -53.47 12.63 -27.14
N GLY D 910 -54.75 12.78 -26.81
CA GLY D 910 -55.54 13.91 -27.27
C GLY D 910 -56.10 13.73 -28.68
N VAL D 911 -56.23 12.49 -29.12
CA VAL D 911 -56.79 12.20 -30.44
C VAL D 911 -58.08 11.40 -30.28
N THR D 912 -59.14 11.83 -30.93
CA THR D 912 -60.44 11.20 -30.72
C THR D 912 -60.44 9.76 -31.22
N GLN D 913 -61.26 8.93 -30.60
CA GLN D 913 -61.27 7.49 -30.86
C GLN D 913 -61.78 7.13 -32.24
N ASN D 914 -62.53 8.03 -32.86
CA ASN D 914 -63.05 7.74 -34.19
C ASN D 914 -61.95 7.74 -35.21
N VAL D 915 -60.84 8.40 -34.88
CA VAL D 915 -59.68 8.45 -35.77
C VAL D 915 -59.06 7.07 -35.88
N LEU D 916 -59.07 6.33 -34.78
CA LEU D 916 -58.52 4.97 -34.75
C LEU D 916 -59.38 4.04 -35.59
N TYR D 917 -60.68 4.10 -35.39
CA TYR D 917 -61.59 3.16 -36.04
C TYR D 917 -61.73 3.41 -37.53
N GLU D 918 -61.63 4.68 -37.92
CA GLU D 918 -61.75 5.04 -39.33
C GLU D 918 -60.48 4.72 -40.10
N ASN D 919 -59.36 4.65 -39.40
CA ASN D 919 -58.07 4.38 -40.03
C ASN D 919 -57.48 3.09 -39.52
N GLN D 920 -58.32 2.17 -39.08
CA GLN D 920 -57.83 0.96 -38.42
C GLN D 920 -56.90 0.14 -39.30
N LYS D 921 -57.22 0.01 -40.58
CA LYS D 921 -56.40 -0.80 -41.48
C LYS D 921 -55.06 -0.14 -41.72
N LEU D 922 -55.06 1.17 -41.90
CA LEU D 922 -53.84 1.92 -42.12
C LEU D 922 -52.93 1.85 -40.90
N ILE D 923 -53.52 2.03 -39.72
CA ILE D 923 -52.77 2.03 -38.48
C ILE D 923 -52.17 0.66 -38.22
N ALA D 924 -52.94 -0.39 -38.43
CA ALA D 924 -52.45 -1.75 -38.26
C ALA D 924 -51.29 -2.03 -39.21
N ASN D 925 -51.40 -1.54 -40.44
CA ASN D 925 -50.33 -1.75 -41.42
C ASN D 925 -49.08 -0.97 -41.07
N GLN D 926 -49.24 0.27 -40.61
CA GLN D 926 -48.10 1.07 -40.22
C GLN D 926 -47.37 0.43 -39.05
N PHE D 927 -48.14 -0.12 -38.12
CA PHE D 927 -47.59 -0.83 -36.98
C PHE D 927 -46.81 -2.06 -37.42
N ASN D 928 -47.42 -2.87 -38.27
CA ASN D 928 -46.82 -4.13 -38.68
C ASN D 928 -45.50 -3.90 -39.42
N SER D 929 -45.46 -2.88 -40.26
CA SER D 929 -44.26 -2.56 -41.00
C SER D 929 -43.16 -2.05 -40.09
N ALA D 930 -43.54 -1.23 -39.11
CA ALA D 930 -42.57 -0.66 -38.19
C ALA D 930 -41.86 -1.75 -37.39
N ILE D 931 -42.61 -2.76 -36.98
CA ILE D 931 -42.02 -3.87 -36.24
C ILE D 931 -41.04 -4.64 -37.12
N GLY D 932 -41.43 -4.88 -38.37
CA GLY D 932 -40.55 -5.58 -39.31
C GLY D 932 -39.23 -4.83 -39.50
N LYS D 933 -39.30 -3.51 -39.53
CA LYS D 933 -38.11 -2.69 -39.68
C LYS D 933 -37.13 -2.89 -38.53
N ILE D 934 -37.66 -3.09 -37.34
CA ILE D 934 -36.82 -3.30 -36.17
C ILE D 934 -35.99 -4.56 -36.31
N GLN D 935 -36.63 -5.62 -36.77
CA GLN D 935 -35.94 -6.89 -36.96
C GLN D 935 -34.79 -6.74 -37.95
N ASP D 936 -35.04 -6.02 -39.03
CA ASP D 936 -34.03 -5.82 -40.07
C ASP D 936 -32.92 -4.89 -39.60
N SER D 937 -33.30 -3.85 -38.87
CA SER D 937 -32.33 -2.87 -38.40
C SER D 937 -31.30 -3.52 -37.50
N LEU D 938 -31.75 -4.34 -36.57
CA LEU D 938 -30.85 -5.02 -35.66
C LEU D 938 -29.98 -6.03 -36.40
N SER D 939 -30.57 -6.74 -37.36
CA SER D 939 -29.85 -7.77 -38.10
C SER D 939 -28.70 -7.18 -38.90
N SER D 940 -28.86 -5.95 -39.36
CA SER D 940 -27.88 -5.32 -40.23
C SER D 940 -27.04 -4.25 -39.52
N THR D 941 -27.12 -4.19 -38.19
CA THR D 941 -26.38 -3.16 -37.45
C THR D 941 -25.58 -3.76 -36.27
N PRO D 942 -24.31 -4.11 -36.51
CA PRO D 942 -23.39 -4.76 -35.58
C PRO D 942 -23.23 -4.00 -34.26
N SER D 943 -23.40 -2.68 -34.30
CA SER D 943 -23.18 -1.83 -33.14
C SER D 943 -24.44 -1.58 -32.33
N ALA D 944 -25.56 -2.14 -32.79
CA ALA D 944 -26.86 -1.84 -32.18
C ALA D 944 -26.89 -2.20 -30.70
N LEU D 945 -26.18 -3.26 -30.33
CA LEU D 945 -26.21 -3.75 -28.96
C LEU D 945 -24.89 -3.47 -28.25
N GLY D 946 -24.23 -2.40 -28.67
CA GLY D 946 -22.95 -2.03 -28.08
C GLY D 946 -23.04 -1.79 -26.57
N LYS D 947 -24.16 -1.23 -26.12
CA LYS D 947 -24.32 -0.93 -24.70
C LYS D 947 -24.24 -2.17 -23.83
N LEU D 948 -24.77 -3.28 -24.32
CA LEU D 948 -24.71 -4.53 -23.57
C LEU D 948 -23.35 -5.19 -23.71
N GLN D 949 -22.77 -5.05 -24.89
CA GLN D 949 -21.44 -5.61 -25.15
C GLN D 949 -20.38 -4.91 -24.32
N ASP D 950 -20.57 -3.61 -24.11
CA ASP D 950 -19.64 -2.82 -23.32
C ASP D 950 -19.53 -3.34 -21.90
N VAL D 951 -20.64 -3.79 -21.33
CA VAL D 951 -20.65 -4.31 -19.98
C VAL D 951 -19.85 -5.60 -19.93
N VAL D 952 -20.06 -6.45 -20.93
CA VAL D 952 -19.34 -7.71 -21.02
C VAL D 952 -17.84 -7.48 -21.18
N ASN D 953 -17.49 -6.52 -22.04
CA ASN D 953 -16.09 -6.24 -22.31
C ASN D 953 -15.38 -5.65 -21.11
N GLN D 954 -16.07 -4.79 -20.36
CA GLN D 954 -15.46 -4.15 -19.21
C GLN D 954 -15.15 -5.16 -18.11
N ASN D 955 -16.05 -6.10 -17.91
CA ASN D 955 -15.86 -7.11 -16.88
C ASN D 955 -14.74 -8.07 -17.27
N ALA D 956 -14.68 -8.43 -18.55
CA ALA D 956 -13.64 -9.30 -19.04
C ALA D 956 -12.28 -8.64 -18.93
N GLN D 957 -12.24 -7.34 -19.19
CA GLN D 957 -11.00 -6.59 -19.11
C GLN D 957 -10.47 -6.57 -17.70
N ALA D 958 -11.37 -6.43 -16.72
CA ALA D 958 -10.98 -6.36 -15.33
C ALA D 958 -10.40 -7.68 -14.84
N LEU D 959 -11.01 -8.79 -15.24
CA LEU D 959 -10.50 -10.10 -14.84
C LEU D 959 -9.18 -10.43 -15.49
N ASN D 960 -9.04 -10.07 -16.76
CA ASN D 960 -7.79 -10.34 -17.47
C ASN D 960 -6.65 -9.56 -16.84
N THR D 961 -6.93 -8.34 -16.44
CA THR D 961 -5.93 -7.51 -15.78
C THR D 961 -5.53 -8.11 -14.45
N LEU D 962 -6.52 -8.58 -13.69
CA LEU D 962 -6.27 -9.16 -12.38
C LEU D 962 -5.37 -10.38 -12.49
N VAL D 963 -5.61 -11.23 -13.48
CA VAL D 963 -4.79 -12.41 -13.66
C VAL D 963 -3.37 -12.06 -14.09
N LYS D 964 -3.23 -11.13 -15.01
CA LYS D 964 -1.93 -10.74 -15.51
C LYS D 964 -1.03 -10.18 -14.41
N GLN D 965 -1.63 -9.58 -13.39
CA GLN D 965 -0.86 -9.05 -12.27
C GLN D 965 -0.13 -10.13 -11.51
N LEU D 966 -0.51 -11.39 -11.71
CA LEU D 966 0.16 -12.49 -11.06
C LEU D 966 1.53 -12.74 -11.67
N SER D 967 1.80 -12.09 -12.79
CA SER D 967 3.07 -12.22 -13.47
C SER D 967 4.06 -11.16 -13.02
N SER D 968 3.61 -10.25 -12.17
CA SER D 968 4.46 -9.16 -11.70
C SER D 968 5.32 -9.59 -10.53
N ASN D 969 6.56 -9.09 -10.49
CA ASN D 969 7.47 -9.42 -9.40
C ASN D 969 7.23 -8.54 -8.18
N PHE D 970 6.83 -7.31 -8.40
CA PHE D 970 6.61 -6.37 -7.31
C PHE D 970 7.86 -6.17 -6.46
N GLY D 971 9.02 -6.39 -7.05
CA GLY D 971 10.29 -6.19 -6.37
C GLY D 971 10.93 -7.51 -5.92
N ALA D 972 10.16 -8.60 -6.01
CA ALA D 972 10.65 -9.91 -5.64
C ALA D 972 11.57 -10.48 -6.71
N ILE D 973 12.32 -11.51 -6.36
CA ILE D 973 13.20 -12.16 -7.33
C ILE D 973 12.42 -12.86 -8.43
N SER D 974 11.22 -13.31 -8.12
CA SER D 974 10.39 -14.01 -9.08
C SER D 974 8.91 -13.83 -8.77
N SER D 975 8.10 -13.78 -9.82
CA SER D 975 6.66 -13.72 -9.69
C SER D 975 6.11 -15.04 -9.19
N VAL D 976 6.91 -16.09 -9.30
CA VAL D 976 6.48 -17.43 -8.93
C VAL D 976 6.89 -17.77 -7.51
N LEU D 977 5.90 -18.02 -6.68
CA LEU D 977 6.12 -18.27 -5.27
C LEU D 977 6.91 -19.55 -5.03
N ASN D 978 6.67 -20.54 -5.89
CA ASN D 978 7.34 -21.82 -5.76
C ASN D 978 8.83 -21.71 -6.04
N ASP D 979 9.22 -20.74 -6.86
CA ASP D 979 10.63 -20.52 -7.14
C ASP D 979 11.32 -19.98 -5.90
N ILE D 980 10.64 -19.08 -5.21
CA ILE D 980 11.21 -18.48 -4.02
C ILE D 980 11.41 -19.52 -2.93
N LEU D 981 10.39 -20.34 -2.70
CA LEU D 981 10.43 -21.33 -1.64
C LEU D 981 11.44 -22.44 -1.90
N SER D 982 11.61 -22.82 -3.16
CA SER D 982 12.53 -23.90 -3.51
C SER D 982 13.97 -23.42 -3.53
N ARG D 983 14.22 -22.12 -3.69
CA ARG D 983 15.61 -21.64 -3.81
C ARG D 983 16.01 -21.01 -2.47
N LEU D 984 15.31 -19.96 -2.04
CA LEU D 984 15.68 -19.23 -0.81
C LEU D 984 15.23 -19.93 0.47
N CYS D 985 15.86 -19.62 1.60
CA CYS D 985 15.57 -20.26 2.91
C CYS D 985 14.59 -19.42 3.73
N PRO D 986 14.02 -19.89 4.87
CA PRO D 986 12.95 -19.17 5.57
C PRO D 986 13.08 -17.71 6.04
N PRO D 987 14.19 -17.23 6.63
CA PRO D 987 14.30 -15.80 6.95
C PRO D 987 14.25 -14.95 5.67
N GLU D 988 14.92 -15.39 4.59
CA GLU D 988 15.02 -14.58 3.35
C GLU D 988 13.87 -14.89 2.38
N ALA D 989 13.05 -15.88 2.69
CA ALA D 989 11.86 -16.14 1.85
C ALA D 989 10.78 -15.17 2.29
N GLU D 990 10.68 -14.92 3.60
CA GLU D 990 9.64 -14.07 4.20
C GLU D 990 9.81 -12.62 3.78
N VAL D 991 10.96 -12.27 3.21
CA VAL D 991 11.10 -10.93 2.65
C VAL D 991 10.58 -10.88 1.23
N GLN D 992 10.94 -11.89 0.44
CA GLN D 992 10.52 -11.94 -0.95
C GLN D 992 9.03 -12.18 -1.08
N ILE D 993 8.49 -13.00 -0.19
CA ILE D 993 7.08 -13.34 -0.23
C ILE D 993 6.24 -12.15 0.16
N ASP D 994 6.67 -11.44 1.19
CA ASP D 994 5.92 -10.28 1.65
C ASP D 994 5.74 -9.26 0.52
N ARG D 995 6.75 -9.14 -0.34
CA ARG D 995 6.66 -8.25 -1.48
C ARG D 995 5.56 -8.69 -2.45
N LEU D 996 5.46 -9.99 -2.66
CA LEU D 996 4.42 -10.52 -3.55
C LEU D 996 3.04 -10.39 -2.93
N ILE D 997 2.95 -10.60 -1.62
CA ILE D 997 1.68 -10.48 -0.94
C ILE D 997 1.17 -9.07 -1.01
N THR D 998 2.04 -8.10 -0.78
CA THR D 998 1.65 -6.71 -0.79
C THR D 998 1.11 -6.30 -2.15
N GLY D 999 1.81 -6.69 -3.21
CA GLY D 999 1.42 -6.33 -4.56
C GLY D 999 0.14 -7.03 -4.98
N ARG D 1000 0.02 -8.31 -4.63
CA ARG D 1000 -1.15 -9.08 -5.02
C ARG D 1000 -2.38 -8.67 -4.25
N LEU D 1001 -2.18 -8.29 -2.99
CA LEU D 1001 -3.28 -7.80 -2.18
C LEU D 1001 -3.77 -6.45 -2.70
N GLN D 1002 -2.84 -5.60 -3.09
CA GLN D 1002 -3.18 -4.30 -3.65
C GLN D 1002 -3.95 -4.44 -4.96
N SER D 1003 -3.53 -5.40 -5.78
CA SER D 1003 -4.17 -5.64 -7.06
C SER D 1003 -5.60 -6.09 -6.88
N LEU D 1004 -5.82 -6.94 -5.88
CA LEU D 1004 -7.14 -7.47 -5.61
C LEU D 1004 -8.06 -6.40 -5.03
N GLN D 1005 -7.53 -5.53 -4.17
CA GLN D 1005 -8.31 -4.44 -3.62
C GLN D 1005 -8.73 -3.46 -4.70
N THR D 1006 -7.84 -3.23 -5.67
CA THR D 1006 -8.16 -2.36 -6.79
C THR D 1006 -9.31 -2.93 -7.60
N TYR D 1007 -9.26 -4.22 -7.88
CA TYR D 1007 -10.31 -4.90 -8.60
C TYR D 1007 -11.66 -4.74 -7.91
N VAL D 1008 -11.69 -5.03 -6.62
CA VAL D 1008 -12.95 -4.98 -5.89
C VAL D 1008 -13.54 -3.59 -5.85
N THR D 1009 -12.71 -2.58 -5.64
CA THR D 1009 -13.19 -1.21 -5.61
C THR D 1009 -13.84 -0.84 -6.94
N GLN D 1010 -13.21 -1.22 -8.03
CA GLN D 1010 -13.74 -0.90 -9.35
C GLN D 1010 -15.07 -1.61 -9.61
N GLN D 1011 -15.21 -2.82 -9.08
CA GLN D 1011 -16.44 -3.58 -9.24
C GLN D 1011 -17.60 -2.96 -8.47
N LEU D 1012 -17.30 -2.37 -7.32
CA LEU D 1012 -18.33 -1.73 -6.52
C LEU D 1012 -18.85 -0.48 -7.21
N ILE D 1013 -17.95 0.26 -7.85
CA ILE D 1013 -18.34 1.45 -8.57
C ILE D 1013 -19.14 1.11 -9.82
N ARG D 1014 -18.70 0.09 -10.55
CA ARG D 1014 -19.44 -0.37 -11.72
C ARG D 1014 -20.79 -0.95 -11.34
N ALA D 1015 -20.84 -1.64 -10.20
CA ALA D 1015 -22.08 -2.22 -9.74
C ALA D 1015 -23.13 -1.14 -9.52
N ALA D 1016 -22.69 0.00 -9.01
CA ALA D 1016 -23.59 1.11 -8.75
C ALA D 1016 -24.20 1.63 -10.03
N GLU D 1017 -23.40 1.69 -11.09
CA GLU D 1017 -23.89 2.16 -12.38
C GLU D 1017 -24.93 1.21 -12.95
N ILE D 1018 -24.68 -0.08 -12.84
CA ILE D 1018 -25.62 -1.09 -13.31
C ILE D 1018 -26.91 -1.04 -12.51
N ARG D 1019 -26.80 -0.85 -11.20
CA ARG D 1019 -27.99 -0.77 -10.36
C ARG D 1019 -28.87 0.39 -10.78
N ALA D 1020 -28.26 1.53 -11.08
CA ALA D 1020 -29.00 2.69 -11.55
C ALA D 1020 -29.72 2.39 -12.85
N SER D 1021 -29.04 1.68 -13.74
CA SER D 1021 -29.63 1.29 -15.02
C SER D 1021 -30.81 0.34 -14.80
N ALA D 1022 -30.63 -0.62 -13.90
CA ALA D 1022 -31.68 -1.57 -13.57
C ALA D 1022 -32.89 -0.88 -12.95
N ASN D 1023 -32.64 0.16 -12.15
CA ASN D 1023 -33.72 0.92 -11.53
C ASN D 1023 -34.51 1.68 -12.58
N LEU D 1024 -33.81 2.17 -13.59
CA LEU D 1024 -34.44 2.87 -14.68
C LEU D 1024 -35.25 1.92 -15.54
N ALA D 1025 -34.67 0.74 -15.81
CA ALA D 1025 -35.36 -0.28 -16.59
C ALA D 1025 -36.63 -0.74 -15.89
N ALA D 1026 -36.57 -0.85 -14.58
CA ALA D 1026 -37.72 -1.25 -13.79
C ALA D 1026 -38.80 -0.18 -13.83
N THR D 1027 -38.39 1.08 -13.85
CA THR D 1027 -39.34 2.18 -13.94
C THR D 1027 -40.01 2.20 -15.30
N LYS D 1028 -39.23 1.98 -16.35
CA LYS D 1028 -39.77 1.93 -17.70
C LYS D 1028 -40.72 0.76 -17.87
N MET D 1029 -40.39 -0.36 -17.25
CA MET D 1029 -41.28 -1.50 -17.31
C MET D 1029 -42.64 -1.12 -16.72
N SER D 1030 -42.64 -0.45 -15.59
CA SER D 1030 -43.88 -0.06 -14.93
C SER D 1030 -44.64 0.99 -15.73
N GLU D 1031 -43.94 2.01 -16.22
CA GLU D 1031 -44.61 3.17 -16.78
C GLU D 1031 -44.83 3.12 -18.29
N CYS D 1032 -44.00 2.35 -19.01
CA CYS D 1032 -44.10 2.25 -20.46
C CYS D 1032 -44.84 0.99 -20.86
N VAL D 1033 -44.60 -0.09 -20.16
CA VAL D 1033 -45.23 -1.37 -20.51
C VAL D 1033 -46.55 -1.58 -19.79
N LEU D 1034 -46.59 -1.31 -18.48
CA LEU D 1034 -47.78 -1.57 -17.69
C LEU D 1034 -48.72 -0.36 -17.63
N GLY D 1035 -48.49 0.60 -18.52
CA GLY D 1035 -49.36 1.75 -18.62
C GLY D 1035 -48.96 2.65 -19.76
N GLN D 1036 -49.63 3.78 -19.88
CA GLN D 1036 -49.32 4.77 -20.91
C GLN D 1036 -48.76 6.01 -20.26
N SER D 1037 -47.55 6.39 -20.67
CA SER D 1037 -46.86 7.49 -20.01
C SER D 1037 -47.15 8.83 -20.66
N LYS D 1038 -47.22 9.87 -19.83
CA LYS D 1038 -47.36 11.24 -20.32
C LYS D 1038 -46.05 12.00 -20.13
N ARG D 1039 -45.01 11.29 -19.70
CA ARG D 1039 -43.71 11.90 -19.49
C ARG D 1039 -42.98 11.99 -20.82
N VAL D 1040 -42.58 13.21 -21.18
CA VAL D 1040 -41.98 13.45 -22.48
C VAL D 1040 -40.65 12.73 -22.64
N ASP D 1041 -40.52 12.02 -23.75
CA ASP D 1041 -39.30 11.31 -24.12
C ASP D 1041 -38.87 10.29 -23.09
N PHE D 1042 -39.80 9.86 -22.24
CA PHE D 1042 -39.49 8.77 -21.32
C PHE D 1042 -39.63 7.42 -22.00
N CYS D 1043 -40.68 7.29 -22.83
CA CYS D 1043 -41.00 6.04 -23.50
C CYS D 1043 -40.88 6.22 -25.02
N GLY D 1044 -39.80 6.85 -25.45
CA GLY D 1044 -39.55 7.05 -26.88
C GLY D 1044 -39.96 8.44 -27.33
N LYS D 1045 -39.56 8.80 -28.55
CA LYS D 1045 -39.88 10.10 -29.12
C LYS D 1045 -41.26 10.08 -29.77
N GLY D 1046 -42.05 11.12 -29.50
CA GLY D 1046 -43.42 11.19 -29.99
C GLY D 1046 -44.39 10.96 -28.84
N TYR D 1047 -45.66 10.83 -29.16
CA TYR D 1047 -46.66 10.63 -28.12
C TYR D 1047 -46.82 9.15 -27.84
N HIS D 1048 -46.52 8.75 -26.61
CA HIS D 1048 -46.48 7.34 -26.27
C HIS D 1048 -47.83 6.68 -26.40
N LEU D 1049 -47.87 5.53 -27.09
CA LEU D 1049 -49.06 4.71 -27.13
C LEU D 1049 -48.89 3.50 -26.24
N MET D 1050 -47.80 2.75 -26.47
CA MET D 1050 -47.54 1.53 -25.72
C MET D 1050 -46.11 1.05 -25.96
N SER D 1051 -45.66 0.11 -25.13
CA SER D 1051 -44.34 -0.47 -25.32
C SER D 1051 -44.33 -1.96 -25.07
N PHE D 1052 -43.35 -2.64 -25.66
CA PHE D 1052 -43.18 -4.08 -25.49
C PHE D 1052 -41.75 -4.41 -25.08
N PRO D 1053 -41.57 -5.18 -24.00
CA PRO D 1053 -40.31 -5.68 -23.52
C PRO D 1053 -39.82 -6.84 -24.36
N GLN D 1054 -38.50 -6.92 -24.51
CA GLN D 1054 -37.84 -8.09 -25.08
C GLN D 1054 -36.59 -8.38 -24.27
N SER D 1055 -36.35 -9.64 -23.95
CA SER D 1055 -35.18 -9.97 -23.14
C SER D 1055 -33.90 -9.91 -23.98
N ALA D 1056 -32.80 -9.63 -23.31
CA ALA D 1056 -31.49 -9.64 -23.93
C ALA D 1056 -30.47 -10.10 -22.90
N PRO D 1057 -29.30 -10.56 -23.34
CA PRO D 1057 -28.20 -10.95 -22.48
C PRO D 1057 -27.81 -9.82 -21.54
N HIS D 1058 -27.97 -10.05 -20.25
CA HIS D 1058 -27.62 -9.08 -19.23
C HIS D 1058 -28.34 -7.75 -19.38
N GLY D 1059 -29.51 -7.76 -20.02
CA GLY D 1059 -30.21 -6.52 -20.24
C GLY D 1059 -31.61 -6.70 -20.79
N VAL D 1060 -32.26 -5.57 -21.08
CA VAL D 1060 -33.62 -5.56 -21.60
C VAL D 1060 -33.73 -4.61 -22.78
N VAL D 1061 -34.56 -4.96 -23.73
CA VAL D 1061 -34.83 -4.10 -24.87
C VAL D 1061 -36.30 -3.70 -24.89
N PHE D 1062 -36.55 -2.40 -25.00
CA PHE D 1062 -37.92 -1.91 -25.06
C PHE D 1062 -38.25 -1.41 -26.46
N LEU D 1063 -39.34 -1.90 -27.01
CA LEU D 1063 -39.84 -1.41 -28.28
C LEU D 1063 -40.98 -0.45 -28.03
N HIS D 1064 -40.73 0.82 -28.29
CA HIS D 1064 -41.68 1.87 -27.96
C HIS D 1064 -42.50 2.25 -29.17
N VAL D 1065 -43.83 2.20 -29.03
CA VAL D 1065 -44.73 2.57 -30.10
C VAL D 1065 -45.29 3.96 -29.85
N THR D 1066 -45.00 4.89 -30.74
CA THR D 1066 -45.42 6.27 -30.54
C THR D 1066 -46.20 6.81 -31.72
N TYR D 1067 -46.99 7.85 -31.45
CA TYR D 1067 -47.74 8.56 -32.47
C TYR D 1067 -47.02 9.83 -32.87
N VAL D 1068 -46.77 9.97 -34.16
CA VAL D 1068 -46.10 11.16 -34.67
C VAL D 1068 -46.95 11.86 -35.74
N PRO D 1069 -47.28 13.12 -35.55
CA PRO D 1069 -47.94 14.00 -36.51
C PRO D 1069 -47.13 14.03 -37.79
N ALA D 1070 -47.81 14.00 -38.94
CA ALA D 1070 -47.08 13.78 -40.19
C ALA D 1070 -47.18 14.95 -41.18
N HIS D 1071 -48.40 15.30 -41.58
CA HIS D 1071 -48.55 16.23 -42.70
C HIS D 1071 -49.32 17.46 -42.30
N GLU D 1072 -48.61 18.47 -41.82
CA GLU D 1072 -49.25 19.67 -41.29
C GLU D 1072 -49.61 20.65 -42.39
N LYS D 1073 -50.65 21.45 -42.12
CA LYS D 1073 -51.04 22.53 -43.01
C LYS D 1073 -51.20 23.83 -42.23
N ASN D 1074 -51.00 24.95 -42.92
CA ASN D 1074 -51.21 26.28 -42.36
C ASN D 1074 -52.69 26.65 -42.35
N PHE D 1075 -53.18 27.15 -41.22
CA PHE D 1075 -54.54 27.68 -41.10
C PHE D 1075 -54.53 29.02 -40.37
N THR D 1076 -55.53 29.83 -40.62
CA THR D 1076 -55.72 31.05 -39.85
C THR D 1076 -56.50 30.73 -38.60
N THR D 1077 -56.13 31.35 -37.47
CA THR D 1077 -56.78 31.02 -36.21
C THR D 1077 -57.28 32.25 -35.47
N ALA D 1078 -58.01 32.01 -34.39
CA ALA D 1078 -58.52 33.06 -33.52
C ALA D 1078 -58.79 32.47 -32.14
N PRO D 1079 -58.56 33.23 -31.08
CA PRO D 1079 -58.74 32.86 -29.68
C PRO D 1079 -60.20 32.71 -29.31
N ALA D 1080 -61.08 33.39 -30.03
CA ALA D 1080 -62.50 33.36 -29.70
C ALA D 1080 -63.35 33.80 -30.89
N ILE D 1081 -64.62 33.43 -30.86
CA ILE D 1081 -65.59 33.88 -31.84
C ILE D 1081 -66.64 34.77 -31.18
N CYS D 1082 -66.94 35.90 -31.82
CA CYS D 1082 -67.96 36.83 -31.33
C CYS D 1082 -69.28 36.60 -32.06
N HIS D 1083 -70.34 36.35 -31.27
CA HIS D 1083 -71.65 36.11 -31.83
C HIS D 1083 -72.74 36.59 -30.87
N ASP D 1084 -73.65 37.41 -31.39
CA ASP D 1084 -74.71 37.97 -30.58
C ASP D 1084 -74.18 38.69 -29.34
N GLY D 1085 -73.01 39.31 -29.48
CA GLY D 1085 -72.43 40.10 -28.42
C GLY D 1085 -71.69 39.26 -27.38
N LYS D 1086 -71.67 37.95 -27.59
CA LYS D 1086 -71.04 37.03 -26.65
C LYS D 1086 -69.74 36.44 -27.21
N ALA D 1087 -68.76 36.23 -26.33
CA ALA D 1087 -67.51 35.60 -26.73
C ALA D 1087 -67.58 34.09 -26.55
N HIS D 1088 -67.22 33.35 -27.60
CA HIS D 1088 -67.27 31.90 -27.57
C HIS D 1088 -65.87 31.30 -27.65
N PHE D 1089 -65.62 30.28 -26.85
CA PHE D 1089 -64.35 29.58 -26.85
C PHE D 1089 -64.60 28.10 -27.15
N PRO D 1090 -63.64 27.39 -27.75
CA PRO D 1090 -63.68 25.97 -28.03
C PRO D 1090 -63.74 25.18 -26.73
N ARG D 1091 -64.54 24.12 -26.71
CA ARG D 1091 -64.57 23.27 -25.54
C ARG D 1091 -63.33 22.39 -25.46
N GLU D 1092 -62.94 21.81 -26.60
CA GLU D 1092 -61.85 20.86 -26.61
C GLU D 1092 -60.97 20.96 -27.86
N GLY D 1093 -61.09 22.06 -28.59
CA GLY D 1093 -60.35 22.20 -29.84
C GLY D 1093 -59.86 23.62 -30.06
N VAL D 1094 -59.58 23.94 -31.30
CA VAL D 1094 -59.08 25.25 -31.68
C VAL D 1094 -59.85 25.79 -32.89
N PHE D 1095 -60.13 27.08 -32.90
CA PHE D 1095 -60.83 27.68 -34.03
C PHE D 1095 -59.88 27.90 -35.19
N VAL D 1096 -60.28 27.43 -36.37
CA VAL D 1096 -59.47 27.57 -37.56
C VAL D 1096 -60.27 28.08 -38.73
N SER D 1097 -59.59 28.73 -39.66
CA SER D 1097 -60.22 29.18 -40.89
C SER D 1097 -59.42 28.71 -42.09
N ASN D 1098 -60.14 28.25 -43.12
CA ASN D 1098 -59.53 27.84 -44.38
C ASN D 1098 -59.45 28.99 -45.37
N GLY D 1099 -59.70 30.21 -44.89
CA GLY D 1099 -59.62 31.42 -45.68
C GLY D 1099 -61.01 32.00 -45.95
N THR D 1100 -62.04 31.19 -45.83
CA THR D 1100 -63.40 31.67 -46.07
C THR D 1100 -64.37 31.28 -44.97
N HIS D 1101 -64.16 30.12 -44.36
CA HIS D 1101 -65.09 29.62 -43.33
C HIS D 1101 -64.38 29.25 -42.05
N TRP D 1102 -65.07 29.46 -40.93
CA TRP D 1102 -64.53 29.10 -39.62
C TRP D 1102 -65.05 27.76 -39.13
N PHE D 1103 -64.14 26.97 -38.59
CA PHE D 1103 -64.44 25.66 -38.03
C PHE D 1103 -63.77 25.49 -36.69
N VAL D 1104 -64.13 24.45 -35.98
CA VAL D 1104 -63.41 24.06 -34.79
C VAL D 1104 -62.86 22.64 -34.96
N THR D 1105 -61.60 22.44 -34.59
CA THR D 1105 -60.96 21.15 -34.75
C THR D 1105 -60.22 20.72 -33.51
N GLN D 1106 -60.02 19.42 -33.36
CA GLN D 1106 -59.12 18.90 -32.35
C GLN D 1106 -57.70 19.28 -32.73
N ARG D 1107 -56.82 19.33 -31.75
CA ARG D 1107 -55.52 19.97 -31.91
C ARG D 1107 -54.48 19.12 -32.64
N ASN D 1108 -54.52 17.81 -32.43
CA ASN D 1108 -53.46 16.94 -32.94
C ASN D 1108 -53.82 16.25 -34.25
N PHE D 1109 -54.96 16.62 -34.80
CA PHE D 1109 -55.43 16.02 -36.03
C PHE D 1109 -56.48 16.90 -36.66
N TYR D 1110 -56.31 17.24 -37.93
CA TYR D 1110 -57.24 18.15 -38.57
C TYR D 1110 -58.53 17.45 -38.91
N GLU D 1111 -59.61 17.91 -38.27
CA GLU D 1111 -60.92 17.34 -38.46
C GLU D 1111 -61.98 18.41 -38.18
N PRO D 1112 -62.21 19.30 -39.15
CA PRO D 1112 -62.96 20.51 -39.02
C PRO D 1112 -64.44 20.23 -38.83
N GLN D 1113 -65.04 20.93 -37.88
CA GLN D 1113 -66.47 20.82 -37.64
C GLN D 1113 -67.11 22.19 -37.58
N ILE D 1114 -68.40 22.24 -37.87
CA ILE D 1114 -69.15 23.49 -37.79
C ILE D 1114 -69.19 23.98 -36.36
N ILE D 1115 -69.00 25.29 -36.19
CA ILE D 1115 -69.01 25.88 -34.86
C ILE D 1115 -70.43 26.03 -34.36
N THR D 1116 -70.72 25.38 -33.24
CA THR D 1116 -72.06 25.35 -32.68
C THR D 1116 -72.01 25.63 -31.20
N THR D 1117 -73.18 25.70 -30.58
CA THR D 1117 -73.27 25.90 -29.14
C THR D 1117 -72.90 24.63 -28.36
N ASP D 1118 -72.75 23.52 -29.08
CA ASP D 1118 -72.44 22.25 -28.44
C ASP D 1118 -70.94 22.02 -28.29
N ASN D 1119 -70.15 22.68 -29.13
CA ASN D 1119 -68.71 22.48 -29.11
C ASN D 1119 -67.97 23.75 -28.73
N THR D 1120 -68.72 24.72 -28.24
CA THR D 1120 -68.15 25.95 -27.70
C THR D 1120 -68.81 26.32 -26.39
N PHE D 1121 -68.19 27.24 -25.65
CA PHE D 1121 -68.82 27.77 -24.46
C PHE D 1121 -68.69 29.29 -24.43
N VAL D 1122 -69.58 29.93 -23.69
CA VAL D 1122 -69.62 31.38 -23.67
C VAL D 1122 -69.04 31.94 -22.38
N SER D 1123 -68.23 32.99 -22.53
CA SER D 1123 -67.74 33.71 -21.36
C SER D 1123 -67.52 35.19 -21.65
N GLY D 1124 -68.43 36.02 -21.13
CA GLY D 1124 -68.29 37.47 -21.24
C GLY D 1124 -68.68 38.00 -22.61
N ASN D 1125 -68.46 39.30 -22.80
CA ASN D 1125 -68.76 39.97 -24.07
C ASN D 1125 -67.51 39.99 -24.96
N CYS D 1126 -67.61 40.67 -26.11
CA CYS D 1126 -66.58 40.63 -27.14
C CYS D 1126 -65.57 41.76 -27.01
N ASP D 1127 -65.66 42.54 -25.94
CA ASP D 1127 -64.83 43.73 -25.79
C ASP D 1127 -63.47 43.47 -25.16
N VAL D 1128 -63.34 42.35 -24.45
CA VAL D 1128 -62.13 42.09 -23.68
C VAL D 1128 -61.07 41.32 -24.46
N VAL D 1129 -61.49 40.28 -25.16
CA VAL D 1129 -60.55 39.37 -25.81
C VAL D 1129 -59.92 39.98 -27.05
N ILE D 1130 -58.59 39.90 -27.12
CA ILE D 1130 -57.84 40.42 -28.25
C ILE D 1130 -57.76 39.40 -29.37
N GLY D 1131 -58.19 39.78 -30.56
CA GLY D 1131 -58.11 38.91 -31.72
C GLY D 1131 -59.40 38.14 -31.95
N ILE D 1132 -60.45 38.51 -31.24
CA ILE D 1132 -61.75 37.88 -31.42
C ILE D 1132 -62.32 38.22 -32.79
N VAL D 1133 -62.90 37.23 -33.46
CA VAL D 1133 -63.42 37.45 -34.80
C VAL D 1133 -64.93 37.23 -34.85
N ASN D 1134 -65.59 37.88 -35.81
CA ASN D 1134 -67.03 37.78 -36.01
C ASN D 1134 -67.38 36.56 -36.86
N ASN D 1135 -68.20 35.66 -36.31
CA ASN D 1135 -68.67 34.48 -37.02
C ASN D 1135 -69.97 33.95 -36.44
N THR D 1136 -70.71 33.18 -37.22
CA THR D 1136 -71.95 32.58 -36.76
C THR D 1136 -71.71 31.38 -35.88
N VAL D 1137 -72.44 31.31 -34.77
CA VAL D 1137 -72.45 30.12 -33.93
C VAL D 1137 -73.82 29.48 -33.98
N TYR D 1138 -73.88 28.24 -34.45
CA TYR D 1138 -75.15 27.60 -34.72
C TYR D 1138 -75.74 26.94 -33.49
N ASP D 1139 -77.04 27.11 -33.31
CA ASP D 1139 -77.78 26.45 -32.24
C ASP D 1139 -78.70 25.38 -32.82
N PRO D 1140 -78.35 24.09 -32.65
CA PRO D 1140 -78.99 22.92 -33.22
C PRO D 1140 -80.49 22.84 -32.96
N LEU D 1141 -80.94 23.52 -31.91
CA LEU D 1141 -82.36 23.46 -31.56
C LEU D 1141 -83.15 24.51 -32.30
N GLN D 1142 -82.44 25.51 -32.81
CA GLN D 1142 -83.08 26.63 -33.49
C GLN D 1142 -84.06 26.19 -34.59
N PRO D 1143 -83.63 25.38 -35.58
CA PRO D 1143 -84.45 24.87 -36.67
C PRO D 1143 -85.47 23.86 -36.21
N GLU D 1144 -85.22 23.21 -35.08
CA GLU D 1144 -86.18 22.27 -34.51
C GLU D 1144 -87.34 23.02 -33.87
N LEU D 1145 -87.04 24.18 -33.29
CA LEU D 1145 -88.03 25.04 -32.65
C LEU D 1145 -87.72 26.51 -32.95
N SER E 1 28.57 -53.07 -65.75
CA SER E 1 29.80 -52.31 -65.62
C SER E 1 29.98 -51.37 -66.81
N TYR E 2 30.85 -50.36 -66.63
CA TYR E 2 31.14 -49.38 -67.68
C TYR E 2 32.13 -49.94 -68.71
N GLU E 3 31.75 -49.86 -69.98
CA GLU E 3 32.58 -50.37 -71.06
C GLU E 3 33.83 -49.52 -71.26
N LEU E 4 35.00 -50.16 -71.23
CA LEU E 4 36.27 -49.47 -71.44
C LEU E 4 37.25 -50.37 -72.18
N THR E 5 37.80 -49.86 -73.28
CA THR E 5 38.66 -50.67 -74.14
C THR E 5 40.10 -50.19 -74.18
N GLN E 6 41.01 -51.12 -74.01
CA GLN E 6 42.44 -50.87 -74.15
C GLN E 6 43.03 -51.81 -75.22
N PRO E 7 44.12 -51.40 -75.87
CA PRO E 7 45.01 -52.23 -76.66
C PRO E 7 45.59 -53.32 -75.78
N PRO E 8 45.77 -54.53 -76.33
CA PRO E 8 46.29 -55.71 -75.64
C PRO E 8 47.76 -55.56 -75.25
N SER E 9 48.50 -54.75 -76.01
CA SER E 9 49.92 -54.57 -75.73
C SER E 9 50.51 -53.37 -76.46
N VAL E 10 51.61 -52.87 -75.92
CA VAL E 10 52.44 -51.86 -76.57
C VAL E 10 53.91 -52.25 -76.46
N SER E 11 54.66 -52.11 -77.56
CA SER E 11 56.06 -52.48 -77.55
C SER E 11 56.94 -51.37 -78.10
N VAL E 12 57.85 -50.88 -77.26
CA VAL E 12 58.75 -49.81 -77.66
C VAL E 12 60.20 -50.15 -77.32
N SER E 13 61.13 -49.47 -77.96
CA SER E 13 62.53 -49.56 -77.58
C SER E 13 62.79 -48.59 -76.42
N PRO E 14 63.80 -48.87 -75.59
CA PRO E 14 64.22 -48.03 -74.49
C PRO E 14 64.63 -46.66 -75.00
N GLY E 15 64.13 -45.63 -74.35
CA GLY E 15 64.41 -44.25 -74.75
C GLY E 15 63.30 -43.67 -75.62
N GLN E 16 62.40 -44.53 -76.10
CA GLN E 16 61.29 -44.09 -76.94
C GLN E 16 60.08 -43.73 -76.10
N THR E 17 59.05 -43.17 -76.74
CA THR E 17 57.84 -42.81 -76.03
C THR E 17 56.74 -43.84 -76.24
N ALA E 18 56.20 -44.34 -75.14
CA ALA E 18 55.09 -45.30 -75.20
C ALA E 18 53.76 -44.57 -75.12
N SER E 19 52.78 -45.06 -75.87
CA SER E 19 51.44 -44.46 -75.86
C SER E 19 50.36 -45.52 -75.72
N ILE E 20 49.67 -45.50 -74.59
CA ILE E 20 48.62 -46.47 -74.32
C ILE E 20 47.25 -45.80 -74.31
N THR E 21 46.38 -46.21 -75.21
CA THR E 21 45.08 -45.56 -75.36
C THR E 21 44.02 -46.24 -74.48
N CYS E 22 42.90 -45.55 -74.25
CA CYS E 22 41.76 -46.05 -73.50
C CYS E 22 40.46 -45.44 -74.01
N SER E 23 39.61 -46.23 -74.63
CA SER E 23 38.41 -45.73 -75.28
C SER E 23 37.15 -46.08 -74.50
N GLY E 24 36.28 -45.11 -74.32
CA GLY E 24 35.00 -45.32 -73.67
C GLY E 24 33.88 -44.56 -74.37
N ASP E 25 32.70 -44.54 -73.77
CA ASP E 25 31.57 -43.84 -74.37
C ASP E 25 31.45 -42.41 -73.83
N LYS E 26 31.83 -42.22 -72.57
CA LYS E 26 31.63 -40.94 -71.90
C LYS E 26 32.89 -40.46 -71.19
N LEU E 27 34.06 -40.80 -71.71
CA LEU E 27 35.31 -40.36 -71.08
C LEU E 27 35.51 -38.87 -71.25
N GLY E 28 34.75 -38.26 -72.15
CA GLY E 28 34.83 -36.82 -72.36
C GLY E 28 34.01 -36.07 -71.32
N GLU E 29 33.22 -36.80 -70.54
CA GLU E 29 32.36 -36.20 -69.53
C GLU E 29 32.88 -36.46 -68.11
N THR E 30 33.52 -37.61 -67.92
CA THR E 30 34.02 -38.00 -66.61
C THR E 30 35.55 -37.94 -66.56
N TYR E 31 36.11 -38.38 -65.44
CA TYR E 31 37.56 -38.42 -65.29
C TYR E 31 38.11 -39.82 -65.49
N ALA E 32 39.28 -39.91 -66.09
CA ALA E 32 39.97 -41.19 -66.25
C ALA E 32 41.17 -41.28 -65.31
N SER E 33 41.56 -42.50 -64.97
CA SER E 33 42.75 -42.73 -64.17
C SER E 33 43.53 -43.94 -64.69
N TRP E 34 44.81 -44.00 -64.34
CA TRP E 34 45.66 -45.09 -64.78
C TRP E 34 46.44 -45.73 -63.63
N TYR E 35 46.57 -47.05 -63.68
CA TYR E 35 47.33 -47.80 -62.70
C TYR E 35 48.41 -48.64 -63.37
N GLN E 36 49.55 -48.76 -62.72
CA GLN E 36 50.64 -49.60 -63.24
C GLN E 36 50.88 -50.80 -62.34
N GLN E 37 50.69 -52.00 -62.89
CA GLN E 37 50.84 -53.21 -62.11
C GLN E 37 52.00 -54.07 -62.60
N LYS E 38 52.94 -54.33 -61.69
CA LYS E 38 54.03 -55.25 -61.99
C LYS E 38 53.62 -56.66 -61.55
N PRO E 39 54.19 -57.71 -62.15
CA PRO E 39 53.98 -59.10 -61.83
C PRO E 39 54.20 -59.37 -60.35
N GLY E 40 53.21 -59.99 -59.71
CA GLY E 40 53.32 -60.38 -58.31
C GLY E 40 53.09 -59.21 -57.35
N GLN E 41 52.69 -58.06 -57.88
CA GLN E 41 52.51 -56.88 -57.04
C GLN E 41 51.14 -56.23 -57.24
N SER E 42 50.67 -55.53 -56.21
CA SER E 42 49.47 -54.69 -56.30
C SER E 42 49.74 -53.52 -57.23
N PRO E 43 48.70 -53.02 -57.92
CA PRO E 43 48.73 -51.89 -58.83
C PRO E 43 49.02 -50.59 -58.09
N ILE E 44 49.75 -49.70 -58.75
CA ILE E 44 50.05 -48.38 -58.21
C ILE E 44 49.44 -47.29 -59.06
N LEU E 45 48.76 -46.34 -58.41
CA LEU E 45 48.15 -45.23 -59.14
C LEU E 45 49.22 -44.34 -59.74
N VAL E 46 49.13 -44.12 -61.05
CA VAL E 46 50.09 -43.29 -61.76
C VAL E 46 49.49 -41.95 -62.16
N ILE E 47 48.26 -42.00 -62.70
CA ILE E 47 47.56 -40.80 -63.11
C ILE E 47 46.13 -40.79 -62.59
N TYR E 48 45.71 -39.67 -62.02
CA TYR E 48 44.33 -39.50 -61.59
C TYR E 48 43.76 -38.22 -62.17
N GLN E 49 42.43 -38.16 -62.28
CA GLN E 49 41.77 -36.96 -62.81
C GLN E 49 42.41 -36.53 -64.12
N ASP E 50 42.54 -37.47 -65.05
CA ASP E 50 43.04 -37.23 -66.40
C ASP E 50 44.55 -37.03 -66.49
N ASN E 51 45.07 -36.02 -65.79
CA ASN E 51 46.48 -35.65 -65.98
C ASN E 51 47.23 -35.27 -64.71
N LYS E 52 46.79 -35.76 -63.55
CA LYS E 52 47.49 -35.43 -62.31
C LYS E 52 48.28 -36.62 -61.79
N ARG E 53 49.52 -36.37 -61.39
CA ARG E 53 50.36 -37.41 -60.78
C ARG E 53 50.30 -37.35 -59.26
N PRO E 54 50.25 -38.52 -58.60
CA PRO E 54 50.54 -38.73 -57.20
C PRO E 54 51.99 -38.46 -56.91
N SER E 55 52.30 -38.02 -55.70
CA SER E 55 53.69 -37.82 -55.31
C SER E 55 54.46 -39.12 -55.41
N GLY E 56 55.68 -39.06 -55.93
CA GLY E 56 56.51 -40.24 -56.06
C GLY E 56 56.49 -40.80 -57.48
N ILE E 57 55.55 -40.34 -58.30
CA ILE E 57 55.46 -40.79 -59.69
C ILE E 57 56.36 -39.94 -60.60
N PRO E 58 57.28 -40.57 -61.33
CA PRO E 58 58.23 -39.97 -62.24
C PRO E 58 57.56 -39.07 -63.27
N GLU E 59 58.25 -37.99 -63.63
CA GLU E 59 57.74 -37.01 -64.58
C GLU E 59 57.60 -37.61 -65.98
N ARG E 60 58.11 -38.82 -66.15
CA ARG E 60 57.99 -39.53 -67.42
C ARG E 60 56.53 -39.81 -67.76
N PHE E 61 55.71 -39.88 -66.72
CA PHE E 61 54.29 -40.24 -66.88
C PHE E 61 53.40 -39.03 -67.04
N SER E 62 52.66 -39.00 -68.14
CA SER E 62 51.69 -37.94 -68.41
C SER E 62 50.49 -38.54 -69.12
N GLY E 63 49.47 -37.72 -69.39
CA GLY E 63 48.29 -38.22 -70.06
C GLY E 63 47.29 -37.11 -70.36
N SER E 64 46.20 -37.49 -71.01
CA SER E 64 45.15 -36.55 -71.39
C SER E 64 43.83 -37.27 -71.63
N ASN E 65 42.76 -36.50 -71.79
CA ASN E 65 41.44 -37.07 -72.00
C ASN E 65 40.56 -36.14 -72.81
N SER E 66 40.29 -36.52 -74.06
CA SER E 66 39.46 -35.71 -74.96
C SER E 66 38.75 -36.59 -75.98
N GLU E 67 37.61 -36.10 -76.47
CA GLU E 67 36.85 -36.82 -77.50
C GLU E 67 36.58 -38.26 -77.09
N ASN E 68 36.27 -38.47 -75.81
CA ASN E 68 35.94 -39.78 -75.26
C ASN E 68 37.10 -40.78 -75.35
N THR E 69 38.31 -40.28 -75.53
CA THR E 69 39.50 -41.13 -75.50
C THR E 69 40.54 -40.61 -74.51
N ALA E 70 41.01 -41.49 -73.64
CA ALA E 70 42.04 -41.15 -72.68
C ALA E 70 43.33 -41.87 -73.04
N THR E 71 44.46 -41.22 -72.76
CA THR E 71 45.75 -41.83 -73.06
C THR E 71 46.73 -41.67 -71.92
N LEU E 72 47.65 -42.64 -71.82
CA LEU E 72 48.82 -42.53 -70.96
C LEU E 72 50.08 -42.52 -71.81
N THR E 73 50.95 -41.55 -71.56
CA THR E 73 52.19 -41.44 -72.31
C THR E 73 53.41 -41.55 -71.39
N ILE E 74 54.38 -42.33 -71.82
CA ILE E 74 55.64 -42.44 -71.09
C ILE E 74 56.79 -41.92 -71.93
N SER E 75 57.35 -40.78 -71.53
CA SER E 75 58.43 -40.15 -72.27
C SER E 75 59.78 -40.65 -71.77
N GLY E 76 60.62 -41.11 -72.69
CA GLY E 76 61.91 -41.67 -72.31
C GLY E 76 61.71 -42.99 -71.58
N THR E 77 60.86 -43.85 -72.13
CA THR E 77 60.50 -45.09 -71.48
C THR E 77 61.72 -45.88 -71.08
N GLN E 78 61.73 -46.31 -69.82
CA GLN E 78 62.84 -47.08 -69.27
C GLN E 78 62.50 -48.55 -69.25
N THR E 79 63.52 -49.40 -69.12
CA THR E 79 63.31 -50.84 -69.05
C THR E 79 62.65 -51.23 -67.74
N MET E 80 62.61 -50.30 -66.80
CA MET E 80 61.97 -50.52 -65.51
C MET E 80 60.49 -50.15 -65.55
N ASP E 81 60.04 -49.66 -66.70
CA ASP E 81 58.65 -49.26 -66.87
C ASP E 81 57.80 -50.40 -67.43
N GLU E 82 58.40 -51.57 -67.57
CA GLU E 82 57.66 -52.74 -68.04
C GLU E 82 56.60 -53.13 -67.02
N ALA E 83 55.34 -53.17 -67.46
CA ALA E 83 54.22 -53.44 -66.56
C ALA E 83 52.92 -53.58 -67.33
N ASP E 84 51.89 -54.07 -66.65
CA ASP E 84 50.54 -54.07 -67.20
C ASP E 84 49.81 -52.81 -66.78
N TYR E 85 49.44 -51.98 -67.74
CA TYR E 85 48.81 -50.71 -67.47
C TYR E 85 47.30 -50.80 -67.63
N TYR E 86 46.57 -50.32 -66.63
CA TYR E 86 45.12 -50.35 -66.67
C TYR E 86 44.53 -48.95 -66.56
N CYS E 87 43.45 -48.70 -67.30
CA CYS E 87 42.71 -47.45 -67.20
C CYS E 87 41.38 -47.69 -66.50
N GLN E 88 40.89 -46.67 -65.80
CA GLN E 88 39.61 -46.73 -65.12
C GLN E 88 38.82 -45.45 -65.32
N ALA E 89 37.50 -45.59 -65.38
CA ALA E 89 36.63 -44.42 -65.45
C ALA E 89 35.33 -44.71 -64.74
N TRP E 90 34.78 -43.69 -64.08
CA TRP E 90 33.52 -43.83 -63.37
C TRP E 90 32.38 -43.14 -64.10
N ASP E 91 31.37 -43.92 -64.49
CA ASP E 91 30.19 -43.37 -65.12
C ASP E 91 29.08 -43.16 -64.11
N LYS E 92 29.08 -42.02 -63.44
CA LYS E 92 28.07 -41.75 -62.41
C LYS E 92 27.93 -42.93 -61.45
N THR E 93 29.02 -43.27 -60.78
CA THR E 93 29.12 -44.34 -59.76
C THR E 93 29.26 -45.74 -60.35
N ILE E 94 29.20 -45.86 -61.68
CA ILE E 94 29.41 -47.15 -62.31
C ILE E 94 30.88 -47.35 -62.66
N ALA E 95 31.50 -48.33 -62.02
CA ALA E 95 32.93 -48.59 -62.18
C ALA E 95 33.19 -49.34 -63.47
N GLY E 96 34.45 -49.30 -63.91
CA GLY E 96 34.91 -50.08 -65.03
C GLY E 96 36.41 -49.96 -65.21
N PHE E 97 37.07 -51.07 -65.51
CA PHE E 97 38.48 -51.09 -65.87
C PHE E 97 38.63 -51.61 -67.29
N GLY E 98 39.71 -51.19 -67.96
CA GLY E 98 40.01 -51.72 -69.28
C GLY E 98 40.62 -53.11 -69.16
N GLY E 99 40.81 -53.78 -70.30
CA GLY E 99 41.34 -55.14 -70.32
C GLY E 99 42.80 -55.19 -69.90
N GLY E 100 43.48 -54.05 -69.98
CA GLY E 100 44.88 -53.96 -69.58
C GLY E 100 45.81 -54.01 -70.77
N THR E 101 46.84 -53.18 -70.74
CA THR E 101 47.81 -53.13 -71.82
C THR E 101 49.17 -53.60 -71.33
N LYS E 102 49.72 -54.63 -71.96
CA LYS E 102 51.04 -55.11 -71.58
C LYS E 102 52.11 -54.29 -72.30
N LEU E 103 52.86 -53.50 -71.54
CA LEU E 103 53.89 -52.65 -72.12
C LEU E 103 55.27 -53.25 -71.91
N THR E 104 55.95 -53.53 -73.02
CA THR E 104 57.30 -54.07 -72.97
C THR E 104 58.29 -53.04 -73.52
N VAL E 105 59.56 -53.20 -73.16
CA VAL E 105 60.61 -52.25 -73.55
C VAL E 105 61.85 -53.00 -74.04
N GLN F 1 51.39 -43.00 -42.14
CA GLN F 1 50.97 -43.24 -43.52
C GLN F 1 49.68 -44.05 -43.58
N ILE F 2 49.18 -44.30 -44.79
CA ILE F 2 47.94 -45.05 -45.01
C ILE F 2 48.24 -46.44 -45.55
N THR F 3 47.68 -47.45 -44.89
CA THR F 3 47.87 -48.84 -45.30
C THR F 3 46.60 -49.65 -45.10
N LEU F 4 46.44 -50.68 -45.92
CA LEU F 4 45.30 -51.59 -45.82
C LEU F 4 45.76 -53.04 -45.92
N LYS F 5 45.18 -53.91 -45.09
CA LYS F 5 45.56 -55.33 -45.08
C LYS F 5 44.35 -56.25 -45.19
N GLU F 6 44.33 -57.06 -46.24
CA GLU F 6 43.28 -58.03 -46.46
C GLU F 6 43.51 -59.30 -45.66
N SER F 7 42.43 -59.87 -45.12
CA SER F 7 42.50 -61.17 -44.47
C SER F 7 41.20 -61.95 -44.64
N GLY F 8 41.29 -63.26 -44.50
CA GLY F 8 40.12 -64.13 -44.60
C GLY F 8 40.49 -65.44 -45.28
N PRO F 9 39.52 -66.33 -45.47
CA PRO F 9 39.65 -67.65 -46.06
C PRO F 9 40.26 -67.58 -47.44
N THR F 10 41.18 -68.49 -47.73
CA THR F 10 41.84 -68.54 -49.03
C THR F 10 41.28 -69.68 -49.87
N LEU F 11 40.32 -70.40 -49.29
CA LEU F 11 39.68 -71.50 -49.98
C LEU F 11 38.25 -71.68 -49.51
N VAL F 12 37.32 -71.66 -50.45
CA VAL F 12 35.93 -71.96 -50.17
C VAL F 12 35.39 -72.94 -51.19
N LYS F 13 34.34 -73.66 -50.82
CA LYS F 13 33.69 -74.55 -51.77
C LYS F 13 32.62 -73.79 -52.55
N PRO F 14 32.20 -74.32 -53.69
CA PRO F 14 31.08 -73.85 -54.47
C PRO F 14 29.85 -73.76 -53.59
N THR F 15 29.04 -72.73 -53.82
CA THR F 15 27.78 -72.46 -53.12
C THR F 15 27.99 -71.94 -51.69
N GLN F 16 29.24 -71.88 -51.24
CA GLN F 16 29.53 -71.34 -49.92
C GLN F 16 29.70 -69.82 -49.96
N THR F 17 29.57 -69.20 -48.80
CA THR F 17 29.71 -67.75 -48.69
C THR F 17 31.09 -67.37 -48.17
N LEU F 18 31.72 -66.42 -48.83
CA LEU F 18 33.04 -65.94 -48.44
C LEU F 18 32.98 -64.61 -47.74
N THR F 19 33.66 -64.50 -46.61
CA THR F 19 33.77 -63.23 -45.92
C THR F 19 35.22 -62.74 -45.89
N LEU F 20 35.44 -61.54 -46.42
CA LEU F 20 36.76 -60.94 -46.41
C LEU F 20 36.77 -59.67 -45.56
N THR F 21 37.82 -59.53 -44.77
CA THR F 21 37.95 -58.36 -43.90
C THR F 21 39.17 -57.52 -44.28
N CYS F 22 38.97 -56.21 -44.42
CA CYS F 22 40.04 -55.26 -44.69
C CYS F 22 40.37 -54.46 -43.45
N LYS F 23 41.54 -54.70 -42.87
CA LYS F 23 42.00 -53.99 -41.70
C LYS F 23 42.83 -52.79 -42.12
N LEU F 24 42.40 -51.60 -41.75
CA LEU F 24 43.05 -50.40 -42.22
C LEU F 24 43.67 -49.57 -41.10
N SER F 25 44.70 -48.81 -41.46
CA SER F 25 45.37 -47.93 -40.51
C SER F 25 45.84 -46.65 -41.20
N GLY F 26 45.96 -45.58 -40.41
CA GLY F 26 46.35 -44.28 -40.92
C GLY F 26 45.12 -43.38 -41.11
N PHE F 27 43.95 -44.00 -41.05
CA PHE F 27 42.69 -43.29 -41.19
C PHE F 27 41.58 -44.08 -40.52
N SER F 28 40.46 -43.42 -40.25
CA SER F 28 39.32 -44.11 -39.65
C SER F 28 38.15 -44.21 -40.62
N VAL F 29 37.38 -45.28 -40.47
CA VAL F 29 36.22 -45.51 -41.33
C VAL F 29 35.11 -44.51 -41.03
N ASN F 30 35.23 -43.80 -39.91
CA ASN F 30 34.22 -42.85 -39.47
C ASN F 30 34.55 -41.42 -39.90
N THR F 31 35.67 -41.26 -40.60
CA THR F 31 36.14 -39.94 -40.99
C THR F 31 35.52 -39.48 -42.31
N GLY F 32 35.06 -38.24 -42.33
CA GLY F 32 34.42 -37.69 -43.51
C GLY F 32 35.37 -37.70 -44.70
N GLY F 33 34.85 -38.08 -45.87
CA GLY F 33 35.64 -38.12 -47.09
C GLY F 33 36.26 -39.50 -47.31
N VAL F 34 36.15 -40.38 -46.32
CA VAL F 34 36.73 -41.70 -46.41
C VAL F 34 35.80 -42.71 -47.07
N GLY F 35 36.37 -43.54 -47.94
CA GLY F 35 35.67 -44.65 -48.54
C GLY F 35 36.63 -45.81 -48.79
N VAL F 36 36.10 -47.03 -48.75
CA VAL F 36 36.91 -48.22 -49.01
C VAL F 36 36.23 -49.14 -50.01
N GLY F 37 36.96 -49.46 -51.08
CA GLY F 37 36.40 -50.31 -52.13
C GLY F 37 37.07 -51.67 -52.18
N TRP F 38 36.35 -52.63 -52.76
CA TRP F 38 36.87 -53.97 -52.99
C TRP F 38 36.93 -54.27 -54.48
N ILE F 39 38.05 -54.82 -54.91
CA ILE F 39 38.27 -55.17 -56.31
C ILE F 39 38.85 -56.58 -56.40
N ARG F 40 38.49 -57.31 -57.44
CA ARG F 40 39.04 -58.65 -57.63
C ARG F 40 39.76 -58.76 -58.96
N GLN F 41 40.79 -59.60 -58.99
CA GLN F 41 41.54 -59.84 -60.22
C GLN F 41 41.86 -61.32 -60.40
N PRO F 42 41.09 -62.01 -61.24
CA PRO F 42 41.29 -63.39 -61.66
C PRO F 42 42.67 -63.50 -62.31
N PRO F 43 43.33 -64.65 -62.21
CA PRO F 43 44.63 -64.94 -62.76
C PRO F 43 44.70 -64.61 -64.24
N GLY F 44 45.60 -63.71 -64.60
CA GLY F 44 45.83 -63.35 -66.00
C GLY F 44 44.75 -62.43 -66.56
N LYS F 45 43.88 -61.93 -65.69
CA LYS F 45 42.75 -61.10 -66.14
C LYS F 45 42.83 -59.67 -65.61
N ALA F 46 41.96 -58.82 -66.16
CA ALA F 46 41.86 -57.42 -65.74
C ALA F 46 41.12 -57.30 -64.42
N LEU F 47 41.26 -56.13 -63.78
CA LEU F 47 40.63 -55.88 -62.49
C LEU F 47 39.14 -55.62 -62.65
N GLU F 48 38.35 -56.12 -61.70
CA GLU F 48 36.91 -55.89 -61.68
C GLU F 48 36.47 -55.32 -60.34
N TRP F 49 35.82 -54.15 -60.38
CA TRP F 49 35.35 -53.51 -59.16
C TRP F 49 34.08 -54.19 -58.65
N LEU F 50 34.02 -54.42 -57.34
CA LEU F 50 32.88 -55.10 -56.74
C LEU F 50 31.95 -54.13 -56.03
N ALA F 51 32.49 -53.44 -55.01
CA ALA F 51 31.68 -52.57 -54.17
C ALA F 51 32.55 -51.64 -53.35
N LEU F 52 31.97 -50.52 -52.90
CA LEU F 52 32.66 -49.66 -51.93
C LEU F 52 31.69 -49.05 -50.94
N ILE F 53 32.18 -48.81 -49.72
CA ILE F 53 31.38 -48.22 -48.67
C ILE F 53 31.92 -46.86 -48.25
N TYR F 54 31.00 -45.92 -48.02
CA TYR F 54 31.36 -44.58 -47.60
C TYR F 54 31.28 -44.43 -46.09
N TRP F 55 32.02 -43.47 -45.55
CA TRP F 55 32.00 -43.16 -44.12
C TRP F 55 30.59 -42.95 -43.58
N ASN F 56 29.66 -42.58 -44.47
CA ASN F 56 28.29 -42.30 -44.07
C ASN F 56 27.35 -43.48 -44.32
N ASP F 57 27.93 -44.66 -44.49
CA ASP F 57 27.19 -45.91 -44.65
C ASP F 57 26.46 -46.01 -45.99
N ASP F 58 26.71 -45.05 -46.88
CA ASP F 58 26.22 -45.19 -48.25
C ASP F 58 27.05 -46.23 -48.97
N LYS F 59 26.48 -46.92 -49.94
CA LYS F 59 27.16 -48.03 -50.57
C LYS F 59 26.91 -48.11 -52.06
N LEU F 60 27.94 -48.50 -52.81
CA LEU F 60 27.84 -48.73 -54.24
C LEU F 60 28.19 -50.17 -54.56
N TYR F 61 27.45 -50.77 -55.48
CA TYR F 61 27.72 -52.13 -55.93
C TYR F 61 27.69 -52.24 -57.44
N SER F 62 28.51 -53.13 -57.99
CA SER F 62 28.45 -53.44 -59.41
C SER F 62 27.15 -54.16 -59.74
N PRO F 63 26.31 -53.61 -60.64
CA PRO F 63 25.00 -54.09 -61.02
C PRO F 63 24.97 -55.58 -61.35
N SER F 64 26.04 -56.10 -61.95
CA SER F 64 26.09 -57.49 -62.35
C SER F 64 26.36 -58.44 -61.19
N LEU F 65 26.87 -57.91 -60.09
CA LEU F 65 27.22 -58.72 -58.93
C LEU F 65 26.45 -58.32 -57.69
N LYS F 66 25.73 -57.20 -57.78
CA LYS F 66 25.05 -56.62 -56.62
C LYS F 66 24.25 -57.65 -55.83
N SER F 67 23.60 -58.57 -56.53
CA SER F 67 22.69 -59.53 -55.89
C SER F 67 23.43 -60.49 -54.96
N ARG F 68 24.75 -60.57 -55.08
CA ARG F 68 25.53 -61.49 -54.26
C ARG F 68 26.47 -60.77 -53.31
N LEU F 69 26.43 -59.44 -53.28
CA LEU F 69 27.39 -58.67 -52.50
C LEU F 69 26.77 -57.85 -51.38
N THR F 70 27.33 -57.97 -50.18
CA THR F 70 26.96 -57.13 -49.05
C THR F 70 28.20 -56.55 -48.38
N VAL F 71 28.18 -55.23 -48.15
CA VAL F 71 29.31 -54.56 -47.51
C VAL F 71 28.90 -53.81 -46.25
N THR F 72 29.64 -54.05 -45.17
CA THR F 72 29.42 -53.36 -43.92
C THR F 72 30.75 -52.89 -43.34
N LYS F 73 30.70 -52.00 -42.35
CA LYS F 73 31.94 -51.54 -41.70
C LYS F 73 31.83 -51.57 -40.19
N ASP F 74 32.92 -51.96 -39.54
CA ASP F 74 33.03 -51.95 -38.09
C ASP F 74 33.62 -50.63 -37.62
N THR F 75 32.78 -49.84 -36.96
CA THR F 75 33.14 -48.47 -36.58
C THR F 75 34.08 -48.41 -35.38
N SER F 76 34.27 -49.55 -34.71
CA SER F 76 35.12 -49.60 -33.54
C SER F 76 36.50 -50.15 -33.87
N LYS F 77 36.54 -51.12 -34.77
CA LYS F 77 37.79 -51.80 -35.12
C LYS F 77 38.44 -51.21 -36.37
N ASN F 78 37.75 -50.26 -37.01
CA ASN F 78 38.23 -49.70 -38.27
C ASN F 78 38.49 -50.80 -39.29
N GLN F 79 37.44 -51.60 -39.54
CA GLN F 79 37.53 -52.69 -40.49
C GLN F 79 36.36 -52.66 -41.46
N VAL F 80 36.62 -53.02 -42.71
CA VAL F 80 35.56 -53.14 -43.70
C VAL F 80 35.38 -54.58 -44.10
N VAL F 81 34.15 -55.06 -44.09
CA VAL F 81 33.88 -56.46 -44.37
C VAL F 81 33.02 -56.64 -45.61
N LEU F 82 33.50 -57.48 -46.52
CA LEU F 82 32.78 -57.81 -47.74
C LEU F 82 32.29 -59.25 -47.71
N THR F 83 30.99 -59.42 -47.89
CA THR F 83 30.42 -60.76 -47.96
C THR F 83 29.97 -61.08 -49.39
N MET F 84 30.49 -62.16 -49.94
CA MET F 84 30.12 -62.61 -51.27
C MET F 84 29.54 -64.02 -51.20
N THR F 85 28.29 -64.16 -51.59
CA THR F 85 27.59 -65.44 -51.43
C THR F 85 27.48 -66.20 -52.74
N ASN F 86 27.08 -67.46 -52.65
CA ASN F 86 26.82 -68.29 -53.82
C ASN F 86 27.97 -68.24 -54.83
N MET F 87 29.18 -68.47 -54.35
CA MET F 87 30.35 -68.42 -55.23
C MET F 87 30.49 -69.68 -56.08
N ASP F 88 30.94 -69.49 -57.32
CA ASP F 88 31.25 -70.58 -58.24
C ASP F 88 32.75 -70.58 -58.52
N PRO F 89 33.31 -71.68 -59.04
CA PRO F 89 34.71 -71.85 -59.42
C PRO F 89 35.22 -70.68 -60.28
N VAL F 90 34.32 -70.08 -61.04
CA VAL F 90 34.67 -68.97 -61.93
C VAL F 90 34.99 -67.69 -61.16
N ASP F 91 34.69 -67.69 -59.86
CA ASP F 91 34.89 -66.51 -59.02
C ASP F 91 36.27 -66.51 -58.36
N THR F 92 37.11 -67.45 -58.75
CA THR F 92 38.48 -67.49 -58.24
C THR F 92 39.24 -66.23 -58.67
N ALA F 93 39.84 -65.55 -57.71
CA ALA F 93 40.53 -64.29 -57.99
C ALA F 93 41.36 -63.83 -56.80
N THR F 94 42.24 -62.86 -57.05
CA THR F 94 42.90 -62.16 -55.97
C THR F 94 42.09 -60.94 -55.57
N TYR F 95 41.80 -60.83 -54.28
CA TYR F 95 40.96 -59.76 -53.78
C TYR F 95 41.78 -58.67 -53.12
N TYR F 96 41.45 -57.43 -53.43
CA TYR F 96 42.13 -56.27 -52.86
C TYR F 96 41.12 -55.28 -52.27
N CYS F 97 41.53 -54.61 -51.20
CA CYS F 97 40.82 -53.43 -50.71
C CYS F 97 41.69 -52.19 -50.87
N ALA F 98 41.07 -51.05 -51.11
CA ALA F 98 41.81 -49.83 -51.35
C ALA F 98 41.03 -48.58 -50.92
N HIS F 99 41.77 -47.51 -50.63
CA HIS F 99 41.18 -46.25 -50.23
C HIS F 99 40.55 -45.53 -51.43
N VAL F 100 39.40 -44.90 -51.20
CA VAL F 100 38.68 -44.20 -52.26
C VAL F 100 38.69 -42.69 -52.07
N LEU F 101 39.13 -41.96 -53.09
CA LEU F 101 39.01 -40.52 -53.11
C LEU F 101 37.59 -40.14 -53.51
N VAL F 102 36.98 -39.22 -52.76
CA VAL F 102 35.54 -38.95 -52.93
C VAL F 102 35.22 -37.48 -53.21
N TRP F 103 34.42 -37.25 -54.25
CA TRP F 103 33.92 -35.93 -54.59
C TRP F 103 32.75 -35.56 -53.68
N PHE F 104 32.62 -34.26 -53.37
CA PHE F 104 31.59 -33.80 -52.45
C PHE F 104 30.49 -33.01 -53.15
N GLY F 105 29.37 -32.85 -52.46
CA GLY F 105 28.17 -32.22 -53.02
C GLY F 105 27.29 -33.30 -53.63
N GLU F 106 27.51 -33.56 -54.92
CA GLU F 106 27.05 -34.81 -55.50
C GLU F 106 28.14 -35.84 -55.30
N VAL F 107 27.94 -36.74 -54.34
CA VAL F 107 29.02 -37.62 -53.91
C VAL F 107 29.31 -38.69 -54.93
N LEU F 108 30.57 -38.74 -55.38
CA LEU F 108 31.01 -39.70 -56.37
C LEU F 108 32.41 -40.21 -56.06
N PRO F 109 32.72 -41.45 -56.44
CA PRO F 109 34.03 -42.07 -56.39
C PRO F 109 34.95 -41.45 -57.42
N ASP F 110 36.23 -41.35 -57.09
CA ASP F 110 37.20 -40.72 -57.99
C ASP F 110 38.29 -41.71 -58.41
N ALA F 111 39.21 -42.02 -57.50
CA ALA F 111 40.32 -42.91 -57.81
C ALA F 111 40.83 -43.62 -56.57
N PHE F 112 41.54 -44.72 -56.77
CA PHE F 112 42.13 -45.47 -55.66
C PHE F 112 43.63 -45.21 -55.55
N ASP F 113 44.04 -44.51 -54.51
CA ASP F 113 45.44 -44.15 -54.34
C ASP F 113 46.21 -45.23 -53.57
N VAL F 114 45.71 -45.61 -52.41
CA VAL F 114 46.39 -46.59 -51.57
C VAL F 114 45.74 -47.95 -51.62
N TRP F 115 46.50 -48.94 -52.06
CA TRP F 115 46.01 -50.31 -52.20
C TRP F 115 46.68 -51.23 -51.18
N GLY F 116 45.97 -52.28 -50.77
CA GLY F 116 46.54 -53.28 -49.88
C GLY F 116 47.37 -54.29 -50.67
N GLN F 117 47.83 -55.35 -49.99
CA GLN F 117 48.68 -56.37 -50.60
C GLN F 117 47.85 -57.43 -51.32
N GLY F 118 46.61 -57.60 -50.87
CA GLY F 118 45.69 -58.53 -51.53
C GLY F 118 45.76 -59.92 -50.95
N THR F 119 44.70 -60.69 -51.14
CA THR F 119 44.66 -62.08 -50.74
C THR F 119 44.05 -62.95 -51.84
N MET F 120 44.66 -64.10 -52.09
CA MET F 120 44.17 -65.00 -53.13
C MET F 120 43.12 -65.94 -52.57
N VAL F 121 41.98 -66.01 -53.24
CA VAL F 121 40.92 -66.92 -52.83
C VAL F 121 40.53 -67.87 -53.95
N THR F 122 40.58 -69.17 -53.64
CA THR F 122 40.21 -70.20 -54.61
C THR F 122 38.86 -70.80 -54.29
N VAL F 123 38.06 -71.01 -55.34
CA VAL F 123 36.78 -71.70 -55.19
C VAL F 123 36.84 -73.07 -55.84
N SER F 124 36.75 -74.11 -55.03
CA SER F 124 36.89 -75.48 -55.52
C SER F 124 36.35 -76.49 -54.51
N SER F 125 36.16 -77.73 -54.97
CA SER F 125 35.71 -78.83 -54.12
C SER F 125 36.91 -79.59 -53.56
N GLN G 14 41.73 47.77 35.07
CA GLN G 14 41.00 48.56 34.09
C GLN G 14 39.48 48.45 34.26
N CYS G 15 39.05 47.51 35.11
CA CYS G 15 37.63 47.28 35.37
C CYS G 15 37.08 48.28 36.39
N VAL G 16 35.85 48.72 36.16
CA VAL G 16 35.20 49.66 37.06
C VAL G 16 34.11 48.94 37.88
N ASN G 17 34.18 49.13 39.21
CA ASN G 17 33.26 48.46 40.14
C ASN G 17 32.17 49.41 40.61
N LEU G 18 31.71 50.29 39.72
CA LEU G 18 30.74 51.33 40.05
C LEU G 18 29.31 50.82 39.99
N PRO G 26 12.18 45.14 36.24
CA PRO G 26 11.99 45.63 34.89
C PRO G 26 10.51 45.86 34.58
N ALA G 27 10.26 46.65 33.55
CA ALA G 27 8.90 46.84 33.05
C ALA G 27 8.61 45.80 31.99
N TYR G 28 7.34 45.68 31.61
CA TYR G 28 6.98 44.75 30.54
C TYR G 28 6.21 45.45 29.45
N THR G 29 6.45 45.05 28.21
CA THR G 29 5.68 45.56 27.10
C THR G 29 5.09 44.42 26.28
N ASN G 30 4.32 44.78 25.27
CA ASN G 30 3.67 43.79 24.43
C ASN G 30 4.28 43.75 23.04
N SER G 31 4.84 42.60 22.67
CA SER G 31 5.34 42.43 21.32
C SER G 31 4.22 41.96 20.43
N PHE G 32 3.66 42.90 19.67
CA PHE G 32 2.45 42.62 18.92
C PHE G 32 2.71 41.60 17.84
N THR G 33 3.47 42.00 16.83
CA THR G 33 3.76 41.12 15.71
C THR G 33 5.23 41.16 15.32
N ARG G 34 6.10 41.43 16.30
CA ARG G 34 7.53 41.50 16.04
C ARG G 34 8.17 40.14 16.29
N GLY G 35 9.39 39.95 15.76
CA GLY G 35 10.16 38.75 16.05
C GLY G 35 10.03 37.67 14.97
N VAL G 36 9.48 38.04 13.82
CA VAL G 36 9.37 37.11 12.71
C VAL G 36 10.55 37.27 11.77
N TYR G 37 11.17 36.15 11.43
CA TYR G 37 12.35 36.14 10.58
C TYR G 37 12.20 35.12 9.47
N TYR G 38 12.96 35.29 8.40
CA TYR G 38 12.95 34.33 7.30
C TYR G 38 13.62 33.03 7.75
N PRO G 39 12.84 31.95 7.89
CA PRO G 39 13.21 30.69 8.51
C PRO G 39 14.32 29.97 7.76
N ASP G 40 14.43 30.25 6.46
CA ASP G 40 15.49 29.67 5.65
C ASP G 40 15.84 30.60 4.50
N LYS G 41 16.72 30.13 3.62
CA LYS G 41 17.24 30.95 2.55
C LYS G 41 16.58 30.63 1.21
N VAL G 42 15.43 29.95 1.25
CA VAL G 42 14.72 29.57 0.03
C VAL G 42 13.84 30.69 -0.47
N PHE G 43 13.95 30.99 -1.76
CA PHE G 43 13.10 32.02 -2.33
C PHE G 43 11.70 31.51 -2.55
N ARG G 44 10.74 32.28 -2.09
CA ARG G 44 9.33 31.98 -2.30
C ARG G 44 8.61 33.26 -2.61
N SER G 45 7.57 33.19 -3.43
CA SER G 45 6.80 34.38 -3.75
C SER G 45 5.35 34.04 -4.01
N SER G 46 4.47 35.00 -3.76
CA SER G 46 3.05 34.82 -4.03
C SER G 46 2.55 33.48 -3.50
N VAL G 47 2.85 33.20 -2.24
CA VAL G 47 2.52 31.91 -1.66
C VAL G 47 2.35 31.97 -0.15
N LEU G 48 1.47 31.13 0.37
CA LEU G 48 1.34 30.96 1.82
C LEU G 48 2.07 29.70 2.27
N HIS G 49 3.09 29.89 3.09
CA HIS G 49 3.95 28.78 3.49
C HIS G 49 3.87 28.52 4.99
N SER G 50 3.66 27.26 5.35
CA SER G 50 3.62 26.88 6.75
C SER G 50 4.97 26.36 7.22
N THR G 51 5.48 26.95 8.29
CA THR G 51 6.78 26.57 8.81
C THR G 51 6.75 26.40 10.33
N GLN G 52 7.62 25.55 10.85
CA GLN G 52 7.77 25.35 12.28
C GLN G 52 9.19 25.68 12.73
N ASP G 53 9.31 26.65 13.63
CA ASP G 53 10.62 27.08 14.10
C ASP G 53 10.51 27.86 15.39
N LEU G 54 11.65 28.30 15.92
CA LEU G 54 11.66 29.12 17.12
C LEU G 54 11.35 30.57 16.79
N PHE G 55 10.13 30.99 17.10
CA PHE G 55 9.66 32.33 16.80
C PHE G 55 9.22 33.01 18.08
N LEU G 56 9.24 34.33 18.09
CA LEU G 56 8.68 35.08 19.21
C LEU G 56 7.16 35.02 19.13
N PRO G 57 6.49 34.46 20.15
CA PRO G 57 5.05 34.36 20.25
C PRO G 57 4.42 35.72 20.10
N PHE G 58 3.30 35.79 19.42
CA PHE G 58 2.62 37.07 19.20
C PHE G 58 1.94 37.56 20.47
N PHE G 59 1.97 38.88 20.68
CA PHE G 59 1.36 39.50 21.84
C PHE G 59 1.93 38.95 23.15
N SER G 60 3.25 38.84 23.20
CA SER G 60 3.94 38.31 24.37
C SER G 60 4.49 39.41 25.27
N ASN G 61 4.82 39.06 26.50
CA ASN G 61 5.42 39.97 27.48
C ASN G 61 6.93 40.05 27.32
N VAL G 62 7.43 41.19 26.89
CA VAL G 62 8.85 41.41 26.64
C VAL G 62 9.45 42.32 27.71
N THR G 63 10.54 41.86 28.31
CA THR G 63 11.14 42.58 29.44
C THR G 63 11.80 43.87 28.97
N TRP G 64 11.48 44.96 29.65
CA TRP G 64 11.92 46.29 29.27
C TRP G 64 12.92 46.88 30.24
N PHE G 65 14.15 47.09 29.76
CA PHE G 65 15.21 47.67 30.57
C PHE G 65 15.56 49.06 30.07
N HIS G 66 15.99 49.94 30.98
CA HIS G 66 16.31 51.30 30.61
C HIS G 66 17.80 51.59 30.80
N ASP G 80 20.66 49.99 32.93
CA ASP G 80 20.38 48.59 33.18
C ASP G 80 21.16 47.67 32.26
N ASN G 81 22.03 46.85 32.84
CA ASN G 81 22.80 45.88 32.06
C ASN G 81 23.05 44.59 32.83
N PRO G 82 21.98 43.92 33.30
CA PRO G 82 22.00 42.66 34.02
C PRO G 82 22.33 41.50 33.11
N VAL G 83 22.73 40.38 33.70
CA VAL G 83 22.92 39.16 32.94
C VAL G 83 21.61 38.40 32.85
N LEU G 84 21.16 38.15 31.62
CA LEU G 84 19.89 37.48 31.37
C LEU G 84 20.13 36.08 30.83
N PRO G 85 19.19 35.16 31.04
CA PRO G 85 19.16 33.82 30.50
C PRO G 85 18.97 33.86 28.99
N PHE G 86 19.54 32.87 28.29
CA PHE G 86 19.40 32.76 26.84
C PHE G 86 18.22 31.89 26.45
N ASN G 87 17.96 30.87 27.27
CA ASN G 87 16.91 29.89 27.00
C ASN G 87 17.10 29.19 25.66
N ASP G 88 16.06 29.15 24.84
CA ASP G 88 16.12 28.47 23.55
C ASP G 88 16.58 29.42 22.46
N GLY G 89 16.31 30.69 22.67
CA GLY G 89 16.69 31.72 21.72
C GLY G 89 16.19 33.07 22.20
N VAL G 90 16.80 34.13 21.71
CA VAL G 90 16.52 35.45 22.23
C VAL G 90 16.10 36.43 21.17
N TYR G 91 15.06 37.18 21.47
CA TYR G 91 14.68 38.31 20.64
C TYR G 91 15.11 39.59 21.32
N PHE G 92 16.02 40.32 20.71
CA PHE G 92 16.55 41.52 21.30
C PHE G 92 16.27 42.73 20.43
N ALA G 93 15.67 43.75 21.01
CA ALA G 93 15.41 44.96 20.26
C ALA G 93 15.85 46.17 21.06
N SER G 94 16.31 47.20 20.39
CA SER G 94 16.68 48.43 21.08
C SER G 94 16.19 49.66 20.35
N ILE G 95 15.87 50.68 21.12
CA ILE G 95 15.53 51.98 20.58
C ILE G 95 16.45 53.06 21.16
N GLU G 96 17.19 53.72 20.30
CA GLU G 96 18.14 54.73 20.76
C GLU G 96 18.43 55.76 19.68
N LYS G 97 18.96 56.90 20.08
CA LYS G 97 19.36 57.93 19.13
C LYS G 97 20.88 58.10 19.10
N SER G 98 21.54 57.80 20.20
CA SER G 98 22.94 58.16 20.37
C SER G 98 23.88 56.95 20.32
N ASN G 99 23.36 55.82 19.87
CA ASN G 99 24.20 54.62 19.73
C ASN G 99 24.89 54.25 21.04
N ILE G 100 24.10 54.00 22.08
CA ILE G 100 24.65 53.67 23.39
C ILE G 100 24.92 52.18 23.50
N ILE G 101 24.03 51.37 22.95
CA ILE G 101 24.23 49.92 22.95
C ILE G 101 25.20 49.54 21.84
N ARG G 102 26.29 48.87 22.23
CA ARG G 102 27.34 48.57 21.27
C ARG G 102 27.45 47.09 20.97
N GLY G 103 27.10 46.23 21.92
CA GLY G 103 27.32 44.81 21.70
C GLY G 103 26.76 43.93 22.80
N TRP G 104 27.09 42.64 22.73
CA TRP G 104 26.58 41.65 23.65
C TRP G 104 27.65 40.64 24.03
N ILE G 105 27.52 40.06 25.21
CA ILE G 105 28.36 38.94 25.62
C ILE G 105 27.52 37.70 25.81
N PHE G 106 27.92 36.60 25.19
CA PHE G 106 27.19 35.34 25.31
C PHE G 106 28.09 34.26 25.90
N GLY G 107 27.54 33.42 26.75
CA GLY G 107 28.29 32.29 27.29
C GLY G 107 27.59 31.67 28.48
N THR G 108 28.38 31.14 29.40
CA THR G 108 27.85 30.48 30.59
C THR G 108 28.32 31.20 31.86
N THR G 109 29.55 30.92 32.27
CA THR G 109 30.11 31.50 33.49
C THR G 109 30.69 32.88 33.24
N LEU G 110 30.93 33.20 31.96
CA LEU G 110 31.42 34.52 31.57
C LEU G 110 32.69 34.91 32.31
N ASP G 111 33.62 33.97 32.41
CA ASP G 111 34.92 34.23 33.01
C ASP G 111 36.01 33.44 32.31
N SER G 112 37.22 33.48 32.87
CA SER G 112 38.39 32.88 32.24
C SER G 112 38.33 31.35 32.23
N LYS G 113 37.32 30.78 32.87
CA LYS G 113 37.21 29.32 32.97
C LYS G 113 36.71 28.68 31.69
N THR G 114 35.89 29.39 30.93
CA THR G 114 35.27 28.80 29.74
C THR G 114 35.35 29.71 28.53
N GLN G 115 35.05 29.17 27.36
CA GLN G 115 34.98 29.96 26.14
C GLN G 115 33.68 30.75 26.08
N SER G 116 33.78 32.00 25.64
CA SER G 116 32.61 32.85 25.52
C SER G 116 32.68 33.73 24.28
N LEU G 117 31.52 34.20 23.83
CA LEU G 117 31.44 34.97 22.59
C LEU G 117 31.23 36.45 22.87
N LEU G 118 32.13 37.27 22.33
CA LEU G 118 32.06 38.70 22.50
C LEU G 118 31.79 39.40 21.17
N ILE G 119 30.64 40.06 21.07
CA ILE G 119 30.28 40.79 19.86
C ILE G 119 30.21 42.28 20.15
N VAL G 120 31.18 43.04 19.64
CA VAL G 120 31.24 44.47 19.93
C VAL G 120 31.39 45.31 18.68
N ASN G 121 30.52 46.31 18.54
CA ASN G 121 30.69 47.30 17.49
C ASN G 121 31.60 48.42 17.97
N ASN G 122 32.52 48.87 17.11
CA ASN G 122 33.39 50.00 17.42
C ASN G 122 33.26 51.09 16.35
N ALA G 123 34.22 51.99 16.29
CA ALA G 123 34.17 53.16 15.44
C ALA G 123 33.96 52.85 13.96
N THR G 124 34.57 51.77 13.48
CA THR G 124 34.58 51.53 12.04
C THR G 124 34.08 50.14 11.64
N ASN G 125 34.08 49.21 12.59
CA ASN G 125 33.78 47.81 12.26
C ASN G 125 33.11 47.08 13.41
N VAL G 126 32.78 45.81 13.18
CA VAL G 126 32.29 44.94 14.24
C VAL G 126 33.25 43.81 14.49
N VAL G 127 33.59 43.60 15.75
CA VAL G 127 34.54 42.57 16.12
C VAL G 127 33.88 41.43 16.88
N ILE G 128 33.99 40.23 16.33
CA ILE G 128 33.40 39.06 16.95
C ILE G 128 34.48 38.05 17.33
N LYS G 129 34.60 37.78 18.62
CA LYS G 129 35.66 36.90 19.09
C LYS G 129 35.16 35.84 20.05
N VAL G 130 35.81 34.68 20.03
CA VAL G 130 35.56 33.65 21.02
C VAL G 130 36.85 33.25 21.71
N CYS G 131 36.91 33.53 23.03
CA CYS G 131 38.11 33.27 23.83
C CYS G 131 37.70 33.03 25.28
N GLU G 132 38.66 32.61 26.09
CA GLU G 132 38.43 32.50 27.52
C GLU G 132 38.65 33.85 28.16
N PHE G 133 37.66 34.71 28.00
CA PHE G 133 37.76 36.10 28.44
C PHE G 133 37.51 36.21 29.94
N GLN G 134 38.26 37.09 30.58
CA GLN G 134 37.97 37.40 31.97
C GLN G 134 37.26 38.73 32.05
N PHE G 135 35.94 38.68 32.14
CA PHE G 135 35.11 39.87 32.04
C PHE G 135 35.11 40.66 33.34
N CYS G 136 34.94 41.97 33.23
CA CYS G 136 34.82 42.87 34.37
C CYS G 136 33.49 42.64 35.10
N ASN G 137 33.44 42.99 36.38
CA ASN G 137 32.21 42.86 37.15
C ASN G 137 31.09 43.67 36.51
N ASP G 138 31.46 44.80 35.92
CA ASP G 138 30.50 45.64 35.19
C ASP G 138 31.14 46.21 33.93
N PRO G 139 31.18 45.42 32.85
CA PRO G 139 31.89 45.66 31.61
C PRO G 139 31.21 46.74 30.78
N PHE G 140 32.02 47.59 30.16
CA PHE G 140 31.50 48.62 29.26
C PHE G 140 32.62 49.27 28.44
N LEU G 141 32.23 50.13 27.51
CA LEU G 141 33.19 50.90 26.75
C LEU G 141 33.30 52.30 27.33
N ASP G 142 34.53 52.77 27.52
CA ASP G 142 34.76 54.08 28.12
C ASP G 142 34.90 55.14 27.03
N VAL G 143 33.85 55.92 26.83
CA VAL G 143 33.78 56.85 25.71
C VAL G 143 33.46 58.27 26.16
N TYR G 144 34.12 59.24 25.57
CA TYR G 144 33.83 60.64 25.86
C TYR G 144 33.26 61.34 24.64
N TYR G 145 32.54 62.42 24.87
CA TYR G 145 31.86 63.12 23.78
C TYR G 145 32.47 64.48 23.50
N HIS G 146 32.31 64.93 22.27
CA HIS G 146 32.74 66.26 21.86
C HIS G 146 31.81 67.30 22.48
N LYS G 147 32.09 68.57 22.25
CA LYS G 147 31.18 69.62 22.69
C LYS G 147 29.87 69.48 21.95
N ASN G 148 29.98 69.03 20.69
CA ASN G 148 28.83 68.65 19.90
C ASN G 148 28.40 67.24 20.26
N ASN G 149 27.16 67.09 20.73
CA ASN G 149 26.66 65.85 21.31
C ASN G 149 26.47 64.74 20.27
N LYS G 150 26.75 65.04 19.00
CA LYS G 150 26.66 64.06 17.91
C LYS G 150 28.01 63.43 17.56
N SER G 151 29.04 63.75 18.33
CA SER G 151 30.38 63.25 18.06
C SER G 151 31.06 62.70 19.31
N TRP G 152 31.82 61.62 19.13
CA TRP G 152 32.48 60.95 20.26
C TRP G 152 33.83 60.37 19.90
N MET G 153 34.62 60.07 20.92
CA MET G 153 35.91 59.40 20.73
C MET G 153 36.18 58.44 21.89
N LYS G 154 36.81 57.32 21.59
CA LYS G 154 37.06 56.29 22.60
C LYS G 154 38.21 56.69 23.53
N SER G 155 38.04 56.39 24.81
CA SER G 155 39.11 56.59 25.79
C SER G 155 39.77 55.27 26.14
N GLU G 156 38.97 54.28 26.49
CA GLU G 156 39.48 52.98 26.91
C GLU G 156 38.46 51.88 26.64
N PHE G 157 38.87 50.63 26.87
CA PHE G 157 37.98 49.50 26.76
C PHE G 157 37.97 48.72 28.07
N ARG G 158 36.80 48.62 28.71
CA ARG G 158 36.73 48.07 30.05
C ARG G 158 35.72 46.94 30.13
N VAL G 159 35.90 45.92 29.28
CA VAL G 159 35.00 44.78 29.25
C VAL G 159 35.66 43.55 29.85
N TYR G 160 36.93 43.35 29.52
CA TYR G 160 37.67 42.21 30.03
C TYR G 160 39.11 42.60 30.36
N ALA G 163 42.10 37.83 27.42
CA ALA G 163 41.43 37.10 26.35
C ALA G 163 42.27 35.91 25.91
N ASN G 164 42.21 34.83 26.69
CA ASN G 164 43.12 33.72 26.52
C ASN G 164 42.56 32.63 25.62
N ASN G 165 43.45 31.86 24.99
CA ASN G 165 43.08 30.67 24.22
C ASN G 165 41.97 30.96 23.19
N CYS G 166 42.16 32.02 22.39
CA CYS G 166 41.19 32.41 21.37
C CYS G 166 41.08 31.37 20.26
N THR G 167 39.84 31.01 19.91
CA THR G 167 39.60 29.98 18.90
C THR G 167 38.89 30.53 17.66
N PHE G 168 38.24 31.68 17.80
CA PHE G 168 37.49 32.25 16.68
C PHE G 168 37.63 33.77 16.64
N GLU G 169 37.83 34.30 15.46
CA GLU G 169 37.83 35.74 15.26
C GLU G 169 37.23 36.11 13.92
N TYR G 170 36.35 37.10 13.93
CA TYR G 170 35.70 37.57 12.72
C TYR G 170 35.53 39.07 12.75
N VAL G 171 35.82 39.72 11.62
CA VAL G 171 35.63 41.16 11.51
C VAL G 171 34.90 41.52 10.23
N SER G 172 33.89 42.37 10.35
CA SER G 172 33.15 42.84 9.20
C SER G 172 32.61 44.24 9.43
N GLN G 173 31.65 44.64 8.61
CA GLN G 173 31.05 45.96 8.73
C GLN G 173 30.15 46.01 9.96
N PRO G 174 29.97 47.18 10.57
CA PRO G 174 29.17 47.42 11.75
C PRO G 174 27.76 46.88 11.57
N PHE G 175 27.17 46.38 12.65
CA PHE G 175 25.79 45.88 12.62
C PHE G 175 24.77 47.00 12.42
N LEU G 176 25.19 48.25 12.68
CA LEU G 176 24.34 49.43 12.58
C LEU G 176 23.70 49.55 11.19
N PHE G 186 14.01 61.38 14.82
CA PHE G 186 13.74 59.97 14.65
C PHE G 186 14.72 59.12 15.44
N LYS G 187 14.24 58.05 16.06
CA LYS G 187 15.09 57.11 16.80
C LYS G 187 15.39 55.89 15.94
N ASN G 188 16.45 55.18 16.28
CA ASN G 188 16.83 53.97 15.56
C ASN G 188 16.32 52.72 16.25
N LEU G 189 15.52 51.93 15.52
CA LEU G 189 15.03 50.67 16.06
C LEU G 189 15.82 49.51 15.45
N ARG G 190 16.55 48.80 16.30
CA ARG G 190 17.40 47.71 15.85
C ARG G 190 16.96 46.39 16.46
N GLU G 191 16.54 45.46 15.61
CA GLU G 191 16.03 44.18 16.08
C GLU G 191 16.96 43.04 15.71
N PHE G 192 17.20 42.15 16.67
CA PHE G 192 18.08 41.01 16.47
C PHE G 192 17.44 39.72 16.96
N VAL G 193 17.74 38.63 16.27
CA VAL G 193 17.34 37.30 16.74
C VAL G 193 18.57 36.43 16.90
N PHE G 194 18.75 35.89 18.09
CA PHE G 194 19.93 35.10 18.37
C PHE G 194 19.59 33.64 18.60
N LYS G 195 20.10 32.77 17.74
CA LYS G 195 19.86 31.34 17.85
C LYS G 195 21.18 30.58 17.89
N ASN G 196 21.21 29.46 18.60
CA ASN G 196 22.42 28.66 18.68
C ASN G 196 22.12 27.19 18.37
N ILE G 197 22.35 26.80 17.13
CA ILE G 197 21.97 25.47 16.67
C ILE G 197 23.15 24.70 16.09
N ASP G 198 23.43 23.54 16.69
CA ASP G 198 24.51 22.67 16.22
C ASP G 198 25.83 23.40 16.07
N GLY G 199 26.11 24.29 17.02
CA GLY G 199 27.38 24.99 17.06
C GLY G 199 27.35 26.31 16.29
N TYR G 200 26.26 26.55 15.56
CA TYR G 200 26.15 27.76 14.78
C TYR G 200 25.36 28.84 15.50
N PHE G 201 25.97 30.00 15.65
CA PHE G 201 25.28 31.14 16.22
C PHE G 201 24.71 32.00 15.10
N LYS G 202 23.40 31.93 14.93
CA LYS G 202 22.75 32.57 13.81
C LYS G 202 22.16 33.90 14.22
N ILE G 203 22.52 34.94 13.49
CA ILE G 203 22.00 36.28 13.77
C ILE G 203 21.11 36.76 12.64
N TYR G 204 19.90 37.14 12.99
CA TYR G 204 19.00 37.80 12.06
C TYR G 204 18.82 39.23 12.53
N SER G 205 18.55 40.15 11.61
CA SER G 205 18.37 41.54 12.02
C SER G 205 17.53 42.37 11.08
N LYS G 206 17.05 43.49 11.60
CA LYS G 206 16.37 44.51 10.82
C LYS G 206 16.59 45.88 11.43
N HIS G 207 16.90 46.87 10.59
CA HIS G 207 17.12 48.23 11.07
C HIS G 207 16.18 49.21 10.39
N THR G 208 15.28 49.80 11.18
CA THR G 208 14.33 50.76 10.68
C THR G 208 14.25 51.97 11.61
N PRO G 209 13.82 53.13 11.10
CA PRO G 209 13.48 54.32 11.85
C PRO G 209 12.19 54.13 12.63
N ILE G 210 12.11 54.76 13.80
CA ILE G 210 10.92 54.72 14.62
C ILE G 210 10.56 56.10 15.14
N ASN G 211 9.26 56.42 15.15
CA ASN G 211 8.79 57.71 15.62
C ASN G 211 8.03 57.60 16.93
N LEU G 212 8.26 56.51 17.65
CA LEU G 212 7.67 56.30 18.97
C LEU G 212 8.64 56.72 20.05
N VAL G 213 8.11 57.10 21.20
CA VAL G 213 8.95 57.58 22.29
C VAL G 213 9.52 56.44 23.12
N ARG G 214 8.67 55.52 23.55
CA ARG G 214 9.07 54.52 24.53
C ARG G 214 8.40 53.17 24.34
N ASP G 215 8.28 52.70 23.10
CA ASP G 215 7.69 51.38 22.89
C ASP G 215 8.05 50.79 21.54
N LEU G 216 7.62 49.56 21.32
CA LEU G 216 7.77 48.86 20.05
C LEU G 216 6.61 49.21 19.13
N PRO G 217 6.87 49.24 17.81
CA PRO G 217 5.91 49.54 16.75
C PRO G 217 4.85 48.48 16.63
N GLN G 218 3.62 48.91 16.39
CA GLN G 218 2.51 47.98 16.20
C GLN G 218 2.36 47.64 14.73
N GLY G 219 3.21 46.75 14.24
CA GLY G 219 3.20 46.38 12.83
C GLY G 219 4.13 45.20 12.57
N PHE G 220 4.08 44.68 11.34
CA PHE G 220 4.84 43.49 10.99
C PHE G 220 6.06 43.80 10.14
N SER G 221 7.16 43.14 10.45
CA SER G 221 8.36 43.18 9.63
C SER G 221 9.15 41.89 9.79
N ALA G 222 9.71 41.40 8.70
CA ALA G 222 10.49 40.17 8.77
C ALA G 222 11.99 40.50 8.86
N LEU G 223 12.68 39.77 9.72
CA LEU G 223 14.11 39.97 9.90
C LEU G 223 14.92 39.07 8.97
N GLU G 224 15.99 39.62 8.42
CA GLU G 224 16.82 38.91 7.46
C GLU G 224 18.07 38.36 8.13
N PRO G 225 18.65 37.28 7.60
CA PRO G 225 19.93 36.72 7.99
C PRO G 225 21.02 37.77 7.90
N LEU G 226 21.87 37.83 8.92
CA LEU G 226 22.99 38.75 8.95
C LEU G 226 24.31 38.01 8.86
N VAL G 227 24.49 37.04 9.75
CA VAL G 227 25.71 36.25 9.79
C VAL G 227 25.48 34.90 10.45
N ASP G 228 26.21 33.89 10.00
CA ASP G 228 26.16 32.57 10.60
C ASP G 228 27.55 32.17 11.09
N LEU G 229 27.72 32.14 12.41
CA LEU G 229 29.04 31.94 13.00
C LEU G 229 29.25 30.51 13.50
N PRO G 230 30.18 29.77 12.88
CA PRO G 230 30.53 28.39 13.17
C PRO G 230 31.41 28.31 14.39
N ILE G 231 30.81 28.47 15.57
CA ILE G 231 31.56 28.69 16.78
C ILE G 231 31.73 27.44 17.64
N GLY G 232 30.63 26.76 17.93
CA GLY G 232 30.68 25.53 18.72
C GLY G 232 30.85 25.76 20.22
N ILE G 233 30.09 26.72 20.77
CA ILE G 233 30.15 26.98 22.21
C ILE G 233 28.79 26.82 22.88
N ASN G 234 28.81 26.68 24.21
CA ASN G 234 27.65 26.54 25.05
C ASN G 234 27.19 27.92 25.59
N ILE G 235 25.99 28.34 25.19
CA ILE G 235 25.43 29.64 25.63
C ILE G 235 24.18 29.44 26.46
N THR G 236 24.19 29.95 27.69
CA THR G 236 23.06 29.86 28.59
C THR G 236 22.64 31.22 29.10
N ARG G 237 23.56 32.19 29.05
CA ARG G 237 23.31 33.53 29.55
C ARG G 237 23.95 34.57 28.64
N PHE G 238 23.48 35.82 28.73
CA PHE G 238 24.09 36.90 27.99
C PHE G 238 23.97 38.24 28.68
N GLN G 239 24.75 39.20 28.24
CA GLN G 239 24.73 40.55 28.81
C GLN G 239 24.86 41.61 27.73
N THR G 240 24.18 42.74 27.92
CA THR G 240 24.25 43.85 26.97
C THR G 240 25.35 44.83 27.36
N LEU G 241 26.15 45.23 26.37
CA LEU G 241 27.24 46.17 26.59
C LEU G 241 26.92 47.56 26.08
N LEU G 242 27.08 48.54 26.96
CA LEU G 242 26.81 49.94 26.64
C LEU G 242 28.10 50.76 26.59
N ALA G 243 28.07 51.86 25.83
CA ALA G 243 29.14 52.84 25.84
C ALA G 243 28.79 53.98 26.78
N LEU G 244 29.55 54.09 27.86
CA LEU G 244 29.27 55.07 28.91
C LEU G 244 30.31 56.18 28.91
N HIS G 245 29.91 57.35 29.41
CA HIS G 245 30.86 58.45 29.57
C HIS G 245 30.98 58.87 31.02
N ARG G 246 32.13 59.41 31.40
CA ARG G 246 32.40 59.83 32.78
C ARG G 246 31.71 61.16 33.09
N TRP G 258 30.31 57.11 35.82
CA TRP G 258 29.87 56.97 34.43
C TRP G 258 28.35 57.00 34.30
N THR G 259 27.88 57.60 33.22
CA THR G 259 26.46 57.68 32.94
C THR G 259 26.19 57.44 31.45
N ALA G 260 24.96 57.67 31.02
CA ALA G 260 24.56 57.40 29.64
C ALA G 260 23.45 58.34 29.20
N GLY G 261 23.25 58.43 27.89
CA GLY G 261 22.15 59.20 27.33
C GLY G 261 20.87 58.38 27.38
N ALA G 262 19.84 58.85 26.68
CA ALA G 262 18.53 58.20 26.73
C ALA G 262 18.42 57.05 25.73
N ALA G 263 18.28 55.83 26.26
CA ALA G 263 18.11 54.64 25.43
C ALA G 263 17.47 53.52 26.25
N ALA G 264 16.82 52.59 25.58
CA ALA G 264 16.23 51.43 26.24
C ALA G 264 16.19 50.23 25.31
N TYR G 265 16.11 49.04 25.89
CA TYR G 265 16.05 47.83 25.10
C TYR G 265 15.09 46.80 25.66
N TYR G 266 14.63 45.91 24.79
CA TYR G 266 13.63 44.91 25.13
C TYR G 266 14.15 43.52 24.87
N VAL G 267 13.88 42.59 25.80
CA VAL G 267 14.32 41.22 25.63
C VAL G 267 13.17 40.23 25.74
N GLY G 268 12.96 39.47 24.68
CA GLY G 268 11.95 38.43 24.66
C GLY G 268 12.61 37.08 24.40
N TYR G 269 11.81 36.02 24.36
CA TYR G 269 12.36 34.70 24.12
C TYR G 269 11.56 33.93 23.08
N LEU G 270 12.27 33.14 22.28
CA LEU G 270 11.67 32.38 21.20
C LEU G 270 11.08 31.07 21.70
N GLN G 271 10.05 30.60 21.02
CA GLN G 271 9.42 29.33 21.33
C GLN G 271 9.16 28.52 20.05
N PRO G 272 9.16 27.19 20.15
CA PRO G 272 8.87 26.23 19.11
C PRO G 272 7.39 26.25 18.74
N ARG G 273 7.06 27.03 17.71
CA ARG G 273 5.68 27.24 17.32
C ARG G 273 5.51 27.20 15.80
N THR G 274 4.28 26.99 15.36
CA THR G 274 3.98 26.94 13.94
C THR G 274 3.41 28.27 13.46
N PHE G 275 3.96 28.77 12.36
CA PHE G 275 3.48 30.01 11.76
C PHE G 275 3.09 29.83 10.31
N LEU G 276 2.07 30.57 9.89
CA LEU G 276 1.73 30.65 8.48
C LEU G 276 2.23 31.96 7.90
N LEU G 277 3.16 31.89 6.95
CA LEU G 277 3.82 33.08 6.43
C LEU G 277 3.31 33.44 5.04
N LYS G 278 2.98 34.71 4.85
CA LYS G 278 2.49 35.19 3.56
C LYS G 278 3.57 35.94 2.79
N TYR G 279 3.95 35.38 1.64
CA TYR G 279 4.94 35.99 0.77
C TYR G 279 4.27 36.77 -0.36
N ASN G 280 4.72 38.01 -0.58
CA ASN G 280 4.18 38.83 -1.65
C ASN G 280 4.87 38.52 -2.97
N GLU G 281 4.55 39.29 -4.01
CA GLU G 281 5.09 39.04 -5.34
C GLU G 281 6.60 39.26 -5.45
N ASN G 282 7.19 39.98 -4.49
CA ASN G 282 8.61 40.29 -4.47
C ASN G 282 9.38 39.34 -3.54
N GLY G 283 8.69 38.31 -3.03
CA GLY G 283 9.30 37.29 -2.18
C GLY G 283 9.50 37.76 -0.75
N THR G 284 8.83 38.86 -0.39
CA THR G 284 8.94 39.41 0.94
C THR G 284 7.78 38.97 1.80
N ILE G 285 8.06 38.58 3.05
CA ILE G 285 6.99 38.24 3.96
C ILE G 285 6.32 39.50 4.45
N THR G 286 5.01 39.59 4.24
CA THR G 286 4.27 40.78 4.61
C THR G 286 3.34 40.51 5.77
N ASP G 287 3.06 39.24 6.03
CA ASP G 287 2.16 38.87 7.11
C ASP G 287 2.51 37.49 7.66
N ALA G 288 2.04 37.21 8.87
CA ALA G 288 2.23 35.91 9.49
C ALA G 288 1.17 35.63 10.53
N VAL G 289 0.83 34.36 10.70
CA VAL G 289 -0.13 33.96 11.72
C VAL G 289 0.47 33.02 12.74
N ASP G 290 0.37 33.40 14.01
CA ASP G 290 0.77 32.53 15.10
C ASP G 290 -0.36 31.56 15.41
N CYS G 291 -0.19 30.30 15.05
CA CYS G 291 -1.27 29.32 15.05
C CYS G 291 -1.71 28.97 16.47
N ALA G 292 -0.92 29.37 17.46
CA ALA G 292 -1.20 29.05 18.85
C ALA G 292 -1.85 30.21 19.58
N LEU G 293 -2.03 31.33 18.90
CA LEU G 293 -2.49 32.54 19.54
C LEU G 293 -3.93 32.40 20.05
N ASP G 294 -4.81 31.94 19.17
CA ASP G 294 -6.22 31.81 19.52
C ASP G 294 -6.91 30.87 18.51
N PRO G 295 -8.16 30.44 18.76
CA PRO G 295 -8.98 29.57 17.93
C PRO G 295 -9.19 30.10 16.51
N LEU G 296 -9.18 31.42 16.36
CA LEU G 296 -9.35 32.01 15.04
C LEU G 296 -8.10 31.81 14.19
N SER G 297 -6.94 32.02 14.81
CA SER G 297 -5.67 31.82 14.13
C SER G 297 -5.49 30.36 13.78
N GLU G 298 -5.89 29.50 14.71
CA GLU G 298 -5.81 28.06 14.50
C GLU G 298 -6.61 27.65 13.26
N THR G 299 -7.79 28.25 13.11
CA THR G 299 -8.64 27.97 11.96
C THR G 299 -7.96 28.40 10.67
N LYS G 300 -7.39 29.60 10.66
CA LYS G 300 -6.69 30.11 9.49
C LYS G 300 -5.54 29.19 9.07
N CYS G 301 -4.78 28.72 10.06
CA CYS G 301 -3.63 27.85 9.83
C CYS G 301 -4.08 26.48 9.30
N THR G 302 -5.24 26.03 9.77
CA THR G 302 -5.81 24.76 9.33
C THR G 302 -6.26 24.83 7.88
N LEU G 303 -6.93 25.93 7.52
CA LEU G 303 -7.47 26.10 6.18
C LEU G 303 -6.42 26.60 5.20
N LYS G 304 -5.28 27.05 5.71
CA LYS G 304 -4.24 27.63 4.88
C LYS G 304 -4.78 28.84 4.14
N SER G 305 -5.48 29.69 4.86
CA SER G 305 -6.03 30.92 4.30
C SER G 305 -6.13 31.99 5.37
N PHE G 306 -5.94 33.24 4.97
CA PHE G 306 -6.02 34.34 5.91
C PHE G 306 -7.44 34.87 6.03
N THR G 307 -8.36 34.23 5.32
CA THR G 307 -9.78 34.56 5.39
C THR G 307 -10.61 33.33 5.68
N VAL G 308 -11.54 33.45 6.63
CA VAL G 308 -12.41 32.35 6.98
C VAL G 308 -13.87 32.73 6.78
N GLU G 309 -14.61 31.88 6.08
CA GLU G 309 -16.03 32.13 5.81
C GLU G 309 -16.91 31.64 6.94
N LYS G 310 -18.14 32.12 6.98
CA LYS G 310 -19.10 31.69 7.99
C LYS G 310 -19.28 30.19 7.98
N GLY G 311 -19.27 29.58 9.17
CA GLY G 311 -19.48 28.15 9.28
C GLY G 311 -18.84 27.56 10.52
N ILE G 312 -18.85 26.23 10.59
CA ILE G 312 -18.25 25.51 11.70
C ILE G 312 -17.15 24.59 11.19
N TYR G 313 -15.97 24.69 11.77
CA TYR G 313 -14.81 23.96 11.28
C TYR G 313 -14.18 23.10 12.35
N GLN G 314 -13.76 21.90 11.97
CA GLN G 314 -13.00 21.05 12.91
C GLN G 314 -11.53 21.43 12.74
N THR G 315 -10.87 21.91 13.80
CA THR G 315 -9.51 22.42 13.74
C THR G 315 -8.53 21.58 14.54
N SER G 316 -9.02 20.92 15.58
CA SER G 316 -8.12 20.19 16.47
C SER G 316 -8.86 19.17 17.30
N ASN G 317 -8.10 18.36 18.02
CA ASN G 317 -8.66 17.42 18.98
C ASN G 317 -8.06 17.69 20.35
N PHE G 318 -8.92 17.82 21.35
CA PHE G 318 -8.45 18.08 22.70
C PHE G 318 -8.21 16.78 23.43
N ARG G 319 -7.29 16.82 24.39
CA ARG G 319 -6.94 15.59 25.13
C ARG G 319 -6.46 15.95 26.53
N VAL G 320 -7.08 15.40 27.58
CA VAL G 320 -6.61 15.63 28.93
C VAL G 320 -5.27 14.95 29.13
N GLN G 321 -4.30 15.72 29.61
CA GLN G 321 -2.96 15.21 29.81
C GLN G 321 -2.83 14.59 31.20
N PRO G 322 -1.93 13.62 31.36
CA PRO G 322 -1.60 12.96 32.61
C PRO G 322 -1.11 13.96 33.63
N THR G 323 -1.63 13.84 34.85
CA THR G 323 -1.27 14.75 35.93
C THR G 323 0.03 14.31 36.61
N GLU G 324 0.24 13.02 36.66
CA GLU G 324 1.42 12.45 37.32
C GLU G 324 1.76 11.08 36.74
N SER G 325 2.98 10.63 37.00
CA SER G 325 3.40 9.31 36.58
C SER G 325 3.57 8.36 37.77
N ILE G 326 3.06 7.14 37.62
CA ILE G 326 3.18 6.14 38.68
C ILE G 326 3.83 4.86 38.17
N VAL G 327 4.57 4.21 39.03
CA VAL G 327 5.25 2.97 38.70
C VAL G 327 4.94 1.87 39.70
N ARG G 328 4.47 0.72 39.24
CA ARG G 328 4.14 -0.37 40.14
C ARG G 328 4.79 -1.68 39.73
N PHE G 329 5.81 -2.09 40.47
CA PHE G 329 6.49 -3.35 40.26
C PHE G 329 6.24 -4.24 41.50
N PRO G 330 6.62 -5.53 41.46
CA PRO G 330 6.40 -6.53 42.51
C PRO G 330 7.11 -6.15 43.80
N ASN G 331 6.68 -6.74 44.95
CA ASN G 331 7.31 -6.43 46.23
C ASN G 331 8.42 -7.45 46.56
N ILE G 332 9.01 -8.06 45.53
CA ILE G 332 10.21 -8.89 45.63
C ILE G 332 11.45 -8.03 45.88
N THR G 333 12.36 -8.49 46.75
CA THR G 333 13.54 -7.69 47.11
C THR G 333 14.89 -8.34 46.79
N ASN G 334 14.96 -9.67 46.74
CA ASN G 334 16.26 -10.33 46.58
C ASN G 334 16.83 -10.08 45.20
N LEU G 335 18.16 -10.02 45.10
CA LEU G 335 18.82 -9.81 43.81
C LEU G 335 19.03 -11.12 43.06
N CYS G 336 19.03 -11.03 41.73
CA CYS G 336 19.20 -12.18 40.84
C CYS G 336 20.63 -12.71 40.86
N PRO G 337 20.79 -14.04 40.90
CA PRO G 337 22.04 -14.78 40.94
C PRO G 337 22.74 -14.83 39.58
N PHE G 338 23.03 -13.66 39.02
CA PHE G 338 23.77 -13.60 37.77
C PHE G 338 25.24 -13.88 38.04
N GLY G 339 25.71 -13.49 39.22
CA GLY G 339 27.11 -13.67 39.57
C GLY G 339 27.50 -15.14 39.56
N GLU G 340 26.58 -16.00 39.98
CA GLU G 340 26.87 -17.41 40.07
C GLU G 340 26.99 -18.07 38.70
N VAL G 341 26.59 -17.33 37.66
CA VAL G 341 26.65 -17.84 36.30
C VAL G 341 27.92 -17.39 35.59
N PHE G 342 28.21 -16.09 35.68
CA PHE G 342 29.34 -15.51 34.98
C PHE G 342 30.67 -15.69 35.72
N ASN G 343 30.63 -15.68 37.06
CA ASN G 343 31.85 -15.82 37.89
C ASN G 343 32.08 -17.29 38.25
N ALA G 344 31.40 -18.22 37.58
CA ALA G 344 31.53 -19.65 37.84
C ALA G 344 32.94 -20.14 37.54
N THR G 345 33.43 -21.04 38.39
CA THR G 345 34.76 -21.61 38.21
C THR G 345 34.76 -22.59 37.05
N ARG G 346 33.64 -23.28 36.85
CA ARG G 346 33.53 -24.27 35.78
C ARG G 346 32.29 -24.04 34.93
N PHE G 347 32.48 -24.13 33.61
CA PHE G 347 31.41 -24.02 32.66
C PHE G 347 31.08 -25.36 32.05
N ALA G 348 29.91 -25.46 31.44
CA ALA G 348 29.49 -26.68 30.76
C ALA G 348 30.07 -26.76 29.36
N SER G 349 30.04 -27.95 28.79
CA SER G 349 30.42 -28.17 27.40
C SER G 349 29.32 -27.65 26.49
N VAL G 350 29.62 -27.58 25.19
CA VAL G 350 28.64 -27.09 24.23
C VAL G 350 27.61 -28.16 23.88
N TYR G 351 28.04 -29.43 23.91
CA TYR G 351 27.13 -30.53 23.58
C TYR G 351 26.14 -30.78 24.71
N ALA G 352 26.57 -30.50 25.93
CA ALA G 352 25.71 -30.66 27.10
C ALA G 352 25.63 -29.35 27.85
N TRP G 353 25.18 -28.33 27.14
CA TRP G 353 25.11 -26.98 27.67
C TRP G 353 24.19 -26.92 28.89
N ASN G 354 24.47 -26.00 29.79
CA ASN G 354 23.75 -25.94 31.08
C ASN G 354 22.72 -24.82 31.12
N ARG G 355 21.50 -25.16 31.55
CA ARG G 355 20.43 -24.18 31.69
C ARG G 355 20.20 -23.77 33.14
N LYS G 356 20.52 -22.54 33.46
CA LYS G 356 20.23 -22.03 34.80
C LYS G 356 19.00 -21.14 34.77
N ARG G 357 18.02 -21.46 35.61
CA ARG G 357 16.79 -20.68 35.65
C ARG G 357 16.89 -19.55 36.65
N ILE G 358 16.66 -18.33 36.18
CA ILE G 358 16.67 -17.15 37.03
C ILE G 358 15.25 -16.66 37.24
N SER G 359 14.86 -16.54 38.50
CA SER G 359 13.50 -16.18 38.84
C SER G 359 13.37 -15.62 40.24
N ASN G 360 12.22 -15.01 40.50
CA ASN G 360 11.86 -14.53 41.83
C ASN G 360 12.97 -13.67 42.42
N CYS G 361 13.37 -12.65 41.64
CA CYS G 361 14.49 -11.79 42.01
C CYS G 361 14.43 -10.45 41.28
N VAL G 362 15.24 -9.52 41.75
CA VAL G 362 15.39 -8.23 41.11
C VAL G 362 16.69 -8.19 40.33
N ALA G 363 16.57 -7.99 39.03
CA ALA G 363 17.72 -8.06 38.14
C ALA G 363 18.37 -6.70 38.01
N ASP G 364 19.61 -6.71 37.56
CA ASP G 364 20.31 -5.49 37.21
C ASP G 364 21.22 -5.76 36.03
N TYR G 365 20.88 -5.20 34.89
CA TYR G 365 21.60 -5.50 33.66
C TYR G 365 22.58 -4.39 33.32
N SER G 366 22.65 -3.37 34.17
CA SER G 366 23.58 -2.28 33.94
C SER G 366 24.99 -2.71 34.30
N VAL G 367 25.09 -3.67 35.20
CA VAL G 367 26.37 -4.22 35.61
C VAL G 367 26.97 -5.08 34.51
N LEU G 368 26.12 -5.64 33.66
CA LEU G 368 26.58 -6.46 32.56
C LEU G 368 26.83 -5.63 31.32
N TYR G 369 25.88 -4.75 31.00
CA TYR G 369 25.95 -3.97 29.78
C TYR G 369 27.11 -2.96 29.82
N ASN G 370 27.36 -2.40 31.00
CA ASN G 370 28.38 -1.37 31.13
C ASN G 370 29.74 -1.98 31.45
N SER G 371 29.84 -3.31 31.40
CA SER G 371 31.09 -3.98 31.67
C SER G 371 31.94 -4.10 30.41
N ALA G 372 33.23 -3.86 30.53
CA ALA G 372 34.15 -3.94 29.40
C ALA G 372 34.69 -5.35 29.22
N SER G 373 34.26 -6.27 30.08
CA SER G 373 34.80 -7.62 30.08
C SER G 373 34.25 -8.48 28.96
N PHE G 374 33.17 -8.03 28.33
CA PHE G 374 32.50 -8.82 27.30
C PHE G 374 32.91 -8.38 25.90
N SER G 375 33.26 -9.35 25.06
CA SER G 375 33.63 -9.07 23.68
C SER G 375 32.40 -9.06 22.79
N THR G 376 31.39 -9.83 23.19
CA THR G 376 30.13 -9.88 22.46
C THR G 376 28.96 -9.60 23.39
N PHE G 377 28.07 -8.71 22.96
CA PHE G 377 26.85 -8.40 23.70
C PHE G 377 25.75 -8.02 22.73
N LYS G 378 25.10 -9.02 22.15
CA LYS G 378 24.11 -8.78 21.10
C LYS G 378 22.71 -9.17 21.54
N CYS G 379 21.78 -8.22 21.52
CA CYS G 379 20.42 -8.45 21.94
C CYS G 379 19.45 -8.49 20.76
N TYR G 380 18.47 -9.34 20.82
CA TYR G 380 17.48 -9.46 19.77
C TYR G 380 16.08 -9.30 20.35
N GLY G 381 15.31 -8.37 19.81
CA GLY G 381 13.95 -8.15 20.26
C GLY G 381 13.90 -7.23 21.48
N VAL G 382 15.06 -6.80 21.94
CA VAL G 382 15.16 -5.91 23.09
C VAL G 382 16.44 -5.09 23.05
N CYS G 383 16.37 -3.83 23.44
CA CYS G 383 17.50 -2.93 23.49
C CYS G 383 18.12 -2.94 24.91
N PRO G 384 19.43 -3.20 25.03
CA PRO G 384 20.20 -3.34 26.27
C PRO G 384 19.96 -2.21 27.25
N THR G 385 19.65 -1.03 26.73
CA THR G 385 19.47 0.14 27.57
C THR G 385 18.05 0.21 28.12
N LYS G 386 17.14 -0.55 27.53
CA LYS G 386 15.76 -0.60 27.97
C LYS G 386 15.51 -1.86 28.77
N LEU G 387 16.46 -2.78 28.69
CA LEU G 387 16.36 -4.06 29.38
C LEU G 387 16.32 -3.88 30.89
N ASN G 388 16.74 -2.71 31.36
CA ASN G 388 16.87 -2.44 32.79
C ASN G 388 15.59 -1.91 33.42
N ASP G 389 14.51 -1.82 32.66
CA ASP G 389 13.25 -1.37 33.23
C ASP G 389 12.07 -2.20 32.76
N LEU G 390 12.35 -3.41 32.29
CA LEU G 390 11.32 -4.36 31.89
C LEU G 390 11.19 -5.49 32.91
N CYS G 391 10.06 -6.21 32.85
CA CYS G 391 9.84 -7.41 33.65
C CYS G 391 9.65 -8.64 32.78
N PHE G 392 10.07 -9.79 33.29
CA PHE G 392 9.92 -11.05 32.57
C PHE G 392 9.30 -12.11 33.47
N THR G 393 8.66 -13.11 32.85
CA THR G 393 8.08 -14.22 33.60
C THR G 393 9.14 -15.24 33.95
N ASN G 394 10.19 -15.29 33.15
CA ASN G 394 11.35 -16.13 33.45
C ASN G 394 12.56 -15.69 32.66
N VAL G 395 13.74 -15.98 33.18
CA VAL G 395 14.97 -15.75 32.45
C VAL G 395 15.84 -17.00 32.48
N TYR G 396 16.30 -17.44 31.31
CA TYR G 396 17.15 -18.61 31.26
C TYR G 396 18.55 -18.28 30.78
N ALA G 397 19.53 -18.73 31.52
CA ALA G 397 20.93 -18.52 31.15
C ALA G 397 21.56 -19.83 30.68
N ASP G 398 21.73 -19.94 29.37
CA ASP G 398 22.32 -21.13 28.78
C ASP G 398 23.81 -20.92 28.56
N SER G 399 24.64 -21.65 29.31
CA SER G 399 26.08 -21.41 29.27
C SER G 399 26.88 -22.60 28.74
N PHE G 400 27.98 -22.29 28.07
CA PHE G 400 28.92 -23.28 27.55
C PHE G 400 30.24 -22.65 27.12
N VAL G 401 31.23 -23.49 26.80
CA VAL G 401 32.49 -22.99 26.24
C VAL G 401 32.73 -23.49 24.81
N ILE G 402 33.02 -22.55 23.91
CA ILE G 402 33.30 -22.86 22.51
C ILE G 402 34.56 -22.15 22.00
N ARG G 403 34.92 -22.42 20.75
CA ARG G 403 36.05 -21.73 20.12
C ARG G 403 35.62 -20.36 19.60
N GLY G 404 36.60 -19.46 19.44
CA GLY G 404 36.33 -18.12 18.92
C GLY G 404 35.67 -18.14 17.56
N ASP G 405 36.10 -19.06 16.71
CA ASP G 405 35.58 -19.15 15.35
C ASP G 405 34.14 -19.65 15.32
N GLU G 406 33.67 -20.14 16.46
CA GLU G 406 32.32 -20.69 16.56
C GLU G 406 31.34 -19.68 17.13
N VAL G 407 31.84 -18.55 17.61
CA VAL G 407 31.01 -17.57 18.29
C VAL G 407 29.93 -17.01 17.38
N ARG G 408 30.25 -16.88 16.10
CA ARG G 408 29.31 -16.35 15.12
C ARG G 408 28.08 -17.24 14.97
N GLN G 409 28.20 -18.52 15.37
CA GLN G 409 27.10 -19.46 15.24
C GLN G 409 26.05 -19.23 16.31
N ILE G 410 26.38 -18.46 17.34
CA ILE G 410 25.44 -18.20 18.41
C ILE G 410 24.57 -17.01 18.06
N ALA G 411 23.65 -17.23 17.13
CA ALA G 411 22.74 -16.21 16.68
C ALA G 411 21.58 -16.86 15.94
N PRO G 412 20.42 -16.19 15.88
CA PRO G 412 19.24 -16.58 15.13
C PRO G 412 19.55 -16.76 13.64
N GLY G 413 19.05 -17.84 13.06
CA GLY G 413 19.17 -18.07 11.63
C GLY G 413 20.52 -18.65 11.21
N GLN G 414 21.38 -18.94 12.17
CA GLN G 414 22.71 -19.45 11.86
C GLN G 414 22.73 -20.97 11.77
N THR G 415 23.68 -21.49 11.01
CA THR G 415 23.90 -22.93 10.89
C THR G 415 25.39 -23.26 11.08
N GLY G 416 25.69 -24.54 11.27
CA GLY G 416 27.08 -24.96 11.50
C GLY G 416 27.13 -26.11 12.51
N LYS G 417 28.32 -26.56 12.84
CA LYS G 417 28.47 -27.72 13.71
C LYS G 417 27.88 -27.46 15.09
N ILE G 418 27.99 -26.23 15.57
CA ILE G 418 27.44 -25.90 16.87
C ILE G 418 25.96 -25.62 16.75
N ALA G 419 25.61 -24.79 15.78
CA ALA G 419 24.23 -24.39 15.58
C ALA G 419 23.33 -25.60 15.31
N ASP G 420 23.86 -26.58 14.58
CA ASP G 420 23.04 -27.72 14.16
C ASP G 420 23.11 -28.92 15.10
N TYR G 421 24.27 -29.17 15.71
CA TYR G 421 24.44 -30.42 16.47
C TYR G 421 24.63 -30.22 17.97
N ASN G 422 24.78 -28.98 18.41
CA ASN G 422 25.08 -28.76 19.82
C ASN G 422 24.06 -27.85 20.50
N TYR G 423 23.95 -26.62 20.02
CA TYR G 423 23.06 -25.64 20.64
C TYR G 423 22.37 -24.77 19.59
N LYS G 424 21.07 -24.97 19.44
CA LYS G 424 20.30 -24.28 18.41
C LYS G 424 19.42 -23.18 19.00
N LEU G 425 19.50 -21.99 18.41
CA LEU G 425 18.61 -20.88 18.77
C LEU G 425 17.51 -20.75 17.72
N PRO G 426 16.32 -20.34 18.14
CA PRO G 426 15.15 -20.07 17.32
C PRO G 426 15.32 -18.81 16.49
N ASP G 427 14.64 -18.76 15.35
CA ASP G 427 14.71 -17.60 14.46
C ASP G 427 14.06 -16.37 15.09
N ASP G 428 13.12 -16.60 15.98
CA ASP G 428 12.42 -15.51 16.66
C ASP G 428 12.93 -15.32 18.09
N PHE G 429 14.17 -15.73 18.34
CA PHE G 429 14.76 -15.60 19.66
C PHE G 429 14.68 -14.19 20.20
N THR G 430 14.26 -14.08 21.46
CA THR G 430 14.29 -12.81 22.17
C THR G 430 15.20 -12.95 23.38
N GLY G 431 16.25 -12.16 23.42
CA GLY G 431 17.25 -12.30 24.47
C GLY G 431 18.59 -11.70 24.05
N CYS G 432 19.62 -11.93 24.87
CA CYS G 432 20.94 -11.36 24.63
C CYS G 432 22.03 -12.44 24.68
N VAL G 433 22.94 -12.37 23.72
CA VAL G 433 24.08 -13.29 23.67
C VAL G 433 25.34 -12.61 24.17
N ILE G 434 25.91 -13.16 25.23
CA ILE G 434 27.09 -12.59 25.85
C ILE G 434 28.27 -13.56 25.79
N ALA G 435 29.41 -13.09 25.30
CA ALA G 435 30.58 -13.96 25.23
C ALA G 435 31.87 -13.20 25.53
N TRP G 436 32.85 -13.91 26.08
CA TRP G 436 34.15 -13.33 26.37
C TRP G 436 35.25 -14.39 26.30
N ASN G 437 36.46 -13.94 25.99
CA ASN G 437 37.63 -14.83 25.90
C ASN G 437 38.03 -15.36 27.26
N SER G 438 38.23 -16.67 27.36
CA SER G 438 38.60 -17.30 28.61
C SER G 438 39.90 -18.09 28.49
N ASN G 439 40.78 -17.65 27.60
CA ASN G 439 42.05 -18.35 27.37
C ASN G 439 42.87 -18.48 28.65
N ASN G 440 42.72 -17.51 29.55
CA ASN G 440 43.49 -17.52 30.79
C ASN G 440 42.88 -18.42 31.86
N LEU G 441 41.68 -18.96 31.58
CA LEU G 441 40.99 -19.76 32.57
C LEU G 441 40.74 -21.19 32.08
N ASP G 442 40.25 -21.32 30.86
CA ASP G 442 39.81 -22.62 30.34
C ASP G 442 40.86 -23.32 29.49
N SER G 443 42.02 -22.69 29.33
CA SER G 443 43.09 -23.32 28.55
C SER G 443 44.12 -23.98 29.46
N LYS G 444 44.73 -25.04 28.96
CA LYS G 444 45.75 -25.76 29.72
C LYS G 444 46.96 -26.06 28.85
N VAL G 445 48.12 -26.15 29.49
CA VAL G 445 49.37 -26.35 28.76
C VAL G 445 49.34 -27.63 27.93
N GLY G 446 48.79 -28.69 28.52
CA GLY G 446 48.70 -29.98 27.83
C GLY G 446 47.38 -30.13 27.07
N GLY G 447 46.58 -29.08 27.07
CA GLY G 447 45.27 -29.10 26.44
C GLY G 447 44.18 -29.37 27.47
N ASN G 448 43.04 -28.69 27.30
CA ASN G 448 41.91 -28.89 28.20
C ASN G 448 40.80 -29.68 27.53
N TYR G 449 40.88 -30.99 27.63
CA TYR G 449 39.96 -31.85 26.89
C TYR G 449 38.71 -32.15 27.69
N ASN G 450 38.51 -31.40 28.78
CA ASN G 450 37.30 -31.54 29.58
C ASN G 450 36.11 -31.01 28.80
N TYR G 451 36.37 -30.11 27.86
CA TYR G 451 35.32 -29.52 27.06
C TYR G 451 35.26 -30.18 25.68
N ARG G 452 34.06 -30.59 25.27
CA ARG G 452 33.86 -31.32 24.02
C ARG G 452 32.67 -30.78 23.23
N TYR G 453 32.52 -31.29 22.01
CA TYR G 453 31.37 -30.95 21.15
C TYR G 453 30.89 -32.15 20.38
N ARG G 454 29.66 -32.09 19.92
CA ARG G 454 29.11 -33.14 19.08
C ARG G 454 29.49 -32.93 17.63
N LEU G 455 30.07 -33.95 17.02
CA LEU G 455 30.48 -33.91 15.64
C LEU G 455 29.53 -34.71 14.76
N PHE G 456 29.03 -35.81 15.29
CA PHE G 456 28.18 -36.72 14.52
C PHE G 456 26.74 -36.73 15.03
N ARG G 457 25.80 -36.50 14.12
CA ARG G 457 24.39 -36.48 14.46
C ARG G 457 23.53 -36.92 13.26
N LYS G 458 22.46 -37.65 13.54
CA LYS G 458 21.56 -38.13 12.48
C LYS G 458 20.82 -36.99 11.78
N SER G 459 20.41 -36.00 12.55
CA SER G 459 19.68 -34.85 12.01
C SER G 459 19.92 -33.61 12.85
N ASN G 460 19.62 -32.44 12.28
CA ASN G 460 19.82 -31.18 12.98
C ASN G 460 18.90 -31.06 14.19
N LEU G 461 19.37 -30.41 15.24
CA LEU G 461 18.60 -30.22 16.46
C LEU G 461 17.53 -29.17 16.30
N LYS G 462 16.45 -29.32 17.06
CA LYS G 462 15.45 -28.28 17.18
C LYS G 462 15.94 -27.25 18.22
N PRO G 463 15.43 -26.03 18.18
CA PRO G 463 15.76 -24.94 19.09
C PRO G 463 15.66 -25.39 20.54
N PHE G 464 16.69 -25.08 21.31
CA PHE G 464 16.75 -25.39 22.73
C PHE G 464 16.76 -26.88 23.06
N GLU G 465 17.07 -27.70 22.06
CA GLU G 465 17.26 -29.13 22.29
C GLU G 465 18.66 -29.41 22.84
N ARG G 466 18.74 -30.36 23.77
CA ARG G 466 20.02 -30.78 24.33
C ARG G 466 20.19 -32.30 24.26
N ASP G 467 21.17 -32.74 23.47
CA ASP G 467 21.41 -34.16 23.30
C ASP G 467 22.64 -34.63 24.07
N ILE G 468 22.43 -35.46 25.08
CA ILE G 468 23.52 -35.90 25.94
C ILE G 468 23.83 -37.37 25.75
N SER G 469 23.36 -37.95 24.65
CA SER G 469 23.68 -39.35 24.35
C SER G 469 25.17 -39.52 24.05
N THR G 470 25.75 -40.57 24.61
CA THR G 470 27.16 -40.88 24.42
C THR G 470 27.33 -42.17 23.64
N GLU G 471 26.24 -42.65 23.05
CA GLU G 471 26.26 -43.92 22.31
C GLU G 471 27.04 -43.79 21.01
N ILE G 472 27.65 -44.88 20.59
CA ILE G 472 28.47 -44.90 19.37
C ILE G 472 27.61 -44.68 18.13
N TYR G 473 28.10 -43.81 17.25
CA TYR G 473 27.41 -43.50 16.00
C TYR G 473 27.89 -44.40 14.88
N GLN G 474 26.95 -45.02 14.19
CA GLN G 474 27.26 -45.87 13.05
C GLN G 474 27.19 -45.09 11.74
N ALA G 475 28.34 -44.83 11.15
CA ALA G 475 28.43 -44.03 9.95
C ALA G 475 28.24 -44.87 8.70
N GLY G 476 28.39 -46.18 8.85
CA GLY G 476 28.32 -47.10 7.71
C GLY G 476 27.09 -47.99 7.80
N SER G 477 27.22 -49.23 7.31
CA SER G 477 26.10 -50.16 7.25
C SER G 477 26.26 -51.31 8.25
N THR G 478 27.41 -51.37 8.92
CA THR G 478 27.67 -52.45 9.85
C THR G 478 27.65 -51.94 11.30
N PRO G 479 27.06 -52.72 12.22
CA PRO G 479 26.79 -52.41 13.61
C PRO G 479 28.07 -52.22 14.41
N CYS G 480 27.99 -51.44 15.49
CA CYS G 480 29.14 -51.10 16.31
C CYS G 480 29.21 -51.95 17.58
N ASN G 481 28.04 -52.32 18.09
CA ASN G 481 27.97 -53.10 19.34
C ASN G 481 28.65 -52.38 20.50
N GLY G 482 28.60 -51.05 20.49
CA GLY G 482 29.17 -50.25 21.57
C GLY G 482 30.69 -50.12 21.46
N VAL G 483 31.25 -50.59 20.36
CA VAL G 483 32.70 -50.58 20.19
C VAL G 483 33.13 -49.64 19.08
N GLN G 484 34.13 -48.80 19.38
CA GLN G 484 34.68 -47.88 18.39
C GLN G 484 35.49 -48.64 17.35
N GLY G 485 35.46 -48.17 16.11
CA GLY G 485 36.15 -48.83 15.01
C GLY G 485 35.83 -48.16 13.69
N PHE G 486 36.06 -48.86 12.60
CA PHE G 486 35.78 -48.29 11.29
C PHE G 486 34.29 -48.06 11.11
N ASN G 487 33.94 -46.82 10.77
CA ASN G 487 32.54 -46.40 10.65
C ASN G 487 31.77 -46.45 11.98
N CYS G 488 32.50 -46.51 13.10
CA CYS G 488 31.92 -46.51 14.44
C CYS G 488 32.66 -45.53 15.34
N TYR G 489 32.05 -44.39 15.59
CA TYR G 489 32.75 -43.31 16.29
C TYR G 489 32.02 -42.87 17.54
N PHE G 490 32.79 -42.45 18.54
CA PHE G 490 32.23 -41.77 19.69
C PHE G 490 31.85 -40.35 19.24
N PRO G 491 30.57 -39.98 19.40
CA PRO G 491 29.92 -38.82 18.81
C PRO G 491 30.51 -37.49 19.23
N LEU G 492 31.20 -37.47 20.37
CA LEU G 492 31.76 -36.23 20.88
C LEU G 492 33.27 -36.17 20.69
N GLN G 493 33.74 -35.00 20.27
CA GLN G 493 35.17 -34.76 20.11
C GLN G 493 35.63 -33.66 21.05
N SER G 494 36.87 -33.76 21.50
CA SER G 494 37.40 -32.77 22.42
C SER G 494 38.09 -31.63 21.69
N TYR G 495 38.25 -30.52 22.41
CA TYR G 495 38.96 -29.37 21.89
C TYR G 495 40.33 -29.24 22.54
N GLY G 496 41.30 -28.71 21.80
CA GLY G 496 42.65 -28.52 22.34
C GLY G 496 42.67 -27.55 23.50
N PHE G 497 42.27 -26.31 23.27
CA PHE G 497 42.26 -25.28 24.31
C PHE G 497 43.59 -25.14 25.02
N GLN G 498 44.64 -24.87 24.27
CA GLN G 498 45.95 -24.55 24.82
C GLN G 498 46.16 -23.04 24.78
N PRO G 499 46.88 -22.48 25.75
CA PRO G 499 47.13 -21.06 25.95
C PRO G 499 47.90 -20.44 24.79
N THR G 500 48.53 -21.26 23.97
CA THR G 500 49.33 -20.78 22.85
C THR G 500 48.57 -20.86 21.53
N ASN G 501 47.31 -21.27 21.58
CA ASN G 501 46.50 -21.40 20.39
C ASN G 501 46.08 -20.04 19.85
N GLY G 502 45.76 -19.98 18.56
CA GLY G 502 45.36 -18.74 17.92
C GLY G 502 43.99 -18.28 18.40
N VAL G 503 43.66 -17.02 18.13
CA VAL G 503 42.45 -16.40 18.64
C VAL G 503 41.20 -17.19 18.27
N GLY G 504 41.18 -17.72 17.06
CA GLY G 504 40.01 -18.47 16.56
C GLY G 504 39.88 -19.82 17.23
N TYR G 505 40.95 -20.29 17.88
CA TYR G 505 40.97 -21.60 18.50
C TYR G 505 40.81 -21.52 20.03
N GLN G 506 41.15 -20.35 20.58
CA GLN G 506 41.03 -20.15 22.01
C GLN G 506 39.59 -20.33 22.45
N PRO G 507 39.36 -20.77 23.69
CA PRO G 507 38.07 -20.95 24.33
C PRO G 507 37.43 -19.62 24.67
N TYR G 508 36.12 -19.57 24.52
CA TYR G 508 35.33 -18.42 24.94
C TYR G 508 34.16 -18.88 25.78
N ARG G 509 33.90 -18.15 26.85
CA ARG G 509 32.76 -18.46 27.71
C ARG G 509 31.53 -17.74 27.22
N VAL G 510 30.47 -18.50 26.97
CA VAL G 510 29.27 -17.95 26.38
C VAL G 510 28.06 -18.13 27.29
N VAL G 511 27.34 -17.05 27.51
CA VAL G 511 26.09 -17.09 28.25
C VAL G 511 24.98 -16.46 27.43
N VAL G 512 23.93 -17.21 27.17
CA VAL G 512 22.79 -16.69 26.43
C VAL G 512 21.60 -16.47 27.34
N LEU G 513 21.13 -15.23 27.42
CA LEU G 513 20.01 -14.90 28.29
C LEU G 513 18.72 -14.84 27.50
N SER G 514 17.88 -15.85 27.69
CA SER G 514 16.61 -15.94 26.99
C SER G 514 15.52 -15.32 27.83
N PHE G 515 14.82 -14.34 27.27
CA PHE G 515 13.79 -13.61 28.00
C PHE G 515 12.41 -14.00 27.54
N GLU G 516 11.62 -14.56 28.44
CA GLU G 516 10.26 -14.94 28.10
C GLU G 516 9.25 -14.08 28.85
N LEU G 517 8.27 -13.57 28.13
CA LEU G 517 7.24 -12.73 28.72
C LEU G 517 5.85 -13.29 28.46
N LEU G 518 5.43 -14.24 29.27
CA LEU G 518 4.10 -14.80 29.18
C LEU G 518 3.15 -14.05 30.09
N HIS G 519 1.85 -14.31 29.95
CA HIS G 519 0.91 -13.66 30.84
C HIS G 519 0.92 -14.30 32.21
N ALA G 520 1.90 -13.94 33.01
CA ALA G 520 2.02 -14.47 34.35
C ALA G 520 2.73 -13.43 35.20
N PRO G 521 2.57 -13.48 36.52
CA PRO G 521 3.26 -12.65 37.47
C PRO G 521 4.74 -12.67 37.14
N ALA G 522 5.31 -11.51 36.90
CA ALA G 522 6.71 -11.44 36.57
C ALA G 522 7.52 -11.94 37.73
N THR G 523 8.57 -12.69 37.43
CA THR G 523 9.42 -13.24 38.47
C THR G 523 10.74 -12.47 38.51
N VAL G 524 11.06 -11.80 37.40
CA VAL G 524 12.26 -10.99 37.31
C VAL G 524 11.94 -9.58 36.82
N CYS G 525 12.36 -8.57 37.58
CA CYS G 525 12.22 -7.17 37.18
C CYS G 525 13.53 -6.44 37.38
N GLY G 526 13.87 -5.56 36.45
CA GLY G 526 15.10 -4.79 36.55
C GLY G 526 15.02 -3.84 37.74
N PRO G 527 16.03 -3.00 37.93
CA PRO G 527 16.13 -2.03 39.00
C PRO G 527 14.83 -1.25 39.05
N LYS G 528 14.11 -1.37 40.13
CA LYS G 528 12.76 -0.85 40.19
C LYS G 528 12.55 0.05 41.38
N LYS G 529 11.83 1.14 41.17
CA LYS G 529 11.48 2.06 42.23
C LYS G 529 10.01 2.42 42.18
N SER G 530 9.20 1.60 42.85
CA SER G 530 7.76 1.74 42.80
C SER G 530 7.29 3.03 43.46
N THR G 531 6.14 3.52 43.03
CA THR G 531 5.52 4.71 43.59
C THR G 531 4.13 4.38 44.10
N ASN G 532 3.44 5.40 44.62
CA ASN G 532 2.09 5.22 45.14
C ASN G 532 1.09 5.06 44.00
N LEU G 533 -0.05 4.44 44.31
CA LEU G 533 -1.12 4.24 43.35
C LEU G 533 -2.16 5.34 43.44
N VAL G 534 -2.50 5.93 42.29
CA VAL G 534 -3.48 7.00 42.23
C VAL G 534 -4.66 6.61 41.37
N LYS G 535 -5.87 6.85 41.87
CA LYS G 535 -7.08 6.48 41.16
C LYS G 535 -8.00 7.67 40.94
N ASN G 536 -8.87 7.54 39.94
CA ASN G 536 -9.87 8.55 39.57
C ASN G 536 -9.23 9.82 39.00
N LYS G 537 -8.00 9.70 38.55
CA LYS G 537 -7.31 10.81 37.88
C LYS G 537 -6.57 10.31 36.66
N CYS G 538 -6.39 11.19 35.66
CA CYS G 538 -5.62 10.89 34.47
C CYS G 538 -4.13 10.83 34.80
N VAL G 539 -3.55 9.64 34.66
CA VAL G 539 -2.15 9.44 35.01
C VAL G 539 -1.39 8.63 33.96
N ASN G 540 -0.05 8.77 33.99
CA ASN G 540 0.80 7.91 33.14
C ASN G 540 1.22 6.79 34.08
N PHE G 541 1.17 5.53 33.65
CA PHE G 541 1.45 4.39 34.52
C PHE G 541 2.37 3.36 33.90
N ASN G 542 3.05 2.61 34.76
CA ASN G 542 3.83 1.44 34.36
C ASN G 542 3.57 0.27 35.32
N PHE G 543 2.81 -0.72 34.85
CA PHE G 543 2.49 -1.88 35.69
C PHE G 543 3.27 -3.11 35.24
N ASN G 544 4.27 -3.49 36.02
CA ASN G 544 5.12 -4.63 35.68
C ASN G 544 5.69 -4.53 34.26
N GLY G 545 6.06 -3.33 33.84
CA GLY G 545 6.64 -3.15 32.52
C GLY G 545 5.60 -2.69 31.49
N LEU G 546 4.33 -2.74 31.86
CA LEU G 546 3.25 -2.33 30.95
C LEU G 546 3.00 -0.83 31.06
N THR G 547 3.34 -0.10 30.01
CA THR G 547 3.21 1.35 30.04
C THR G 547 1.96 1.82 29.32
N GLY G 548 1.39 2.91 29.79
CA GLY G 548 0.24 3.53 29.14
C GLY G 548 -0.27 4.73 29.92
N THR G 549 -1.31 5.38 29.38
CA THR G 549 -1.89 6.58 30.03
C THR G 549 -3.40 6.40 30.15
N GLY G 550 -3.97 6.76 31.30
CA GLY G 550 -5.42 6.69 31.48
C GLY G 550 -5.81 6.85 32.94
N VAL G 551 -7.10 6.75 33.19
CA VAL G 551 -7.67 6.85 34.53
C VAL G 551 -7.83 5.46 35.14
N LEU G 552 -7.35 5.29 36.35
CA LEU G 552 -7.45 4.01 37.03
C LEU G 552 -8.54 4.02 38.08
N THR G 553 -9.39 3.01 38.08
CA THR G 553 -10.42 2.85 39.11
C THR G 553 -10.49 1.40 39.57
N GLU G 554 -11.10 1.18 40.72
CA GLU G 554 -11.32 -0.19 41.18
C GLU G 554 -12.28 -0.92 40.26
N SER G 555 -11.94 -2.15 39.93
CA SER G 555 -12.74 -2.96 39.02
C SER G 555 -13.67 -3.90 39.75
N ASN G 556 -14.80 -4.23 39.13
CA ASN G 556 -15.69 -5.24 39.66
C ASN G 556 -15.55 -6.55 38.88
N LYS G 557 -14.51 -6.63 38.05
CA LYS G 557 -14.27 -7.81 37.25
C LYS G 557 -13.63 -8.92 38.07
N LYS G 558 -14.24 -10.09 38.05
CA LYS G 558 -13.78 -11.20 38.87
C LYS G 558 -12.68 -11.98 38.18
N PHE G 559 -11.44 -11.54 38.35
CA PHE G 559 -10.29 -12.22 37.77
C PHE G 559 -10.01 -13.52 38.50
N LEU G 560 -9.55 -14.52 37.76
CA LEU G 560 -9.05 -15.74 38.38
C LEU G 560 -7.58 -15.53 38.78
N PRO G 561 -7.09 -16.24 39.79
CA PRO G 561 -5.78 -16.06 40.42
C PRO G 561 -4.61 -16.05 39.44
N PHE G 562 -4.77 -16.69 38.29
CA PHE G 562 -3.68 -16.78 37.34
C PHE G 562 -3.68 -15.63 36.34
N GLN G 563 -4.72 -14.80 36.38
CA GLN G 563 -4.90 -13.71 35.43
C GLN G 563 -4.40 -12.38 36.01
N GLN G 564 -3.59 -11.66 35.23
CA GLN G 564 -3.04 -10.38 35.67
C GLN G 564 -3.67 -9.21 34.95
N PHE G 565 -4.13 -9.44 33.72
CA PHE G 565 -4.77 -8.37 32.96
C PHE G 565 -5.85 -8.88 32.03
N GLY G 566 -6.68 -7.97 31.54
CA GLY G 566 -7.66 -8.30 30.52
C GLY G 566 -7.41 -7.49 29.26
N ARG G 567 -8.02 -7.89 28.16
CA ARG G 567 -7.86 -7.16 26.90
C ARG G 567 -9.18 -6.93 26.17
N ASP G 568 -9.21 -5.86 25.38
CA ASP G 568 -10.36 -5.53 24.53
C ASP G 568 -10.15 -6.07 23.11
N ILE G 569 -11.13 -5.85 22.24
CA ILE G 569 -11.08 -6.34 20.87
C ILE G 569 -9.98 -5.65 20.05
N ALA G 570 -9.53 -4.49 20.53
CA ALA G 570 -8.46 -3.74 19.87
C ALA G 570 -7.10 -4.21 20.37
N ASP G 571 -7.10 -5.25 21.21
CA ASP G 571 -5.89 -5.81 21.78
C ASP G 571 -5.27 -4.90 22.82
N THR G 572 -6.02 -3.89 23.27
CA THR G 572 -5.56 -3.02 24.33
C THR G 572 -5.92 -3.59 25.69
N THR G 573 -5.16 -3.22 26.71
CA THR G 573 -5.44 -3.66 28.07
C THR G 573 -6.48 -2.77 28.72
N ASP G 574 -7.51 -3.36 29.30
CA ASP G 574 -8.58 -2.58 29.90
C ASP G 574 -8.74 -2.88 31.39
N ALA G 575 -7.85 -3.70 31.91
CA ALA G 575 -7.85 -4.02 33.33
C ALA G 575 -6.54 -4.70 33.71
N VAL G 576 -6.02 -4.35 34.88
CA VAL G 576 -4.80 -4.96 35.38
C VAL G 576 -4.91 -5.32 36.85
N ARG G 577 -4.09 -6.26 37.28
CA ARG G 577 -3.95 -6.58 38.69
C ARG G 577 -2.74 -5.89 39.26
N ASP G 578 -2.95 -5.09 40.29
CA ASP G 578 -1.84 -4.41 40.95
C ASP G 578 -0.90 -5.43 41.59
N PRO G 579 0.38 -5.39 41.22
CA PRO G 579 1.41 -6.36 41.54
C PRO G 579 1.68 -6.48 43.04
N GLN G 580 1.23 -5.50 43.82
CA GLN G 580 1.50 -5.50 45.25
C GLN G 580 0.24 -5.74 46.07
N THR G 581 -0.87 -5.15 45.64
CA THR G 581 -2.11 -5.24 46.41
C THR G 581 -3.05 -6.31 45.86
N LEU G 582 -2.76 -6.76 44.63
CA LEU G 582 -3.57 -7.75 43.94
C LEU G 582 -4.97 -7.24 43.63
N GLU G 583 -5.18 -5.95 43.80
CA GLU G 583 -6.44 -5.31 43.45
C GLU G 583 -6.59 -5.20 41.94
N ILE G 584 -7.78 -5.46 41.43
CA ILE G 584 -8.03 -5.32 40.00
C ILE G 584 -8.49 -3.91 39.68
N LEU G 585 -7.82 -3.29 38.72
CA LEU G 585 -8.12 -1.92 38.34
C LEU G 585 -8.58 -1.85 36.89
N ASP G 586 -9.61 -1.04 36.65
CA ASP G 586 -10.06 -0.76 35.29
C ASP G 586 -9.24 0.37 34.68
N ILE G 587 -8.91 0.23 33.40
CA ILE G 587 -8.15 1.27 32.72
C ILE G 587 -8.99 1.94 31.64
N THR G 588 -9.28 3.22 31.83
CA THR G 588 -10.05 3.98 30.85
C THR G 588 -9.28 5.21 30.41
N PRO G 589 -9.07 5.40 29.11
CA PRO G 589 -8.37 6.51 28.49
C PRO G 589 -8.91 7.85 28.97
N CYS G 590 -8.02 8.84 29.05
CA CYS G 590 -8.35 10.18 29.51
C CYS G 590 -9.24 10.88 28.50
N SER G 591 -10.11 11.78 28.97
CA SER G 591 -11.09 12.42 28.10
C SER G 591 -10.45 13.13 26.92
N PHE G 592 -11.09 12.99 25.76
CA PHE G 592 -10.64 13.62 24.53
C PHE G 592 -11.82 13.80 23.59
N GLY G 593 -11.62 14.57 22.53
CA GLY G 593 -12.67 14.74 21.53
C GLY G 593 -12.31 15.82 20.52
N GLY G 594 -13.18 16.04 19.55
CA GLY G 594 -12.94 17.04 18.53
C GLY G 594 -13.24 18.45 19.02
N VAL G 595 -12.53 19.42 18.44
CA VAL G 595 -12.80 20.82 18.72
C VAL G 595 -13.23 21.52 17.44
N SER G 596 -14.43 22.07 17.46
CA SER G 596 -14.93 22.79 16.32
C SER G 596 -15.09 24.27 16.62
N VAL G 597 -14.69 25.10 15.68
CA VAL G 597 -14.78 26.54 15.85
C VAL G 597 -15.91 27.12 15.01
N ILE G 598 -16.81 27.83 15.67
CA ILE G 598 -17.95 28.45 15.02
C ILE G 598 -17.65 29.92 14.75
N THR G 599 -17.74 30.33 13.50
CA THR G 599 -17.39 31.69 13.13
C THR G 599 -18.35 32.28 12.11
N PRO G 600 -18.68 33.57 12.23
CA PRO G 600 -19.55 34.35 11.36
C PRO G 600 -18.92 34.73 10.03
N GLY G 601 -17.60 34.60 9.91
CA GLY G 601 -16.91 35.06 8.73
C GLY G 601 -16.11 36.32 9.02
N THR G 602 -14.87 36.37 8.52
CA THR G 602 -13.97 37.49 8.80
C THR G 602 -14.38 38.80 8.10
N ASN G 603 -15.30 38.72 7.13
CA ASN G 603 -15.88 39.90 6.50
C ASN G 603 -16.88 40.59 7.45
N THR G 604 -17.20 39.92 8.57
CA THR G 604 -18.17 40.42 9.55
C THR G 604 -17.54 40.64 10.91
N SER G 605 -16.86 39.63 11.45
CA SER G 605 -16.35 39.70 12.81
C SER G 605 -15.22 38.71 13.08
N ASN G 606 -14.45 38.98 14.15
CA ASN G 606 -13.40 38.07 14.58
C ASN G 606 -13.77 37.30 15.84
N GLN G 607 -15.05 37.35 16.21
CA GLN G 607 -15.52 36.60 17.37
C GLN G 607 -15.78 35.16 16.99
N VAL G 608 -15.43 34.23 17.88
CA VAL G 608 -15.69 32.83 17.64
C VAL G 608 -16.27 32.15 18.88
N ALA G 609 -16.91 31.01 18.65
CA ALA G 609 -17.35 30.12 19.73
C ALA G 609 -16.76 28.74 19.50
N VAL G 610 -16.52 28.01 20.58
CA VAL G 610 -15.90 26.70 20.46
C VAL G 610 -16.77 25.58 20.99
N LEU G 611 -16.95 24.56 20.17
CA LEU G 611 -17.70 23.38 20.57
C LEU G 611 -16.77 22.23 20.87
N TYR G 612 -16.83 21.73 22.10
CA TYR G 612 -16.07 20.56 22.50
C TYR G 612 -16.93 19.33 22.36
N GLN G 613 -16.71 18.60 21.28
CA GLN G 613 -17.66 17.60 20.83
C GLN G 613 -17.69 16.39 21.73
N GLY G 614 -18.88 16.05 22.19
CA GLY G 614 -19.11 14.81 22.93
C GLY G 614 -18.62 14.84 24.37
N VAL G 615 -18.39 16.02 24.92
CA VAL G 615 -17.93 16.08 26.31
C VAL G 615 -18.78 16.97 27.20
N ASN G 616 -18.61 16.78 28.50
CA ASN G 616 -19.21 17.61 29.54
C ASN G 616 -18.49 18.96 29.63
N CYS G 617 -19.24 20.00 29.95
CA CYS G 617 -18.67 21.32 30.21
C CYS G 617 -17.80 21.32 31.46
N THR G 618 -18.06 20.36 32.34
CA THR G 618 -17.31 20.24 33.57
C THR G 618 -15.92 19.66 33.33
N GLU G 619 -15.72 19.11 32.14
CA GLU G 619 -14.46 18.47 31.79
C GLU G 619 -13.64 19.33 30.84
N VAL G 620 -14.20 20.45 30.42
CA VAL G 620 -13.51 21.29 29.44
C VAL G 620 -12.22 21.95 29.99
N PRO G 621 -12.21 22.55 31.21
CA PRO G 621 -11.08 23.22 31.82
C PRO G 621 -9.85 22.33 31.88
N ASN G 641 -20.62 32.25 29.37
CA ASN G 641 -21.23 31.66 28.18
C ASN G 641 -20.80 30.21 28.00
N VAL G 642 -21.25 29.34 28.91
CA VAL G 642 -21.03 27.90 28.80
C VAL G 642 -22.36 27.17 28.74
N PHE G 643 -22.62 26.51 27.61
CA PHE G 643 -23.90 25.87 27.36
C PHE G 643 -23.74 24.41 26.96
N GLN G 644 -24.39 23.52 27.69
CA GLN G 644 -24.28 22.10 27.40
C GLN G 644 -25.33 21.64 26.41
N THR G 645 -24.88 21.10 25.29
CA THR G 645 -25.77 20.54 24.29
C THR G 645 -25.49 19.05 24.15
N ARG G 646 -26.34 18.35 23.42
CA ARG G 646 -26.12 16.92 23.23
C ARG G 646 -25.03 16.67 22.20
N ALA G 647 -24.55 17.74 21.59
CA ALA G 647 -23.45 17.67 20.63
C ALA G 647 -22.11 17.89 21.34
N GLY G 648 -22.16 18.32 22.60
CA GLY G 648 -20.95 18.67 23.33
C GLY G 648 -21.13 20.00 24.06
N CYS G 649 -20.03 20.54 24.59
CA CYS G 649 -20.06 21.79 25.35
C CYS G 649 -19.75 22.97 24.45
N LEU G 650 -20.68 23.92 24.37
CA LEU G 650 -20.52 25.09 23.53
C LEU G 650 -20.13 26.31 24.36
N ILE G 651 -18.96 26.87 24.08
CA ILE G 651 -18.46 27.99 24.86
C ILE G 651 -18.26 29.23 24.00
N GLY G 652 -18.76 30.35 24.49
CA GLY G 652 -18.62 31.61 23.78
C GLY G 652 -19.92 32.03 23.09
N ALA G 653 -20.93 31.18 23.21
CA ALA G 653 -22.24 31.46 22.62
C ALA G 653 -23.27 31.69 23.71
N GLU G 654 -24.13 32.66 23.50
CA GLU G 654 -25.20 32.95 24.44
C GLU G 654 -26.47 32.19 24.09
N HIS G 655 -26.93 31.36 25.01
CA HIS G 655 -28.16 30.63 24.78
C HIS G 655 -29.35 31.55 24.93
N VAL G 656 -30.29 31.44 23.99
CA VAL G 656 -31.51 32.22 24.04
C VAL G 656 -32.71 31.30 23.98
N ASN G 657 -33.85 31.76 24.50
CA ASN G 657 -35.08 30.96 24.53
C ASN G 657 -35.98 31.27 23.32
N ASN G 658 -35.48 32.06 22.38
CA ASN G 658 -36.17 32.31 21.12
C ASN G 658 -35.81 31.23 20.14
N SER G 659 -36.40 31.29 18.95
CA SER G 659 -36.14 30.28 17.94
C SER G 659 -36.10 30.92 16.56
N TYR G 660 -35.10 30.56 15.78
CA TYR G 660 -34.90 31.16 14.48
C TYR G 660 -34.61 30.10 13.44
N GLU G 661 -34.56 30.50 12.18
CA GLU G 661 -34.11 29.61 11.12
C GLU G 661 -32.65 29.26 11.35
N CYS G 662 -32.27 28.01 11.07
CA CYS G 662 -30.91 27.55 11.34
C CYS G 662 -29.90 28.29 10.46
N ASP G 663 -28.88 28.83 11.10
CA ASP G 663 -27.80 29.50 10.40
C ASP G 663 -26.58 28.58 10.32
N ILE G 664 -25.84 28.50 11.42
CA ILE G 664 -24.76 27.54 11.52
C ILE G 664 -25.18 26.38 12.42
N PRO G 665 -25.30 25.17 11.88
CA PRO G 665 -25.75 23.98 12.56
C PRO G 665 -24.76 23.54 13.61
N ILE G 666 -25.25 23.24 14.81
CA ILE G 666 -24.41 22.69 15.87
C ILE G 666 -24.69 21.21 16.00
N GLY G 667 -25.97 20.86 16.03
CA GLY G 667 -26.39 19.47 16.13
C GLY G 667 -27.46 19.29 17.19
N ALA G 668 -28.25 18.22 17.05
CA ALA G 668 -29.29 17.89 18.02
C ALA G 668 -30.30 19.01 18.20
N GLY G 669 -30.62 19.69 17.10
CA GLY G 669 -31.64 20.71 17.11
C GLY G 669 -31.11 22.11 17.43
N ILE G 670 -29.82 22.21 17.73
CA ILE G 670 -29.23 23.49 18.08
C ILE G 670 -28.48 24.11 16.91
N CYS G 671 -28.70 25.41 16.69
CA CYS G 671 -27.99 26.20 15.69
C CYS G 671 -27.42 27.47 16.33
N ALA G 672 -26.44 28.07 15.68
CA ALA G 672 -25.83 29.29 16.18
C ALA G 672 -25.78 30.36 15.11
N SER G 673 -25.81 31.61 15.53
CA SER G 673 -25.73 32.74 14.60
C SER G 673 -25.15 33.97 15.27
N TYR G 674 -24.75 34.94 14.46
CA TYR G 674 -24.21 36.19 14.97
C TYR G 674 -25.30 37.26 15.00
N GLN G 675 -25.61 37.76 16.20
CA GLN G 675 -26.67 38.73 16.42
C GLN G 675 -26.12 40.03 16.98
N GLN G 690 -22.68 43.27 19.40
CA GLN G 690 -23.16 42.02 18.79
C GLN G 690 -22.37 40.82 19.33
N SER G 691 -23.02 39.65 19.33
CA SER G 691 -22.43 38.43 19.87
C SER G 691 -22.99 37.18 19.19
N ILE G 692 -22.37 36.04 19.45
CA ILE G 692 -22.84 34.75 18.95
C ILE G 692 -23.88 34.16 19.90
N ILE G 693 -24.99 33.69 19.33
CA ILE G 693 -26.06 33.11 20.12
C ILE G 693 -26.31 31.67 19.72
N ALA G 694 -26.88 30.90 20.65
CA ALA G 694 -27.27 29.53 20.39
C ALA G 694 -28.73 29.33 20.69
N TYR G 695 -29.44 28.66 19.80
CA TYR G 695 -30.88 28.51 19.92
C TYR G 695 -31.37 27.20 19.34
N THR G 696 -32.55 26.78 19.76
CA THR G 696 -33.21 25.65 19.12
C THR G 696 -33.85 26.12 17.83
N MET G 697 -33.55 25.41 16.74
CA MET G 697 -33.99 25.84 15.42
C MET G 697 -35.50 25.73 15.27
N SER G 698 -36.07 26.65 14.52
CA SER G 698 -37.49 26.63 14.18
C SER G 698 -37.73 25.79 12.95
N LEU G 699 -38.88 25.14 12.88
CA LEU G 699 -39.23 24.36 11.71
C LEU G 699 -40.15 25.13 10.78
N GLY G 700 -40.56 26.33 11.21
CA GLY G 700 -41.48 27.14 10.42
C GLY G 700 -42.64 27.66 11.27
N ALA G 701 -43.41 28.57 10.69
CA ALA G 701 -44.55 29.17 11.37
C ALA G 701 -45.70 28.18 11.45
N GLU G 702 -46.52 28.28 12.49
CA GLU G 702 -47.68 27.42 12.63
C GLU G 702 -48.87 27.94 11.82
N ASN G 703 -49.68 27.02 11.33
CA ASN G 703 -50.89 27.37 10.58
C ASN G 703 -52.01 26.38 10.79
N SER G 704 -53.03 26.77 11.52
CA SER G 704 -54.19 25.92 11.71
C SER G 704 -55.23 26.19 10.63
N VAL G 705 -55.47 25.20 9.79
CA VAL G 705 -56.38 25.35 8.66
C VAL G 705 -57.83 25.27 9.13
N ALA G 706 -58.65 26.18 8.64
CA ALA G 706 -60.04 26.28 9.07
C ALA G 706 -60.89 25.18 8.48
N TYR G 707 -60.69 23.96 8.95
CA TYR G 707 -61.42 22.81 8.44
C TYR G 707 -62.83 22.73 8.99
N SER G 708 -63.78 22.45 8.11
CA SER G 708 -65.14 22.09 8.48
C SER G 708 -65.71 21.21 7.39
N ASN G 709 -66.89 20.61 7.64
CA ASN G 709 -67.45 19.63 6.72
C ASN G 709 -68.28 20.27 5.59
N ASN G 710 -68.33 21.60 5.56
CA ASN G 710 -69.07 22.31 4.51
C ASN G 710 -68.45 23.65 4.18
N SER G 711 -67.12 23.76 4.29
CA SER G 711 -66.44 25.01 3.97
C SER G 711 -65.29 24.78 3.02
N ILE G 712 -65.26 25.57 1.95
CA ILE G 712 -64.22 25.45 0.95
C ILE G 712 -63.56 26.78 0.69
N ALA G 713 -62.25 26.78 0.48
CA ALA G 713 -61.55 28.01 0.11
C ALA G 713 -61.20 27.99 -1.37
N ILE G 714 -61.60 29.03 -2.08
CA ILE G 714 -61.36 29.10 -3.51
C ILE G 714 -60.65 30.41 -3.88
N PRO G 715 -59.53 30.33 -4.62
CA PRO G 715 -58.75 31.42 -5.14
C PRO G 715 -59.59 32.31 -6.04
N THR G 716 -59.49 33.62 -5.82
CA THR G 716 -60.14 34.58 -6.70
C THR G 716 -59.14 35.28 -7.62
N ASN G 717 -57.85 34.94 -7.46
CA ASN G 717 -56.75 35.55 -8.18
C ASN G 717 -55.56 34.61 -8.22
N PHE G 718 -54.51 35.00 -8.93
CA PHE G 718 -53.30 34.20 -9.06
C PHE G 718 -52.08 35.08 -9.32
N THR G 719 -50.91 34.50 -9.14
CA THR G 719 -49.67 35.14 -9.54
C THR G 719 -48.89 34.25 -10.50
N ILE G 720 -48.05 34.87 -11.31
CA ILE G 720 -47.13 34.14 -12.14
C ILE G 720 -45.74 34.20 -11.54
N SER G 721 -45.24 33.05 -11.12
CA SER G 721 -43.97 32.98 -10.43
C SER G 721 -42.89 32.40 -11.31
N VAL G 722 -41.69 32.96 -11.21
CA VAL G 722 -40.55 32.39 -11.91
C VAL G 722 -39.46 32.05 -10.91
N THR G 723 -39.05 30.79 -10.90
CA THR G 723 -38.02 30.35 -9.98
C THR G 723 -36.85 29.74 -10.72
N THR G 724 -35.71 29.68 -10.06
CA THR G 724 -34.50 29.18 -10.71
C THR G 724 -34.03 27.87 -10.10
N GLU G 725 -33.74 26.91 -10.97
CA GLU G 725 -33.16 25.64 -10.54
C GLU G 725 -31.81 25.42 -11.21
N ILE G 726 -30.79 25.13 -10.42
CA ILE G 726 -29.44 24.99 -10.95
C ILE G 726 -28.91 23.58 -10.79
N LEU G 727 -28.41 23.01 -11.89
CA LEU G 727 -27.82 21.66 -11.85
C LEU G 727 -26.45 21.65 -12.53
N PRO G 728 -25.47 20.95 -11.95
CA PRO G 728 -24.21 20.54 -12.55
C PRO G 728 -24.45 19.56 -13.69
N VAL G 729 -23.69 19.69 -14.75
CA VAL G 729 -23.79 18.79 -15.89
C VAL G 729 -22.49 18.05 -16.12
N SER G 730 -21.37 18.72 -15.92
CA SER G 730 -20.08 18.12 -16.22
C SER G 730 -18.99 18.63 -15.28
N MET G 731 -17.86 17.97 -15.30
CA MET G 731 -16.69 18.41 -14.57
C MET G 731 -15.49 18.50 -15.50
N THR G 732 -14.41 19.08 -15.00
CA THR G 732 -13.20 19.26 -15.79
C THR G 732 -12.62 17.91 -16.21
N LYS G 733 -12.25 17.80 -17.49
CA LYS G 733 -11.68 16.58 -18.02
C LYS G 733 -10.17 16.55 -17.82
N THR G 734 -9.72 15.93 -16.74
CA THR G 734 -8.30 15.90 -16.44
C THR G 734 -7.67 14.63 -16.96
N SER G 735 -6.36 14.63 -17.05
CA SER G 735 -5.61 13.45 -17.44
C SER G 735 -4.25 13.45 -16.77
N VAL G 736 -3.72 12.28 -16.50
CA VAL G 736 -2.46 12.17 -15.80
C VAL G 736 -1.49 11.24 -16.50
N ASP G 737 -0.25 11.71 -16.65
CA ASP G 737 0.83 10.87 -17.11
C ASP G 737 1.45 10.15 -15.92
N CYS G 738 1.06 8.89 -15.71
CA CYS G 738 1.43 8.12 -14.52
C CYS G 738 2.95 8.10 -14.35
N THR G 739 3.66 7.75 -15.42
CA THR G 739 5.10 7.64 -15.36
C THR G 739 5.75 8.98 -15.01
N MET G 740 5.28 10.05 -15.64
CA MET G 740 5.86 11.36 -15.37
C MET G 740 5.60 11.83 -13.94
N TYR G 741 4.38 11.64 -13.47
CA TYR G 741 4.02 12.05 -12.12
C TYR G 741 4.92 11.37 -11.10
N ILE G 742 5.11 10.08 -11.26
CA ILE G 742 5.89 9.29 -10.32
C ILE G 742 7.40 9.44 -10.49
N CYS G 743 7.88 9.35 -11.74
CA CYS G 743 9.31 9.18 -12.01
C CYS G 743 9.95 10.40 -12.64
N GLY G 744 9.15 11.34 -13.12
CA GLY G 744 9.72 12.45 -13.86
C GLY G 744 10.43 11.93 -15.10
N ASP G 745 11.70 12.30 -15.25
CA ASP G 745 12.50 11.87 -16.40
C ASP G 745 13.58 10.87 -16.00
N SER G 746 13.44 10.24 -14.85
CA SER G 746 14.40 9.26 -14.38
C SER G 746 14.17 7.89 -15.00
N THR G 747 15.19 7.35 -15.64
CA THR G 747 15.10 6.03 -16.24
C THR G 747 15.20 4.95 -15.17
N GLU G 748 15.96 5.23 -14.12
CA GLU G 748 16.12 4.28 -13.02
C GLU G 748 14.78 4.02 -12.34
N CYS G 749 14.00 5.07 -12.11
CA CYS G 749 12.67 4.97 -11.55
C CYS G 749 11.72 4.24 -12.50
N SER G 750 11.75 4.62 -13.77
CA SER G 750 10.84 4.02 -14.74
C SER G 750 11.04 2.51 -14.82
N ASN G 751 12.29 2.07 -14.74
CA ASN G 751 12.59 0.65 -14.81
C ASN G 751 12.06 -0.09 -13.59
N LEU G 752 12.05 0.57 -12.43
CA LEU G 752 11.51 -0.03 -11.22
C LEU G 752 9.99 -0.05 -11.28
N LEU G 753 9.41 0.98 -11.86
CA LEU G 753 7.95 1.09 -11.93
C LEU G 753 7.34 -0.05 -12.73
N LEU G 754 8.08 -0.56 -13.71
CA LEU G 754 7.60 -1.65 -14.54
C LEU G 754 7.32 -2.91 -13.72
N GLN G 755 7.95 -3.02 -12.56
CA GLN G 755 7.81 -4.21 -11.73
C GLN G 755 6.44 -4.26 -11.07
N TYR G 756 5.68 -3.19 -11.20
CA TYR G 756 4.37 -3.09 -10.58
C TYR G 756 3.27 -3.48 -11.56
N GLY G 757 3.66 -3.81 -12.78
CA GLY G 757 2.71 -4.30 -13.77
C GLY G 757 1.91 -3.17 -14.42
N SER G 758 0.60 -3.37 -14.50
CA SER G 758 -0.27 -2.52 -15.30
C SER G 758 -0.96 -1.43 -14.50
N PHE G 759 -0.53 -1.21 -13.26
CA PHE G 759 -1.20 -0.21 -12.43
C PHE G 759 -1.37 1.13 -13.14
N CYS G 760 -0.31 1.60 -13.81
CA CYS G 760 -0.36 2.88 -14.52
C CYS G 760 -1.36 2.86 -15.67
N THR G 761 -1.40 1.77 -16.40
CA THR G 761 -2.34 1.64 -17.52
C THR G 761 -3.78 1.68 -17.01
N GLN G 762 -4.03 1.01 -15.89
CA GLN G 762 -5.36 0.97 -15.33
C GLN G 762 -5.85 2.34 -14.92
N LEU G 763 -4.95 3.14 -14.34
CA LEU G 763 -5.30 4.47 -13.88
C LEU G 763 -5.57 5.39 -15.05
N ASN G 764 -4.77 5.26 -16.11
CA ASN G 764 -4.95 6.07 -17.31
C ASN G 764 -6.29 5.76 -17.96
N ARG G 765 -6.64 4.49 -17.98
CA ARG G 765 -7.89 4.04 -18.56
C ARG G 765 -9.08 4.60 -17.79
N ALA G 766 -8.99 4.56 -16.46
CA ALA G 766 -10.06 5.02 -15.60
C ALA G 766 -10.34 6.50 -15.81
N LEU G 767 -9.28 7.31 -15.91
CA LEU G 767 -9.45 8.74 -16.10
C LEU G 767 -9.97 9.06 -17.49
N THR G 768 -9.56 8.27 -18.48
CA THR G 768 -10.05 8.45 -19.84
C THR G 768 -11.55 8.20 -19.90
N GLY G 769 -12.01 7.15 -19.23
CA GLY G 769 -13.43 6.83 -19.21
C GLY G 769 -14.24 7.97 -18.64
N ILE G 770 -13.72 8.62 -17.60
CA ILE G 770 -14.39 9.78 -17.02
C ILE G 770 -14.47 10.91 -18.03
N ALA G 771 -13.35 11.19 -18.68
CA ALA G 771 -13.28 12.29 -19.63
C ALA G 771 -14.32 12.13 -20.74
N VAL G 772 -14.50 10.92 -21.22
CA VAL G 772 -15.48 10.65 -22.27
C VAL G 772 -16.89 10.88 -21.78
N GLU G 773 -17.17 10.44 -20.56
CA GLU G 773 -18.48 10.60 -19.96
C GLU G 773 -18.89 12.06 -19.87
N GLN G 774 -17.92 12.94 -19.62
CA GLN G 774 -18.22 14.36 -19.43
C GLN G 774 -18.81 14.97 -20.70
N ASP G 775 -18.40 14.47 -21.86
CA ASP G 775 -18.94 14.96 -23.11
C ASP G 775 -20.30 14.35 -23.37
N LYS G 776 -20.47 13.11 -22.96
CA LYS G 776 -21.76 12.44 -23.08
C LYS G 776 -22.80 13.15 -22.23
N ASN G 777 -22.41 13.57 -21.04
CA ASN G 777 -23.31 14.26 -20.13
C ASN G 777 -23.86 15.53 -20.75
N THR G 778 -22.96 16.31 -21.37
CA THR G 778 -23.36 17.56 -21.99
C THR G 778 -24.33 17.33 -23.13
N GLN G 779 -24.04 16.32 -23.96
CA GLN G 779 -24.90 16.03 -25.10
C GLN G 779 -26.28 15.57 -24.69
N GLU G 780 -26.35 14.78 -23.63
CA GLU G 780 -27.63 14.26 -23.16
C GLU G 780 -28.55 15.37 -22.70
N VAL G 781 -27.98 16.42 -22.14
CA VAL G 781 -28.78 17.54 -21.64
C VAL G 781 -29.17 18.52 -22.74
N PHE G 782 -28.19 18.93 -23.56
CA PHE G 782 -28.43 20.03 -24.48
C PHE G 782 -28.80 19.60 -25.89
N ALA G 783 -28.24 18.49 -26.36
CA ALA G 783 -28.47 18.07 -27.74
C ALA G 783 -29.73 17.25 -27.85
N GLN G 784 -30.86 17.85 -27.48
CA GLN G 784 -32.15 17.16 -27.51
C GLN G 784 -33.01 17.64 -28.64
N VAL G 785 -32.46 18.50 -29.48
CA VAL G 785 -33.21 19.09 -30.58
C VAL G 785 -32.61 18.67 -31.91
N LYS G 786 -33.47 18.23 -32.82
CA LYS G 786 -33.03 17.75 -34.12
C LYS G 786 -32.51 18.88 -35.00
N GLN G 787 -33.19 20.02 -34.92
CA GLN G 787 -32.88 21.16 -35.78
C GLN G 787 -32.63 22.42 -34.97
N ILE G 788 -31.90 23.35 -35.53
CA ILE G 788 -31.66 24.60 -34.85
C ILE G 788 -32.71 25.63 -35.21
N TYR G 789 -33.63 25.88 -34.29
CA TYR G 789 -34.73 26.77 -34.54
C TYR G 789 -34.33 28.21 -34.28
N LYS G 790 -34.90 29.13 -35.05
CA LYS G 790 -34.65 30.54 -34.83
C LYS G 790 -35.93 31.30 -34.57
N THR G 791 -35.84 32.35 -33.76
CA THR G 791 -36.99 33.20 -33.47
C THR G 791 -37.23 34.16 -34.62
N PRO G 792 -38.45 34.68 -34.76
CA PRO G 792 -38.86 35.65 -35.75
C PRO G 792 -38.14 36.98 -35.53
N PRO G 793 -37.86 37.73 -36.61
CA PRO G 793 -37.32 39.08 -36.64
C PRO G 793 -38.11 40.05 -35.76
N ILE G 794 -39.42 39.88 -35.72
CA ILE G 794 -40.27 40.74 -34.93
C ILE G 794 -40.80 40.04 -33.70
N LYS G 795 -40.40 40.52 -32.53
CA LYS G 795 -40.73 39.87 -31.28
C LYS G 795 -42.09 40.30 -30.77
N ASP G 796 -43.15 39.90 -31.47
CA ASP G 796 -44.50 40.19 -31.03
C ASP G 796 -45.17 38.95 -30.48
N PHE G 797 -45.19 38.83 -29.17
CA PHE G 797 -45.71 37.63 -28.53
C PHE G 797 -46.89 37.94 -27.64
N GLY G 798 -47.60 39.02 -27.96
CA GLY G 798 -48.83 39.36 -27.26
C GLY G 798 -48.58 40.03 -25.92
N GLY G 799 -47.42 40.67 -25.77
CA GLY G 799 -47.10 41.37 -24.54
C GLY G 799 -46.03 40.66 -23.74
N PHE G 800 -45.72 39.43 -24.13
CA PHE G 800 -44.70 38.65 -23.44
C PHE G 800 -43.30 38.99 -23.95
N ASN G 801 -42.42 39.37 -23.03
CA ASN G 801 -41.08 39.86 -23.32
C ASN G 801 -40.02 38.85 -22.89
N PHE G 802 -39.30 38.29 -23.87
CA PHE G 802 -38.30 37.24 -23.62
C PHE G 802 -36.88 37.75 -23.80
N SER G 803 -36.71 39.07 -23.78
CA SER G 803 -35.42 39.68 -24.11
C SER G 803 -34.30 39.29 -23.15
N GLN G 804 -34.65 38.81 -21.96
CA GLN G 804 -33.63 38.46 -20.98
C GLN G 804 -33.13 37.04 -21.13
N ILE G 805 -33.88 36.23 -21.88
CA ILE G 805 -33.52 34.83 -22.06
C ILE G 805 -33.05 34.55 -23.48
N LEU G 806 -33.44 35.42 -24.41
CA LEU G 806 -33.02 35.26 -25.80
C LEU G 806 -31.64 35.87 -26.01
N PRO G 807 -30.87 35.35 -26.98
CA PRO G 807 -29.53 35.76 -27.34
C PRO G 807 -29.45 37.26 -27.61
N ASP G 808 -28.40 37.89 -27.10
CA ASP G 808 -28.18 39.30 -27.31
C ASP G 808 -27.12 39.53 -28.39
N PRO G 809 -27.52 39.96 -29.58
CA PRO G 809 -26.72 40.03 -30.80
C PRO G 809 -25.59 41.05 -30.69
N SER G 810 -25.67 41.91 -29.68
CA SER G 810 -24.64 42.92 -29.47
C SER G 810 -23.41 42.33 -28.77
N LYS G 811 -23.56 41.12 -28.26
CA LYS G 811 -22.46 40.44 -27.58
C LYS G 811 -21.81 39.42 -28.53
N PRO G 812 -20.49 39.39 -28.58
CA PRO G 812 -19.68 38.56 -29.47
C PRO G 812 -19.87 37.08 -29.19
N SER G 813 -20.30 36.75 -27.98
CA SER G 813 -20.56 35.37 -27.59
C SER G 813 -21.99 34.96 -27.89
N LYS G 814 -22.83 35.95 -28.22
CA LYS G 814 -24.24 35.73 -28.50
C LYS G 814 -24.95 35.00 -27.37
N ARG G 815 -24.66 35.38 -26.14
CA ARG G 815 -25.37 34.87 -24.98
C ARG G 815 -26.55 35.76 -24.63
N SER G 816 -27.51 35.21 -23.91
CA SER G 816 -28.60 36.03 -23.37
C SER G 816 -28.04 36.89 -22.24
N PRO G 817 -28.73 37.97 -21.87
CA PRO G 817 -28.46 38.80 -20.71
C PRO G 817 -28.28 38.00 -19.43
N ILE G 818 -29.13 37.00 -19.21
CA ILE G 818 -29.00 36.15 -18.03
C ILE G 818 -27.81 35.22 -18.11
N GLU G 819 -27.61 34.60 -19.27
CA GLU G 819 -26.48 33.69 -19.44
C GLU G 819 -25.17 34.42 -19.23
N ASP G 820 -25.08 35.64 -19.74
CA ASP G 820 -23.86 36.40 -19.62
C ASP G 820 -23.52 36.67 -18.15
N LEU G 821 -24.54 36.98 -17.37
CA LEU G 821 -24.36 37.16 -15.93
C LEU G 821 -23.85 35.88 -15.28
N LEU G 822 -24.46 34.75 -15.64
CA LEU G 822 -24.09 33.47 -15.04
C LEU G 822 -22.63 33.13 -15.31
N PHE G 823 -22.17 33.42 -16.52
CA PHE G 823 -20.79 33.10 -16.90
C PHE G 823 -19.77 33.97 -16.19
N ASN G 824 -20.15 35.20 -15.86
CA ASN G 824 -19.25 36.08 -15.13
C ASN G 824 -19.12 35.63 -13.67
N LYS G 825 -20.20 35.09 -13.12
CA LYS G 825 -20.22 34.65 -11.73
C LYS G 825 -19.42 33.35 -11.51
N VAL G 826 -19.54 32.41 -12.45
CA VAL G 826 -18.78 31.16 -12.41
C VAL G 826 -17.89 31.05 -13.64
N GLN G 853 0.56 22.35 -11.90
CA GLN G 853 0.04 21.02 -12.24
C GLN G 853 0.65 20.51 -13.54
N LYS G 854 0.65 21.36 -14.57
CA LYS G 854 1.06 21.00 -15.92
C LYS G 854 2.41 20.28 -15.95
N PHE G 855 3.36 20.80 -15.19
CA PHE G 855 4.74 20.35 -15.28
C PHE G 855 4.99 19.07 -14.51
N ASN G 856 3.94 18.52 -13.90
CA ASN G 856 4.08 17.28 -13.15
C ASN G 856 3.26 16.15 -13.79
N GLY G 857 2.92 16.31 -15.05
CA GLY G 857 2.24 15.26 -15.79
C GLY G 857 0.73 15.39 -15.71
N LEU G 858 0.25 16.49 -15.14
CA LEU G 858 -1.18 16.71 -14.98
C LEU G 858 -1.68 17.68 -16.03
N THR G 859 -2.65 17.26 -16.83
CA THR G 859 -3.17 18.12 -17.87
C THR G 859 -4.68 18.21 -17.85
N VAL G 860 -5.20 19.18 -18.60
CA VAL G 860 -6.64 19.34 -18.75
C VAL G 860 -7.03 19.35 -20.22
N LEU G 861 -8.02 18.56 -20.56
CA LEU G 861 -8.49 18.46 -21.92
C LEU G 861 -9.74 19.33 -22.10
N PRO G 862 -9.91 19.95 -23.27
CA PRO G 862 -11.05 20.75 -23.66
C PRO G 862 -12.27 19.87 -23.88
N PRO G 863 -13.46 20.39 -23.59
CA PRO G 863 -14.77 19.85 -23.93
C PRO G 863 -14.94 19.74 -25.43
N LEU G 864 -15.72 18.76 -25.87
CA LEU G 864 -16.03 18.62 -27.28
C LEU G 864 -16.93 19.74 -27.77
N LEU G 865 -17.93 20.09 -26.98
CA LEU G 865 -18.81 21.20 -27.31
C LEU G 865 -18.31 22.47 -26.66
N THR G 866 -18.24 23.54 -27.43
CA THR G 866 -17.80 24.82 -26.92
C THR G 866 -18.95 25.54 -26.24
N ASP G 867 -18.63 26.61 -25.52
CA ASP G 867 -19.65 27.39 -24.85
C ASP G 867 -20.59 28.03 -25.87
N GLU G 868 -20.07 28.35 -27.04
CA GLU G 868 -20.87 28.90 -28.11
C GLU G 868 -21.84 27.86 -28.64
N MET G 869 -21.37 26.63 -28.80
CA MET G 869 -22.21 25.55 -29.27
C MET G 869 -23.32 25.24 -28.28
N ILE G 870 -22.99 25.27 -26.99
CA ILE G 870 -23.97 25.03 -25.95
C ILE G 870 -25.02 26.13 -25.95
N ALA G 871 -24.57 27.37 -26.12
CA ALA G 871 -25.49 28.49 -26.21
C ALA G 871 -26.42 28.36 -27.42
N GLN G 872 -25.90 27.82 -28.52
CA GLN G 872 -26.71 27.63 -29.72
C GLN G 872 -27.80 26.59 -29.50
N TYR G 873 -27.46 25.52 -28.79
CA TYR G 873 -28.47 24.51 -28.45
C TYR G 873 -29.55 25.12 -27.58
N THR G 874 -29.15 25.93 -26.62
CA THR G 874 -30.09 26.58 -25.73
C THR G 874 -31.02 27.51 -26.49
N SER G 875 -30.47 28.25 -27.43
CA SER G 875 -31.26 29.16 -28.24
C SER G 875 -32.29 28.41 -29.07
N ALA G 876 -31.89 27.27 -29.62
CA ALA G 876 -32.78 26.44 -30.41
C ALA G 876 -33.96 25.94 -29.58
N LEU G 877 -33.67 25.57 -28.33
CA LEU G 877 -34.71 25.07 -27.44
C LEU G 877 -35.69 26.17 -27.06
N LEU G 878 -35.17 27.37 -26.85
CA LEU G 878 -36.02 28.51 -26.53
C LEU G 878 -36.86 28.92 -27.72
N ALA G 879 -36.26 28.93 -28.90
CA ALA G 879 -36.98 29.32 -30.10
C ALA G 879 -38.11 28.37 -30.39
N GLY G 880 -37.87 27.08 -30.18
CA GLY G 880 -38.90 26.07 -30.38
C GLY G 880 -40.03 26.25 -29.39
N THR G 881 -39.69 26.43 -28.12
CA THR G 881 -40.69 26.57 -27.06
C THR G 881 -41.60 27.76 -27.30
N ILE G 882 -41.02 28.86 -27.77
CA ILE G 882 -41.77 30.09 -27.96
C ILE G 882 -42.68 30.04 -29.18
N THR G 883 -42.18 29.50 -30.29
CA THR G 883 -42.93 29.55 -31.54
C THR G 883 -43.82 28.35 -31.80
N SER G 884 -43.49 27.20 -31.21
CA SER G 884 -44.23 25.98 -31.52
C SER G 884 -44.66 25.20 -30.28
N GLY G 885 -44.54 25.81 -29.12
CA GLY G 885 -44.95 25.17 -27.88
C GLY G 885 -44.19 23.87 -27.65
N TRP G 886 -44.93 22.80 -27.37
CA TRP G 886 -44.32 21.52 -27.08
C TRP G 886 -44.38 20.56 -28.26
N THR G 887 -44.75 21.07 -29.43
CA THR G 887 -44.93 20.19 -30.57
C THR G 887 -43.61 19.77 -31.18
N PHE G 888 -42.60 20.62 -31.08
CA PHE G 888 -41.31 20.35 -31.68
C PHE G 888 -40.59 19.21 -30.98
N GLY G 889 -41.03 18.90 -29.77
CA GLY G 889 -40.41 17.84 -29.00
C GLY G 889 -41.00 16.47 -29.31
N ALA G 890 -42.13 16.43 -30.01
CA ALA G 890 -42.82 15.17 -30.27
C ALA G 890 -42.99 14.88 -31.75
N GLY G 891 -42.32 15.67 -32.57
CA GLY G 891 -42.45 15.53 -34.02
C GLY G 891 -42.02 16.81 -34.72
N PRO G 892 -42.73 17.19 -35.79
CA PRO G 892 -42.59 18.43 -36.52
C PRO G 892 -42.94 19.61 -35.64
N ALA G 893 -42.24 20.72 -35.82
CA ALA G 893 -42.55 21.93 -35.08
C ALA G 893 -43.70 22.67 -35.74
N LEU G 894 -44.79 22.84 -34.99
CA LEU G 894 -46.00 23.44 -35.52
C LEU G 894 -46.27 24.78 -34.87
N GLN G 895 -46.36 25.83 -35.66
CA GLN G 895 -46.48 27.16 -35.11
C GLN G 895 -47.83 27.39 -34.46
N ILE G 896 -47.83 28.17 -33.38
CA ILE G 896 -49.04 28.60 -32.70
C ILE G 896 -48.75 29.96 -32.05
N PRO G 897 -49.69 30.90 -32.08
CA PRO G 897 -49.62 32.17 -31.39
C PRO G 897 -49.30 31.96 -29.93
N PHE G 898 -48.37 32.74 -29.39
CA PHE G 898 -47.92 32.51 -28.04
C PHE G 898 -49.06 32.56 -27.00
N PRO G 899 -49.94 33.56 -27.04
CA PRO G 899 -51.11 33.71 -26.16
C PRO G 899 -52.00 32.47 -26.20
N MET G 900 -52.08 31.80 -27.35
CA MET G 900 -52.87 30.60 -27.47
C MET G 900 -52.15 29.41 -26.84
N GLN G 901 -50.83 29.44 -26.90
CA GLN G 901 -50.02 28.43 -26.24
C GLN G 901 -50.21 28.51 -24.74
N MET G 902 -50.25 29.73 -24.22
CA MET G 902 -50.45 29.95 -22.80
C MET G 902 -51.82 29.50 -22.37
N ALA G 903 -52.80 29.68 -23.25
CA ALA G 903 -54.16 29.23 -22.99
C ALA G 903 -54.21 27.72 -22.85
N TYR G 904 -53.45 27.01 -23.69
CA TYR G 904 -53.39 25.57 -23.63
C TYR G 904 -52.75 25.11 -22.32
N ARG G 905 -51.74 25.84 -21.89
CA ARG G 905 -51.02 25.51 -20.67
C ARG G 905 -51.85 25.83 -19.42
N PHE G 906 -52.78 26.77 -19.55
CA PHE G 906 -53.74 27.04 -18.47
C PHE G 906 -54.71 25.88 -18.31
N ASN G 907 -55.20 25.36 -19.43
CA ASN G 907 -56.08 24.20 -19.40
C ASN G 907 -55.39 23.02 -18.75
N GLY G 908 -54.08 22.92 -18.97
CA GLY G 908 -53.28 21.83 -18.44
C GLY G 908 -53.19 21.84 -16.91
N ILE G 909 -53.55 22.95 -16.28
CA ILE G 909 -53.51 23.04 -14.83
C ILE G 909 -54.90 23.20 -14.23
N GLY G 910 -55.92 22.92 -15.04
CA GLY G 910 -57.30 22.94 -14.57
C GLY G 910 -57.92 24.33 -14.53
N VAL G 911 -57.39 25.25 -15.31
CA VAL G 911 -57.94 26.60 -15.37
C VAL G 911 -58.44 26.88 -16.78
N THR G 912 -59.66 27.36 -16.90
CA THR G 912 -60.26 27.54 -18.22
C THR G 912 -59.53 28.59 -19.04
N GLN G 913 -59.56 28.43 -20.35
CA GLN G 913 -58.77 29.27 -21.25
C GLN G 913 -59.25 30.71 -21.31
N ASN G 914 -60.49 30.95 -20.92
CA ASN G 914 -61.01 32.30 -20.95
C ASN G 914 -60.35 33.16 -19.89
N VAL G 915 -59.79 32.51 -18.88
CA VAL G 915 -59.10 33.20 -17.81
C VAL G 915 -57.83 33.84 -18.34
N LEU G 916 -57.17 33.15 -19.26
CA LEU G 916 -55.95 33.64 -19.88
C LEU G 916 -56.25 34.86 -20.74
N TYR G 917 -57.26 34.75 -21.58
CA TYR G 917 -57.55 35.78 -22.56
C TYR G 917 -58.12 37.04 -21.92
N GLU G 918 -58.86 36.87 -20.84
CA GLU G 918 -59.46 38.00 -20.14
C GLU G 918 -58.44 38.74 -19.29
N ASN G 919 -57.38 38.06 -18.91
CA ASN G 919 -56.34 38.64 -18.07
C ASN G 919 -55.01 38.68 -18.79
N GLN G 920 -55.03 38.73 -20.12
CA GLN G 920 -53.81 38.60 -20.90
C GLN G 920 -52.78 39.66 -20.56
N LYS G 921 -53.23 40.89 -20.39
CA LYS G 921 -52.29 41.99 -20.11
C LYS G 921 -51.68 41.84 -18.73
N LEU G 922 -52.49 41.45 -17.76
CA LEU G 922 -52.01 41.26 -16.40
C LEU G 922 -51.00 40.12 -16.34
N ILE G 923 -51.33 39.02 -17.01
CA ILE G 923 -50.49 37.84 -17.01
C ILE G 923 -49.16 38.12 -17.68
N ALA G 924 -49.19 38.82 -18.81
CA ALA G 924 -47.98 39.18 -19.51
C ALA G 924 -47.09 40.08 -18.65
N ASN G 925 -47.72 41.00 -17.92
CA ASN G 925 -46.97 41.89 -17.05
C ASN G 925 -46.37 41.16 -15.86
N GLN G 926 -47.13 40.25 -15.27
CA GLN G 926 -46.63 39.47 -14.15
C GLN G 926 -45.43 38.63 -14.57
N PHE G 927 -45.53 38.07 -15.77
CA PHE G 927 -44.44 37.29 -16.35
C PHE G 927 -43.21 38.14 -16.55
N ASN G 928 -43.37 39.30 -17.19
CA ASN G 928 -42.25 40.15 -17.54
C ASN G 928 -41.51 40.63 -16.30
N SER G 929 -42.25 40.97 -15.25
CA SER G 929 -41.65 41.42 -14.01
C SER G 929 -40.90 40.30 -13.33
N ALA G 930 -41.47 39.10 -13.34
CA ALA G 930 -40.86 37.96 -12.69
C ALA G 930 -39.50 37.63 -13.30
N ILE G 931 -39.41 37.73 -14.62
CA ILE G 931 -38.14 37.49 -15.30
C ILE G 931 -37.11 38.53 -14.90
N GLY G 932 -37.52 39.79 -14.85
CA GLY G 932 -36.63 40.86 -14.44
C GLY G 932 -36.07 40.64 -13.04
N LYS G 933 -36.91 40.11 -12.16
CA LYS G 933 -36.48 39.84 -10.80
C LYS G 933 -35.36 38.81 -10.75
N ILE G 934 -35.41 37.84 -11.66
CA ILE G 934 -34.39 36.81 -11.71
C ILE G 934 -33.03 37.41 -12.02
N GLN G 935 -32.99 38.31 -13.00
CA GLN G 935 -31.75 38.95 -13.38
C GLN G 935 -31.15 39.71 -12.20
N ASP G 936 -31.99 40.41 -11.46
CA ASP G 936 -31.53 41.19 -10.31
C ASP G 936 -31.11 40.30 -9.16
N SER G 937 -31.87 39.24 -8.94
CA SER G 937 -31.59 38.33 -7.83
C SER G 937 -30.21 37.71 -7.97
N LEU G 938 -29.89 37.24 -9.17
CA LEU G 938 -28.59 36.64 -9.42
C LEU G 938 -27.48 37.66 -9.31
N SER G 939 -27.72 38.87 -9.81
CA SER G 939 -26.71 39.91 -9.82
C SER G 939 -26.31 40.31 -8.40
N SER G 940 -27.26 40.23 -7.47
CA SER G 940 -27.04 40.68 -6.11
C SER G 940 -26.85 39.54 -5.11
N THR G 941 -26.69 38.32 -5.60
CA THR G 941 -26.55 37.16 -4.71
C THR G 941 -25.33 36.29 -5.06
N PRO G 942 -24.18 36.56 -4.43
CA PRO G 942 -22.89 35.91 -4.66
C PRO G 942 -22.93 34.39 -4.52
N SER G 943 -23.85 33.90 -3.68
CA SER G 943 -23.93 32.47 -3.39
C SER G 943 -24.90 31.72 -4.29
N ALA G 944 -25.55 32.45 -5.20
CA ALA G 944 -26.61 31.88 -6.02
C ALA G 944 -26.13 30.68 -6.83
N LEU G 945 -24.87 30.74 -7.27
CA LEU G 945 -24.32 29.70 -8.14
C LEU G 945 -23.31 28.84 -7.39
N GLY G 946 -23.50 28.72 -6.08
CA GLY G 946 -22.59 27.95 -5.24
C GLY G 946 -22.49 26.50 -5.70
N LYS G 947 -23.61 25.93 -6.16
CA LYS G 947 -23.62 24.53 -6.57
C LYS G 947 -22.64 24.25 -7.70
N LEU G 948 -22.50 25.20 -8.63
CA LEU G 948 -21.58 25.03 -9.73
C LEU G 948 -20.15 25.34 -9.30
N GLN G 949 -20.02 26.31 -8.40
CA GLN G 949 -18.71 26.68 -7.89
C GLN G 949 -18.12 25.56 -7.05
N ASP G 950 -18.98 24.84 -6.34
CA ASP G 950 -18.55 23.73 -5.50
C ASP G 950 -17.87 22.64 -6.32
N VAL G 951 -18.36 22.40 -7.53
CA VAL G 951 -17.78 21.40 -8.40
C VAL G 951 -16.39 21.83 -8.81
N VAL G 952 -16.26 23.09 -9.17
CA VAL G 952 -14.98 23.66 -9.56
C VAL G 952 -13.98 23.59 -8.42
N ASN G 953 -14.43 23.95 -7.22
CA ASN G 953 -13.56 23.98 -6.06
C ASN G 953 -13.10 22.59 -5.66
N GLN G 954 -13.99 21.61 -5.75
CA GLN G 954 -13.65 20.25 -5.36
C GLN G 954 -12.59 19.65 -6.28
N ASN G 955 -12.70 19.93 -7.57
CA ASN G 955 -11.75 19.40 -8.52
C ASN G 955 -10.39 20.07 -8.36
N ALA G 956 -10.40 21.37 -8.10
CA ALA G 956 -9.17 22.11 -7.89
C ALA G 956 -8.47 21.64 -6.63
N GLN G 957 -9.26 21.32 -5.61
CA GLN G 957 -8.71 20.86 -4.34
C GLN G 957 -8.01 19.52 -4.52
N ALA G 958 -8.60 18.66 -5.33
CA ALA G 958 -8.04 17.33 -5.57
C ALA G 958 -6.71 17.39 -6.30
N LEU G 959 -6.62 18.27 -7.30
CA LEU G 959 -5.37 18.40 -8.05
C LEU G 959 -4.28 19.04 -7.23
N ASN G 960 -4.65 20.03 -6.41
CA ASN G 960 -3.65 20.69 -5.58
C ASN G 960 -3.08 19.73 -4.56
N THR G 961 -3.94 18.86 -4.03
CA THR G 961 -3.51 17.85 -3.08
C THR G 961 -2.56 16.86 -3.74
N LEU G 962 -2.91 16.45 -4.95
CA LEU G 962 -2.10 15.48 -5.68
C LEU G 962 -0.70 16.02 -5.94
N VAL G 963 -0.61 17.29 -6.31
CA VAL G 963 0.70 17.89 -6.56
C VAL G 963 1.52 18.03 -5.29
N LYS G 964 0.88 18.46 -4.21
CA LYS G 964 1.58 18.66 -2.96
C LYS G 964 2.18 17.37 -2.42
N GLN G 965 1.57 16.24 -2.75
CA GLN G 965 2.09 14.95 -2.30
C GLN G 965 3.46 14.65 -2.89
N LEU G 966 3.85 15.39 -3.93
CA LEU G 966 5.16 15.20 -4.53
C LEU G 966 6.25 15.76 -3.63
N SER G 967 5.86 16.49 -2.59
CA SER G 967 6.78 17.08 -1.65
C SER G 967 7.03 16.15 -0.46
N SER G 968 6.32 15.03 -0.42
CA SER G 968 6.44 14.10 0.70
C SER G 968 7.61 13.15 0.49
N ASN G 969 8.30 12.82 1.58
CA ASN G 969 9.42 11.90 1.52
C ASN G 969 8.99 10.45 1.52
N PHE G 970 7.90 10.17 2.23
CA PHE G 970 7.41 8.80 2.34
C PHE G 970 8.44 7.85 2.93
N GLY G 971 9.36 8.40 3.72
CA GLY G 971 10.38 7.60 4.38
C GLY G 971 11.74 7.72 3.69
N ALA G 972 11.75 8.29 2.50
CA ALA G 972 12.99 8.47 1.76
C ALA G 972 13.81 9.61 2.33
N ILE G 973 15.09 9.67 1.94
CA ILE G 973 15.95 10.75 2.39
C ILE G 973 15.53 12.10 1.82
N SER G 974 14.92 12.08 0.65
CA SER G 974 14.48 13.31 0.01
C SER G 974 13.28 13.06 -0.89
N SER G 975 12.39 14.04 -0.97
CA SER G 975 11.26 14.01 -1.87
C SER G 975 11.70 14.14 -3.31
N VAL G 976 12.92 14.63 -3.50
CA VAL G 976 13.44 14.88 -4.83
C VAL G 976 14.26 13.70 -5.34
N LEU G 977 13.81 13.12 -6.44
CA LEU G 977 14.41 11.92 -6.99
C LEU G 977 15.83 12.20 -7.48
N ASN G 978 16.04 13.39 -8.01
CA ASN G 978 17.34 13.77 -8.53
C ASN G 978 18.39 13.86 -7.43
N ASP G 979 17.96 14.19 -6.21
CA ASP G 979 18.88 14.24 -5.08
C ASP G 979 19.36 12.85 -4.75
N ILE G 980 18.44 11.89 -4.79
CA ILE G 980 18.78 10.52 -4.46
C ILE G 980 19.77 9.95 -5.46
N LEU G 981 19.50 10.16 -6.74
CA LEU G 981 20.34 9.61 -7.80
C LEU G 981 21.72 10.23 -7.84
N SER G 982 21.82 11.52 -7.54
CA SER G 982 23.10 12.22 -7.60
C SER G 982 23.94 11.93 -6.36
N ARG G 983 23.34 11.52 -5.25
CA ARG G 983 24.12 11.32 -4.01
C ARG G 983 24.35 9.83 -3.82
N LEU G 984 23.27 9.05 -3.69
CA LEU G 984 23.38 7.60 -3.40
C LEU G 984 23.71 6.77 -4.64
N CYS G 985 24.25 5.56 -4.44
CA CYS G 985 24.67 4.66 -5.55
C CYS G 985 23.58 3.63 -5.87
N PRO G 986 23.65 2.85 -6.97
CA PRO G 986 22.53 1.99 -7.38
C PRO G 986 21.87 0.94 -6.47
N PRO G 987 22.58 0.13 -5.66
CA PRO G 987 21.90 -0.76 -4.72
C PRO G 987 21.10 0.06 -3.69
N GLU G 988 21.65 1.16 -3.18
CA GLU G 988 21.01 1.95 -2.10
C GLU G 988 20.08 3.02 -2.66
N ALA G 989 20.09 3.23 -3.98
CA ALA G 989 19.14 4.19 -4.58
C ALA G 989 17.81 3.45 -4.75
N GLU G 990 17.86 2.17 -5.10
CA GLU G 990 16.67 1.34 -5.39
C GLU G 990 15.86 1.12 -4.11
N VAL G 991 16.44 1.40 -2.94
CA VAL G 991 15.65 1.35 -1.72
C VAL G 991 14.92 2.65 -1.50
N GLN G 992 15.63 3.76 -1.67
CA GLN G 992 15.04 5.07 -1.46
C GLN G 992 13.99 5.39 -2.51
N ILE G 993 14.23 4.97 -3.73
CA ILE G 993 13.32 5.24 -4.82
C ILE G 993 12.04 4.46 -4.66
N ASP G 994 12.17 3.20 -4.28
CA ASP G 994 11.00 2.36 -4.10
C ASP G 994 10.03 2.97 -3.09
N ARG G 995 10.57 3.62 -2.07
CA ARG G 995 9.75 4.29 -1.08
C ARG G 995 8.94 5.43 -1.70
N LEU G 996 9.59 6.18 -2.61
CA LEU G 996 8.89 7.27 -3.28
C LEU G 996 7.87 6.75 -4.27
N ILE G 997 8.19 5.67 -4.96
CA ILE G 997 7.27 5.09 -5.92
C ILE G 997 6.02 4.60 -5.21
N THR G 998 6.19 3.92 -4.09
CA THR G 998 5.06 3.39 -3.35
C THR G 998 4.12 4.49 -2.91
N GLY G 999 4.68 5.56 -2.36
CA GLY G 999 3.88 6.67 -1.85
C GLY G 999 3.20 7.43 -2.97
N ARG G 1000 3.92 7.65 -4.06
CA ARG G 1000 3.38 8.42 -5.17
C ARG G 1000 2.33 7.62 -5.94
N LEU G 1001 2.53 6.32 -6.02
CA LEU G 1001 1.55 5.45 -6.65
C LEU G 1001 0.27 5.40 -5.82
N GLN G 1002 0.42 5.33 -4.51
CA GLN G 1002 -0.73 5.33 -3.61
C GLN G 1002 -1.52 6.63 -3.70
N SER G 1003 -0.79 7.74 -3.81
CA SER G 1003 -1.42 9.06 -3.90
C SER G 1003 -2.24 9.17 -5.17
N LEU G 1004 -1.70 8.63 -6.26
CA LEU G 1004 -2.38 8.70 -7.54
C LEU G 1004 -3.60 7.80 -7.57
N GLN G 1005 -3.52 6.62 -6.96
CA GLN G 1005 -4.66 5.73 -6.88
C GLN G 1005 -5.79 6.33 -6.06
N THR G 1006 -5.42 7.05 -5.00
CA THR G 1006 -6.41 7.73 -4.17
C THR G 1006 -7.15 8.77 -4.98
N TYR G 1007 -6.41 9.56 -5.76
CA TYR G 1007 -6.99 10.57 -6.61
C TYR G 1007 -7.99 9.98 -7.58
N VAL G 1008 -7.59 8.93 -8.27
CA VAL G 1008 -8.44 8.34 -9.30
C VAL G 1008 -9.71 7.77 -8.71
N THR G 1009 -9.61 7.10 -7.56
CA THR G 1009 -10.78 6.54 -6.92
C THR G 1009 -11.79 7.62 -6.57
N GLN G 1010 -11.30 8.73 -6.04
CA GLN G 1010 -12.17 9.85 -5.67
C GLN G 1010 -12.85 10.46 -6.88
N GLN G 1011 -12.14 10.49 -8.01
CA GLN G 1011 -12.69 11.05 -9.23
C GLN G 1011 -13.80 10.18 -9.80
N LEU G 1012 -13.67 8.86 -9.64
CA LEU G 1012 -14.70 7.94 -10.12
C LEU G 1012 -15.97 8.09 -9.32
N ILE G 1013 -15.84 8.29 -8.02
CA ILE G 1013 -16.99 8.48 -7.15
C ILE G 1013 -17.67 9.82 -7.43
N ARG G 1014 -16.88 10.87 -7.61
CA ARG G 1014 -17.43 12.18 -7.95
C ARG G 1014 -18.07 12.17 -9.32
N ALA G 1015 -17.48 11.43 -10.25
CA ALA G 1015 -18.01 11.34 -11.59
C ALA G 1015 -19.42 10.77 -11.57
N ALA G 1016 -19.64 9.80 -10.70
CA ALA G 1016 -20.94 9.16 -10.57
C ALA G 1016 -21.99 10.16 -10.11
N GLU G 1017 -21.62 11.04 -9.19
CA GLU G 1017 -22.54 12.05 -8.69
C GLU G 1017 -22.92 13.03 -9.78
N ILE G 1018 -21.94 13.44 -10.57
CA ILE G 1018 -22.18 14.35 -11.68
C ILE G 1018 -23.06 13.71 -12.74
N ARG G 1019 -22.81 12.44 -13.02
CA ARG G 1019 -23.62 11.72 -14.00
C ARG G 1019 -25.08 11.69 -13.58
N ALA G 1020 -25.33 11.44 -12.30
CA ALA G 1020 -26.68 11.43 -11.78
C ALA G 1020 -27.34 12.80 -11.94
N SER G 1021 -26.58 13.85 -11.70
CA SER G 1021 -27.07 15.21 -11.87
C SER G 1021 -27.39 15.50 -13.33
N ALA G 1022 -26.51 15.06 -14.22
CA ALA G 1022 -26.70 15.24 -15.65
C ALA G 1022 -27.93 14.47 -16.14
N ASN G 1023 -28.18 13.30 -15.57
CA ASN G 1023 -29.34 12.49 -15.93
C ASN G 1023 -30.63 13.18 -15.50
N LEU G 1024 -30.57 13.86 -14.36
CA LEU G 1024 -31.71 14.60 -13.85
C LEU G 1024 -31.95 15.83 -14.70
N ALA G 1025 -30.87 16.51 -15.07
CA ALA G 1025 -30.96 17.69 -15.91
C ALA G 1025 -31.55 17.35 -17.27
N ALA G 1026 -31.17 16.19 -17.80
CA ALA G 1026 -31.67 15.73 -19.08
C ALA G 1026 -33.15 15.40 -19.00
N THR G 1027 -33.58 14.86 -17.85
CA THR G 1027 -34.98 14.56 -17.63
C THR G 1027 -35.80 15.83 -17.53
N LYS G 1028 -35.28 16.82 -16.82
CA LYS G 1028 -35.95 18.10 -16.70
C LYS G 1028 -36.04 18.82 -18.03
N MET G 1029 -35.00 18.69 -18.84
CA MET G 1029 -35.04 19.29 -20.16
C MET G 1029 -36.20 18.69 -20.95
N SER G 1030 -36.36 17.38 -20.90
CA SER G 1030 -37.43 16.72 -21.63
C SER G 1030 -38.81 17.05 -21.08
N GLU G 1031 -38.96 17.03 -19.76
CA GLU G 1031 -40.28 17.10 -19.15
C GLU G 1031 -40.73 18.51 -18.77
N CYS G 1032 -39.78 19.41 -18.53
CA CYS G 1032 -40.10 20.79 -18.12
C CYS G 1032 -40.03 21.73 -19.31
N VAL G 1033 -39.05 21.53 -20.19
CA VAL G 1033 -38.87 22.41 -21.33
C VAL G 1033 -39.63 21.94 -22.56
N LEU G 1034 -39.55 20.65 -22.86
CA LEU G 1034 -40.18 20.12 -24.07
C LEU G 1034 -41.60 19.64 -23.84
N GLY G 1035 -42.17 20.02 -22.70
CA GLY G 1035 -43.55 19.69 -22.40
C GLY G 1035 -44.00 20.33 -21.10
N GLN G 1036 -45.22 20.02 -20.68
CA GLN G 1036 -45.76 20.52 -19.43
C GLN G 1036 -45.91 19.37 -18.45
N SER G 1037 -45.27 19.49 -17.30
CA SER G 1037 -45.24 18.39 -16.35
C SER G 1037 -46.39 18.45 -15.36
N LYS G 1038 -46.88 17.28 -14.99
CA LYS G 1038 -47.89 17.16 -13.94
C LYS G 1038 -47.27 16.57 -12.68
N ARG G 1039 -45.95 16.40 -12.68
CA ARG G 1039 -45.25 15.87 -11.53
C ARG G 1039 -45.01 16.97 -10.52
N VAL G 1040 -45.47 16.77 -9.30
CA VAL G 1040 -45.42 17.80 -8.28
C VAL G 1040 -43.99 18.16 -7.91
N ASP G 1041 -43.70 19.45 -7.91
CA ASP G 1041 -42.41 20.00 -7.52
C ASP G 1041 -41.26 19.45 -8.34
N PHE G 1042 -41.55 18.93 -9.52
CA PHE G 1042 -40.49 18.51 -10.43
C PHE G 1042 -39.95 19.70 -11.21
N CYS G 1043 -40.86 20.59 -11.65
CA CYS G 1043 -40.52 21.75 -12.45
C CYS G 1043 -40.85 23.03 -11.70
N GLY G 1044 -40.46 23.09 -10.44
CA GLY G 1044 -40.68 24.28 -9.62
C GLY G 1044 -41.91 24.14 -8.74
N LYS G 1045 -42.05 25.08 -7.80
CA LYS G 1045 -43.18 25.07 -6.88
C LYS G 1045 -44.39 25.77 -7.49
N GLY G 1046 -45.56 25.15 -7.37
CA GLY G 1046 -46.78 25.66 -7.98
C GLY G 1046 -47.16 24.78 -9.17
N TYR G 1047 -48.15 25.21 -9.93
CA TYR G 1047 -48.60 24.43 -11.06
C TYR G 1047 -47.80 24.80 -12.30
N HIS G 1048 -47.08 23.83 -12.84
CA HIS G 1048 -46.14 24.10 -13.93
C HIS G 1048 -46.84 24.59 -15.17
N LEU G 1049 -46.35 25.70 -15.73
CA LEU G 1049 -46.80 26.17 -17.02
C LEU G 1049 -45.77 25.85 -18.09
N MET G 1050 -44.54 26.28 -17.85
CA MET G 1050 -43.46 26.10 -18.81
C MET G 1050 -42.11 26.40 -18.19
N SER G 1051 -41.03 26.03 -18.86
CA SER G 1051 -39.70 26.33 -18.38
C SER G 1051 -38.76 26.73 -19.51
N PHE G 1052 -37.72 27.47 -19.16
CA PHE G 1052 -36.70 27.92 -20.12
C PHE G 1052 -35.31 27.57 -19.62
N PRO G 1053 -34.50 26.90 -20.43
CA PRO G 1053 -33.12 26.57 -20.17
C PRO G 1053 -32.22 27.79 -20.37
N GLN G 1054 -31.18 27.87 -19.56
CA GLN G 1054 -30.09 28.82 -19.75
C GLN G 1054 -28.77 28.11 -19.48
N SER G 1055 -27.78 28.33 -20.33
CA SER G 1055 -26.51 27.66 -20.13
C SER G 1055 -25.71 28.29 -19.00
N ALA G 1056 -24.87 27.50 -18.37
CA ALA G 1056 -23.97 27.97 -17.35
C ALA G 1056 -22.68 27.15 -17.41
N PRO G 1057 -21.59 27.65 -16.85
CA PRO G 1057 -20.32 26.96 -16.75
C PRO G 1057 -20.48 25.61 -16.07
N HIS G 1058 -20.21 24.55 -16.80
CA HIS G 1058 -20.29 23.19 -16.29
C HIS G 1058 -21.67 22.84 -15.75
N GLY G 1059 -22.71 23.50 -16.25
CA GLY G 1059 -24.04 23.23 -15.73
C GLY G 1059 -25.13 23.90 -16.53
N VAL G 1060 -26.37 23.75 -16.04
CA VAL G 1060 -27.54 24.31 -16.68
C VAL G 1060 -28.43 24.99 -15.65
N VAL G 1061 -29.08 26.07 -16.06
CA VAL G 1061 -30.03 26.76 -15.20
C VAL G 1061 -31.42 26.71 -15.81
N PHE G 1062 -32.40 26.29 -15.03
CA PHE G 1062 -33.77 26.25 -15.50
C PHE G 1062 -34.61 27.33 -14.86
N LEU G 1063 -35.29 28.11 -15.67
CA LEU G 1063 -36.23 29.09 -15.17
C LEU G 1063 -37.63 28.55 -15.29
N HIS G 1064 -38.24 28.23 -14.17
CA HIS G 1064 -39.53 27.57 -14.14
C HIS G 1064 -40.65 28.57 -13.94
N VAL G 1065 -41.63 28.55 -14.84
CA VAL G 1065 -42.77 29.44 -14.75
C VAL G 1065 -43.97 28.67 -14.22
N THR G 1066 -44.48 29.07 -13.06
CA THR G 1066 -45.57 28.34 -12.44
C THR G 1066 -46.74 29.25 -12.12
N TYR G 1067 -47.91 28.63 -11.97
CA TYR G 1067 -49.13 29.31 -11.57
C TYR G 1067 -49.39 29.10 -10.09
N VAL G 1068 -49.55 30.19 -9.36
CA VAL G 1068 -49.82 30.11 -7.93
C VAL G 1068 -51.12 30.85 -7.59
N PRO G 1069 -52.08 30.17 -6.97
CA PRO G 1069 -53.31 30.72 -6.42
C PRO G 1069 -52.95 31.83 -5.43
N ALA G 1070 -53.70 32.93 -5.45
CA ALA G 1070 -53.27 34.09 -4.69
C ALA G 1070 -54.23 34.51 -3.58
N HIS G 1071 -55.48 34.82 -3.94
CA HIS G 1071 -56.37 35.45 -2.98
C HIS G 1071 -57.62 34.64 -2.74
N GLU G 1072 -57.55 33.72 -1.79
CA GLU G 1072 -58.64 32.81 -1.54
C GLU G 1072 -59.73 33.41 -0.66
N LYS G 1073 -60.95 32.92 -0.85
CA LYS G 1073 -62.08 33.29 -0.02
C LYS G 1073 -62.81 32.07 0.51
N ASN G 1074 -63.45 32.21 1.67
CA ASN G 1074 -64.27 31.16 2.25
C ASN G 1074 -65.65 31.11 1.60
N PHE G 1075 -66.09 29.91 1.22
CA PHE G 1075 -67.44 29.67 0.71
C PHE G 1075 -68.07 28.46 1.38
N THR G 1076 -69.39 28.42 1.41
CA THR G 1076 -70.09 27.22 1.87
C THR G 1076 -70.26 26.27 0.69
N THR G 1077 -70.10 24.98 0.95
CA THR G 1077 -70.15 24.01 -0.15
C THR G 1077 -71.11 22.87 0.13
N ALA G 1078 -71.32 22.04 -0.89
CA ALA G 1078 -72.15 20.85 -0.80
C ALA G 1078 -71.73 19.87 -1.89
N PRO G 1079 -71.78 18.57 -1.60
CA PRO G 1079 -71.42 17.48 -2.48
C PRO G 1079 -72.39 17.30 -3.62
N ALA G 1080 -73.63 17.74 -3.43
CA ALA G 1080 -74.66 17.55 -4.44
C ALA G 1080 -75.83 18.50 -4.22
N ILE G 1081 -76.60 18.72 -5.29
CA ILE G 1081 -77.83 19.50 -5.21
C ILE G 1081 -79.03 18.60 -5.47
N CYS G 1082 -80.07 18.73 -4.63
CA CYS G 1082 -81.31 17.99 -4.80
C CYS G 1082 -82.35 18.82 -5.52
N HIS G 1083 -82.87 18.30 -6.62
CA HIS G 1083 -83.88 18.99 -7.40
C HIS G 1083 -84.81 18.01 -8.09
N ASP G 1084 -86.11 18.20 -7.89
CA ASP G 1084 -87.11 17.30 -8.47
C ASP G 1084 -86.86 15.85 -8.08
N GLY G 1085 -86.33 15.64 -6.88
CA GLY G 1085 -86.12 14.30 -6.36
C GLY G 1085 -84.84 13.65 -6.87
N LYS G 1086 -84.09 14.39 -7.69
CA LYS G 1086 -82.87 13.86 -8.28
C LYS G 1086 -81.63 14.52 -7.69
N ALA G 1087 -80.55 13.75 -7.55
CA ALA G 1087 -79.28 14.29 -7.07
C ALA G 1087 -78.41 14.76 -8.24
N HIS G 1088 -77.92 15.99 -8.14
CA HIS G 1088 -77.10 16.57 -9.19
C HIS G 1088 -75.67 16.80 -8.71
N PHE G 1089 -74.71 16.46 -9.56
CA PHE G 1089 -73.30 16.67 -9.27
C PHE G 1089 -72.70 17.57 -10.34
N PRO G 1090 -71.65 18.34 -10.02
CA PRO G 1090 -70.90 19.19 -10.93
C PRO G 1090 -70.22 18.35 -12.00
N ARG G 1091 -70.22 18.84 -13.23
CA ARG G 1091 -69.51 18.13 -14.27
C ARG G 1091 -68.00 18.33 -14.15
N GLU G 1092 -67.59 19.58 -13.89
CA GLU G 1092 -66.18 19.91 -13.88
C GLU G 1092 -65.81 20.92 -12.80
N GLY G 1093 -66.71 21.13 -11.85
CA GLY G 1093 -66.46 22.16 -10.84
C GLY G 1093 -66.95 21.73 -9.46
N VAL G 1094 -67.18 22.71 -8.61
CA VAL G 1094 -67.63 22.47 -7.25
C VAL G 1094 -68.80 23.40 -6.91
N PHE G 1095 -69.79 22.88 -6.18
CA PHE G 1095 -70.91 23.72 -5.77
C PHE G 1095 -70.53 24.61 -4.62
N VAL G 1096 -70.82 25.90 -4.75
CA VAL G 1096 -70.52 26.86 -3.72
C VAL G 1096 -71.69 27.77 -3.42
N SER G 1097 -71.73 28.29 -2.21
CA SER G 1097 -72.73 29.27 -1.82
C SER G 1097 -72.08 30.50 -1.22
N ASN G 1098 -72.59 31.67 -1.61
CA ASN G 1098 -72.12 32.94 -1.07
C ASN G 1098 -72.94 33.35 0.16
N GLY G 1099 -73.75 32.43 0.67
CA GLY G 1099 -74.57 32.64 1.86
C GLY G 1099 -76.05 32.74 1.51
N THR G 1100 -76.36 33.04 0.25
CA THR G 1100 -77.75 33.16 -0.16
C THR G 1100 -78.06 32.39 -1.44
N HIS G 1101 -77.09 32.30 -2.34
CA HIS G 1101 -77.32 31.66 -3.63
C HIS G 1101 -76.27 30.59 -3.93
N TRP G 1102 -76.70 29.53 -4.61
CA TRP G 1102 -75.80 28.46 -5.01
C TRP G 1102 -75.32 28.61 -6.44
N PHE G 1103 -74.03 28.38 -6.64
CA PHE G 1103 -73.38 28.45 -7.94
C PHE G 1103 -72.48 27.25 -8.14
N VAL G 1104 -72.01 27.06 -9.35
CA VAL G 1104 -70.96 26.09 -9.61
C VAL G 1104 -69.74 26.79 -10.20
N THR G 1105 -68.57 26.46 -9.68
CA THR G 1105 -67.34 27.09 -10.13
C THR G 1105 -66.25 26.09 -10.42
N GLN G 1106 -65.30 26.49 -11.27
CA GLN G 1106 -64.08 25.73 -11.44
C GLN G 1106 -63.27 25.81 -10.16
N ARG G 1107 -62.41 24.83 -9.94
CA ARG G 1107 -61.79 24.62 -8.64
C ARG G 1107 -60.64 25.57 -8.32
N ASN G 1108 -59.85 25.92 -9.33
CA ASN G 1108 -58.62 26.66 -9.10
C ASN G 1108 -58.77 28.16 -9.31
N PHE G 1109 -59.99 28.59 -9.56
CA PHE G 1109 -60.26 30.00 -9.82
C PHE G 1109 -61.74 30.27 -9.62
N TYR G 1110 -62.06 31.26 -8.81
CA TYR G 1110 -63.46 31.53 -8.51
C TYR G 1110 -64.13 32.22 -9.68
N GLU G 1111 -65.10 31.53 -10.26
CA GLU G 1111 -65.84 32.04 -11.40
C GLU G 1111 -67.24 31.42 -11.41
N PRO G 1112 -68.14 31.94 -10.57
CA PRO G 1112 -69.42 31.37 -10.24
C PRO G 1112 -70.37 31.42 -11.41
N GLN G 1113 -71.05 30.31 -11.66
CA GLN G 1113 -72.06 30.25 -12.70
C GLN G 1113 -73.35 29.68 -12.16
N ILE G 1114 -74.45 30.01 -12.82
CA ILE G 1114 -75.75 29.47 -12.44
C ILE G 1114 -75.78 27.97 -12.64
N ILE G 1115 -76.36 27.25 -11.69
CA ILE G 1115 -76.44 25.81 -11.76
C ILE G 1115 -77.54 25.39 -12.73
N THR G 1116 -77.15 24.68 -13.78
CA THR G 1116 -78.07 24.27 -14.82
C THR G 1116 -77.89 22.80 -15.15
N THR G 1117 -78.71 22.30 -16.05
CA THR G 1117 -78.61 20.91 -16.49
C THR G 1117 -77.41 20.71 -17.43
N ASP G 1118 -76.79 21.80 -17.84
CA ASP G 1118 -75.68 21.74 -18.78
C ASP G 1118 -74.33 21.60 -18.06
N ASN G 1119 -74.27 22.02 -16.81
CA ASN G 1119 -73.02 21.99 -16.07
C ASN G 1119 -73.10 21.06 -14.87
N THR G 1120 -74.17 20.26 -14.83
CA THR G 1120 -74.32 19.22 -13.82
C THR G 1120 -74.79 17.92 -14.46
N PHE G 1121 -74.69 16.83 -13.71
CA PHE G 1121 -75.25 15.57 -14.16
C PHE G 1121 -76.02 14.91 -13.04
N VAL G 1122 -76.95 14.04 -13.41
CA VAL G 1122 -77.83 13.41 -12.44
C VAL G 1122 -77.44 11.97 -12.16
N SER G 1123 -77.44 11.61 -10.88
CA SER G 1123 -77.24 10.22 -10.51
C SER G 1123 -78.00 9.84 -9.24
N GLY G 1124 -79.09 9.10 -9.41
CA GLY G 1124 -79.85 8.58 -8.28
C GLY G 1124 -80.75 9.64 -7.64
N ASN G 1125 -81.38 9.26 -6.53
CA ASN G 1125 -82.26 10.15 -5.79
C ASN G 1125 -81.49 10.86 -4.68
N CYS G 1126 -82.20 11.61 -3.84
CA CYS G 1126 -81.59 12.51 -2.85
C CYS G 1126 -81.43 11.84 -1.48
N ASP G 1127 -81.73 10.55 -1.40
CA ASP G 1127 -81.75 9.86 -0.11
C ASP G 1127 -80.40 9.31 0.32
N VAL G 1128 -79.50 9.12 -0.64
CA VAL G 1128 -78.24 8.44 -0.36
C VAL G 1128 -77.12 9.39 0.04
N VAL G 1129 -76.98 10.49 -0.68
CA VAL G 1129 -75.84 11.39 -0.50
C VAL G 1129 -75.96 12.20 0.77
N ILE G 1130 -74.90 12.21 1.56
CA ILE G 1130 -74.84 12.97 2.81
C ILE G 1130 -74.41 14.40 2.55
N GLY G 1131 -75.22 15.35 3.00
CA GLY G 1131 -74.88 16.76 2.85
C GLY G 1131 -75.49 17.39 1.62
N ILE G 1132 -76.39 16.66 0.97
CA ILE G 1132 -77.07 17.18 -0.21
C ILE G 1132 -78.00 18.32 0.19
N VAL G 1133 -78.01 19.38 -0.61
CA VAL G 1133 -78.83 20.54 -0.29
C VAL G 1133 -79.89 20.78 -1.36
N ASN G 1134 -80.99 21.43 -0.96
CA ASN G 1134 -82.10 21.76 -1.85
C ASN G 1134 -81.84 23.06 -2.60
N ASN G 1135 -81.84 23.00 -3.94
CA ASN G 1135 -81.65 24.17 -4.79
C ASN G 1135 -82.25 23.95 -6.17
N THR G 1136 -82.54 25.03 -6.87
CA THR G 1136 -83.06 24.95 -8.22
C THR G 1136 -81.99 24.63 -9.24
N VAL G 1137 -82.29 23.71 -10.15
CA VAL G 1137 -81.43 23.44 -11.28
C VAL G 1137 -82.14 23.86 -12.56
N TYR G 1138 -81.55 24.81 -13.28
CA TYR G 1138 -82.23 25.41 -14.42
C TYR G 1138 -82.05 24.60 -15.69
N ASP G 1139 -83.13 24.46 -16.44
CA ASP G 1139 -83.10 23.83 -17.75
C ASP G 1139 -83.32 24.87 -18.85
N PRO G 1140 -82.25 25.22 -19.59
CA PRO G 1140 -82.18 26.27 -20.59
C PRO G 1140 -83.26 26.17 -21.66
N LEU G 1141 -83.79 24.96 -21.87
CA LEU G 1141 -84.79 24.77 -22.91
C LEU G 1141 -86.18 25.08 -22.39
N GLN G 1142 -86.33 25.07 -21.07
CA GLN G 1142 -87.61 25.26 -20.44
C GLN G 1142 -88.35 26.51 -20.95
N PRO G 1143 -87.75 27.72 -20.88
CA PRO G 1143 -88.32 28.98 -21.33
C PRO G 1143 -88.43 29.05 -22.84
N GLU G 1144 -87.61 28.28 -23.55
CA GLU G 1144 -87.70 28.23 -25.01
C GLU G 1144 -88.91 27.41 -25.45
N LEU G 1145 -89.25 26.38 -24.67
CA LEU G 1145 -90.40 25.52 -24.90
C LEU G 1145 -91.07 25.16 -23.59
N SER H 1 39.90 79.62 4.90
CA SER H 1 40.45 79.11 6.15
C SER H 1 39.79 79.77 7.35
N TYR H 2 39.92 79.13 8.52
CA TYR H 2 39.35 79.65 9.77
C TYR H 2 40.24 80.74 10.37
N GLU H 3 39.64 81.89 10.66
CA GLU H 3 40.37 83.02 11.22
C GLU H 3 40.80 82.76 12.65
N LEU H 4 42.10 82.91 12.91
CA LEU H 4 42.65 82.73 14.25
C LEU H 4 43.79 83.70 14.50
N THR H 5 43.69 84.45 15.60
CA THR H 5 44.66 85.50 15.89
C THR H 5 45.50 85.23 17.12
N GLN H 6 46.80 85.41 16.97
CA GLN H 6 47.74 85.33 18.10
C GLN H 6 48.54 86.64 18.19
N PRO H 7 49.02 86.98 19.40
CA PRO H 7 50.03 87.99 19.65
C PRO H 7 51.32 87.61 18.92
N PRO H 8 52.05 88.58 18.39
CA PRO H 8 53.28 88.41 17.65
C PRO H 8 54.43 87.89 18.51
N SER H 9 54.38 88.18 19.81
CA SER H 9 55.44 87.75 20.71
C SER H 9 55.06 87.89 22.17
N VAL H 10 55.74 87.10 23.01
CA VAL H 10 55.66 87.22 24.46
C VAL H 10 57.07 87.18 25.05
N SER H 11 57.34 88.05 26.01
CA SER H 11 58.66 88.09 26.62
C SER H 11 58.59 88.07 28.14
N VAL H 12 59.18 87.04 28.74
CA VAL H 12 59.18 86.90 30.18
C VAL H 12 60.58 86.63 30.71
N SER H 13 60.78 86.86 32.00
CA SER H 13 62.00 86.45 32.66
C SER H 13 61.89 84.98 33.07
N PRO H 14 63.01 84.26 33.18
CA PRO H 14 63.08 82.89 33.62
C PRO H 14 62.48 82.75 35.02
N GLY H 15 61.62 81.77 35.20
CA GLY H 15 60.95 81.54 36.47
C GLY H 15 59.57 82.16 36.51
N GLN H 16 59.26 83.02 35.53
CA GLN H 16 57.96 83.67 35.47
C GLN H 16 56.97 82.86 34.66
N THR H 17 55.72 83.29 34.64
CA THR H 17 54.69 82.58 33.89
C THR H 17 54.40 83.28 32.58
N ALA H 18 54.49 82.52 31.48
CA ALA H 18 54.18 83.05 30.16
C ALA H 18 52.72 82.77 29.81
N SER H 19 52.08 83.73 29.14
CA SER H 19 50.69 83.55 28.73
C SER H 19 50.49 83.96 27.28
N ILE H 20 50.17 82.98 26.44
CA ILE H 20 49.97 83.21 25.02
C ILE H 20 48.51 83.01 24.65
N THR H 21 47.87 84.06 24.16
CA THR H 21 46.45 84.02 23.85
C THR H 21 46.20 83.59 22.39
N CYS H 22 44.96 83.18 22.11
CA CYS H 22 44.52 82.79 20.78
C CYS H 22 43.04 83.08 20.59
N SER H 23 42.71 84.04 19.74
CA SER H 23 41.35 84.50 19.59
C SER H 23 40.72 84.04 18.27
N GLY H 24 39.50 83.53 18.36
CA GLY H 24 38.76 83.11 17.17
C GLY H 24 37.30 83.53 17.27
N ASP H 25 36.48 83.05 16.34
CA ASP H 25 35.06 83.38 16.35
C ASP H 25 34.25 82.31 17.06
N LYS H 26 34.69 81.06 16.98
CA LYS H 26 33.92 79.93 17.49
C LYS H 26 34.77 79.00 18.34
N LEU H 27 35.78 79.53 19.02
CA LEU H 27 36.63 78.69 19.86
C LEU H 27 35.88 78.20 21.09
N GLY H 28 34.74 78.82 21.38
CA GLY H 28 33.92 78.41 22.50
C GLY H 28 33.05 77.21 22.13
N GLU H 29 33.02 76.87 20.85
CA GLU H 29 32.21 75.76 20.37
C GLU H 29 33.06 74.55 19.99
N THR H 30 34.27 74.81 19.51
CA THR H 30 35.17 73.74 19.07
C THR H 30 36.34 73.56 20.03
N TYR H 31 37.27 72.69 19.67
CA TYR H 31 38.46 72.47 20.47
C TYR H 31 39.66 73.19 19.90
N ALA H 32 40.52 73.70 20.79
CA ALA H 32 41.77 74.31 20.38
C ALA H 32 42.95 73.42 20.72
N SER H 33 44.04 73.59 19.98
CA SER H 33 45.28 72.88 20.26
C SER H 33 46.49 73.79 20.10
N TRP H 34 47.60 73.41 20.71
CA TRP H 34 48.82 74.20 20.64
C TRP H 34 50.04 73.36 20.26
N TYR H 35 50.91 73.95 19.44
CA TYR H 35 52.14 73.31 19.02
C TYR H 35 53.34 74.19 19.36
N GLN H 36 54.44 73.57 19.74
CA GLN H 36 55.68 74.31 20.02
C GLN H 36 56.75 73.99 19.00
N GLN H 37 57.19 74.99 18.26
CA GLN H 37 58.19 74.78 17.22
C GLN H 37 59.50 75.49 17.51
N LYS H 38 60.58 74.72 17.58
CA LYS H 38 61.91 75.29 17.71
C LYS H 38 62.50 75.52 16.33
N PRO H 39 63.44 76.45 16.18
CA PRO H 39 64.16 76.75 14.95
C PRO H 39 64.80 75.51 14.35
N GLY H 40 64.51 75.25 13.08
CA GLY H 40 65.11 74.14 12.37
C GLY H 40 64.45 72.79 12.67
N GLN H 41 63.35 72.83 13.42
CA GLN H 41 62.68 71.58 13.83
C GLN H 41 61.19 71.59 13.51
N SER H 42 60.63 70.40 13.32
CA SER H 42 59.19 70.22 13.19
C SER H 42 58.51 70.57 14.52
N PRO H 43 57.27 71.06 14.48
CA PRO H 43 56.43 71.41 15.61
C PRO H 43 56.05 70.18 16.44
N ILE H 44 55.97 70.35 17.74
CA ILE H 44 55.54 69.29 18.65
C ILE H 44 54.24 69.65 19.35
N LEU H 45 53.29 68.72 19.35
CA LEU H 45 52.02 68.96 20.01
C LEU H 45 52.21 69.07 21.52
N VAL H 46 51.73 70.16 22.09
CA VAL H 46 51.86 70.40 23.52
C VAL H 46 50.52 70.24 24.22
N ILE H 47 49.48 70.84 23.63
CA ILE H 47 48.13 70.76 24.19
C ILE H 47 47.12 70.39 23.12
N TYR H 48 46.25 69.44 23.44
CA TYR H 48 45.16 69.08 22.54
C TYR H 48 43.83 69.11 23.30
N GLN H 49 42.74 69.28 22.56
CA GLN H 49 41.42 69.31 23.17
C GLN H 49 41.39 70.28 24.36
N ASP H 50 41.86 71.50 24.12
CA ASP H 50 41.83 72.59 25.08
C ASP H 50 42.86 72.47 26.21
N ASN H 51 42.83 71.38 26.96
CA ASN H 51 43.68 71.31 28.16
C ASN H 51 44.30 69.94 28.42
N LYS H 52 44.49 69.12 27.38
CA LYS H 52 45.10 67.82 27.58
C LYS H 52 46.52 67.77 27.05
N ARG H 53 47.43 67.21 27.85
CA ARG H 53 48.82 67.04 27.43
C ARG H 53 49.05 65.63 26.86
N PRO H 54 49.84 65.53 25.78
CA PRO H 54 50.48 64.33 25.29
C PRO H 54 51.52 63.85 26.28
N SER H 55 51.75 62.54 26.32
CA SER H 55 52.80 62.01 27.18
C SER H 55 54.15 62.59 26.78
N GLY H 56 54.96 62.94 27.77
CA GLY H 56 56.27 63.50 27.51
C GLY H 56 56.29 65.03 27.63
N ILE H 57 55.12 65.64 27.67
CA ILE H 57 55.02 67.08 27.81
C ILE H 57 55.04 67.49 29.29
N PRO H 58 55.98 68.35 29.69
CA PRO H 58 56.19 68.85 31.04
C PRO H 58 54.93 69.47 31.62
N GLU H 59 54.76 69.29 32.93
CA GLU H 59 53.58 69.79 33.65
C GLU H 59 53.54 71.32 33.67
N ARG H 60 54.61 71.94 33.19
CA ARG H 60 54.67 73.39 33.10
C ARG H 60 53.62 73.92 32.13
N PHE H 61 53.23 73.07 31.18
CA PHE H 61 52.31 73.47 30.12
C PHE H 61 50.86 73.16 30.47
N SER H 62 50.04 74.20 30.44
CA SER H 62 48.60 74.09 30.67
C SER H 62 47.86 75.06 29.78
N GLY H 63 46.53 75.04 29.82
CA GLY H 63 45.76 75.94 28.99
C GLY H 63 44.27 75.82 29.25
N SER H 64 43.49 76.64 28.56
CA SER H 64 42.04 76.68 28.71
C SER H 64 41.39 77.29 27.48
N ASN H 65 40.06 77.18 27.41
CA ASN H 65 39.32 77.71 26.28
C ASN H 65 37.91 78.13 26.69
N SER H 66 37.67 79.44 26.70
CA SER H 66 36.36 79.98 27.10
C SER H 66 36.10 81.31 26.41
N GLU H 67 34.82 81.63 26.23
CA GLU H 67 34.44 82.92 25.64
C GLU H 67 35.16 83.17 24.33
N ASN H 68 35.30 82.12 23.52
CA ASN H 68 35.93 82.19 22.19
C ASN H 68 37.40 82.60 22.25
N THR H 69 38.02 82.48 23.41
CA THR H 69 39.45 82.71 23.55
C THR H 69 40.17 81.52 24.18
N ALA H 70 41.23 81.07 23.53
CA ALA H 70 42.04 79.98 24.05
C ALA H 70 43.40 80.51 24.49
N THR H 71 43.96 79.91 25.53
CA THR H 71 45.27 80.35 26.01
C THR H 71 46.18 79.18 26.32
N LEU H 72 47.49 79.42 26.17
CA LEU H 72 48.52 78.51 26.65
C LEU H 72 49.32 79.19 27.75
N THR H 73 49.49 78.49 28.86
CA THR H 73 50.24 79.04 29.98
C THR H 73 51.44 78.16 30.32
N ILE H 74 52.58 78.81 30.54
CA ILE H 74 53.78 78.10 30.97
C ILE H 74 54.20 78.56 32.35
N SER H 75 54.05 77.68 33.34
CA SER H 75 54.37 78.02 34.72
C SER H 75 55.83 77.68 35.03
N GLY H 76 56.57 78.65 35.55
CA GLY H 76 57.99 78.44 35.82
C GLY H 76 58.76 78.34 34.52
N THR H 77 58.48 79.25 33.60
CA THR H 77 59.06 79.21 32.26
C THR H 77 60.56 79.08 32.32
N GLN H 78 61.08 78.11 31.57
CA GLN H 78 62.52 77.87 31.52
C GLN H 78 63.12 78.47 30.27
N THR H 79 64.44 78.64 30.27
CA THR H 79 65.13 79.19 29.11
C THR H 79 65.12 78.22 27.95
N MET H 80 64.73 76.97 28.23
CA MET H 80 64.63 75.95 27.20
C MET H 80 63.24 75.93 26.57
N ASP H 81 62.37 76.81 27.04
CA ASP H 81 61.00 76.88 26.53
C ASP H 81 60.89 77.94 25.43
N GLU H 82 62.02 78.50 25.02
CA GLU H 82 62.02 79.47 23.94
C GLU H 82 61.64 78.79 22.63
N ALA H 83 60.58 79.29 22.00
CA ALA H 83 60.05 78.68 20.78
C ALA H 83 58.95 79.52 20.17
N ASP H 84 58.57 79.18 18.94
CA ASP H 84 57.40 79.78 18.31
C ASP H 84 56.17 78.91 18.58
N TYR H 85 55.20 79.48 19.28
CA TYR H 85 54.01 78.74 19.67
C TYR H 85 52.85 79.04 18.74
N TYR H 86 52.21 77.99 18.26
CA TYR H 86 51.08 78.14 17.35
C TYR H 86 49.83 77.50 17.92
N CYS H 87 48.68 78.14 17.70
CA CYS H 87 47.39 77.58 18.07
C CYS H 87 46.63 77.15 16.83
N GLN H 88 45.80 76.12 16.98
CA GLN H 88 44.97 75.62 15.90
C GLN H 88 43.56 75.33 16.37
N ALA H 89 42.59 75.54 15.49
CA ALA H 89 41.21 75.17 15.78
C ALA H 89 40.50 74.74 14.51
N TRP H 90 39.62 73.76 14.64
CA TRP H 90 38.86 73.26 13.51
C TRP H 90 37.41 73.73 13.56
N ASP H 91 37.00 74.46 12.53
CA ASP H 91 35.62 74.90 12.43
C ASP H 91 34.83 73.98 11.50
N LYS H 92 34.30 72.89 12.06
CA LYS H 92 33.57 71.93 11.25
C LYS H 92 34.34 71.56 9.98
N THR H 93 35.54 71.00 10.17
CA THR H 93 36.45 70.52 9.12
C THR H 93 37.26 71.63 8.45
N ILE H 94 37.01 72.89 8.81
CA ILE H 94 37.80 73.97 8.27
C ILE H 94 39.00 74.28 9.17
N ALA H 95 40.19 74.05 8.64
CA ALA H 95 41.43 74.22 9.40
C ALA H 95 41.81 75.68 9.52
N GLY H 96 42.67 75.96 10.49
CA GLY H 96 43.27 77.27 10.63
C GLY H 96 44.33 77.28 11.72
N PHE H 97 45.44 77.97 11.45
CA PHE H 97 46.48 78.19 12.44
C PHE H 97 46.61 79.69 12.70
N GLY H 98 47.07 80.04 13.90
CA GLY H 98 47.35 81.44 14.20
C GLY H 98 48.67 81.87 13.57
N GLY H 99 48.97 83.17 13.64
CA GLY H 99 50.18 83.71 13.03
C GLY H 99 51.44 83.24 13.74
N GLY H 100 51.28 82.79 14.98
CA GLY H 100 52.41 82.29 15.76
C GLY H 100 52.92 83.33 16.73
N THR H 101 53.26 82.88 17.93
CA THR H 101 53.76 83.77 18.96
C THR H 101 55.20 83.42 19.31
N LYS H 102 56.10 84.39 19.16
CA LYS H 102 57.49 84.14 19.51
C LYS H 102 57.70 84.37 20.99
N LEU H 103 57.98 83.30 21.72
CA LEU H 103 58.18 83.40 23.16
C LEU H 103 59.65 83.37 23.52
N THR H 104 60.12 84.43 24.16
CA THR H 104 61.50 84.52 24.60
C THR H 104 61.57 84.52 26.12
N VAL H 105 62.73 84.17 26.67
CA VAL H 105 62.92 84.05 28.12
C VAL H 105 64.22 84.71 28.54
N GLN I 1 56.76 52.39 17.30
CA GLN I 1 56.28 53.77 17.40
C GLN I 1 55.74 54.26 16.05
N ILE I 2 55.24 55.50 16.02
CA ILE I 2 54.67 56.09 14.81
C ILE I 2 55.60 57.14 14.22
N THR I 3 55.89 57.00 12.94
CA THR I 3 56.76 57.94 12.24
C THR I 3 56.29 58.18 10.81
N LEU I 4 56.60 59.37 10.30
CA LEU I 4 56.26 59.73 8.92
C LEU I 4 57.45 60.40 8.24
N LYS I 5 57.68 60.05 6.97
CA LYS I 5 58.80 60.60 6.23
C LYS I 5 58.38 61.17 4.88
N GLU I 6 58.62 62.46 4.68
CA GLU I 6 58.32 63.14 3.43
C GLU I 6 59.41 62.93 2.39
N SER I 7 59.01 62.75 1.14
CA SER I 7 59.97 62.70 0.04
C SER I 7 59.37 63.27 -1.24
N GLY I 8 60.23 63.68 -2.16
CA GLY I 8 59.79 64.21 -3.43
C GLY I 8 60.72 65.35 -3.87
N PRO I 9 60.44 65.96 -5.02
CA PRO I 9 61.19 67.03 -5.65
C PRO I 9 61.34 68.21 -4.70
N THR I 10 62.54 68.78 -4.66
CA THR I 10 62.82 69.94 -3.82
C THR I 10 62.87 71.21 -4.65
N LEU I 11 62.67 71.06 -5.95
CA LEU I 11 62.66 72.19 -6.85
C LEU I 11 61.75 71.95 -8.04
N VAL I 12 60.82 72.85 -8.25
CA VAL I 12 59.95 72.82 -9.42
C VAL I 12 59.90 74.19 -10.06
N LYS I 13 59.57 74.24 -11.34
CA LYS I 13 59.39 75.51 -12.02
C LYS I 13 57.95 75.98 -11.87
N PRO I 14 57.69 77.26 -12.07
CA PRO I 14 56.38 77.85 -12.15
C PRO I 14 55.54 77.10 -13.17
N THR I 15 54.25 76.94 -12.86
CA THR I 15 53.26 76.29 -13.71
C THR I 15 53.41 74.76 -13.75
N GLN I 16 54.45 74.24 -13.10
CA GLN I 16 54.63 72.80 -13.03
C GLN I 16 53.86 72.19 -11.86
N THR I 17 53.64 70.89 -11.93
CA THR I 17 52.92 70.17 -10.88
C THR I 17 53.89 69.44 -9.96
N LEU I 18 53.68 69.60 -8.65
CA LEU I 18 54.53 68.96 -7.66
C LEU I 18 53.83 67.76 -7.03
N THR I 19 54.54 66.65 -6.95
CA THR I 19 54.03 65.49 -6.25
C THR I 19 54.88 65.17 -5.02
N LEU I 20 54.24 65.12 -3.86
CA LEU I 20 54.92 64.78 -2.63
C LEU I 20 54.37 63.48 -2.05
N THR I 21 55.27 62.61 -1.59
CA THR I 21 54.86 61.34 -1.02
C THR I 21 55.25 61.24 0.45
N CYS I 22 54.30 60.84 1.29
CA CYS I 22 54.52 60.61 2.71
C CYS I 22 54.57 59.13 3.03
N LYS I 23 55.75 58.63 3.37
CA LYS I 23 55.93 57.24 3.70
C LYS I 23 55.79 57.06 5.21
N LEU I 24 54.83 56.25 5.63
CA LEU I 24 54.54 56.14 7.05
C LEU I 24 54.78 54.74 7.59
N SER I 25 55.06 54.66 8.89
CA SER I 25 55.27 53.40 9.58
C SER I 25 54.74 53.44 11.00
N GLY I 26 54.37 52.28 11.52
CA GLY I 26 53.80 52.18 12.86
C GLY I 26 52.28 52.06 12.79
N PHE I 27 51.74 52.35 11.63
CA PHE I 27 50.30 52.27 11.39
C PHE I 27 50.04 52.08 9.91
N SER I 28 48.83 51.64 9.57
CA SER I 28 48.46 51.46 8.17
C SER I 28 47.41 52.46 7.74
N VAL I 29 47.46 52.84 6.46
CA VAL I 29 46.50 53.78 5.90
C VAL I 29 45.11 53.17 5.80
N ASN I 30 45.03 51.87 5.96
CA ASN I 30 43.77 51.14 5.84
C ASN I 30 43.11 50.91 7.18
N THR I 31 43.74 51.39 8.25
CA THR I 31 43.25 51.17 9.60
C THR I 31 42.23 52.22 10.02
N GLY I 32 41.13 51.75 10.62
CA GLY I 32 40.07 52.65 11.04
C GLY I 32 40.57 53.66 12.05
N GLY I 33 40.14 54.91 11.90
CA GLY I 33 40.54 55.99 12.79
C GLY I 33 41.78 56.71 12.31
N VAL I 34 42.41 56.18 11.26
CA VAL I 34 43.63 56.78 10.74
C VAL I 34 43.35 57.86 9.71
N GLY I 35 44.11 58.95 9.80
CA GLY I 35 44.08 60.01 8.81
C GLY I 35 45.46 60.64 8.68
N VAL I 36 45.77 61.16 7.49
CA VAL I 36 47.05 61.82 7.27
C VAL I 36 46.85 63.16 6.58
N GLY I 37 47.39 64.21 7.19
CA GLY I 37 47.23 65.56 6.65
C GLY I 37 48.54 66.13 6.14
N TRP I 38 48.42 67.10 5.24
CA TRP I 38 49.57 67.84 4.71
C TRP I 38 49.48 69.30 5.08
N ILE I 39 50.59 69.84 5.55
CA ILE I 39 50.69 71.24 5.96
C ILE I 39 51.94 71.86 5.37
N ARG I 40 51.88 73.14 5.02
CA ARG I 40 53.05 73.82 4.50
C ARG I 40 53.41 75.03 5.36
N GLN I 41 54.70 75.33 5.41
CA GLN I 41 55.18 76.49 6.17
C GLN I 41 56.26 77.25 5.40
N PRO I 42 55.88 78.36 4.76
CA PRO I 42 56.76 79.28 4.07
C PRO I 42 57.77 79.82 5.08
N PRO I 43 58.98 80.16 4.65
CA PRO I 43 60.06 80.69 5.46
C PRO I 43 59.62 81.89 6.28
N GLY I 44 59.72 81.78 7.60
CA GLY I 44 59.40 82.89 8.50
C GLY I 44 57.90 83.09 8.69
N LYS I 45 57.10 82.15 8.17
CA LYS I 45 55.64 82.29 8.21
C LYS I 45 54.97 81.21 9.06
N ALA I 46 53.68 81.42 9.32
CA ALA I 46 52.87 80.47 10.08
C ALA I 46 52.49 79.27 9.22
N LEU I 47 52.05 78.21 9.88
CA LEU I 47 51.67 76.97 9.19
C LEU I 47 50.31 77.12 8.52
N GLU I 48 50.19 76.52 7.33
CA GLU I 48 48.93 76.51 6.59
C GLU I 48 48.52 75.08 6.24
N TRP I 49 47.33 74.68 6.65
CA TRP I 49 46.83 73.35 6.35
C TRP I 49 46.34 73.25 4.92
N LEU I 50 46.70 72.17 4.24
CA LEU I 50 46.32 71.99 2.84
C LEU I 50 45.18 71.00 2.68
N ALA I 51 45.41 69.76 3.11
CA ALA I 51 44.44 68.69 2.92
C ALA I 51 44.75 67.50 3.80
N LEU I 52 43.73 66.66 4.05
CA LEU I 52 43.97 65.39 4.72
C LEU I 52 43.05 64.30 4.17
N ILE I 53 43.55 63.07 4.20
CA ILE I 53 42.79 61.91 3.73
C ILE I 53 42.50 60.94 4.86
N TYR I 54 41.28 60.40 4.86
CA TYR I 54 40.86 59.44 5.87
C TYR I 54 41.03 58.01 5.36
N TRP I 55 41.15 57.07 6.28
CA TRP I 55 41.26 55.65 5.96
C TRP I 55 40.13 55.18 5.03
N ASN I 56 39.01 55.89 5.04
CA ASN I 56 37.84 55.51 4.25
C ASN I 56 37.75 56.29 2.93
N ASP I 57 38.87 56.90 2.54
CA ASP I 57 38.98 57.62 1.27
C ASP I 57 38.19 58.93 1.25
N ASP I 58 37.64 59.32 2.39
CA ASP I 58 37.05 60.65 2.49
C ASP I 58 38.17 61.67 2.56
N LYS I 59 37.92 62.88 2.08
CA LYS I 59 38.98 63.87 1.96
C LYS I 59 38.52 65.27 2.29
N LEU I 60 39.40 66.03 2.93
CA LEU I 60 39.16 67.43 3.23
C LEU I 60 40.22 68.30 2.57
N TYR I 61 39.80 69.43 2.03
CA TYR I 61 40.72 70.39 1.42
C TYR I 61 40.44 71.81 1.89
N SER I 62 41.49 72.62 1.97
CA SER I 62 41.33 74.04 2.25
C SER I 62 40.67 74.73 1.05
N PRO I 63 39.51 75.37 1.26
CA PRO I 63 38.68 76.01 0.24
C PRO I 63 39.46 76.93 -0.69
N SER I 64 40.48 77.61 -0.16
CA SER I 64 41.25 78.57 -0.95
C SER I 64 42.26 77.88 -1.88
N LEU I 65 42.58 76.63 -1.59
CA LEU I 65 43.57 75.89 -2.36
C LEU I 65 42.98 74.65 -3.01
N LYS I 66 41.74 74.31 -2.66
CA LYS I 66 41.11 73.08 -3.09
C LYS I 66 41.26 72.84 -4.60
N SER I 67 41.13 73.90 -5.38
CA SER I 67 41.11 73.79 -6.84
C SER I 67 42.45 73.29 -7.40
N ARG I 68 43.50 73.33 -6.59
CA ARG I 68 44.83 72.92 -7.05
C ARG I 68 45.34 71.68 -6.32
N LEU I 69 44.53 71.11 -5.43
CA LEU I 69 44.99 70.03 -4.58
C LEU I 69 44.26 68.71 -4.83
N THR I 70 45.02 67.64 -4.99
CA THR I 70 44.47 66.29 -5.06
C THR I 70 45.24 65.35 -4.13
N VAL I 71 44.50 64.58 -3.32
CA VAL I 71 45.12 63.65 -2.39
C VAL I 71 44.62 62.23 -2.59
N THR I 72 45.56 61.30 -2.68
CA THR I 72 45.24 59.88 -2.79
C THR I 72 46.13 59.07 -1.86
N LYS I 73 45.78 57.81 -1.63
CA LYS I 73 46.61 56.95 -0.80
C LYS I 73 46.86 55.59 -1.45
N ASP I 74 48.07 55.09 -1.28
CA ASP I 74 48.45 53.76 -1.74
C ASP I 74 48.24 52.74 -0.63
N THR I 75 47.26 51.86 -0.84
CA THR I 75 46.81 50.93 0.20
C THR I 75 47.76 49.76 0.38
N SER I 76 48.71 49.61 -0.54
CA SER I 76 49.65 48.50 -0.48
C SER I 76 50.99 48.93 0.10
N LYS I 77 51.41 50.16 -0.21
CA LYS I 77 52.71 50.66 0.22
C LYS I 77 52.61 51.50 1.48
N ASN I 78 51.39 51.74 1.96
CA ASN I 78 51.18 52.61 3.11
C ASN I 78 51.81 53.98 2.87
N GLN I 79 51.40 54.61 1.77
CA GLN I 79 51.92 55.92 1.40
C GLN I 79 50.78 56.87 1.07
N VAL I 80 50.94 58.13 1.43
CA VAL I 80 49.97 59.16 1.07
C VAL I 80 50.60 60.14 0.10
N VAL I 81 49.91 60.41 -1.00
CA VAL I 81 50.46 61.26 -2.04
C VAL I 81 49.64 62.53 -2.25
N LEU I 82 50.32 63.67 -2.18
CA LEU I 82 49.70 64.96 -2.41
C LEU I 82 50.16 65.56 -3.72
N THR I 83 49.21 65.90 -4.59
CA THR I 83 49.54 66.56 -5.85
C THR I 83 49.07 68.02 -5.82
N MET I 84 50.00 68.92 -6.05
CA MET I 84 49.69 70.35 -6.10
C MET I 84 50.08 70.91 -7.47
N THR I 85 49.10 71.42 -8.19
CA THR I 85 49.34 71.85 -9.57
C THR I 85 49.43 73.36 -9.68
N ASN I 86 49.87 73.83 -10.84
CA ASN I 86 49.91 75.26 -11.15
C ASN I 86 50.57 76.07 -10.04
N MET I 87 51.76 75.65 -9.63
CA MET I 87 52.47 76.34 -8.54
C MET I 87 53.14 77.62 -9.02
N ASP I 88 53.12 78.63 -8.15
CA ASP I 88 53.81 79.89 -8.38
C ASP I 88 54.94 80.04 -7.35
N PRO I 89 55.91 80.94 -7.58
CA PRO I 89 57.02 81.24 -6.69
C PRO I 89 56.56 81.51 -5.25
N VAL I 90 55.34 82.01 -5.11
CA VAL I 90 54.79 82.33 -3.79
C VAL I 90 54.45 81.07 -2.99
N ASP I 91 54.48 79.92 -3.65
CA ASP I 91 54.12 78.65 -3.02
C ASP I 91 55.33 77.96 -2.41
N THR I 92 56.47 78.64 -2.40
CA THR I 92 57.67 78.10 -1.76
C THR I 92 57.43 77.91 -0.26
N ALA I 93 57.70 76.71 0.22
CA ALA I 93 57.45 76.38 1.62
C ALA I 93 58.08 75.06 2.03
N THR I 94 58.15 74.82 3.33
CA THR I 94 58.48 73.50 3.83
C THR I 94 57.22 72.69 4.02
N TYR I 95 57.18 71.51 3.45
CA TYR I 95 56.00 70.66 3.49
C TYR I 95 56.14 69.55 4.52
N TYR I 96 55.09 69.34 5.30
CA TYR I 96 55.06 68.29 6.30
C TYR I 96 53.82 67.42 6.16
N CYS I 97 53.96 66.14 6.48
CA CYS I 97 52.82 65.25 6.68
C CYS I 97 52.75 64.84 8.14
N ALA I 98 51.53 64.61 8.64
CA ALA I 98 51.35 64.25 10.04
C ALA I 98 50.10 63.42 10.27
N HIS I 99 50.11 62.66 11.35
CA HIS I 99 48.99 61.80 11.73
C HIS I 99 47.83 62.64 12.27
N VAL I 100 46.60 62.26 11.92
CA VAL I 100 45.42 62.98 12.35
C VAL I 100 44.57 62.17 13.34
N LEU I 101 44.29 62.76 14.49
CA LEU I 101 43.34 62.19 15.43
C LEU I 101 41.92 62.50 14.96
N VAL I 102 41.06 61.49 14.95
CA VAL I 102 39.74 61.63 14.31
C VAL I 102 38.57 61.29 15.24
N TRP I 103 37.59 62.21 15.29
CA TRP I 103 36.35 61.99 16.02
C TRP I 103 35.41 61.10 15.23
N PHE I 104 34.62 60.29 15.93
CA PHE I 104 33.72 59.34 15.28
C PHE I 104 32.25 59.72 15.42
N GLY I 105 31.42 59.11 14.56
CA GLY I 105 30.00 59.44 14.47
C GLY I 105 29.82 60.51 13.41
N GLU I 106 29.87 61.76 13.83
CA GLU I 106 30.13 62.84 12.89
C GLU I 106 31.63 63.02 12.77
N VAL I 107 32.20 62.53 11.69
CA VAL I 107 33.64 62.43 11.58
C VAL I 107 34.29 63.79 11.39
N LEU I 108 35.21 64.12 12.29
CA LEU I 108 35.91 65.39 12.27
C LEU I 108 37.37 65.21 12.65
N PRO I 109 38.27 66.05 12.12
CA PRO I 109 39.67 66.17 12.47
C PRO I 109 39.81 66.78 13.86
N ASP I 110 40.82 66.34 14.60
CA ASP I 110 41.03 66.83 15.96
C ASP I 110 42.38 67.55 16.11
N ALA I 111 43.46 66.79 16.12
CA ALA I 111 44.79 67.36 16.31
C ALA I 111 45.87 66.48 15.67
N PHE I 112 47.03 67.07 15.42
CA PHE I 112 48.16 66.34 14.85
C PHE I 112 49.21 66.03 15.91
N ASP I 113 49.33 64.76 16.28
CA ASP I 113 50.25 64.35 17.32
C ASP I 113 51.65 64.05 16.77
N VAL I 114 51.72 63.20 15.76
CA VAL I 114 52.99 62.79 15.20
C VAL I 114 53.27 63.46 13.87
N TRP I 115 54.36 64.21 13.80
CA TRP I 115 54.75 64.93 12.60
C TRP I 115 56.02 64.35 12.00
N GLY I 116 56.17 64.45 10.69
CA GLY I 116 57.39 64.03 10.01
C GLY I 116 58.47 65.11 10.11
N GLN I 117 59.58 64.89 9.42
CA GLN I 117 60.72 65.82 9.45
C GLN I 117 60.54 66.96 8.47
N GLY I 118 59.77 66.73 7.41
CA GLY I 118 59.45 67.76 6.44
C GLY I 118 60.44 67.82 5.30
N THR I 119 60.02 68.39 4.18
CA THR I 119 60.89 68.60 3.05
C THR I 119 60.69 70.00 2.47
N MET I 120 61.80 70.66 2.14
CA MET I 120 61.72 72.01 1.60
C MET I 120 61.57 71.98 0.09
N VAL I 121 60.58 72.70 -0.42
CA VAL I 121 60.36 72.78 -1.86
C VAL I 121 60.39 74.22 -2.35
N THR I 122 61.24 74.47 -3.33
CA THR I 122 61.36 75.80 -3.91
C THR I 122 60.71 75.87 -5.28
N VAL I 123 60.00 76.96 -5.55
CA VAL I 123 59.43 77.20 -6.86
C VAL I 123 60.15 78.36 -7.55
N SER I 124 60.86 78.05 -8.63
CA SER I 124 61.66 79.06 -9.30
C SER I 124 62.05 78.61 -10.71
N SER I 125 62.53 79.56 -11.52
CA SER I 125 63.00 79.27 -12.88
C SER I 125 64.49 79.00 -12.88
#